data_8GK8
#
_entry.id   8GK8
#
_cell.length_a   93.976
_cell.length_b   253.668
_cell.length_c   125.657
_cell.angle_alpha   90.00
_cell.angle_beta   110.99
_cell.angle_gamma   90.00
#
_symmetry.space_group_name_H-M   'P 1 21 1'
#
loop_
_entity.id
_entity.type
_entity.pdbx_description
1 polymer 'Pyruvate carboxylase'
2 non-polymer 5-(HEXAHYDRO-2-OXO-1H-THIENO[3,4-D]IMIDAZOL-6-YL)PENTANAL
3 non-polymer 'COENZYME A'
4 non-polymer 'MANGANESE (II) ION'
5 non-polymer 'ACETYL COENZYME *A'
6 water water
#
_entity_poly.entity_id   1
_entity_poly.type   'polypeptide(L)'
_entity_poly.pdbx_seq_one_letter_code
;MKQIKKLLVANRGEIAIRIFAAAAELDISTVAIYSNEDKSSLHRYKADESYLVGSDLGPAESYLNIERIIDVAKQANVDA
IHPGYGFLSENEQFARRCAEEGIKFIGPHLEHLDMFGDKVKARTTAIKADLPVIPGTDGPIKSYELAKEFAEEAGFPLMI
KATSGGGGKGMRIVREESELEDAFHRAKSEAEKSFGNSEVYIERYIDNPKHIEVQVIGDEHGNIVHLFERDCSVQRRHQK
VVEVAPSVGLSPTLRQRICDAAIQLMENIKYVNAGTVEFLVSGDEFFFIEVNPRVQVEHTITEMVTGIDIVKTQILVAAG
ADLFGEEINMPQQKDITTLGYAIQCRITTEDPLNDFMPDTGTIIAYRSSGGFGVRLDAGDGFQGAEISPYYDSLLVKLST
HAISFKQAEEKMVRSLREMRIRGVKTNIPFLINVMKNKKFTSGDYTTKFIEETPELFDIQPSLDRGTKTLEYIGNVTING
FPNVEKRPKPDYELASIPTVSSSKIASFSGTKQLLDEVGPKGVAEWVKKQDDVLLTDTTFRDAHQSLLATRVRTKDMINI
ASKTADVFKDGFSLEMWGGATFDVAYNFLKENPWERLERLRKAIPNVLFQMLLRASNAVGYKNYPDNVIHKFVQESAKAG
IDVFRIFDSLNWVDQMKVANEAVQEAGKISEGTICYTGDILNPERSNIYTLEYYVKLAKELEREGFHILAIKDMAGLLKP
KAAYELIGELKSAVDLPIHLHTHDTSGNGLLTYKQAIDAGVDIIDTAVASMSGLTSQPSANSLYYALNGFPRHLRTDIEG
MESLSHYWSTVRTYYSDFESDIKSPNTEIYQHEMPGGQYSNLSQQAKSLGLGERFDEVKDMYRRVNFLFGDIVKVTPSSK
VVGDMALYMVQNDLDEQSVITDGYKLDFPESVVSFFKGEIGQPVNGFNKDLQAVILKGQEALTARPGEYLEPVDFEKVRE
LLEEEQQGPVTEQDIISYVLYPKVYEQYIQTRNQYGNLSLLDTPTFFFGMRNGETVEIEIDKGKRLIIKLETISEPDENG
NRTIYYAMNGQARRIYIKDENVHTNANVKPKADKSNPSHIGAQMPGSVTEVKVSVGETVKANQPLLITEAMKMETTIQAP
FDGVIKQVTVNNGDTIATGDLLIEIEKATNC
;
_entity_poly.pdbx_strand_id   C,B,D,A
#
# COMPACT_ATOMS: atom_id res chain seq x y z
N LYS A 2 -32.60 41.60 -44.01
CA LYS A 2 -31.35 41.61 -44.76
C LYS A 2 -30.15 41.47 -43.83
N GLN A 3 -30.31 41.94 -42.60
CA GLN A 3 -29.22 41.97 -41.62
C GLN A 3 -28.59 40.60 -41.45
N ILE A 4 -27.26 40.57 -41.42
CA ILE A 4 -26.51 39.40 -40.98
C ILE A 4 -25.64 39.87 -39.80
N LYS A 5 -26.11 39.63 -38.59
CA LYS A 5 -25.36 39.94 -37.38
C LYS A 5 -25.10 38.72 -36.51
N LYS A 6 -25.63 37.56 -36.89
CA LYS A 6 -25.34 36.31 -36.19
C LYS A 6 -25.47 35.17 -37.19
N LEU A 7 -24.43 34.34 -37.28
CA LEU A 7 -24.29 33.40 -38.39
C LEU A 7 -23.79 32.06 -37.86
N LEU A 8 -24.44 30.98 -38.29
CA LEU A 8 -24.04 29.62 -37.95
C LEU A 8 -23.37 28.97 -39.15
N VAL A 9 -22.42 28.08 -38.89
CA VAL A 9 -21.72 27.35 -39.93
C VAL A 9 -22.24 25.92 -39.94
N ALA A 10 -22.86 25.53 -41.05
CA ALA A 10 -23.36 24.17 -41.21
C ALA A 10 -22.26 23.26 -41.71
N ASN A 11 -21.13 23.24 -41.01
CA ASN A 11 -19.98 22.43 -41.40
C ASN A 11 -19.09 22.22 -40.19
N ARG A 12 -17.85 21.81 -40.43
CA ARG A 12 -16.94 21.49 -39.34
C ARG A 12 -15.51 21.63 -39.86
N GLY A 13 -14.57 21.62 -38.91
CA GLY A 13 -13.17 21.60 -39.29
C GLY A 13 -12.72 22.90 -39.92
N GLU A 14 -11.87 22.79 -40.94
CA GLU A 14 -11.17 23.95 -41.47
C GLU A 14 -12.11 24.98 -42.07
N ILE A 15 -13.12 24.56 -42.83
CA ILE A 15 -14.00 25.54 -43.48
C ILE A 15 -14.83 26.28 -42.45
N ALA A 16 -15.04 25.69 -41.27
CA ALA A 16 -15.70 26.42 -40.20
C ALA A 16 -14.80 27.50 -39.63
N ILE A 17 -13.55 27.14 -39.30
CA ILE A 17 -12.60 28.12 -38.81
C ILE A 17 -12.40 29.23 -39.83
N ARG A 18 -12.35 28.86 -41.12
CA ARG A 18 -12.19 29.85 -42.18
C ARG A 18 -13.37 30.83 -42.19
N ILE A 19 -14.59 30.31 -42.09
CA ILE A 19 -15.77 31.17 -42.10
C ILE A 19 -15.88 31.95 -40.79
N PHE A 20 -15.63 31.28 -39.66
CA PHE A 20 -15.63 31.96 -38.37
C PHE A 20 -14.74 33.19 -38.40
N ALA A 21 -13.54 33.05 -38.96
CA ALA A 21 -12.61 34.17 -39.07
C ALA A 21 -13.23 35.31 -39.87
N ALA A 22 -13.71 35.02 -41.08
CA ALA A 22 -14.25 36.07 -41.94
C ALA A 22 -15.43 36.78 -41.29
N ALA A 23 -16.31 36.03 -40.62
CA ALA A 23 -17.46 36.64 -39.95
C ALA A 23 -17.00 37.53 -38.81
N ALA A 24 -16.08 37.04 -37.97
CA ALA A 24 -15.60 37.83 -36.85
C ALA A 24 -14.82 39.07 -37.30
N GLU A 25 -14.29 39.07 -38.52
CA GLU A 25 -13.72 40.30 -39.08
C GLU A 25 -14.79 41.27 -39.53
N LEU A 26 -15.99 40.78 -39.82
CA LEU A 26 -17.14 41.62 -40.17
C LEU A 26 -18.03 41.91 -38.96
N ASP A 27 -17.52 41.71 -37.75
CA ASP A 27 -18.26 41.95 -36.51
C ASP A 27 -19.59 41.20 -36.49
N ILE A 28 -19.57 39.97 -37.02
CA ILE A 28 -20.72 39.08 -37.01
C ILE A 28 -20.49 38.03 -35.93
N SER A 29 -21.47 37.86 -35.05
CA SER A 29 -21.42 36.78 -34.08
C SER A 29 -21.44 35.44 -34.81
N THR A 30 -20.97 34.39 -34.13
CA THR A 30 -20.73 33.12 -34.80
C THR A 30 -21.19 31.96 -33.94
N VAL A 31 -21.99 31.08 -34.52
CA VAL A 31 -22.46 29.86 -33.87
C VAL A 31 -21.81 28.66 -34.55
N ALA A 32 -21.32 27.72 -33.75
CA ALA A 32 -20.75 26.48 -34.24
C ALA A 32 -21.64 25.30 -33.84
N ILE A 33 -21.57 24.24 -34.64
CA ILE A 33 -22.24 22.99 -34.35
C ILE A 33 -21.21 21.87 -34.41
N TYR A 34 -21.56 20.74 -33.80
CA TYR A 34 -20.62 19.64 -33.70
C TYR A 34 -21.34 18.38 -33.26
N SER A 35 -20.82 17.24 -33.72
CA SER A 35 -21.27 15.94 -33.25
C SER A 35 -20.60 15.60 -31.92
N ASN A 36 -21.05 14.51 -31.30
CA ASN A 36 -20.36 14.00 -30.12
C ASN A 36 -18.92 13.61 -30.44
N GLU A 37 -18.66 13.23 -31.70
CA GLU A 37 -17.32 12.86 -32.10
C GLU A 37 -16.41 14.07 -32.20
N ASP A 38 -16.95 15.22 -32.60
CA ASP A 38 -16.20 16.47 -32.68
C ASP A 38 -16.29 17.27 -31.38
N LYS A 39 -16.60 16.60 -30.28
CA LYS A 39 -16.61 17.22 -28.96
C LYS A 39 -15.24 17.82 -28.63
N SER A 40 -14.17 17.24 -29.18
CA SER A 40 -12.80 17.68 -28.92
C SER A 40 -12.18 18.42 -30.10
N SER A 41 -12.98 18.78 -31.11
CA SER A 41 -12.44 19.37 -32.32
C SER A 41 -12.18 20.87 -32.12
N LEU A 42 -11.25 21.39 -32.91
CA LEU A 42 -10.81 22.77 -32.77
C LEU A 42 -11.90 23.78 -33.12
N HIS A 43 -12.75 23.45 -34.11
CA HIS A 43 -13.64 24.46 -34.67
C HIS A 43 -14.76 24.88 -33.73
N ARG A 44 -15.12 24.05 -32.76
CA ARG A 44 -16.26 24.41 -31.91
C ARG A 44 -15.94 25.59 -31.00
N TYR A 45 -14.66 25.81 -30.66
CA TYR A 45 -14.28 26.97 -29.86
C TYR A 45 -13.50 28.01 -30.67
N LYS A 46 -13.58 27.95 -31.99
CA LYS A 46 -13.23 29.10 -32.82
C LYS A 46 -14.42 30.02 -33.01
N ALA A 47 -15.55 29.70 -32.38
CA ALA A 47 -16.81 30.40 -32.58
C ALA A 47 -17.32 30.94 -31.24
N ASP A 48 -18.14 32.01 -31.33
CA ASP A 48 -18.65 32.65 -30.13
C ASP A 48 -19.58 31.75 -29.35
N GLU A 49 -20.28 30.84 -30.03
CA GLU A 49 -21.15 29.87 -29.38
C GLU A 49 -20.96 28.50 -30.03
N SER A 50 -21.44 27.47 -29.34
CA SER A 50 -21.31 26.10 -29.84
C SER A 50 -22.33 25.22 -29.12
N TYR A 51 -23.19 24.57 -29.90
CA TYR A 51 -24.18 23.64 -29.36
C TYR A 51 -24.10 22.32 -30.11
N LEU A 52 -24.05 21.21 -29.37
CA LEU A 52 -24.20 19.90 -29.97
C LEU A 52 -25.49 19.84 -30.77
N VAL A 53 -25.42 19.28 -31.98
CA VAL A 53 -26.64 19.12 -32.77
C VAL A 53 -27.52 18.04 -32.16
N GLY A 54 -26.90 16.97 -31.66
CA GLY A 54 -27.65 15.92 -31.01
C GLY A 54 -26.74 14.83 -30.45
N SER A 55 -27.17 14.21 -29.35
CA SER A 55 -26.49 13.04 -28.80
C SER A 55 -27.07 11.73 -29.28
N ASP A 56 -28.33 11.73 -29.72
CA ASP A 56 -28.92 10.62 -30.44
C ASP A 56 -28.62 10.68 -31.93
N LEU A 57 -27.72 11.56 -32.34
CA LEU A 57 -27.43 11.83 -33.74
C LEU A 57 -26.07 11.23 -34.10
N GLY A 58 -26.01 10.59 -35.27
CA GLY A 58 -24.83 9.88 -35.68
C GLY A 58 -23.67 10.82 -35.93
N PRO A 59 -22.51 10.23 -36.25
CA PRO A 59 -21.31 11.04 -36.49
C PRO A 59 -21.45 11.91 -37.72
N ALA A 60 -21.61 11.29 -38.90
CA ALA A 60 -21.89 12.06 -40.09
C ALA A 60 -23.32 12.59 -40.10
N GLU A 61 -24.24 11.89 -39.43
CA GLU A 61 -25.64 12.30 -39.44
C GLU A 61 -25.87 13.58 -38.64
N SER A 62 -25.04 13.83 -37.61
CA SER A 62 -25.17 15.07 -36.85
C SER A 62 -24.99 16.30 -37.73
N TYR A 63 -24.32 16.16 -38.88
CA TYR A 63 -24.05 17.27 -39.77
C TYR A 63 -24.95 17.25 -41.01
N LEU A 64 -26.02 16.45 -40.99
CA LEU A 64 -26.87 16.29 -42.18
C LEU A 64 -28.36 16.38 -41.86
N ASN A 65 -28.74 16.50 -40.60
CA ASN A 65 -30.16 16.62 -40.23
C ASN A 65 -30.59 18.06 -40.49
N ILE A 66 -31.26 18.28 -41.63
CA ILE A 66 -31.73 19.62 -41.97
C ILE A 66 -32.54 20.22 -40.84
N GLU A 67 -33.48 19.44 -40.30
CA GLU A 67 -34.41 19.98 -39.32
C GLU A 67 -33.74 20.24 -37.97
N ARG A 68 -32.77 19.40 -37.57
CA ARG A 68 -32.10 19.62 -36.30
C ARG A 68 -31.17 20.83 -36.36
N ILE A 69 -30.27 20.86 -37.35
CA ILE A 69 -29.35 21.98 -37.51
C ILE A 69 -30.12 23.30 -37.60
N ILE A 70 -31.28 23.27 -38.24
CA ILE A 70 -32.14 24.46 -38.29
C ILE A 70 -32.66 24.78 -36.89
N ASP A 71 -33.16 23.77 -36.18
CA ASP A 71 -33.70 24.01 -34.84
C ASP A 71 -32.63 24.49 -33.88
N VAL A 72 -31.37 24.07 -34.09
CA VAL A 72 -30.25 24.67 -33.37
C VAL A 72 -30.18 26.15 -33.67
N ALA A 73 -30.06 26.50 -34.95
CA ALA A 73 -29.92 27.90 -35.35
C ALA A 73 -31.14 28.72 -34.95
N LYS A 74 -32.30 28.09 -34.82
CA LYS A 74 -33.46 28.79 -34.27
C LYS A 74 -33.25 29.11 -32.80
N GLN A 75 -32.88 28.11 -32.00
CA GLN A 75 -32.63 28.32 -30.58
C GLN A 75 -31.56 29.37 -30.35
N ALA A 76 -30.61 29.49 -31.28
CA ALA A 76 -29.57 30.50 -31.18
C ALA A 76 -30.00 31.85 -31.75
N ASN A 77 -31.27 32.00 -32.12
CA ASN A 77 -31.81 33.25 -32.68
C ASN A 77 -30.87 33.81 -33.75
N VAL A 78 -30.55 32.96 -34.73
CA VAL A 78 -29.47 33.20 -35.68
C VAL A 78 -30.06 33.71 -36.99
N ASP A 79 -29.30 34.58 -37.66
CA ASP A 79 -29.77 35.26 -38.87
C ASP A 79 -29.49 34.46 -40.14
N ALA A 80 -28.29 33.90 -40.28
CA ALA A 80 -27.89 33.25 -41.53
C ALA A 80 -27.10 31.99 -41.25
N ILE A 81 -26.98 31.15 -42.28
CA ILE A 81 -26.25 29.89 -42.21
C ILE A 81 -25.24 29.85 -43.34
N HIS A 82 -23.98 29.55 -43.01
CA HIS A 82 -23.08 29.25 -44.12
C HIS A 82 -22.91 27.74 -44.24
N PRO A 83 -23.16 27.16 -45.42
CA PRO A 83 -23.13 25.70 -45.56
C PRO A 83 -21.75 25.09 -45.78
N GLY A 84 -20.70 25.91 -45.86
CA GLY A 84 -19.37 25.36 -46.10
C GLY A 84 -19.32 24.60 -47.41
N TYR A 85 -18.82 23.37 -47.36
CA TYR A 85 -18.80 22.50 -48.53
C TYR A 85 -18.95 21.06 -48.09
N GLY A 86 -19.60 20.26 -48.93
CA GLY A 86 -19.52 18.82 -48.82
C GLY A 86 -20.45 18.16 -47.82
N PHE A 87 -21.38 18.90 -47.22
CA PHE A 87 -22.36 18.28 -46.36
C PHE A 87 -23.76 18.60 -46.85
N LEU A 88 -24.24 19.80 -46.56
CA LEU A 88 -25.51 20.29 -47.08
C LEU A 88 -25.33 21.48 -48.02
N SER A 89 -24.09 21.80 -48.39
CA SER A 89 -23.80 23.00 -49.16
C SER A 89 -24.41 22.99 -50.55
N GLU A 90 -24.88 21.83 -51.03
CA GLU A 90 -25.59 21.75 -52.30
C GLU A 90 -27.01 21.24 -52.13
N ASN A 91 -27.52 21.19 -50.90
CA ASN A 91 -28.86 20.69 -50.61
C ASN A 91 -29.88 21.78 -50.90
N GLU A 92 -30.68 21.59 -51.94
CA GLU A 92 -31.74 22.54 -52.25
C GLU A 92 -32.74 22.65 -51.11
N GLN A 93 -33.07 21.51 -50.49
CA GLN A 93 -34.05 21.51 -49.40
C GLN A 93 -33.54 22.29 -48.20
N PHE A 94 -32.29 22.03 -47.79
CA PHE A 94 -31.66 22.79 -46.71
C PHE A 94 -31.73 24.29 -47.00
N ALA A 95 -31.42 24.69 -48.23
CA ALA A 95 -31.51 26.08 -48.63
C ALA A 95 -32.94 26.60 -48.72
N ARG A 96 -33.93 25.71 -48.65
CA ARG A 96 -35.33 26.10 -48.70
C ARG A 96 -35.96 26.15 -47.30
N ARG A 97 -35.76 25.11 -46.49
CA ARG A 97 -36.20 25.15 -45.11
C ARG A 97 -35.56 26.31 -44.37
N CYS A 98 -34.34 26.69 -44.75
CA CYS A 98 -33.67 27.83 -44.14
C CYS A 98 -34.45 29.12 -44.39
N ALA A 99 -34.80 29.39 -45.65
CA ALA A 99 -35.53 30.60 -45.97
C ALA A 99 -36.90 30.62 -45.33
N GLU A 100 -37.60 29.48 -45.33
CA GLU A 100 -38.91 29.39 -44.69
C GLU A 100 -38.86 29.87 -43.25
N GLU A 101 -37.81 29.49 -42.52
CA GLU A 101 -37.63 29.91 -41.14
C GLU A 101 -36.80 31.18 -41.02
N GLY A 102 -36.82 32.03 -42.04
CA GLY A 102 -36.16 33.32 -41.98
C GLY A 102 -34.65 33.31 -42.05
N ILE A 103 -34.04 32.14 -42.17
CA ILE A 103 -32.58 32.06 -42.24
C ILE A 103 -32.14 32.29 -43.69
N LYS A 104 -31.26 33.26 -43.89
CA LYS A 104 -30.68 33.50 -45.22
C LYS A 104 -29.58 32.48 -45.44
N PHE A 105 -29.88 31.49 -46.27
CA PHE A 105 -28.88 30.50 -46.69
C PHE A 105 -27.82 31.22 -47.52
N ILE A 106 -26.61 31.30 -46.99
CA ILE A 106 -25.52 32.03 -47.65
C ILE A 106 -25.09 31.27 -48.89
N GLY A 107 -25.59 31.69 -50.05
CA GLY A 107 -25.22 31.05 -51.29
C GLY A 107 -26.19 31.30 -52.43
N PRO A 108 -26.19 30.41 -53.41
CA PRO A 108 -26.99 30.63 -54.62
C PRO A 108 -28.48 30.53 -54.38
N HIS A 109 -29.27 30.75 -55.43
CA HIS A 109 -30.72 30.65 -55.34
C HIS A 109 -31.16 29.20 -55.42
N LEU A 110 -32.39 28.95 -54.98
CA LEU A 110 -32.90 27.59 -54.91
C LEU A 110 -32.88 26.90 -56.27
N GLU A 111 -33.15 27.65 -57.33
CA GLU A 111 -33.13 27.09 -58.67
C GLU A 111 -31.72 26.94 -59.23
N HIS A 112 -30.74 27.67 -58.69
CA HIS A 112 -29.35 27.41 -59.05
C HIS A 112 -28.90 26.05 -58.51
N LEU A 113 -29.32 25.71 -57.29
CA LEU A 113 -29.01 24.41 -56.73
C LEU A 113 -29.68 23.30 -57.52
N ASP A 114 -30.92 23.53 -57.97
CA ASP A 114 -31.58 22.57 -58.84
C ASP A 114 -30.92 22.50 -60.21
N MET A 115 -30.31 23.60 -60.64
CA MET A 115 -29.79 23.68 -62.01
C MET A 115 -28.57 22.79 -62.20
N PHE A 116 -27.71 22.72 -61.19
CA PHE A 116 -26.48 21.96 -61.29
C PHE A 116 -26.40 20.78 -60.34
N GLY A 117 -27.39 20.59 -59.46
CA GLY A 117 -27.39 19.45 -58.57
C GLY A 117 -27.53 18.12 -59.30
N ASP A 118 -27.91 18.15 -60.57
CA ASP A 118 -27.99 16.97 -61.41
C ASP A 118 -27.13 17.20 -62.64
N LYS A 119 -26.27 16.23 -62.96
CA LYS A 119 -25.34 16.39 -64.08
C LYS A 119 -26.09 16.49 -65.39
N VAL A 120 -27.20 15.77 -65.52
CA VAL A 120 -28.01 15.87 -66.73
C VAL A 120 -28.60 17.26 -66.86
N LYS A 121 -28.99 17.86 -65.73
CA LYS A 121 -29.54 19.20 -65.77
C LYS A 121 -28.45 20.26 -65.93
N ALA A 122 -27.26 20.03 -65.40
CA ALA A 122 -26.18 20.97 -65.59
C ALA A 122 -25.83 21.11 -67.07
N ARG A 123 -25.76 19.98 -67.77
CA ARG A 123 -25.40 20.00 -69.19
C ARG A 123 -26.44 20.74 -70.03
N THR A 124 -27.73 20.55 -69.72
CA THR A 124 -28.76 21.09 -70.60
C THR A 124 -28.86 22.61 -70.50
N THR A 125 -28.46 23.21 -69.37
CA THR A 125 -28.29 24.65 -69.35
C THR A 125 -26.92 25.08 -69.84
N ALA A 126 -25.93 24.18 -69.83
CA ALA A 126 -24.67 24.47 -70.48
C ALA A 126 -24.86 24.63 -71.98
N ILE A 127 -25.74 23.82 -72.57
CA ILE A 127 -25.98 23.94 -74.01
C ILE A 127 -26.99 25.03 -74.31
N LYS A 128 -27.92 25.31 -73.41
CA LYS A 128 -28.87 26.40 -73.60
C LYS A 128 -28.24 27.77 -73.39
N ALA A 129 -27.06 27.83 -72.78
CA ALA A 129 -26.26 29.05 -72.72
C ALA A 129 -25.14 29.07 -73.74
N ASP A 130 -25.01 28.00 -74.53
CA ASP A 130 -24.07 27.95 -75.66
C ASP A 130 -22.61 27.93 -75.22
N LEU A 131 -22.28 27.00 -74.34
CA LEU A 131 -20.90 26.66 -74.08
C LEU A 131 -20.57 25.32 -74.71
N PRO A 132 -19.29 25.04 -74.95
CA PRO A 132 -18.92 23.69 -75.40
C PRO A 132 -19.31 22.64 -74.36
N VAL A 133 -19.53 21.43 -74.85
CA VAL A 133 -19.93 20.29 -74.05
C VAL A 133 -19.25 19.05 -74.62
N ILE A 134 -18.90 18.12 -73.74
CA ILE A 134 -18.26 16.88 -74.17
C ILE A 134 -19.21 16.07 -75.04
N ILE A 206 -12.37 12.21 -73.19
CA ILE A 206 -11.36 13.03 -73.86
C ILE A 206 -10.01 12.36 -73.66
N ASP A 207 -8.94 12.98 -74.19
CA ASP A 207 -7.60 12.40 -74.15
C ASP A 207 -6.60 13.42 -73.65
N ASN A 208 -5.81 13.01 -72.65
CA ASN A 208 -4.71 13.74 -72.00
C ASN A 208 -5.02 15.22 -71.84
N PRO A 209 -5.94 15.59 -70.93
CA PRO A 209 -6.39 16.99 -70.85
C PRO A 209 -5.82 17.74 -69.66
N LYS A 210 -6.50 18.80 -69.24
CA LYS A 210 -6.06 19.61 -68.10
C LYS A 210 -7.29 20.13 -67.37
N HIS A 211 -7.56 19.57 -66.19
CA HIS A 211 -8.71 20.00 -65.40
C HIS A 211 -8.50 21.44 -64.93
N ILE A 212 -9.45 22.32 -65.25
CA ILE A 212 -9.33 23.74 -64.94
C ILE A 212 -10.68 24.27 -64.48
N GLU A 213 -10.72 24.82 -63.27
CA GLU A 213 -11.90 25.49 -62.74
C GLU A 213 -11.79 27.00 -62.96
N VAL A 214 -12.94 27.67 -62.85
CA VAL A 214 -13.01 29.13 -62.91
C VAL A 214 -13.91 29.60 -61.78
N GLN A 215 -13.45 30.60 -61.04
CA GLN A 215 -14.16 31.12 -59.88
C GLN A 215 -14.94 32.36 -60.26
N VAL A 216 -16.26 32.28 -60.19
CA VAL A 216 -17.14 33.42 -60.38
C VAL A 216 -17.71 33.81 -59.02
N ILE A 217 -18.19 35.05 -58.94
CA ILE A 217 -18.84 35.57 -57.74
C ILE A 217 -19.96 36.52 -58.14
N GLY A 218 -21.18 36.24 -57.69
CA GLY A 218 -22.29 37.12 -57.97
C GLY A 218 -22.82 37.82 -56.72
N ASP A 219 -23.57 38.89 -56.92
CA ASP A 219 -24.31 39.54 -55.84
C ASP A 219 -25.80 39.43 -56.13
N GLU A 220 -26.61 39.90 -55.18
CA GLU A 220 -28.07 39.87 -55.34
C GLU A 220 -28.59 41.09 -56.08
N HIS A 221 -27.80 41.64 -57.02
CA HIS A 221 -28.24 42.77 -57.83
C HIS A 221 -27.86 42.62 -59.30
N GLY A 222 -27.35 41.46 -59.71
CA GLY A 222 -27.02 41.24 -61.11
C GLY A 222 -25.61 41.57 -61.51
N ASN A 223 -24.67 41.63 -60.56
CA ASN A 223 -23.28 41.95 -60.84
C ASN A 223 -22.42 40.75 -60.50
N ILE A 224 -21.71 40.23 -61.50
CA ILE A 224 -20.91 39.02 -61.35
C ILE A 224 -19.50 39.30 -61.88
N VAL A 225 -18.50 38.83 -61.15
CA VAL A 225 -17.10 38.98 -61.54
C VAL A 225 -16.44 37.61 -61.43
N HIS A 226 -15.32 37.46 -62.13
CA HIS A 226 -14.55 36.23 -62.09
C HIS A 226 -13.14 36.53 -61.61
N LEU A 227 -12.67 35.72 -60.65
CA LEU A 227 -11.32 35.82 -60.12
C LEU A 227 -10.39 34.82 -60.82
N PHE A 228 -10.58 34.66 -62.13
CA PHE A 228 -9.78 33.79 -62.98
C PHE A 228 -9.85 32.32 -62.57
N GLU A 229 -8.89 31.54 -63.03
CA GLU A 229 -8.97 30.09 -63.00
C GLU A 229 -8.05 29.51 -61.92
N ARG A 230 -8.01 28.19 -61.87
CA ARG A 230 -7.01 27.46 -61.09
C ARG A 230 -6.88 26.08 -61.69
N ASP A 231 -5.64 25.57 -61.75
CA ASP A 231 -5.37 24.26 -62.29
C ASP A 231 -5.48 23.21 -61.19
N CYS A 232 -6.17 22.12 -61.49
CA CYS A 232 -6.28 20.97 -60.59
C CYS A 232 -6.07 19.67 -61.34
N SER A 233 -5.12 19.68 -62.27
CA SER A 233 -4.81 18.49 -63.05
C SER A 233 -4.00 17.48 -62.26
N VAL A 234 -3.45 17.85 -61.11
CA VAL A 234 -2.62 16.93 -60.34
C VAL A 234 -3.62 16.16 -59.47
N GLN A 235 -4.04 15.00 -59.96
CA GLN A 235 -4.99 14.15 -59.28
C GLN A 235 -4.53 12.70 -59.36
N ARG A 236 -4.72 11.96 -58.27
CA ARG A 236 -4.37 10.54 -58.24
C ARG A 236 -5.59 9.70 -58.61
N ARG A 237 -6.59 9.69 -57.74
CA ARG A 237 -7.89 9.11 -58.08
C ARG A 237 -8.82 10.21 -58.55
N HIS A 238 -10.10 10.13 -58.19
CA HIS A 238 -11.03 11.20 -58.53
C HIS A 238 -10.79 12.45 -57.70
N GLN A 239 -10.20 12.32 -56.52
CA GLN A 239 -9.94 13.46 -55.66
C GLN A 239 -8.68 14.20 -56.10
N LYS A 240 -8.71 15.53 -55.98
CA LYS A 240 -7.58 16.36 -56.36
C LYS A 240 -6.60 16.49 -55.18
N VAL A 241 -5.30 16.44 -55.49
CA VAL A 241 -4.29 16.54 -54.46
C VAL A 241 -3.51 17.84 -54.51
N VAL A 242 -3.28 18.42 -55.70
CA VAL A 242 -2.58 19.70 -55.84
C VAL A 242 -3.36 20.59 -56.80
N GLU A 243 -3.47 21.87 -56.46
CA GLU A 243 -4.14 22.85 -57.30
C GLU A 243 -3.32 24.13 -57.33
N VAL A 244 -3.05 24.65 -58.52
CA VAL A 244 -2.23 25.84 -58.73
C VAL A 244 -3.09 26.92 -59.37
N ALA A 245 -2.88 28.17 -58.95
CA ALA A 245 -3.67 29.30 -59.44
C ALA A 245 -2.75 30.43 -59.86
N PRO A 246 -2.76 30.84 -61.13
CA PRO A 246 -3.49 30.24 -62.25
C PRO A 246 -2.68 29.13 -62.89
N SER A 247 -3.07 28.64 -64.06
CA SER A 247 -2.35 27.58 -64.72
C SER A 247 -1.12 28.14 -65.43
N VAL A 248 0.01 27.42 -65.30
CA VAL A 248 1.25 27.88 -65.92
C VAL A 248 1.26 27.55 -67.41
N GLY A 249 0.88 26.32 -67.77
CA GLY A 249 0.93 25.89 -69.14
C GLY A 249 -0.17 26.39 -70.03
N LEU A 250 -1.02 27.29 -69.56
CA LEU A 250 -2.14 27.77 -70.35
C LEU A 250 -1.79 29.04 -71.11
N SER A 251 -2.23 29.12 -72.36
CA SER A 251 -2.03 30.32 -73.13
C SER A 251 -2.97 31.43 -72.64
N PRO A 252 -2.53 32.70 -72.69
CA PRO A 252 -3.46 33.80 -72.37
C PRO A 252 -4.73 33.82 -73.23
N THR A 253 -4.72 33.19 -74.41
CA THR A 253 -5.93 33.13 -75.23
C THR A 253 -6.89 32.06 -74.71
N LEU A 254 -6.38 30.87 -74.40
CA LEU A 254 -7.22 29.82 -73.85
C LEU A 254 -7.81 30.23 -72.51
N ARG A 255 -6.97 30.78 -71.62
CA ARG A 255 -7.41 31.28 -70.33
C ARG A 255 -8.59 32.23 -70.46
N GLN A 256 -8.56 33.10 -71.47
CA GLN A 256 -9.62 34.10 -71.62
C GLN A 256 -10.92 33.46 -72.12
N ARG A 257 -10.83 32.61 -73.13
CA ARG A 257 -12.03 31.96 -73.65
C ARG A 257 -12.69 31.09 -72.60
N ILE A 258 -11.88 30.46 -71.74
CA ILE A 258 -12.43 29.64 -70.67
C ILE A 258 -13.08 30.52 -69.61
N CYS A 259 -12.44 31.64 -69.26
CA CYS A 259 -13.03 32.55 -68.29
C CYS A 259 -14.30 33.18 -68.83
N ASP A 260 -14.30 33.58 -70.10
CA ASP A 260 -15.50 34.15 -70.71
C ASP A 260 -16.61 33.12 -70.83
N ALA A 261 -16.25 31.85 -71.07
CA ALA A 261 -17.24 30.78 -71.08
C ALA A 261 -17.93 30.68 -69.72
N ALA A 262 -17.16 30.83 -68.64
CA ALA A 262 -17.75 30.80 -67.30
C ALA A 262 -18.72 31.96 -67.10
N ILE A 263 -18.29 33.18 -67.44
CA ILE A 263 -19.13 34.35 -67.24
C ILE A 263 -20.41 34.24 -68.06
N GLN A 264 -20.30 33.70 -69.28
CA GLN A 264 -21.49 33.51 -70.10
C GLN A 264 -22.51 32.63 -69.40
N LEU A 265 -22.12 31.42 -69.02
CA LEU A 265 -23.02 30.52 -68.30
C LEU A 265 -23.53 31.15 -67.01
N MET A 266 -22.61 31.74 -66.23
CA MET A 266 -22.95 32.17 -64.89
C MET A 266 -23.86 33.40 -64.89
N GLU A 267 -23.80 34.21 -65.93
CA GLU A 267 -24.69 35.36 -66.06
C GLU A 267 -25.97 35.05 -66.82
N ASN A 268 -25.96 34.01 -67.67
CA ASN A 268 -27.16 33.63 -68.39
C ASN A 268 -28.24 33.11 -67.45
N ILE A 269 -27.82 32.45 -66.36
CA ILE A 269 -28.75 31.95 -65.35
C ILE A 269 -28.81 32.85 -64.14
N LYS A 270 -28.08 33.96 -64.14
CA LYS A 270 -28.06 34.92 -63.04
C LYS A 270 -27.67 34.26 -61.72
N TYR A 271 -26.54 33.55 -61.75
CA TYR A 271 -26.04 32.91 -60.54
C TYR A 271 -25.67 33.97 -59.51
N VAL A 272 -25.96 33.69 -58.24
CA VAL A 272 -25.73 34.61 -57.14
C VAL A 272 -24.79 33.96 -56.15
N ASN A 273 -23.92 34.77 -55.54
CA ASN A 273 -22.93 34.37 -54.55
C ASN A 273 -21.75 33.66 -55.24
N ALA A 274 -20.91 32.99 -54.47
CA ALA A 274 -19.71 32.37 -55.01
C ALA A 274 -20.03 31.04 -55.68
N GLY A 275 -19.29 30.75 -56.74
CA GLY A 275 -19.48 29.50 -57.47
C GLY A 275 -18.26 29.16 -58.28
N THR A 276 -18.28 27.95 -58.85
CA THR A 276 -17.18 27.45 -59.67
C THR A 276 -17.72 26.73 -60.89
N VAL A 277 -17.14 27.02 -62.05
CA VAL A 277 -17.43 26.31 -63.28
C VAL A 277 -16.19 25.50 -63.65
N GLU A 278 -16.39 24.20 -63.89
CA GLU A 278 -15.28 23.29 -64.15
C GLU A 278 -15.15 23.01 -65.64
N PHE A 279 -13.91 22.97 -66.13
CA PHE A 279 -13.62 22.74 -67.54
C PHE A 279 -12.49 21.72 -67.68
N LEU A 280 -12.61 20.85 -68.70
CA LEU A 280 -11.50 20.05 -69.19
C LEU A 280 -10.96 20.69 -70.47
N VAL A 281 -9.65 20.60 -70.66
CA VAL A 281 -8.96 21.34 -71.72
C VAL A 281 -8.06 20.39 -72.49
N SER A 282 -8.26 20.30 -73.80
CA SER A 282 -7.45 19.47 -74.69
C SER A 282 -7.05 20.29 -75.90
N GLY A 283 -5.76 20.62 -76.00
CA GLY A 283 -5.28 21.36 -77.15
C GLY A 283 -5.82 22.77 -77.12
N ASP A 284 -6.50 23.15 -78.21
CA ASP A 284 -7.21 24.41 -78.28
C ASP A 284 -8.69 24.27 -77.91
N GLU A 285 -9.16 23.06 -77.68
CA GLU A 285 -10.57 22.79 -77.41
C GLU A 285 -10.79 22.58 -75.93
N PHE A 286 -11.75 23.31 -75.36
CA PHE A 286 -12.17 23.14 -73.97
C PHE A 286 -13.65 22.82 -73.92
N PHE A 287 -14.06 22.14 -72.85
CA PHE A 287 -15.43 21.67 -72.71
C PHE A 287 -15.86 21.84 -71.26
N PHE A 288 -17.17 21.67 -71.02
CA PHE A 288 -17.76 21.88 -69.71
C PHE A 288 -18.19 20.53 -69.14
N ILE A 289 -18.06 20.39 -67.81
CA ILE A 289 -18.37 19.14 -67.14
C ILE A 289 -19.45 19.34 -66.09
N GLU A 290 -19.18 20.18 -65.10
CA GLU A 290 -20.09 20.36 -63.98
C GLU A 290 -19.88 21.75 -63.38
N VAL A 291 -20.75 22.09 -62.42
CA VAL A 291 -20.62 23.32 -61.63
C VAL A 291 -20.73 22.95 -60.16
N ASN A 292 -19.85 23.54 -59.34
CA ASN A 292 -19.93 23.40 -57.89
C ASN A 292 -20.45 24.71 -57.30
N PRO A 293 -21.72 24.79 -56.90
CA PRO A 293 -22.31 26.07 -56.47
C PRO A 293 -22.02 26.37 -55.00
N ARG A 294 -20.73 26.58 -54.70
CA ARG A 294 -20.27 26.70 -53.33
C ARG A 294 -18.79 27.05 -53.28
N VAL A 295 -18.26 27.20 -52.07
CA VAL A 295 -16.81 27.31 -51.89
C VAL A 295 -16.16 25.98 -52.22
N GLN A 296 -14.94 26.05 -52.75
CA GLN A 296 -14.08 24.90 -52.92
C GLN A 296 -12.96 24.94 -51.90
N VAL A 297 -12.34 23.78 -51.65
CA VAL A 297 -11.27 23.71 -50.67
C VAL A 297 -10.11 24.61 -51.06
N GLU A 298 -9.90 24.81 -52.35
CA GLU A 298 -8.73 25.52 -52.85
C GLU A 298 -9.03 26.96 -53.27
N HIS A 299 -10.11 27.54 -52.75
CA HIS A 299 -10.37 28.96 -52.97
C HIS A 299 -9.25 29.82 -52.39
N THR A 300 -8.48 29.30 -51.45
CA THR A 300 -7.44 30.08 -50.79
C THR A 300 -6.41 30.62 -51.77
N ILE A 301 -6.11 29.87 -52.82
CA ILE A 301 -5.04 30.28 -53.72
C ILE A 301 -5.51 31.37 -54.70
N THR A 302 -6.79 31.37 -55.08
CA THR A 302 -7.31 32.52 -55.81
C THR A 302 -7.39 33.75 -54.92
N GLU A 303 -7.72 33.56 -53.64
CA GLU A 303 -7.63 34.65 -52.68
C GLU A 303 -6.22 35.22 -52.61
N MET A 304 -5.20 34.37 -52.81
CA MET A 304 -3.81 34.80 -52.62
C MET A 304 -3.29 35.58 -53.82
N VAL A 305 -3.69 35.21 -55.04
CA VAL A 305 -3.12 35.83 -56.24
C VAL A 305 -4.00 36.95 -56.80
N THR A 306 -5.26 37.05 -56.39
CA THR A 306 -6.12 38.13 -56.85
C THR A 306 -6.41 39.19 -55.80
N GLY A 307 -6.36 38.83 -54.52
CA GLY A 307 -6.49 39.78 -53.43
C GLY A 307 -7.87 39.90 -52.83
N ILE A 308 -8.88 39.29 -53.42
CA ILE A 308 -10.25 39.41 -52.94
C ILE A 308 -10.56 38.26 -51.99
N ASP A 309 -11.13 38.59 -50.84
CA ASP A 309 -11.47 37.62 -49.79
C ASP A 309 -12.74 36.89 -50.21
N ILE A 310 -12.58 35.66 -50.70
CA ILE A 310 -13.71 34.95 -51.32
C ILE A 310 -14.80 34.66 -50.30
N VAL A 311 -14.42 34.11 -49.14
CA VAL A 311 -15.42 33.73 -48.14
C VAL A 311 -16.11 34.97 -47.59
N LYS A 312 -15.35 36.04 -47.32
CA LYS A 312 -15.96 37.27 -46.82
C LYS A 312 -16.96 37.84 -47.82
N THR A 313 -16.61 37.85 -49.11
CA THR A 313 -17.52 38.36 -50.11
C THR A 313 -18.83 37.58 -50.14
N GLN A 314 -18.77 36.27 -49.86
CA GLN A 314 -19.99 35.49 -49.69
C GLN A 314 -20.89 36.12 -48.62
N ILE A 315 -20.32 36.41 -47.46
CA ILE A 315 -21.12 36.83 -46.31
C ILE A 315 -21.83 38.14 -46.59
N LEU A 316 -21.12 39.10 -47.22
CA LEU A 316 -21.75 40.38 -47.51
C LEU A 316 -22.73 40.27 -48.67
N VAL A 317 -22.52 39.32 -49.58
CA VAL A 317 -23.48 39.11 -50.66
C VAL A 317 -24.79 38.58 -50.12
N ALA A 318 -24.71 37.59 -49.22
CA ALA A 318 -25.92 37.10 -48.55
C ALA A 318 -26.60 38.21 -47.77
N ALA A 319 -25.81 39.11 -47.19
CA ALA A 319 -26.39 40.28 -46.53
C ALA A 319 -27.08 41.20 -47.52
N GLY A 320 -26.63 41.22 -48.77
CA GLY A 320 -27.21 42.06 -49.80
C GLY A 320 -26.32 43.16 -50.32
N ALA A 321 -25.04 43.19 -49.95
CA ALA A 321 -24.15 44.24 -50.41
C ALA A 321 -23.85 44.05 -51.90
N ASP A 322 -24.00 45.13 -52.66
CA ASP A 322 -23.64 45.09 -54.08
C ASP A 322 -22.16 44.75 -54.23
N LEU A 323 -21.84 44.06 -55.33
CA LEU A 323 -20.46 43.63 -55.55
C LEU A 323 -19.50 44.82 -55.56
N PHE A 324 -19.86 45.88 -56.27
CA PHE A 324 -19.05 47.07 -56.39
C PHE A 324 -19.46 48.17 -55.42
N GLY A 325 -20.01 47.79 -54.26
CA GLY A 325 -20.27 48.74 -53.21
C GLY A 325 -19.01 49.09 -52.44
N GLU A 326 -19.20 49.76 -51.31
CA GLU A 326 -18.06 50.14 -50.49
C GLU A 326 -17.64 49.06 -49.51
N GLU A 327 -18.58 48.23 -49.04
CA GLU A 327 -18.23 47.18 -48.08
C GLU A 327 -17.43 46.07 -48.75
N ILE A 328 -17.83 45.67 -49.96
CA ILE A 328 -17.06 44.68 -50.71
C ILE A 328 -15.92 45.36 -51.45
N ASN A 329 -16.21 46.46 -52.11
CA ASN A 329 -15.33 47.12 -53.07
C ASN A 329 -14.58 46.10 -53.92
N MET A 330 -15.37 45.29 -54.61
CA MET A 330 -14.81 44.47 -55.67
C MET A 330 -14.29 45.36 -56.79
N PRO A 331 -13.04 45.20 -57.23
CA PRO A 331 -12.61 45.84 -58.46
C PRO A 331 -13.60 45.57 -59.60
N GLN A 332 -13.68 46.53 -60.52
CA GLN A 332 -14.32 46.28 -61.80
C GLN A 332 -13.61 45.14 -62.51
N GLN A 333 -14.37 44.39 -63.31
CA GLN A 333 -13.83 43.16 -63.87
C GLN A 333 -12.58 43.41 -64.71
N LYS A 334 -12.59 44.46 -65.54
CA LYS A 334 -11.43 44.75 -66.37
C LYS A 334 -10.20 45.18 -65.56
N ASP A 335 -10.32 45.28 -64.23
CA ASP A 335 -9.20 45.60 -63.37
C ASP A 335 -8.73 44.42 -62.53
N ILE A 336 -9.51 43.34 -62.47
CA ILE A 336 -9.10 42.15 -61.72
C ILE A 336 -7.90 41.50 -62.41
N THR A 337 -6.91 41.10 -61.61
CA THR A 337 -5.70 40.50 -62.16
C THR A 337 -5.12 39.50 -61.17
N THR A 338 -4.11 38.77 -61.64
CA THR A 338 -3.36 37.83 -60.82
C THR A 338 -1.93 38.33 -60.66
N LEU A 339 -1.43 38.29 -59.43
CA LEU A 339 -0.04 38.66 -59.13
C LEU A 339 0.64 37.44 -58.52
N GLY A 340 1.45 36.76 -59.32
CA GLY A 340 2.21 35.63 -58.86
C GLY A 340 1.53 34.30 -59.09
N TYR A 341 2.01 33.29 -58.36
CA TYR A 341 1.50 31.94 -58.51
C TYR A 341 1.38 31.29 -57.13
N ALA A 342 0.20 30.75 -56.84
CA ALA A 342 -0.09 30.11 -55.57
C ALA A 342 -0.27 28.61 -55.76
N ILE A 343 0.17 27.87 -54.74
CA ILE A 343 0.06 26.41 -54.71
C ILE A 343 -0.53 26.02 -53.37
N GLN A 344 -1.48 25.08 -53.38
CA GLN A 344 -2.12 24.62 -52.16
C GLN A 344 -1.90 23.12 -51.97
N CYS A 345 -1.45 22.76 -50.77
CA CYS A 345 -1.32 21.38 -50.34
C CYS A 345 -2.26 21.12 -49.18
N ARG A 346 -2.99 20.01 -49.24
CA ARG A 346 -3.77 19.54 -48.11
C ARG A 346 -3.00 18.39 -47.46
N ILE A 347 -2.55 18.62 -46.23
CA ILE A 347 -1.76 17.64 -45.49
C ILE A 347 -2.74 16.72 -44.77
N THR A 348 -2.75 15.45 -45.17
CA THR A 348 -3.70 14.48 -44.67
C THR A 348 -2.97 13.30 -44.04
N THR A 349 -3.75 12.40 -43.44
CA THR A 349 -3.23 11.20 -42.79
C THR A 349 -3.38 9.96 -43.68
N GLU A 350 -3.44 10.15 -44.99
CA GLU A 350 -3.58 9.04 -45.93
C GLU A 350 -2.21 8.46 -46.21
N ASP A 351 -1.98 7.22 -45.77
CA ASP A 351 -0.75 6.49 -46.03
C ASP A 351 -0.42 6.45 -47.51
N PRO A 352 0.55 7.24 -47.99
CA PRO A 352 0.88 7.21 -49.42
C PRO A 352 1.39 5.86 -49.89
N LEU A 353 1.74 4.96 -48.96
CA LEU A 353 2.27 3.65 -49.28
C LEU A 353 1.28 2.54 -48.96
N ASN A 354 0.03 2.87 -48.66
CA ASN A 354 -1.01 1.90 -48.46
C ASN A 354 -2.27 2.50 -49.12
N ASP A 355 -2.26 2.53 -50.46
CA ASP A 355 -3.40 2.95 -51.27
C ASP A 355 -4.06 4.23 -50.74
N PHE A 356 -3.32 5.05 -50.00
CA PHE A 356 -3.80 6.30 -49.42
C PHE A 356 -4.93 6.05 -48.41
N MET A 357 -4.80 4.99 -47.62
CA MET A 357 -5.80 4.68 -46.61
C MET A 357 -5.61 5.57 -45.38
N PRO A 358 -6.68 6.20 -44.88
CA PRO A 358 -6.51 7.18 -43.79
C PRO A 358 -6.04 6.54 -42.48
N ASP A 359 -4.89 7.01 -42.01
CA ASP A 359 -4.38 6.62 -40.69
C ASP A 359 -5.18 7.35 -39.61
N THR A 360 -5.55 6.61 -38.57
CA THR A 360 -6.27 7.17 -37.43
C THR A 360 -5.47 6.93 -36.15
N GLY A 361 -5.39 7.96 -35.32
CA GLY A 361 -4.59 7.87 -34.11
C GLY A 361 -4.41 9.24 -33.48
N THR A 362 -3.49 9.29 -32.52
CA THR A 362 -3.23 10.50 -31.75
C THR A 362 -1.96 11.18 -32.25
N ILE A 363 -2.08 12.43 -32.69
CA ILE A 363 -0.90 13.24 -32.96
C ILE A 363 -0.23 13.55 -31.64
N ILE A 364 1.03 13.12 -31.49
CA ILE A 364 1.78 13.32 -30.26
C ILE A 364 2.72 14.52 -30.33
N ALA A 365 2.95 15.08 -31.53
CA ALA A 365 3.81 16.24 -31.70
C ALA A 365 3.38 16.97 -32.96
N TYR A 366 3.46 18.29 -32.93
CA TYR A 366 2.87 19.09 -34.00
C TYR A 366 3.59 20.44 -34.07
N ARG A 367 3.85 20.91 -35.29
CA ARG A 367 4.58 22.16 -35.49
C ARG A 367 4.27 22.69 -36.88
N SER A 368 3.69 23.88 -36.95
CA SER A 368 3.39 24.53 -38.21
C SER A 368 4.51 25.49 -38.61
N SER A 369 4.64 25.72 -39.92
CA SER A 369 5.62 26.63 -40.47
C SER A 369 4.95 27.99 -40.72
N GLY A 370 5.57 28.82 -41.53
CA GLY A 370 4.99 30.12 -41.84
C GLY A 370 5.98 31.06 -42.51
N GLY A 371 6.01 32.31 -42.05
CA GLY A 371 6.88 33.29 -42.64
C GLY A 371 6.42 33.73 -44.02
N PHE A 372 7.30 34.47 -44.69
CA PHE A 372 6.96 35.12 -45.95
C PHE A 372 6.54 34.11 -47.00
N GLY A 373 5.32 34.24 -47.49
CA GLY A 373 4.84 33.45 -48.61
C GLY A 373 4.06 32.20 -48.26
N VAL A 374 3.76 31.96 -46.99
CA VAL A 374 3.08 30.74 -46.55
C VAL A 374 1.81 31.13 -45.82
N ARG A 375 0.69 30.54 -46.22
CA ARG A 375 -0.60 30.78 -45.60
C ARG A 375 -1.21 29.45 -45.20
N LEU A 376 -1.53 29.31 -43.91
CA LEU A 376 -2.09 28.08 -43.36
C LEU A 376 -3.55 28.27 -43.01
N ASP A 377 -4.34 27.23 -43.25
CA ASP A 377 -5.75 27.19 -42.86
C ASP A 377 -5.94 25.99 -41.94
N ALA A 378 -6.37 26.26 -40.71
CA ALA A 378 -6.31 25.27 -39.65
C ALA A 378 -7.45 24.27 -39.72
N GLY A 379 -7.11 22.99 -39.73
CA GLY A 379 -8.09 21.93 -39.69
C GLY A 379 -8.12 21.21 -38.36
N ASP A 380 -7.93 19.89 -38.39
CA ASP A 380 -7.91 19.08 -37.18
C ASP A 380 -6.50 18.89 -36.63
N GLY A 381 -5.52 19.61 -37.16
CA GLY A 381 -4.13 19.39 -36.78
C GLY A 381 -3.64 20.24 -35.63
N PHE A 382 -3.36 19.60 -34.50
CA PHE A 382 -2.74 20.24 -33.35
C PHE A 382 -2.16 19.13 -32.48
N GLN A 383 -1.45 19.52 -31.43
CA GLN A 383 -0.86 18.54 -30.53
C GLN A 383 -1.94 17.96 -29.63
N GLY A 384 -2.20 16.66 -29.78
CA GLY A 384 -3.18 15.97 -28.97
C GLY A 384 -4.45 15.58 -29.68
N ALA A 385 -4.60 15.94 -30.96
CA ALA A 385 -5.80 15.57 -31.69
C ALA A 385 -5.83 14.08 -31.98
N GLU A 386 -7.02 13.48 -31.89
CA GLU A 386 -7.26 12.10 -32.29
C GLU A 386 -8.11 12.16 -33.55
N ILE A 387 -7.53 11.78 -34.68
CA ILE A 387 -8.20 11.95 -35.97
C ILE A 387 -9.30 10.90 -36.09
N SER A 388 -10.54 11.37 -36.16
CA SER A 388 -11.68 10.47 -36.25
C SER A 388 -11.74 9.84 -37.65
N PRO A 389 -12.12 8.56 -37.75
CA PRO A 389 -12.28 7.93 -39.06
C PRO A 389 -13.57 8.28 -39.78
N TYR A 390 -14.37 9.20 -39.25
CA TYR A 390 -15.70 9.49 -39.80
C TYR A 390 -15.70 10.64 -40.79
N TYR A 391 -14.60 11.38 -40.92
CA TYR A 391 -14.55 12.57 -41.74
C TYR A 391 -13.33 12.51 -42.65
N ASP A 392 -13.31 13.38 -43.66
CA ASP A 392 -12.14 13.54 -44.49
C ASP A 392 -10.93 13.84 -43.62
N SER A 393 -9.85 13.12 -43.85
CA SER A 393 -8.71 13.09 -42.93
C SER A 393 -7.72 14.22 -43.20
N LEU A 394 -8.21 15.46 -43.22
CA LEU A 394 -7.37 16.62 -43.49
C LEU A 394 -6.92 17.25 -42.17
N LEU A 395 -5.62 17.56 -42.07
CA LEU A 395 -5.05 18.14 -40.88
C LEU A 395 -4.87 19.66 -40.97
N VAL A 396 -4.27 20.14 -42.06
CA VAL A 396 -4.00 21.56 -42.22
C VAL A 396 -3.87 21.86 -43.71
N LYS A 397 -4.30 23.06 -44.10
CA LYS A 397 -4.25 23.50 -45.49
C LYS A 397 -3.02 24.37 -45.70
N LEU A 398 -2.03 23.84 -46.39
CA LEU A 398 -0.83 24.59 -46.73
C LEU A 398 -1.03 25.28 -48.08
N SER A 399 -0.67 26.55 -48.16
CA SER A 399 -0.86 27.33 -49.38
C SER A 399 0.24 28.36 -49.48
N THR A 400 1.00 28.33 -50.58
CA THR A 400 2.09 29.27 -50.80
C THR A 400 1.76 30.24 -51.93
N HIS A 401 2.76 31.06 -52.27
CA HIS A 401 2.65 32.14 -53.22
C HIS A 401 4.06 32.68 -53.46
N ALA A 402 4.20 33.41 -54.57
CA ALA A 402 5.46 34.07 -54.92
C ALA A 402 5.24 34.98 -56.11
N ILE A 403 6.33 35.37 -56.79
CA ILE A 403 6.24 36.00 -58.10
C ILE A 403 6.53 35.01 -59.22
N SER A 404 7.05 33.83 -58.90
CA SER A 404 7.14 32.74 -59.86
C SER A 404 6.51 31.48 -59.30
N PHE A 405 6.20 30.57 -60.22
CA PHE A 405 5.69 29.25 -59.89
C PHE A 405 6.81 28.30 -59.45
N LYS A 406 8.08 28.69 -59.64
CA LYS A 406 9.21 27.92 -59.15
C LYS A 406 9.65 28.38 -57.76
N GLN A 407 9.61 29.69 -57.49
CA GLN A 407 9.80 30.18 -56.13
C GLN A 407 8.72 29.67 -55.19
N ALA A 408 7.51 29.43 -55.71
CA ALA A 408 6.43 28.87 -54.92
C ALA A 408 6.64 27.38 -54.66
N GLU A 409 7.19 26.67 -55.64
CA GLU A 409 7.57 25.28 -55.42
C GLU A 409 8.63 25.17 -54.33
N GLU A 410 9.72 25.94 -54.47
CA GLU A 410 10.77 25.95 -53.46
C GLU A 410 10.21 26.35 -52.09
N LYS A 411 9.31 27.33 -52.07
CA LYS A 411 8.69 27.73 -50.81
C LYS A 411 7.81 26.62 -50.26
N MET A 412 7.11 25.89 -51.13
CA MET A 412 6.18 24.85 -50.68
C MET A 412 6.90 23.67 -50.06
N VAL A 413 7.98 23.19 -50.69
CA VAL A 413 8.68 22.05 -50.12
C VAL A 413 9.34 22.42 -48.80
N ARG A 414 9.87 23.64 -48.72
CA ARG A 414 10.49 24.09 -47.48
C ARG A 414 9.52 24.02 -46.31
N SER A 415 8.26 24.39 -46.54
CA SER A 415 7.26 24.31 -45.49
C SER A 415 6.77 22.89 -45.27
N LEU A 416 6.61 22.12 -46.36
CA LEU A 416 6.29 20.71 -46.23
C LEU A 416 7.37 19.98 -45.41
N ARG A 417 8.63 20.38 -45.58
CA ARG A 417 9.70 19.82 -44.77
C ARG A 417 9.65 20.35 -43.35
N GLU A 418 9.51 21.68 -43.19
CA GLU A 418 9.45 22.28 -41.86
C GLU A 418 8.29 21.72 -41.02
N MET A 419 7.31 21.09 -41.67
CA MET A 419 6.19 20.49 -40.95
C MET A 419 6.66 19.34 -40.08
N ARG A 420 5.96 19.14 -38.95
CA ARG A 420 6.31 18.13 -37.97
C ARG A 420 5.04 17.56 -37.38
N ILE A 421 4.70 16.32 -37.75
CA ILE A 421 3.51 15.64 -37.25
C ILE A 421 3.89 14.19 -36.99
N ARG A 422 4.05 13.84 -35.72
CA ARG A 422 4.32 12.48 -35.28
C ARG A 422 3.10 11.91 -34.56
N GLY A 423 3.13 10.59 -34.38
CA GLY A 423 2.02 9.87 -33.80
C GLY A 423 1.01 9.34 -34.81
N VAL A 424 1.07 9.80 -36.07
CA VAL A 424 0.19 9.33 -37.12
C VAL A 424 0.95 9.35 -38.44
N LYS A 425 0.46 8.56 -39.40
CA LYS A 425 0.99 8.61 -40.75
C LYS A 425 0.54 9.90 -41.44
N THR A 426 1.03 10.12 -42.66
CA THR A 426 0.88 11.43 -43.27
C THR A 426 1.30 11.34 -44.74
N ASN A 427 0.67 12.17 -45.58
CA ASN A 427 0.97 12.20 -47.01
C ASN A 427 1.93 13.32 -47.40
N ILE A 428 2.68 13.87 -46.44
CA ILE A 428 3.66 14.92 -46.74
C ILE A 428 4.72 14.38 -47.71
N PRO A 429 5.38 13.25 -47.43
CA PRO A 429 6.43 12.80 -48.38
C PRO A 429 5.91 12.61 -49.81
N PHE A 430 4.69 12.13 -49.99
CA PHE A 430 4.13 12.06 -51.35
C PHE A 430 3.97 13.45 -51.94
N LEU A 431 3.31 14.35 -51.22
CA LEU A 431 3.16 15.73 -51.68
C LEU A 431 4.51 16.37 -51.95
N ILE A 432 5.55 15.95 -51.24
CA ILE A 432 6.89 16.47 -51.50
C ILE A 432 7.38 16.01 -52.87
N ASN A 433 7.22 14.72 -53.17
CA ASN A 433 7.63 14.20 -54.48
C ASN A 433 6.89 14.89 -55.61
N VAL A 434 5.58 15.08 -55.46
CA VAL A 434 4.80 15.73 -56.51
C VAL A 434 5.32 17.14 -56.78
N MET A 435 5.68 17.86 -55.72
CA MET A 435 6.28 19.18 -55.89
C MET A 435 7.58 19.08 -56.69
N LYS A 436 8.55 18.33 -56.17
CA LYS A 436 9.92 18.36 -56.68
C LYS A 436 10.08 17.74 -58.07
N ASN A 437 9.03 17.11 -58.62
CA ASN A 437 9.18 16.43 -59.91
C ASN A 437 9.20 17.43 -61.06
N LYS A 438 10.12 17.20 -62.01
CA LYS A 438 10.21 18.07 -63.17
C LYS A 438 8.93 18.05 -64.00
N LYS A 439 8.23 16.91 -64.03
CA LYS A 439 6.98 16.83 -64.78
C LYS A 439 5.92 17.76 -64.19
N PHE A 440 6.04 18.14 -62.92
CA PHE A 440 5.11 19.09 -62.32
C PHE A 440 5.55 20.53 -62.54
N THR A 441 6.82 20.84 -62.24
CA THR A 441 7.32 22.19 -62.42
C THR A 441 7.38 22.62 -63.88
N SER A 442 7.07 21.72 -64.81
CA SER A 442 7.03 22.10 -66.23
C SER A 442 5.91 23.08 -66.50
N GLY A 443 4.85 23.07 -65.68
CA GLY A 443 3.69 23.90 -65.87
C GLY A 443 2.57 23.21 -66.61
N ASP A 444 2.88 22.20 -67.42
CA ASP A 444 1.87 21.43 -68.14
C ASP A 444 1.91 19.99 -67.66
N TYR A 445 0.80 19.52 -67.10
CA TYR A 445 0.62 18.15 -66.68
C TYR A 445 -0.85 17.82 -66.88
N THR A 446 -1.14 16.55 -67.13
CA THR A 446 -2.50 16.13 -67.41
C THR A 446 -3.10 15.50 -66.16
N THR A 447 -4.40 15.16 -66.23
CA THR A 447 -4.98 14.28 -65.23
C THR A 447 -4.17 13.00 -65.11
N LYS A 448 -3.66 12.51 -66.25
CA LYS A 448 -2.71 11.40 -66.28
C LYS A 448 -1.32 11.95 -65.95
N PHE A 449 -1.13 12.24 -64.67
CA PHE A 449 0.17 12.68 -64.16
C PHE A 449 0.70 11.75 -63.07
N ILE A 450 -0.09 11.52 -62.01
CA ILE A 450 0.26 10.49 -61.02
C ILE A 450 0.47 9.16 -61.73
N GLU A 451 -0.52 8.75 -62.54
CA GLU A 451 -0.43 7.50 -63.28
C GLU A 451 0.82 7.45 -64.14
N GLU A 452 1.19 8.58 -64.75
CA GLU A 452 2.35 8.62 -65.63
C GLU A 452 3.67 8.71 -64.87
N THR A 453 3.64 9.13 -63.61
CA THR A 453 4.86 9.35 -62.84
C THR A 453 5.00 8.29 -61.75
N PRO A 454 5.98 7.40 -61.83
CA PRO A 454 6.10 6.34 -60.82
C PRO A 454 6.82 6.81 -59.56
N GLU A 455 7.83 7.64 -59.74
CA GLU A 455 8.74 8.07 -58.68
C GLU A 455 8.07 8.93 -57.63
N LEU A 456 6.78 9.26 -57.80
CA LEU A 456 6.08 10.07 -56.81
C LEU A 456 5.71 9.25 -55.57
N PHE A 457 5.22 8.02 -55.77
CA PHE A 457 4.72 7.24 -54.65
C PHE A 457 5.84 6.81 -53.71
N ASP A 458 7.02 6.48 -54.25
CA ASP A 458 8.14 6.10 -53.41
C ASP A 458 8.43 7.20 -52.41
N ILE A 459 8.71 6.82 -51.18
CA ILE A 459 9.01 7.79 -50.12
C ILE A 459 10.01 7.15 -49.16
N GLN A 460 11.05 7.88 -48.85
CA GLN A 460 11.98 7.44 -47.83
C GLN A 460 11.40 7.76 -46.46
N PRO A 461 11.34 6.78 -45.54
CA PRO A 461 10.61 6.99 -44.29
C PRO A 461 11.39 7.89 -43.35
N SER A 462 10.79 9.03 -43.01
CA SER A 462 11.43 9.96 -42.08
C SER A 462 11.61 9.30 -40.73
N LEU A 463 12.80 8.75 -40.50
CA LEU A 463 13.12 8.05 -39.26
C LEU A 463 12.81 8.90 -38.05
N ASP A 464 12.00 8.36 -37.16
CA ASP A 464 11.50 9.15 -36.05
C ASP A 464 12.41 8.96 -34.83
N ARG A 465 13.67 9.38 -35.03
CA ARG A 465 14.71 9.21 -34.02
C ARG A 465 14.29 9.82 -32.68
N GLY A 466 13.78 11.05 -32.71
CA GLY A 466 13.35 11.69 -31.49
C GLY A 466 12.24 10.95 -30.77
N THR A 467 11.36 10.28 -31.53
CA THR A 467 10.29 9.52 -30.90
C THR A 467 10.70 8.09 -30.57
N LYS A 468 11.40 7.44 -31.50
CA LYS A 468 11.82 6.06 -31.28
C LYS A 468 12.65 5.96 -30.02
N THR A 469 13.54 6.92 -29.78
CA THR A 469 14.27 6.97 -28.52
C THR A 469 13.31 7.01 -27.34
N LEU A 470 12.32 7.91 -27.40
CA LEU A 470 11.33 8.01 -26.33
C LEU A 470 10.57 6.71 -26.16
N GLU A 471 10.23 6.06 -27.27
CA GLU A 471 9.50 4.81 -27.23
C GLU A 471 10.31 3.71 -26.52
N TYR A 472 11.61 3.63 -26.82
CA TYR A 472 12.44 2.59 -26.21
C TYR A 472 12.55 2.80 -24.71
N ILE A 473 13.01 3.98 -24.29
CA ILE A 473 13.15 4.28 -22.86
C ILE A 473 11.83 4.06 -22.14
N GLY A 474 10.71 4.33 -22.82
CA GLY A 474 9.41 4.06 -22.20
C GLY A 474 9.19 2.59 -21.92
N ASN A 475 9.48 1.74 -22.92
CA ASN A 475 9.29 0.31 -22.75
C ASN A 475 10.12 -0.23 -21.58
N VAL A 476 11.43 0.07 -21.58
CA VAL A 476 12.30 -0.46 -20.54
C VAL A 476 12.02 0.17 -19.18
N THR A 477 11.38 1.33 -19.15
CA THR A 477 10.98 1.89 -17.85
C THR A 477 9.73 1.19 -17.31
N ILE A 478 8.75 0.94 -18.16
CA ILE A 478 7.54 0.27 -17.71
C ILE A 478 7.74 -1.23 -17.65
N ASN A 479 8.42 -1.80 -18.65
CA ASN A 479 8.53 -3.25 -18.77
C ASN A 479 9.87 -3.81 -18.35
N GLY A 480 10.86 -2.97 -18.05
CA GLY A 480 12.14 -3.47 -17.58
C GLY A 480 13.00 -4.14 -18.64
N PHE A 481 14.26 -4.40 -18.30
CA PHE A 481 15.28 -4.99 -19.15
C PHE A 481 15.48 -6.47 -18.82
N PRO A 482 15.73 -7.31 -19.83
CA PRO A 482 15.98 -8.72 -19.55
C PRO A 482 17.27 -8.93 -18.77
N ASN A 483 17.29 -9.99 -17.96
CA ASN A 483 18.45 -10.38 -17.14
C ASN A 483 18.88 -9.24 -16.22
N VAL A 484 17.99 -8.26 -16.07
CA VAL A 484 18.26 -7.08 -15.27
C VAL A 484 17.04 -6.84 -14.38
N GLU A 485 17.18 -7.19 -13.10
CA GLU A 485 16.16 -6.96 -12.09
C GLU A 485 15.49 -5.61 -12.24
N LYS A 486 14.16 -5.60 -12.33
CA LYS A 486 13.42 -4.35 -12.45
C LYS A 486 13.58 -3.55 -11.16
N ARG A 487 14.37 -2.48 -11.23
CA ARG A 487 14.60 -1.64 -10.07
C ARG A 487 14.77 -0.20 -10.56
N PRO A 488 14.50 0.79 -9.71
CA PRO A 488 14.70 2.18 -10.13
C PRO A 488 16.16 2.43 -10.44
N LYS A 489 16.40 3.26 -11.47
CA LYS A 489 17.74 3.60 -11.93
C LYS A 489 18.65 3.88 -10.75
N PRO A 490 19.74 3.13 -10.60
CA PRO A 490 20.65 3.37 -9.48
C PRO A 490 21.32 4.74 -9.57
N ASP A 491 21.77 5.21 -8.42
CA ASP A 491 22.39 6.53 -8.28
C ASP A 491 23.88 6.36 -8.49
N TYR A 492 24.31 6.43 -9.75
CA TYR A 492 25.68 6.12 -10.11
C TYR A 492 26.63 7.26 -9.79
N GLU A 493 27.88 6.91 -9.52
CA GLU A 493 28.92 7.87 -9.19
C GLU A 493 29.18 8.80 -10.36
N LEU A 494 29.89 9.91 -10.07
CA LEU A 494 29.98 11.01 -11.02
C LEU A 494 30.74 10.61 -12.28
N ALA A 495 31.96 10.10 -12.11
CA ALA A 495 32.77 9.52 -13.20
C ALA A 495 33.02 10.54 -14.32
N SER A 496 33.93 11.47 -14.03
CA SER A 496 34.44 12.33 -15.08
C SER A 496 35.34 11.51 -16.01
N ILE A 497 35.31 11.87 -17.29
CA ILE A 497 35.91 11.05 -18.34
C ILE A 497 37.17 11.75 -18.83
N PRO A 498 38.36 11.18 -18.63
CA PRO A 498 39.58 11.77 -19.19
C PRO A 498 39.50 11.88 -20.70
N THR A 499 40.31 12.79 -21.25
CA THR A 499 40.20 13.13 -22.66
C THR A 499 41.51 13.74 -23.13
N VAL A 500 41.96 13.32 -24.32
CA VAL A 500 43.12 13.91 -24.96
C VAL A 500 42.70 14.47 -26.30
N SER A 501 43.36 15.56 -26.71
CA SER A 501 42.94 16.30 -27.89
C SER A 501 43.16 15.49 -29.16
N SER A 502 42.23 15.63 -30.10
CA SER A 502 42.33 14.92 -31.37
C SER A 502 43.66 15.17 -32.06
N SER A 503 44.21 16.39 -31.90
CA SER A 503 45.49 16.70 -32.52
C SER A 503 46.62 15.87 -31.91
N LYS A 504 46.61 15.70 -30.59
CA LYS A 504 47.68 14.94 -29.93
C LYS A 504 47.71 13.51 -30.44
N ILE A 505 46.56 12.83 -30.45
CA ILE A 505 46.48 11.51 -31.05
C ILE A 505 46.88 11.56 -32.53
N ALA A 506 46.43 12.59 -33.24
CA ALA A 506 46.72 12.70 -34.66
C ALA A 506 48.22 12.73 -34.93
N SER A 507 49.01 13.27 -34.00
CA SER A 507 50.45 13.23 -34.12
C SER A 507 51.06 11.93 -33.60
N PHE A 508 50.27 11.08 -32.96
CA PHE A 508 50.80 9.87 -32.36
C PHE A 508 51.20 8.86 -33.43
N SER A 509 52.43 8.38 -33.36
CA SER A 509 52.93 7.32 -34.23
C SER A 509 53.23 6.12 -33.34
N GLY A 510 52.36 5.11 -33.42
CA GLY A 510 52.51 3.92 -32.61
C GLY A 510 52.84 2.68 -33.42
N THR A 511 52.25 1.55 -33.05
CA THR A 511 52.54 0.29 -33.72
C THR A 511 51.67 0.06 -34.96
N LYS A 512 50.54 0.76 -35.08
CA LYS A 512 49.78 0.70 -36.32
C LYS A 512 50.58 1.32 -37.46
N GLN A 513 51.09 2.53 -37.25
CA GLN A 513 52.00 3.13 -38.21
C GLN A 513 53.22 2.25 -38.47
N LEU A 514 53.67 1.53 -37.44
CA LEU A 514 54.77 0.60 -37.62
C LEU A 514 54.41 -0.51 -38.61
N LEU A 515 53.17 -0.99 -38.56
CA LEU A 515 52.72 -1.93 -39.59
C LEU A 515 52.49 -1.23 -40.92
N ASP A 516 52.16 0.06 -40.90
CA ASP A 516 52.05 0.82 -42.13
C ASP A 516 53.41 1.14 -42.74
N GLU A 517 54.50 0.78 -42.07
CA GLU A 517 55.85 1.12 -42.49
C GLU A 517 56.60 -0.13 -42.93
N VAL A 518 56.89 -1.04 -42.00
CA VAL A 518 57.35 -2.38 -42.30
C VAL A 518 56.13 -3.28 -42.41
N GLY A 519 56.31 -4.51 -42.88
CA GLY A 519 55.21 -5.43 -42.98
C GLY A 519 54.85 -6.03 -41.64
N PRO A 520 53.99 -7.05 -41.64
CA PRO A 520 53.81 -7.85 -40.41
C PRO A 520 55.14 -8.39 -39.90
N LYS A 521 55.94 -8.95 -40.82
CA LYS A 521 57.20 -9.60 -40.44
C LYS A 521 58.16 -8.62 -39.76
N GLY A 522 58.13 -7.36 -40.17
CA GLY A 522 58.96 -6.37 -39.50
C GLY A 522 58.51 -6.12 -38.08
N VAL A 523 57.20 -5.95 -37.87
CA VAL A 523 56.66 -5.84 -36.52
C VAL A 523 57.10 -7.02 -35.68
N ALA A 524 57.06 -8.23 -36.25
CA ALA A 524 57.52 -9.41 -35.52
C ALA A 524 59.01 -9.31 -35.20
N GLU A 525 59.82 -8.95 -36.20
CA GLU A 525 61.25 -8.76 -35.96
C GLU A 525 61.50 -7.58 -35.02
N TRP A 526 60.63 -6.56 -35.09
CA TRP A 526 60.73 -5.44 -34.16
C TRP A 526 60.44 -5.89 -32.72
N VAL A 527 59.37 -6.66 -32.54
CA VAL A 527 58.97 -7.10 -31.20
C VAL A 527 60.05 -7.98 -30.59
N LYS A 528 60.61 -8.90 -31.38
CA LYS A 528 61.72 -9.72 -30.90
C LYS A 528 62.97 -8.91 -30.58
N LYS A 529 62.94 -7.58 -30.78
CA LYS A 529 64.05 -6.69 -30.44
C LYS A 529 63.65 -5.66 -29.39
N GLN A 530 62.62 -5.95 -28.59
CA GLN A 530 62.16 -5.05 -27.53
C GLN A 530 62.59 -5.63 -26.19
N ASP A 531 63.58 -5.00 -25.56
CA ASP A 531 64.00 -5.41 -24.23
C ASP A 531 62.85 -5.29 -23.24
N ASP A 532 62.09 -4.20 -23.32
CA ASP A 532 60.90 -4.04 -22.51
C ASP A 532 59.91 -5.17 -22.78
N VAL A 533 58.92 -5.30 -21.90
CA VAL A 533 57.81 -6.21 -22.10
C VAL A 533 56.66 -5.38 -22.67
N LEU A 534 56.35 -5.62 -23.94
CA LEU A 534 55.19 -4.98 -24.57
C LEU A 534 53.93 -5.66 -24.08
N LEU A 535 52.88 -4.87 -23.86
CA LEU A 535 51.64 -5.40 -23.32
C LEU A 535 50.53 -5.28 -24.35
N THR A 536 49.40 -5.91 -24.02
CA THR A 536 48.21 -5.92 -24.87
C THR A 536 47.00 -5.81 -23.96
N ASP A 537 46.35 -4.65 -23.93
CA ASP A 537 45.24 -4.45 -23.02
C ASP A 537 44.02 -5.20 -23.53
N THR A 538 43.36 -5.94 -22.63
CA THR A 538 42.17 -6.71 -22.97
C THR A 538 40.92 -6.17 -22.30
N THR A 539 40.94 -4.90 -21.88
CA THR A 539 39.79 -4.31 -21.20
C THR A 539 38.58 -4.25 -22.12
N PHE A 540 38.81 -4.07 -23.43
CA PHE A 540 37.72 -3.91 -24.38
C PHE A 540 37.11 -5.24 -24.84
N ARG A 541 37.74 -6.37 -24.53
CA ARG A 541 37.26 -7.65 -25.05
C ARG A 541 37.14 -8.93 -24.22
N ASP A 542 38.24 -9.32 -23.56
CA ASP A 542 38.32 -10.64 -22.96
C ASP A 542 38.12 -10.38 -21.48
N ALA A 543 38.42 -9.17 -20.99
CA ALA A 543 38.23 -8.88 -19.57
C ALA A 543 36.77 -8.98 -19.19
N HIS A 544 35.90 -8.30 -19.95
CA HIS A 544 34.48 -8.28 -19.63
C HIS A 544 33.71 -9.45 -20.25
N GLN A 545 34.26 -10.11 -21.26
CA GLN A 545 33.76 -11.44 -21.62
C GLN A 545 33.93 -12.40 -20.46
N SER A 546 34.89 -12.13 -19.57
CA SER A 546 35.20 -12.98 -18.43
C SER A 546 34.47 -12.53 -17.17
N LEU A 547 34.46 -11.23 -16.89
CA LEU A 547 33.87 -10.74 -15.66
C LEU A 547 32.38 -10.48 -15.78
N LEU A 548 31.92 -9.89 -16.90
CA LEU A 548 30.57 -9.34 -16.95
C LEU A 548 29.79 -9.82 -18.16
N ALA A 549 30.05 -11.06 -18.61
CA ALA A 549 29.29 -11.69 -19.68
C ALA A 549 29.27 -10.85 -20.96
N THR A 550 30.40 -10.23 -21.27
CA THR A 550 30.64 -9.50 -22.51
C THR A 550 29.71 -8.30 -22.70
N ARG A 551 28.92 -7.95 -21.70
CA ARG A 551 27.85 -6.97 -21.92
C ARG A 551 28.34 -5.53 -22.03
N VAL A 552 29.63 -5.24 -21.79
CA VAL A 552 30.11 -3.87 -21.99
C VAL A 552 29.82 -3.42 -23.41
N ARG A 553 29.03 -2.36 -23.51
CA ARG A 553 28.59 -1.84 -24.80
C ARG A 553 29.55 -0.77 -25.29
N THR A 554 29.35 -0.36 -26.55
CA THR A 554 30.31 0.52 -27.21
C THR A 554 30.39 1.88 -26.52
N LYS A 555 29.25 2.40 -26.06
CA LYS A 555 29.20 3.73 -25.47
C LYS A 555 30.30 3.92 -24.42
N ASP A 556 30.45 2.95 -23.53
CA ASP A 556 31.42 3.10 -22.46
C ASP A 556 32.86 2.95 -22.96
N MET A 557 33.07 2.12 -23.99
CA MET A 557 34.40 1.99 -24.57
C MET A 557 34.80 3.25 -25.32
N ILE A 558 33.84 3.90 -25.98
CA ILE A 558 34.20 4.97 -26.90
C ILE A 558 34.39 6.30 -26.16
N ASN A 559 33.71 6.51 -25.03
CA ASN A 559 33.86 7.76 -24.29
C ASN A 559 35.31 8.04 -23.92
N ILE A 560 36.04 6.99 -23.51
CA ILE A 560 37.44 7.13 -23.14
C ILE A 560 38.38 6.67 -24.23
N ALA A 561 37.85 6.33 -25.42
CA ALA A 561 38.71 5.83 -26.48
C ALA A 561 39.88 6.76 -26.74
N SER A 562 39.65 8.07 -26.62
CA SER A 562 40.75 9.02 -26.75
C SER A 562 41.80 8.82 -25.66
N LYS A 563 41.35 8.71 -24.41
CA LYS A 563 42.30 8.53 -23.31
C LYS A 563 43.03 7.19 -23.42
N THR A 564 42.35 6.15 -23.89
CA THR A 564 43.00 4.86 -24.07
C THR A 564 44.10 4.94 -25.13
N ALA A 565 43.85 5.69 -26.20
CA ALA A 565 44.83 5.85 -27.27
C ALA A 565 46.08 6.59 -26.83
N ASP A 566 46.09 7.13 -25.62
CA ASP A 566 47.27 7.80 -25.06
C ASP A 566 47.93 7.01 -23.93
N VAL A 567 47.13 6.30 -23.14
CA VAL A 567 47.71 5.44 -22.10
C VAL A 567 48.53 4.32 -22.72
N PHE A 568 47.95 3.64 -23.71
CA PHE A 568 48.63 2.55 -24.41
C PHE A 568 49.20 3.00 -25.75
N LYS A 569 49.68 4.24 -25.84
CA LYS A 569 50.33 4.69 -27.07
C LYS A 569 51.59 3.91 -27.39
N ASP A 570 52.06 3.07 -26.46
CA ASP A 570 53.23 2.25 -26.68
C ASP A 570 52.97 0.76 -26.48
N GLY A 571 51.75 0.37 -26.14
CA GLY A 571 51.43 -1.04 -26.08
C GLY A 571 51.47 -1.68 -27.45
N PHE A 572 51.59 -3.02 -27.46
CA PHE A 572 51.60 -3.73 -28.73
C PHE A 572 50.25 -3.62 -29.42
N SER A 573 49.20 -4.09 -28.78
CA SER A 573 47.88 -4.04 -29.38
C SER A 573 46.82 -3.87 -28.30
N LEU A 574 45.63 -3.48 -28.75
CA LEU A 574 44.42 -3.55 -27.95
C LEU A 574 43.59 -4.73 -28.45
N GLU A 575 43.08 -5.52 -27.52
CA GLU A 575 42.13 -6.57 -27.88
C GLU A 575 40.73 -6.05 -27.62
N MET A 576 39.88 -6.06 -28.66
CA MET A 576 38.58 -5.39 -28.54
C MET A 576 37.57 -6.04 -29.49
N TRP A 577 37.82 -7.24 -29.97
CA TRP A 577 36.91 -7.90 -30.90
C TRP A 577 37.07 -9.41 -30.78
N GLY A 578 36.20 -10.14 -31.48
CA GLY A 578 36.29 -11.57 -31.47
C GLY A 578 35.74 -12.14 -30.18
N GLY A 579 35.92 -13.44 -30.04
CA GLY A 579 35.32 -14.12 -28.91
C GLY A 579 33.82 -13.95 -28.92
N ALA A 580 33.26 -13.63 -27.76
CA ALA A 580 31.81 -13.53 -27.62
C ALA A 580 31.23 -12.25 -28.18
N THR A 581 32.06 -11.26 -28.53
CA THR A 581 31.54 -9.91 -28.76
C THR A 581 30.61 -9.84 -29.97
N PHE A 582 31.10 -10.26 -31.14
CA PHE A 582 30.30 -10.23 -32.37
C PHE A 582 28.89 -10.74 -32.12
N ASP A 583 28.79 -11.92 -31.51
CA ASP A 583 27.49 -12.48 -31.12
C ASP A 583 26.79 -11.61 -30.09
N VAL A 584 27.40 -11.47 -28.91
CA VAL A 584 26.76 -10.78 -27.78
C VAL A 584 26.36 -9.36 -28.16
N ALA A 585 27.08 -8.73 -29.10
CA ALA A 585 26.69 -7.40 -29.55
C ALA A 585 25.40 -7.44 -30.35
N TYR A 586 25.38 -8.20 -31.44
CA TYR A 586 24.21 -8.27 -32.32
C TYR A 586 22.95 -8.66 -31.56
N ASN A 587 23.05 -9.64 -30.67
CA ASN A 587 21.88 -10.33 -30.13
C ASN A 587 21.43 -9.80 -28.78
N PHE A 588 22.35 -9.55 -27.84
CA PHE A 588 21.94 -9.11 -26.52
C PHE A 588 21.96 -7.60 -26.36
N LEU A 589 22.98 -6.92 -26.87
CA LEU A 589 23.08 -5.48 -26.75
C LEU A 589 22.41 -4.73 -27.89
N LYS A 590 22.02 -5.44 -28.95
CA LYS A 590 21.29 -4.84 -30.08
C LYS A 590 22.09 -3.73 -30.75
N GLU A 591 23.41 -3.88 -30.80
CA GLU A 591 24.28 -2.90 -31.43
C GLU A 591 25.26 -3.61 -32.36
N ASN A 592 25.68 -2.89 -33.38
CA ASN A 592 26.44 -3.49 -34.47
C ASN A 592 27.91 -3.63 -34.09
N PRO A 593 28.48 -4.84 -34.16
CA PRO A 593 29.91 -5.00 -33.86
C PRO A 593 30.83 -4.25 -34.81
N TRP A 594 30.43 -4.07 -36.07
CA TRP A 594 31.31 -3.38 -37.01
C TRP A 594 31.44 -1.90 -36.67
N GLU A 595 30.31 -1.25 -36.33
CA GLU A 595 30.37 0.13 -35.89
C GLU A 595 31.28 0.29 -34.69
N ARG A 596 31.23 -0.66 -33.76
CA ARG A 596 32.18 -0.67 -32.65
C ARG A 596 33.61 -0.69 -33.16
N LEU A 597 33.86 -1.44 -34.23
CA LEU A 597 35.21 -1.52 -34.78
C LEU A 597 35.59 -0.22 -35.49
N GLU A 598 34.74 0.26 -36.40
CA GLU A 598 35.07 1.46 -37.16
C GLU A 598 35.19 2.67 -36.24
N ARG A 599 34.22 2.86 -35.35
CA ARG A 599 34.27 4.00 -34.43
C ARG A 599 35.53 3.97 -33.57
N LEU A 600 35.87 2.80 -33.03
CA LEU A 600 37.07 2.69 -32.20
C LEU A 600 38.33 2.82 -33.03
N ARG A 601 38.31 2.30 -34.27
CA ARG A 601 39.49 2.43 -35.12
C ARG A 601 39.75 3.87 -35.51
N LYS A 602 38.69 4.66 -35.68
CA LYS A 602 38.84 6.08 -35.98
C LYS A 602 39.45 6.82 -34.80
N ALA A 603 39.00 6.51 -33.58
CA ALA A 603 39.43 7.25 -32.41
C ALA A 603 40.77 6.77 -31.85
N ILE A 604 41.18 5.55 -32.18
CA ILE A 604 42.45 5.01 -31.69
C ILE A 604 43.33 4.66 -32.89
N PRO A 605 43.85 5.64 -33.63
CA PRO A 605 44.57 5.35 -34.88
C PRO A 605 46.05 5.03 -34.73
N ASN A 606 46.58 4.84 -33.51
CA ASN A 606 48.01 4.60 -33.37
C ASN A 606 48.37 3.20 -32.90
N VAL A 607 47.46 2.46 -32.27
CA VAL A 607 47.77 1.19 -31.64
C VAL A 607 47.23 0.05 -32.50
N LEU A 608 47.99 -1.03 -32.60
CA LEU A 608 47.51 -2.23 -33.26
C LEU A 608 46.19 -2.67 -32.68
N PHE A 609 45.28 -3.06 -33.56
CA PHE A 609 43.95 -3.49 -33.18
C PHE A 609 43.85 -5.00 -33.41
N GLN A 610 43.64 -5.75 -32.33
CA GLN A 610 43.75 -7.21 -32.33
C GLN A 610 42.43 -7.85 -31.98
N MET A 611 42.11 -8.95 -32.67
CA MET A 611 40.92 -9.74 -32.41
C MET A 611 41.29 -11.20 -32.21
N LEU A 612 40.40 -11.94 -31.57
CA LEU A 612 40.58 -13.37 -31.30
C LEU A 612 39.71 -14.16 -32.27
N LEU A 613 40.35 -15.07 -33.03
CA LEU A 613 39.72 -15.70 -34.17
C LEU A 613 39.81 -17.22 -34.05
N ARG A 614 38.67 -17.90 -34.21
CA ARG A 614 38.66 -19.35 -34.25
C ARG A 614 38.91 -19.84 -35.67
N ALA A 615 39.61 -20.97 -35.78
CA ALA A 615 40.02 -21.46 -37.08
C ALA A 615 38.82 -21.93 -37.90
N SER A 616 37.87 -22.59 -37.24
CA SER A 616 36.79 -23.26 -37.96
C SER A 616 35.73 -22.27 -38.40
N ASN A 617 35.18 -21.52 -37.47
CA ASN A 617 34.34 -20.36 -37.76
C ASN A 617 35.05 -19.15 -37.21
N ALA A 618 35.07 -18.07 -37.99
CA ALA A 618 35.77 -16.86 -37.57
C ALA A 618 35.27 -16.42 -36.20
N VAL A 619 33.96 -16.20 -36.09
CA VAL A 619 33.34 -15.72 -34.87
C VAL A 619 31.92 -16.27 -34.83
N GLY A 620 31.65 -17.22 -35.73
CA GLY A 620 30.34 -17.81 -35.88
C GLY A 620 30.05 -18.87 -34.82
N TYR A 621 28.95 -19.58 -35.04
CA TYR A 621 28.45 -20.59 -34.10
C TYR A 621 28.35 -21.99 -34.68
N LYS A 622 28.21 -22.13 -36.00
CA LYS A 622 28.14 -23.42 -36.67
C LYS A 622 29.46 -23.65 -37.42
N ASN A 623 29.42 -24.41 -38.50
CA ASN A 623 30.58 -24.65 -39.34
C ASN A 623 30.33 -24.06 -40.73
N TYR A 624 31.37 -23.46 -41.29
CA TYR A 624 31.26 -22.67 -42.50
C TYR A 624 32.33 -23.05 -43.50
N PRO A 625 32.07 -22.86 -44.80
CA PRO A 625 33.08 -23.17 -45.81
C PRO A 625 34.11 -22.05 -45.95
N ASP A 626 35.30 -22.44 -46.43
CA ASP A 626 36.44 -21.52 -46.49
C ASP A 626 36.05 -20.18 -47.10
N ASN A 627 35.24 -20.21 -48.15
CA ASN A 627 34.89 -19.00 -48.90
CA ASN A 627 34.94 -18.99 -48.89
C ASN A 627 34.32 -17.91 -48.00
N VAL A 628 33.61 -18.28 -46.94
CA VAL A 628 33.08 -17.26 -46.04
C VAL A 628 34.09 -16.89 -44.95
N ILE A 629 34.97 -17.81 -44.55
CA ILE A 629 36.02 -17.45 -43.61
C ILE A 629 36.92 -16.39 -44.23
N HIS A 630 37.07 -16.42 -45.56
CA HIS A 630 37.92 -15.46 -46.24
C HIS A 630 37.27 -14.09 -46.37
N LYS A 631 35.94 -14.02 -46.41
CA LYS A 631 35.29 -12.72 -46.52
C LYS A 631 35.28 -11.98 -45.19
N PHE A 632 34.99 -12.69 -44.09
CA PHE A 632 35.06 -12.07 -42.77
C PHE A 632 36.44 -11.50 -42.53
N VAL A 633 37.48 -12.32 -42.69
CA VAL A 633 38.87 -11.85 -42.54
C VAL A 633 39.12 -10.65 -43.44
N GLN A 634 38.64 -10.70 -44.68
CA GLN A 634 38.82 -9.61 -45.62
C GLN A 634 38.25 -8.31 -45.08
N GLU A 635 36.95 -8.29 -44.81
CA GLU A 635 36.32 -7.08 -44.30
C GLU A 635 36.83 -6.71 -42.91
N SER A 636 37.23 -7.71 -42.12
CA SER A 636 37.78 -7.43 -40.80
C SER A 636 39.06 -6.61 -40.91
N ALA A 637 40.02 -7.09 -41.70
CA ALA A 637 41.23 -6.31 -41.97
C ALA A 637 40.87 -4.94 -42.53
N LYS A 638 39.96 -4.91 -43.51
CA LYS A 638 39.57 -3.65 -44.14
C LYS A 638 39.07 -2.64 -43.12
N ALA A 639 38.24 -3.09 -42.18
CA ALA A 639 37.63 -2.19 -41.21
C ALA A 639 38.55 -1.82 -40.05
N GLY A 640 39.69 -2.48 -39.91
CA GLY A 640 40.70 -2.00 -38.98
C GLY A 640 41.33 -3.01 -38.04
N ILE A 641 41.37 -4.28 -38.42
CA ILE A 641 42.00 -5.34 -37.61
C ILE A 641 43.38 -5.61 -38.18
N ASP A 642 44.40 -5.64 -37.32
CA ASP A 642 45.77 -5.90 -37.77
C ASP A 642 46.43 -7.11 -37.15
N VAL A 643 45.92 -7.62 -36.04
CA VAL A 643 46.46 -8.83 -35.42
C VAL A 643 45.31 -9.81 -35.23
N PHE A 644 45.44 -10.98 -35.87
CA PHE A 644 44.42 -12.02 -35.79
C PHE A 644 45.02 -13.20 -35.04
N ARG A 645 44.47 -13.48 -33.86
CA ARG A 645 44.91 -14.62 -33.06
C ARG A 645 44.06 -15.83 -33.47
N ILE A 646 44.63 -16.69 -34.29
CA ILE A 646 43.95 -17.91 -34.72
C ILE A 646 44.27 -19.00 -33.72
N PHE A 647 43.29 -19.39 -32.94
CA PHE A 647 43.35 -20.57 -32.08
C PHE A 647 42.42 -21.64 -32.64
N ASP A 648 42.58 -22.85 -32.14
CA ASP A 648 41.72 -23.96 -32.55
C ASP A 648 41.40 -24.81 -31.33
N SER A 649 40.14 -25.26 -31.26
CA SER A 649 39.61 -25.85 -30.03
C SER A 649 40.32 -27.12 -29.62
N LEU A 650 41.21 -27.69 -30.45
CA LEU A 650 41.97 -28.86 -30.05
C LEU A 650 43.42 -28.80 -30.54
N ASN A 651 43.90 -27.61 -30.92
CA ASN A 651 45.27 -27.40 -31.40
C ASN A 651 45.56 -28.15 -32.69
N TRP A 652 44.50 -28.55 -33.40
CA TRP A 652 44.62 -29.11 -34.74
C TRP A 652 45.14 -28.04 -35.70
N VAL A 653 46.28 -28.30 -36.34
CA VAL A 653 46.88 -27.27 -37.19
C VAL A 653 46.17 -27.20 -38.54
N ASP A 654 45.74 -28.35 -39.07
CA ASP A 654 45.10 -28.37 -40.39
C ASP A 654 43.89 -27.46 -40.44
N GLN A 655 43.14 -27.36 -39.33
CA GLN A 655 41.96 -26.51 -39.31
C GLN A 655 42.30 -25.03 -39.30
N MET A 656 43.52 -24.66 -38.88
CA MET A 656 43.91 -23.25 -38.84
C MET A 656 44.49 -22.74 -40.14
N LYS A 657 44.76 -23.62 -41.11
CA LYS A 657 45.44 -23.19 -42.33
C LYS A 657 44.64 -22.11 -43.06
N VAL A 658 43.35 -22.38 -43.29
CA VAL A 658 42.54 -21.49 -44.14
C VAL A 658 42.41 -20.11 -43.53
N ALA A 659 42.22 -20.03 -42.20
CA ALA A 659 42.14 -18.73 -41.56
C ALA A 659 43.48 -18.00 -41.64
N ASN A 660 44.58 -18.73 -41.52
CA ASN A 660 45.91 -18.11 -41.52
C ASN A 660 46.23 -17.49 -42.88
N GLU A 661 45.85 -18.17 -43.97
CA GLU A 661 46.16 -17.65 -45.29
C GLU A 661 45.31 -16.44 -45.65
N ALA A 662 44.10 -16.34 -45.09
CA ALA A 662 43.27 -15.17 -45.36
C ALA A 662 43.82 -13.93 -44.67
N VAL A 663 44.39 -14.09 -43.49
CA VAL A 663 44.96 -12.95 -42.77
C VAL A 663 46.22 -12.46 -43.49
N GLN A 664 47.09 -13.38 -43.89
CA GLN A 664 48.34 -13.00 -44.55
C GLN A 664 48.07 -12.23 -45.83
N GLU A 665 47.20 -12.77 -46.69
CA GLU A 665 46.85 -12.10 -47.93
C GLU A 665 46.28 -10.71 -47.67
N ALA A 666 45.54 -10.54 -46.57
CA ALA A 666 45.09 -9.21 -46.17
C ALA A 666 46.22 -8.30 -45.71
N GLY A 667 47.42 -8.85 -45.48
CA GLY A 667 48.57 -8.03 -45.14
C GLY A 667 48.75 -7.74 -43.67
N LYS A 668 48.08 -8.48 -42.78
CA LYS A 668 48.11 -8.20 -41.36
C LYS A 668 48.88 -9.32 -40.62
N ILE A 669 48.93 -9.19 -39.30
CA ILE A 669 49.75 -10.05 -38.45
C ILE A 669 48.92 -11.24 -38.00
N SER A 670 49.41 -12.44 -38.29
CA SER A 670 48.71 -13.68 -37.99
C SER A 670 49.42 -14.40 -36.85
N GLU A 671 48.73 -14.56 -35.72
CA GLU A 671 49.28 -15.26 -34.57
C GLU A 671 48.81 -16.71 -34.58
N GLY A 672 49.78 -17.63 -34.50
CA GLY A 672 49.47 -19.04 -34.33
C GLY A 672 49.42 -19.37 -32.85
N THR A 673 48.32 -19.97 -32.43
CA THR A 673 48.02 -20.13 -31.01
C THR A 673 48.18 -21.58 -30.57
N ILE A 674 48.95 -21.76 -29.49
CA ILE A 674 48.99 -23.02 -28.77
C ILE A 674 48.12 -22.87 -27.54
N CYS A 675 46.99 -23.57 -27.51
CA CYS A 675 46.20 -23.64 -26.29
C CYS A 675 46.92 -24.53 -25.28
N TYR A 676 47.00 -24.06 -24.04
CA TYR A 676 47.68 -24.78 -22.98
C TYR A 676 46.65 -25.41 -22.06
N THR A 677 46.62 -26.74 -22.03
CA THR A 677 45.94 -27.49 -20.98
C THR A 677 46.96 -28.40 -20.30
N GLY A 678 46.69 -28.72 -19.05
CA GLY A 678 47.55 -29.64 -18.33
C GLY A 678 48.60 -29.02 -17.44
N ASP A 679 49.71 -29.74 -17.27
CA ASP A 679 50.72 -29.36 -16.29
C ASP A 679 52.04 -30.05 -16.58
N ILE A 680 52.92 -29.37 -17.33
CA ILE A 680 54.19 -29.93 -17.78
C ILE A 680 55.20 -29.95 -16.63
N LEU A 681 54.74 -29.61 -15.43
CA LEU A 681 55.55 -29.76 -14.23
C LEU A 681 55.29 -31.08 -13.52
N ASN A 682 54.24 -31.83 -13.93
CA ASN A 682 53.77 -33.05 -13.29
C ASN A 682 53.93 -34.19 -14.29
N PRO A 683 55.04 -34.91 -14.23
CA PRO A 683 55.31 -35.99 -15.18
C PRO A 683 54.26 -37.09 -15.20
N GLU A 684 53.29 -37.09 -14.28
CA GLU A 684 52.23 -38.10 -14.30
C GLU A 684 50.84 -37.48 -14.52
N ARG A 685 50.81 -36.31 -15.18
CA ARG A 685 49.58 -35.67 -15.61
C ARG A 685 49.13 -36.20 -16.97
N SER A 686 50.02 -36.13 -17.96
CA SER A 686 49.71 -36.56 -19.32
C SER A 686 51.00 -36.94 -20.02
N ASN A 687 50.95 -38.05 -20.76
CA ASN A 687 52.00 -38.40 -21.71
C ASN A 687 51.79 -37.73 -23.06
N ILE A 688 50.62 -37.10 -23.27
CA ILE A 688 50.35 -36.41 -24.53
C ILE A 688 50.92 -35.00 -24.49
N TYR A 689 50.50 -34.20 -23.50
CA TYR A 689 50.78 -32.77 -23.47
C TYR A 689 51.99 -32.52 -22.57
N THR A 690 53.17 -32.75 -23.15
CA THR A 690 54.43 -32.46 -22.49
C THR A 690 55.21 -31.46 -23.33
N LEU A 691 56.33 -31.00 -22.77
CA LEU A 691 57.13 -29.94 -23.38
C LEU A 691 57.40 -30.21 -24.85
N GLU A 692 57.78 -31.45 -25.17
CA GLU A 692 58.13 -31.78 -26.54
C GLU A 692 56.94 -31.58 -27.47
N TYR A 693 55.73 -31.93 -27.02
CA TYR A 693 54.55 -31.70 -27.83
C TYR A 693 54.36 -30.21 -28.13
N TYR A 694 54.66 -29.35 -27.16
CA TYR A 694 54.47 -27.92 -27.35
C TYR A 694 55.54 -27.31 -28.25
N VAL A 695 56.80 -27.71 -28.06
CA VAL A 695 57.85 -27.26 -28.96
C VAL A 695 57.63 -27.82 -30.36
N LYS A 696 57.18 -29.07 -30.45
CA LYS A 696 56.82 -29.64 -31.74
C LYS A 696 55.68 -28.86 -32.38
N LEU A 697 54.63 -28.58 -31.61
CA LEU A 697 53.54 -27.75 -32.09
C LEU A 697 54.03 -26.35 -32.45
N ALA A 698 54.95 -25.80 -31.64
CA ALA A 698 55.47 -24.46 -31.89
C ALA A 698 56.11 -24.37 -33.27
N LYS A 699 57.18 -25.15 -33.50
CA LYS A 699 57.83 -25.15 -34.81
C LYS A 699 56.83 -25.51 -35.91
N GLU A 700 55.90 -26.43 -35.62
CA GLU A 700 54.87 -26.80 -36.59
C GLU A 700 54.14 -25.57 -37.11
N LEU A 701 53.74 -24.67 -36.21
CA LEU A 701 53.07 -23.45 -36.65
C LEU A 701 54.04 -22.51 -37.37
N GLU A 702 55.25 -22.35 -36.83
CA GLU A 702 56.26 -21.52 -37.50
C GLU A 702 56.51 -22.00 -38.92
N ARG A 703 56.59 -23.31 -39.10
CA ARG A 703 56.76 -23.86 -40.45
C ARG A 703 55.59 -23.52 -41.34
N GLU A 704 54.41 -23.29 -40.75
CA GLU A 704 53.27 -22.81 -41.52
C GLU A 704 53.23 -21.30 -41.67
N GLY A 705 54.11 -20.58 -40.97
CA GLY A 705 54.35 -19.18 -41.29
C GLY A 705 53.45 -18.17 -40.62
N PHE A 706 53.15 -18.36 -39.34
CA PHE A 706 52.53 -17.30 -38.57
C PHE A 706 53.61 -16.29 -38.16
N HIS A 707 53.20 -15.03 -38.04
CA HIS A 707 54.16 -14.00 -37.68
C HIS A 707 54.49 -14.02 -36.19
N ILE A 708 53.59 -14.52 -35.36
CA ILE A 708 53.78 -14.53 -33.91
C ILE A 708 53.27 -15.85 -33.36
N LEU A 709 54.07 -16.48 -32.50
CA LEU A 709 53.61 -17.62 -31.71
C LEU A 709 52.98 -17.10 -30.43
N ALA A 710 51.74 -17.52 -30.16
CA ALA A 710 50.95 -16.95 -29.07
C ALA A 710 50.38 -18.08 -28.22
N ILE A 711 50.82 -18.17 -26.97
CA ILE A 711 50.29 -19.16 -26.04
C ILE A 711 49.03 -18.62 -25.39
N LYS A 712 47.95 -19.40 -25.45
CA LYS A 712 46.67 -19.03 -24.86
C LYS A 712 46.35 -20.01 -23.74
N ASP A 713 46.40 -19.52 -22.50
CA ASP A 713 46.12 -20.32 -21.31
C ASP A 713 44.72 -19.95 -20.82
N MET A 714 43.71 -20.51 -21.50
CA MET A 714 42.33 -20.11 -21.22
C MET A 714 41.90 -20.46 -19.80
N ALA A 715 42.51 -21.50 -19.22
CA ALA A 715 42.08 -22.01 -17.92
C ALA A 715 43.05 -21.66 -16.80
N GLY A 716 43.94 -20.70 -17.02
CA GLY A 716 44.84 -20.28 -15.94
C GLY A 716 45.64 -21.43 -15.34
N LEU A 717 45.95 -22.44 -16.16
CA LEU A 717 46.65 -23.63 -15.67
C LEU A 717 48.16 -23.53 -15.73
N LEU A 718 48.71 -22.55 -16.45
CA LEU A 718 50.15 -22.44 -16.64
C LEU A 718 50.76 -21.90 -15.35
N LYS A 719 51.20 -22.83 -14.49
CA LYS A 719 51.76 -22.48 -13.20
C LYS A 719 53.03 -21.64 -13.37
N PRO A 720 53.45 -20.93 -12.32
CA PRO A 720 54.59 -20.01 -12.46
C PRO A 720 55.84 -20.62 -13.07
N LYS A 721 56.33 -21.76 -12.55
CA LYS A 721 57.53 -22.34 -13.13
C LYS A 721 57.26 -22.89 -14.52
N ALA A 722 56.09 -23.49 -14.73
CA ALA A 722 55.74 -24.04 -16.04
C ALA A 722 55.91 -23.00 -17.14
N ALA A 723 55.47 -21.78 -16.89
CA ALA A 723 55.68 -20.70 -17.85
C ALA A 723 57.15 -20.49 -18.12
N TYR A 724 57.96 -20.36 -17.06
CA TYR A 724 59.37 -20.05 -17.22
C TYR A 724 60.10 -21.12 -18.03
N GLU A 725 59.71 -22.38 -17.87
CA GLU A 725 60.33 -23.45 -18.65
C GLU A 725 59.85 -23.43 -20.09
N LEU A 726 58.53 -23.44 -20.29
CA LEU A 726 57.97 -23.53 -21.64
C LEU A 726 58.38 -22.35 -22.50
N ILE A 727 58.29 -21.13 -21.97
CA ILE A 727 58.69 -19.95 -22.73
C ILE A 727 60.16 -20.01 -23.07
N GLY A 728 60.99 -20.40 -22.11
CA GLY A 728 62.42 -20.50 -22.37
C GLY A 728 62.75 -21.57 -23.39
N GLU A 729 62.10 -22.73 -23.29
CA GLU A 729 62.28 -23.76 -24.31
C GLU A 729 61.82 -23.27 -25.67
N LEU A 730 60.69 -22.56 -25.72
CA LEU A 730 60.20 -22.01 -26.98
C LEU A 730 61.15 -20.94 -27.52
N LYS A 731 61.50 -19.97 -26.68
CA LYS A 731 62.33 -18.85 -27.13
C LYS A 731 63.74 -19.26 -27.53
N SER A 732 64.11 -20.53 -27.33
CA SER A 732 65.36 -21.07 -27.85
C SER A 732 65.14 -22.11 -28.94
N ALA A 733 63.89 -22.42 -29.27
CA ALA A 733 63.58 -23.43 -30.27
C ALA A 733 62.83 -22.92 -31.48
N VAL A 734 62.25 -21.71 -31.42
CA VAL A 734 61.58 -21.11 -32.56
C VAL A 734 61.94 -19.63 -32.59
N ASP A 735 62.20 -19.12 -33.79
CA ASP A 735 62.60 -17.72 -33.96
C ASP A 735 61.41 -16.77 -34.04
N LEU A 736 60.36 -17.02 -33.26
CA LEU A 736 59.17 -16.18 -33.28
C LEU A 736 58.99 -15.47 -31.95
N PRO A 737 58.58 -14.20 -31.97
CA PRO A 737 58.18 -13.55 -30.72
C PRO A 737 56.99 -14.26 -30.11
N ILE A 738 56.91 -14.23 -28.79
CA ILE A 738 56.01 -15.07 -28.02
C ILE A 738 54.97 -14.20 -27.32
N HIS A 739 53.71 -14.37 -27.72
CA HIS A 739 52.58 -13.62 -27.16
C HIS A 739 51.88 -14.51 -26.13
N LEU A 740 52.16 -14.25 -24.85
CA LEU A 740 51.55 -15.04 -23.79
C LEU A 740 50.24 -14.41 -23.33
N HIS A 741 49.27 -15.26 -23.02
CA HIS A 741 47.96 -14.86 -22.52
C HIS A 741 47.57 -15.86 -21.45
N THR A 742 46.79 -15.42 -20.46
CA THR A 742 46.37 -16.31 -19.40
C THR A 742 45.18 -15.72 -18.65
N HIS A 743 44.74 -16.44 -17.61
CA HIS A 743 43.68 -16.03 -16.71
C HIS A 743 44.20 -16.08 -15.28
N ASP A 744 43.72 -15.17 -14.44
CA ASP A 744 44.16 -15.06 -13.06
C ASP A 744 43.26 -15.86 -12.09
N THR A 745 42.53 -16.85 -12.59
CA THR A 745 41.54 -17.53 -11.77
C THR A 745 42.15 -18.18 -10.53
N SER A 746 43.37 -18.71 -10.67
CA SER A 746 44.04 -19.30 -9.54
C SER A 746 44.77 -18.28 -8.67
N GLY A 747 44.80 -17.01 -9.07
CA GLY A 747 45.52 -16.01 -8.34
C GLY A 747 47.01 -16.02 -8.52
N ASN A 748 47.55 -16.95 -9.31
CA ASN A 748 48.96 -17.02 -9.63
C ASN A 748 49.29 -16.41 -10.98
N GLY A 749 48.39 -15.58 -11.52
CA GLY A 749 48.58 -15.05 -12.87
C GLY A 749 49.71 -14.04 -12.94
N LEU A 750 49.75 -13.10 -11.97
CA LEU A 750 50.87 -12.17 -11.90
C LEU A 750 52.20 -12.90 -11.81
N LEU A 751 52.20 -14.05 -11.13
CA LEU A 751 53.42 -14.83 -10.99
C LEU A 751 53.83 -15.47 -12.32
N THR A 752 52.87 -16.04 -13.03
CA THR A 752 53.15 -16.69 -14.30
C THR A 752 53.80 -15.72 -15.29
N TYR A 753 53.31 -14.48 -15.33
CA TYR A 753 53.87 -13.49 -16.24
C TYR A 753 55.30 -13.12 -15.86
N LYS A 754 55.51 -12.75 -14.59
CA LYS A 754 56.83 -12.30 -14.17
C LYS A 754 57.88 -13.37 -14.43
N GLN A 755 57.51 -14.64 -14.26
CA GLN A 755 58.40 -15.73 -14.64
C GLN A 755 58.70 -15.68 -16.14
N ALA A 756 57.66 -15.66 -16.97
CA ALA A 756 57.84 -15.71 -18.41
C ALA A 756 58.60 -14.49 -18.92
N ILE A 757 58.41 -13.33 -18.29
CA ILE A 757 59.20 -12.15 -18.65
C ILE A 757 60.68 -12.44 -18.43
N ASP A 758 61.01 -13.13 -17.34
CA ASP A 758 62.40 -13.54 -17.12
C ASP A 758 62.84 -14.59 -18.14
N ALA A 759 61.93 -15.51 -18.49
CA ALA A 759 62.21 -16.43 -19.58
C ALA A 759 62.25 -15.74 -20.93
N GLY A 760 61.99 -14.43 -20.99
CA GLY A 760 62.14 -13.69 -22.22
C GLY A 760 60.89 -13.54 -23.05
N VAL A 761 59.70 -13.66 -22.45
CA VAL A 761 58.47 -13.48 -23.22
C VAL A 761 58.45 -12.07 -23.81
N ASP A 762 57.77 -11.93 -24.93
CA ASP A 762 57.77 -10.68 -25.68
C ASP A 762 56.53 -9.83 -25.40
N ILE A 763 55.34 -10.40 -25.56
CA ILE A 763 54.09 -9.70 -25.32
C ILE A 763 53.21 -10.55 -24.41
N ILE A 764 52.49 -9.88 -23.51
CA ILE A 764 51.55 -10.53 -22.61
C ILE A 764 50.23 -9.78 -22.69
N ASP A 765 49.19 -10.38 -22.10
CA ASP A 765 47.85 -9.82 -22.08
C ASP A 765 47.51 -9.38 -20.66
N THR A 766 47.17 -8.11 -20.50
CA THR A 766 46.78 -7.55 -19.22
C THR A 766 45.53 -6.70 -19.40
N ALA A 767 44.91 -6.35 -18.28
CA ALA A 767 43.78 -5.43 -18.27
C ALA A 767 44.00 -4.42 -17.15
N VAL A 768 43.27 -3.30 -17.25
CA VAL A 768 43.35 -2.29 -16.20
C VAL A 768 42.95 -2.92 -14.87
N ALA A 769 43.50 -2.38 -13.79
CA ALA A 769 43.36 -3.00 -12.47
C ALA A 769 41.90 -3.27 -12.11
N SER A 770 41.04 -2.27 -12.31
CA SER A 770 39.63 -2.42 -11.92
C SER A 770 38.94 -3.57 -12.65
N MET A 771 39.44 -3.95 -13.83
CA MET A 771 38.86 -5.05 -14.60
C MET A 771 39.79 -6.26 -14.65
N SER A 772 40.63 -6.41 -13.64
CA SER A 772 41.61 -7.48 -13.58
C SER A 772 41.26 -8.47 -12.48
N GLY A 773 42.02 -9.57 -12.45
CA GLY A 773 41.90 -10.55 -11.40
C GLY A 773 40.82 -11.57 -11.64
N LEU A 774 40.89 -12.65 -10.87
CA LEU A 774 39.92 -13.74 -10.90
C LEU A 774 39.89 -14.29 -12.33
N THR A 775 38.73 -14.54 -12.92
CA THR A 775 38.72 -15.15 -14.25
C THR A 775 39.16 -14.19 -15.37
N SER A 776 39.65 -13.00 -15.07
CA SER A 776 40.12 -12.06 -16.07
C SER A 776 41.63 -12.17 -16.20
N GLN A 777 42.24 -11.21 -16.87
CA GLN A 777 43.69 -11.16 -17.01
C GLN A 777 44.31 -10.45 -15.82
N PRO A 778 45.59 -10.66 -15.57
CA PRO A 778 46.22 -10.02 -14.40
C PRO A 778 46.29 -8.51 -14.53
N SER A 779 46.47 -7.87 -13.37
CA SER A 779 46.46 -6.41 -13.28
C SER A 779 47.70 -5.84 -13.96
N ALA A 780 47.49 -5.11 -15.06
CA ALA A 780 48.59 -4.40 -15.70
C ALA A 780 49.27 -3.45 -14.72
N ASN A 781 48.48 -2.82 -13.85
CA ASN A 781 49.01 -1.85 -12.90
C ASN A 781 49.96 -2.51 -11.91
N SER A 782 49.46 -3.54 -11.20
CA SER A 782 50.28 -4.27 -10.25
C SER A 782 51.56 -4.78 -10.89
N LEU A 783 51.42 -5.43 -12.06
CA LEU A 783 52.57 -5.98 -12.75
C LEU A 783 53.62 -4.91 -13.03
N TYR A 784 53.18 -3.70 -13.36
CA TYR A 784 54.11 -2.60 -13.63
C TYR A 784 55.02 -2.35 -12.43
N TYR A 785 54.47 -2.39 -11.22
CA TYR A 785 55.29 -2.13 -10.04
C TYR A 785 56.03 -3.38 -9.59
N ALA A 786 55.41 -4.56 -9.76
CA ALA A 786 56.03 -5.80 -9.33
C ALA A 786 57.42 -5.97 -9.93
N LEU A 787 57.63 -5.46 -11.14
CA LEU A 787 58.92 -5.61 -11.81
C LEU A 787 59.97 -4.62 -11.30
N ASN A 788 59.60 -3.68 -10.44
CA ASN A 788 60.59 -2.80 -9.83
C ASN A 788 61.71 -3.62 -9.21
N GLY A 789 62.92 -3.44 -9.75
CA GLY A 789 64.07 -4.20 -9.28
C GLY A 789 64.58 -5.22 -10.27
N PHE A 790 63.65 -5.92 -10.93
CA PHE A 790 64.01 -6.99 -11.85
C PHE A 790 64.56 -6.41 -13.15
N PRO A 791 65.24 -7.22 -13.97
CA PRO A 791 65.93 -6.66 -15.15
C PRO A 791 65.01 -6.03 -16.19
N ARG A 792 63.82 -6.58 -16.41
CA ARG A 792 62.97 -6.18 -17.51
C ARG A 792 61.78 -5.36 -17.03
N HIS A 793 61.30 -4.48 -17.91
CA HIS A 793 60.31 -3.48 -17.56
C HIS A 793 59.11 -3.56 -18.50
N LEU A 794 57.94 -3.24 -17.96
CA LEU A 794 56.70 -3.24 -18.72
C LEU A 794 56.47 -1.86 -19.33
N ARG A 795 56.36 -1.81 -20.65
CA ARG A 795 56.27 -0.54 -21.38
C ARG A 795 54.83 -0.07 -21.37
N THR A 796 54.52 0.90 -20.51
CA THR A 796 53.17 1.40 -20.35
C THR A 796 53.21 2.77 -19.70
N ASP A 797 52.04 3.40 -19.60
CA ASP A 797 51.86 4.72 -19.00
C ASP A 797 51.13 4.48 -17.67
N ILE A 798 51.91 4.34 -16.59
CA ILE A 798 51.35 3.83 -15.34
C ILE A 798 50.29 4.77 -14.78
N GLU A 799 50.58 6.07 -14.72
CA GLU A 799 49.61 7.00 -14.15
C GLU A 799 48.37 7.12 -15.03
N GLY A 800 48.56 7.19 -16.35
CA GLY A 800 47.41 7.10 -17.24
C GLY A 800 46.58 5.85 -17.06
N MET A 801 47.18 4.79 -16.51
CA MET A 801 46.49 3.51 -16.35
C MET A 801 45.67 3.45 -15.07
N GLU A 802 46.14 4.08 -13.99
CA GLU A 802 45.27 4.30 -12.84
C GLU A 802 44.07 5.14 -13.23
N SER A 803 44.31 6.17 -14.06
CA SER A 803 43.22 6.96 -14.62
C SER A 803 42.23 6.08 -15.36
N LEU A 804 42.74 5.24 -16.28
CA LEU A 804 41.88 4.29 -16.96
C LEU A 804 41.24 3.31 -15.99
N SER A 805 41.94 2.95 -14.92
CA SER A 805 41.38 2.01 -13.94
C SER A 805 40.26 2.65 -13.14
N HIS A 806 40.42 3.91 -12.73
CA HIS A 806 39.38 4.59 -11.97
C HIS A 806 38.10 4.70 -12.77
N TYR A 807 38.21 5.20 -14.01
CA TYR A 807 37.06 5.28 -14.89
C TYR A 807 36.34 3.95 -14.99
N TRP A 808 37.07 2.90 -15.37
CA TRP A 808 36.44 1.60 -15.60
C TRP A 808 35.85 1.02 -14.33
N SER A 809 36.45 1.30 -13.17
CA SER A 809 35.88 0.87 -11.90
C SER A 809 34.44 1.35 -11.77
N THR A 810 34.19 2.62 -12.05
CA THR A 810 32.83 3.15 -11.97
C THR A 810 31.96 2.59 -13.09
N VAL A 811 32.50 2.47 -14.30
CA VAL A 811 31.70 1.96 -15.41
C VAL A 811 31.22 0.54 -15.16
N ARG A 812 32.05 -0.26 -14.48
CA ARG A 812 31.64 -1.61 -14.12
C ARG A 812 30.41 -1.61 -13.23
N THR A 813 30.17 -0.52 -12.49
CA THR A 813 28.98 -0.44 -11.66
C THR A 813 27.70 -0.52 -12.50
N TYR A 814 27.73 -0.01 -13.73
CA TYR A 814 26.55 -0.06 -14.58
C TYR A 814 26.15 -1.49 -14.92
N TYR A 815 27.10 -2.41 -14.92
CA TYR A 815 26.89 -3.77 -15.40
C TYR A 815 26.79 -4.79 -14.26
N SER A 816 26.36 -4.35 -13.08
CA SER A 816 26.43 -5.19 -11.90
C SER A 816 25.61 -6.47 -12.04
N ASP A 817 24.53 -6.43 -12.84
CA ASP A 817 23.67 -7.58 -12.99
C ASP A 817 24.31 -8.74 -13.74
N PHE A 818 25.52 -8.54 -14.29
CA PHE A 818 26.18 -9.58 -15.07
C PHE A 818 27.50 -10.01 -14.44
N GLU A 819 27.74 -9.67 -13.18
CA GLU A 819 28.94 -10.09 -12.48
C GLU A 819 28.84 -11.55 -12.06
N SER A 820 29.93 -12.29 -12.26
CA SER A 820 29.97 -13.67 -11.81
C SER A 820 30.12 -13.73 -10.29
N ASP A 821 29.57 -14.79 -9.70
CA ASP A 821 29.68 -15.01 -8.27
C ASP A 821 31.07 -15.39 -7.82
N ILE A 822 32.02 -15.55 -8.75
CA ILE A 822 33.40 -15.79 -8.38
C ILE A 822 33.96 -14.54 -7.73
N LYS A 823 34.36 -14.66 -6.46
CA LYS A 823 34.91 -13.53 -5.71
C LYS A 823 36.25 -13.84 -5.07
N SER A 824 36.84 -15.01 -5.37
CA SER A 824 38.07 -15.44 -4.70
C SER A 824 38.79 -16.40 -5.62
N PRO A 825 40.12 -16.54 -5.49
CA PRO A 825 40.84 -17.45 -6.38
C PRO A 825 40.54 -18.90 -6.06
N ASN A 826 40.33 -19.69 -7.11
CA ASN A 826 40.12 -21.12 -7.03
C ASN A 826 41.40 -21.82 -7.47
N THR A 827 41.81 -22.83 -6.71
CA THR A 827 42.95 -23.65 -7.08
C THR A 827 42.56 -25.04 -7.57
N GLU A 828 41.35 -25.49 -7.30
CA GLU A 828 40.88 -26.76 -7.83
C GLU A 828 40.88 -26.77 -9.35
N ILE A 829 41.03 -25.61 -10.00
CA ILE A 829 41.13 -25.56 -11.46
C ILE A 829 42.29 -26.39 -11.97
N TYR A 830 43.31 -26.62 -11.13
CA TYR A 830 44.39 -27.54 -11.47
C TYR A 830 43.95 -29.00 -11.48
N GLN A 831 42.69 -29.28 -11.18
CA GLN A 831 42.18 -30.65 -11.11
C GLN A 831 41.12 -30.95 -12.16
N HIS A 832 40.21 -30.01 -12.40
CA HIS A 832 39.17 -30.22 -13.40
C HIS A 832 39.42 -29.46 -14.70
N GLU A 833 40.17 -28.36 -14.65
CA GLU A 833 40.57 -27.59 -15.82
C GLU A 833 39.41 -26.96 -16.57
N MET A 834 38.27 -26.74 -15.92
CA MET A 834 37.22 -25.98 -16.59
C MET A 834 37.66 -24.53 -16.79
N PRO A 835 37.59 -24.01 -18.00
CA PRO A 835 38.13 -22.70 -18.30
C PRO A 835 37.12 -21.58 -18.12
N GLY A 836 37.64 -20.44 -17.67
CA GLY A 836 36.89 -19.20 -17.61
C GLY A 836 35.52 -19.29 -16.95
N GLY A 837 35.49 -19.60 -15.66
CA GLY A 837 34.26 -19.51 -14.90
C GLY A 837 33.21 -20.55 -15.22
N GLN A 838 33.62 -21.76 -15.61
CA GLN A 838 32.65 -22.84 -15.72
C GLN A 838 32.35 -23.48 -14.38
N TYR A 839 33.25 -23.36 -13.40
CA TYR A 839 32.89 -23.80 -12.04
C TYR A 839 31.91 -22.86 -11.38
N SER A 840 31.46 -21.84 -12.11
CA SER A 840 30.26 -21.09 -11.80
C SER A 840 29.16 -21.31 -12.82
N ASN A 841 29.49 -21.38 -14.11
CA ASN A 841 28.46 -21.44 -15.15
C ASN A 841 27.98 -22.87 -15.40
N LEU A 842 28.85 -23.87 -15.30
CA LEU A 842 28.39 -25.25 -15.34
C LEU A 842 27.59 -25.61 -14.09
N SER A 843 27.77 -24.86 -13.01
CA SER A 843 27.02 -25.10 -11.77
C SER A 843 25.59 -24.59 -11.83
N GLN A 844 25.31 -23.60 -12.68
CA GLN A 844 23.93 -23.22 -12.92
C GLN A 844 23.16 -24.33 -13.60
N GLN A 845 23.83 -25.08 -14.48
CA GLN A 845 23.23 -26.27 -15.09
C GLN A 845 23.08 -27.40 -14.08
N ALA A 846 23.95 -27.44 -13.06
CA ALA A 846 23.91 -28.52 -12.07
C ALA A 846 22.80 -28.30 -11.05
N LYS A 847 22.58 -27.05 -10.63
CA LYS A 847 21.42 -26.76 -9.79
C LYS A 847 20.13 -26.95 -10.56
N SER A 848 20.08 -26.45 -11.79
CA SER A 848 18.89 -26.57 -12.63
C SER A 848 18.56 -28.01 -13.00
N LEU A 849 19.44 -28.97 -12.69
CA LEU A 849 19.22 -30.37 -13.04
C LEU A 849 19.29 -31.28 -11.83
N GLY A 850 19.21 -30.73 -10.62
CA GLY A 850 19.16 -31.55 -9.41
C GLY A 850 20.47 -32.20 -9.03
N LEU A 851 21.56 -31.43 -9.03
CA LEU A 851 22.88 -31.94 -8.67
C LEU A 851 23.69 -30.96 -7.84
N GLY A 852 23.14 -29.80 -7.47
CA GLY A 852 23.94 -28.74 -6.87
C GLY A 852 24.60 -29.12 -5.56
N GLU A 853 23.98 -30.03 -4.80
CA GLU A 853 24.59 -30.52 -3.57
C GLU A 853 25.58 -31.65 -3.82
N ARG A 854 25.59 -32.22 -5.02
CA ARG A 854 26.57 -33.24 -5.39
C ARG A 854 27.38 -32.77 -6.59
N PHE A 855 27.92 -31.54 -6.52
CA PHE A 855 28.69 -30.99 -7.62
C PHE A 855 30.15 -31.43 -7.60
N ASP A 856 30.68 -31.83 -6.43
CA ASP A 856 32.01 -32.42 -6.41
C ASP A 856 32.06 -33.67 -7.26
N GLU A 857 30.94 -34.40 -7.37
CA GLU A 857 30.87 -35.47 -8.36
C GLU A 857 30.87 -34.91 -9.77
N VAL A 858 30.14 -33.81 -9.99
CA VAL A 858 30.14 -33.16 -11.30
C VAL A 858 31.54 -32.62 -11.60
N LYS A 859 32.26 -32.17 -10.58
CA LYS A 859 33.65 -31.78 -10.79
C LYS A 859 34.54 -32.99 -11.01
N ASP A 860 34.16 -34.15 -10.47
CA ASP A 860 34.94 -35.36 -10.70
C ASP A 860 34.66 -35.95 -12.06
N MET A 861 33.40 -35.89 -12.52
CA MET A 861 33.05 -36.41 -13.83
C MET A 861 33.79 -35.65 -14.93
N TYR A 862 33.88 -34.32 -14.78
CA TYR A 862 34.63 -33.50 -15.73
C TYR A 862 36.04 -34.04 -15.94
N ARG A 863 36.79 -34.23 -14.84
CA ARG A 863 38.15 -34.76 -14.96
C ARG A 863 38.14 -36.14 -15.60
N ARG A 864 37.20 -37.00 -15.21
CA ARG A 864 37.13 -38.33 -15.78
C ARG A 864 36.76 -38.30 -17.26
N VAL A 865 35.69 -37.59 -17.60
CA VAL A 865 35.24 -37.50 -18.99
C VAL A 865 36.36 -37.04 -19.90
N ASN A 866 37.22 -36.15 -19.40
CA ASN A 866 38.34 -35.65 -20.20
C ASN A 866 39.23 -36.79 -20.68
N PHE A 867 39.71 -37.63 -19.75
CA PHE A 867 40.57 -38.74 -20.12
C PHE A 867 39.83 -39.79 -20.93
N LEU A 868 38.52 -39.96 -20.67
CA LEU A 868 37.74 -40.89 -21.48
C LEU A 868 37.62 -40.40 -22.92
N PHE A 869 37.72 -39.08 -23.13
CA PHE A 869 37.82 -38.51 -24.47
C PHE A 869 39.26 -38.24 -24.87
N GLY A 870 40.20 -39.01 -24.32
CA GLY A 870 41.59 -38.96 -24.74
C GLY A 870 42.30 -37.64 -24.50
N ASP A 871 42.12 -37.05 -23.31
CA ASP A 871 42.81 -35.83 -22.92
C ASP A 871 42.70 -34.76 -23.99
N ILE A 872 41.57 -34.06 -24.08
CA ILE A 872 41.39 -33.05 -25.10
C ILE A 872 41.65 -31.68 -24.51
N VAL A 873 42.00 -30.74 -25.38
CA VAL A 873 42.00 -29.33 -25.02
C VAL A 873 40.55 -28.89 -24.81
N LYS A 874 40.34 -27.97 -23.85
CA LYS A 874 38.98 -27.59 -23.46
C LYS A 874 38.83 -26.06 -23.54
N VAL A 875 38.53 -25.59 -24.76
CA VAL A 875 37.99 -24.27 -25.02
C VAL A 875 36.63 -24.46 -25.66
N THR A 876 35.84 -23.39 -25.68
CA THR A 876 34.66 -23.39 -26.52
C THR A 876 35.07 -23.69 -27.96
N PRO A 877 34.45 -24.69 -28.61
CA PRO A 877 33.34 -25.53 -28.16
C PRO A 877 33.74 -26.77 -27.36
N SER A 878 35.01 -27.21 -27.42
CA SER A 878 35.41 -28.49 -26.84
C SER A 878 35.09 -28.61 -25.36
N SER A 879 34.88 -27.49 -24.66
CA SER A 879 34.50 -27.54 -23.26
C SER A 879 33.00 -27.76 -23.08
N LYS A 880 32.20 -27.32 -24.06
CA LYS A 880 30.77 -27.64 -24.01
C LYS A 880 30.54 -29.15 -24.04
N VAL A 881 31.45 -29.89 -24.67
CA VAL A 881 31.29 -31.34 -24.77
C VAL A 881 31.56 -32.00 -23.42
N VAL A 882 32.79 -31.84 -22.91
CA VAL A 882 33.19 -32.50 -21.66
C VAL A 882 32.28 -32.09 -20.51
N GLY A 883 31.74 -30.87 -20.55
CA GLY A 883 30.79 -30.47 -19.53
C GLY A 883 29.47 -31.21 -19.65
N ASP A 884 28.90 -31.23 -20.86
CA ASP A 884 27.63 -31.94 -21.08
C ASP A 884 27.72 -33.39 -20.65
N MET A 885 28.77 -34.08 -21.10
CA MET A 885 28.97 -35.47 -20.73
C MET A 885 29.00 -35.64 -19.22
N ALA A 886 29.88 -34.89 -18.55
CA ALA A 886 29.95 -34.94 -17.09
C ALA A 886 28.57 -34.79 -16.45
N LEU A 887 27.85 -33.74 -16.84
CA LEU A 887 26.47 -33.57 -16.38
C LEU A 887 25.62 -34.79 -16.72
N TYR A 888 25.77 -35.30 -17.94
CA TYR A 888 24.98 -36.44 -18.38
C TYR A 888 25.34 -37.70 -17.60
N MET A 889 26.63 -37.92 -17.34
CA MET A 889 27.04 -39.17 -16.72
C MET A 889 26.55 -39.29 -15.28
N VAL A 890 26.51 -38.19 -14.54
CA VAL A 890 26.00 -38.27 -13.17
C VAL A 890 24.48 -38.43 -13.18
N GLN A 891 23.81 -37.75 -14.11
CA GLN A 891 22.35 -37.69 -14.12
C GLN A 891 21.75 -39.09 -14.12
N ASN A 892 22.04 -39.88 -15.14
CA ASN A 892 21.77 -41.31 -15.13
C ASN A 892 23.07 -42.00 -14.76
N ASP A 893 23.12 -42.57 -13.54
CA ASP A 893 24.36 -43.11 -13.00
C ASP A 893 25.07 -44.02 -13.99
N LEU A 894 26.17 -43.51 -14.54
CA LEU A 894 27.02 -44.25 -15.47
C LEU A 894 28.46 -44.14 -14.99
N ASP A 895 29.33 -44.90 -15.63
CA ASP A 895 30.75 -44.90 -15.28
C ASP A 895 31.56 -44.86 -16.56
N GLU A 896 32.89 -44.77 -16.39
CA GLU A 896 33.79 -44.77 -17.54
C GLU A 896 33.57 -45.99 -18.42
N GLN A 897 33.34 -47.15 -17.79
CA GLN A 897 33.17 -48.41 -18.50
C GLN A 897 31.72 -48.79 -18.73
N SER A 898 30.77 -47.98 -18.25
CA SER A 898 29.35 -48.25 -18.43
C SER A 898 28.79 -47.70 -19.73
N VAL A 899 29.61 -47.01 -20.52
CA VAL A 899 29.15 -46.45 -21.80
C VAL A 899 29.39 -47.42 -22.94
N ILE A 900 30.57 -48.06 -22.98
CA ILE A 900 30.82 -49.09 -23.99
C ILE A 900 29.81 -50.21 -23.85
N THR A 901 29.82 -50.88 -22.70
CA THR A 901 28.84 -51.92 -22.40
C THR A 901 27.53 -51.28 -21.95
N ASP A 902 26.43 -51.67 -22.62
CA ASP A 902 25.09 -51.18 -22.30
C ASP A 902 25.02 -49.66 -22.46
N GLY A 903 25.57 -49.16 -23.57
CA GLY A 903 25.52 -47.74 -23.86
C GLY A 903 25.01 -47.46 -25.24
N TYR A 904 25.03 -48.47 -26.11
CA TYR A 904 24.43 -48.36 -27.44
C TYR A 904 22.92 -48.15 -27.33
N LYS A 905 22.41 -48.15 -26.10
CA LYS A 905 21.05 -47.72 -25.85
C LYS A 905 20.83 -46.30 -26.35
N LEU A 906 19.57 -46.00 -26.64
CA LEU A 906 19.20 -44.73 -27.27
C LEU A 906 19.25 -43.62 -26.23
N ASP A 907 20.48 -43.16 -25.95
CA ASP A 907 20.67 -42.12 -24.95
C ASP A 907 22.09 -41.57 -25.01
N PHE A 908 22.25 -40.37 -25.59
CA PHE A 908 23.56 -39.73 -25.70
C PHE A 908 23.38 -38.23 -25.83
N PRO A 909 24.24 -37.41 -25.21
CA PRO A 909 24.09 -35.95 -25.31
C PRO A 909 24.46 -35.48 -26.71
N GLU A 910 23.67 -34.52 -27.21
CA GLU A 910 23.79 -34.04 -28.59
C GLU A 910 25.22 -33.65 -28.96
N SER A 911 25.72 -32.57 -28.37
CA SER A 911 27.06 -32.04 -28.63
C SER A 911 28.14 -33.12 -28.65
N VAL A 912 28.00 -34.13 -27.80
CA VAL A 912 29.02 -35.17 -27.70
C VAL A 912 29.02 -36.05 -28.95
N VAL A 913 27.84 -36.41 -29.46
CA VAL A 913 27.80 -37.10 -30.75
C VAL A 913 28.28 -36.19 -31.86
N SER A 914 28.17 -34.87 -31.69
CA SER A 914 28.70 -33.94 -32.68
C SER A 914 30.22 -33.96 -32.68
N PHE A 915 30.84 -33.88 -31.50
CA PHE A 915 32.29 -33.92 -31.39
C PHE A 915 32.85 -35.25 -31.88
N PHE A 916 32.12 -36.34 -31.64
CA PHE A 916 32.55 -37.66 -32.09
C PHE A 916 32.33 -37.87 -33.58
N LYS A 917 31.60 -36.99 -34.24
CA LYS A 917 31.54 -37.02 -35.69
C LYS A 917 32.71 -36.27 -36.31
N GLY A 918 33.39 -35.44 -35.53
CA GLY A 918 34.46 -34.61 -36.06
C GLY A 918 34.02 -33.24 -36.55
N GLU A 919 32.81 -32.81 -36.19
CA GLU A 919 32.29 -31.53 -36.62
C GLU A 919 32.90 -30.35 -35.88
N ILE A 920 33.68 -30.62 -34.84
CA ILE A 920 34.53 -29.62 -34.19
C ILE A 920 36.00 -29.86 -34.50
N GLY A 921 36.33 -30.97 -35.15
CA GLY A 921 37.69 -31.34 -35.44
C GLY A 921 38.06 -32.65 -34.78
N GLN A 922 39.26 -33.10 -35.07
CA GLN A 922 39.73 -34.32 -34.44
C GLN A 922 40.67 -33.98 -33.29
N PRO A 923 40.50 -34.61 -32.12
CA PRO A 923 41.45 -34.40 -31.02
C PRO A 923 42.88 -34.79 -31.37
N VAL A 924 43.78 -34.66 -30.41
CA VAL A 924 45.19 -34.96 -30.68
C VAL A 924 45.41 -36.46 -30.81
N ASN A 925 44.68 -37.27 -30.05
CA ASN A 925 44.73 -38.72 -30.18
C ASN A 925 43.57 -39.30 -30.98
N GLY A 926 42.58 -38.49 -31.33
CA GLY A 926 41.39 -39.03 -31.96
C GLY A 926 40.45 -39.64 -30.92
N PHE A 927 39.71 -40.64 -31.36
CA PHE A 927 38.60 -41.19 -30.60
C PHE A 927 38.82 -42.67 -30.36
N ASN A 928 38.19 -43.20 -29.32
CA ASN A 928 38.20 -44.64 -29.08
C ASN A 928 37.21 -45.28 -30.04
N LYS A 929 37.72 -46.22 -30.86
CA LYS A 929 36.90 -46.84 -31.89
C LYS A 929 35.59 -47.37 -31.33
N ASP A 930 35.65 -48.10 -30.21
CA ASP A 930 34.45 -48.60 -29.57
C ASP A 930 33.55 -47.47 -29.10
N LEU A 931 34.07 -46.63 -28.20
CA LEU A 931 33.31 -45.50 -27.68
C LEU A 931 32.73 -44.67 -28.82
N GLN A 932 33.52 -44.50 -29.88
CA GLN A 932 33.00 -43.77 -31.04
C GLN A 932 31.77 -44.47 -31.61
N ALA A 933 31.83 -45.80 -31.76
CA ALA A 933 30.72 -46.53 -32.37
C ALA A 933 29.46 -46.51 -31.52
N VAL A 934 29.60 -46.62 -30.19
CA VAL A 934 28.42 -46.61 -29.32
C VAL A 934 27.68 -45.29 -29.45
N ILE A 935 28.42 -44.18 -29.53
CA ILE A 935 27.80 -42.87 -29.59
C ILE A 935 27.21 -42.59 -30.96
N LEU A 936 27.92 -42.95 -32.03
CA LEU A 936 27.48 -42.45 -33.34
C LEU A 936 26.20 -43.11 -33.83
N LYS A 937 25.85 -44.28 -33.29
CA LYS A 937 24.67 -45.03 -33.76
C LYS A 937 24.81 -45.41 -35.23
N GLY A 938 26.04 -45.75 -35.64
CA GLY A 938 26.33 -46.10 -37.02
C GLY A 938 25.98 -45.01 -38.00
N GLN A 939 26.52 -43.82 -37.77
CA GLN A 939 26.19 -42.63 -38.55
C GLN A 939 27.37 -42.22 -39.43
N GLU A 940 27.24 -41.06 -40.06
CA GLU A 940 28.33 -40.53 -40.87
C GLU A 940 29.48 -40.07 -39.96
N ALA A 941 30.70 -40.46 -40.32
CA ALA A 941 31.89 -40.15 -39.53
C ALA A 941 32.82 -39.30 -40.38
N LEU A 942 32.70 -37.98 -40.26
CA LEU A 942 33.56 -37.05 -40.98
C LEU A 942 35.03 -37.39 -40.76
N THR A 943 35.77 -37.53 -41.86
CA THR A 943 37.18 -37.87 -41.80
C THR A 943 38.09 -36.70 -42.13
N ALA A 944 37.54 -35.56 -42.51
CA ALA A 944 38.34 -34.40 -42.87
C ALA A 944 37.95 -33.21 -42.01
N ARG A 945 38.72 -32.14 -42.18
CA ARG A 945 38.35 -30.79 -41.77
C ARG A 945 36.88 -30.58 -42.07
N PRO A 946 36.04 -30.26 -41.09
CA PRO A 946 34.60 -30.24 -41.33
C PRO A 946 34.16 -29.18 -42.31
N GLY A 947 34.96 -28.13 -42.52
CA GLY A 947 34.66 -27.15 -43.53
C GLY A 947 34.82 -27.64 -44.95
N GLU A 948 35.65 -28.67 -45.17
CA GLU A 948 35.90 -29.17 -46.51
C GLU A 948 34.65 -29.77 -47.14
N TYR A 949 33.76 -30.33 -46.31
CA TYR A 949 32.49 -30.83 -46.82
C TYR A 949 31.52 -29.71 -47.11
N LEU A 950 31.65 -28.59 -46.42
CA LEU A 950 30.77 -27.45 -46.65
C LEU A 950 30.96 -26.92 -48.06
N GLU A 951 29.89 -26.37 -48.63
CA GLU A 951 29.94 -25.89 -50.01
C GLU A 951 29.81 -24.38 -50.06
N PRO A 952 30.47 -23.73 -51.02
CA PRO A 952 30.42 -22.26 -51.11
C PRO A 952 29.02 -21.69 -51.02
N VAL A 953 28.93 -20.47 -50.48
CA VAL A 953 27.69 -19.72 -50.40
C VAL A 953 27.67 -18.71 -51.54
N ASP A 954 26.48 -18.48 -52.11
CA ASP A 954 26.32 -17.52 -53.20
C ASP A 954 26.19 -16.14 -52.55
N PHE A 955 27.33 -15.47 -52.41
CA PHE A 955 27.36 -14.16 -51.76
C PHE A 955 26.44 -13.18 -52.48
N GLU A 956 26.38 -13.25 -53.80
CA GLU A 956 25.45 -12.41 -54.54
C GLU A 956 24.00 -12.73 -54.18
N LYS A 957 23.67 -14.01 -54.04
CA LYS A 957 22.32 -14.40 -53.65
C LYS A 957 21.95 -13.76 -52.31
N VAL A 958 22.82 -13.92 -51.31
CA VAL A 958 22.57 -13.29 -50.01
C VAL A 958 22.47 -11.78 -50.16
N ARG A 959 23.28 -11.20 -51.05
CA ARG A 959 23.16 -9.77 -51.32
C ARG A 959 21.76 -9.43 -51.80
N GLU A 960 21.29 -10.12 -52.85
CA GLU A 960 19.97 -9.83 -53.40
C GLU A 960 18.87 -10.04 -52.37
N LEU A 961 18.93 -11.16 -51.63
CA LEU A 961 17.96 -11.42 -50.58
C LEU A 961 17.89 -10.27 -49.59
N LEU A 962 19.05 -9.83 -49.11
CA LEU A 962 19.07 -8.81 -48.07
C LEU A 962 18.67 -7.44 -48.60
N GLU A 963 19.08 -7.11 -49.84
CA GLU A 963 18.76 -5.81 -50.40
C GLU A 963 17.25 -5.60 -50.47
N GLU A 964 16.50 -6.63 -50.87
CA GLU A 964 15.05 -6.52 -50.94
C GLU A 964 14.42 -6.52 -49.55
N GLU A 965 15.01 -7.22 -48.59
CA GLU A 965 14.45 -7.28 -47.24
C GLU A 965 14.44 -5.90 -46.60
N GLN A 966 15.51 -5.14 -46.76
CA GLN A 966 15.57 -3.76 -46.30
C GLN A 966 15.18 -2.76 -47.37
N GLN A 967 14.99 -3.21 -48.62
CA GLN A 967 14.63 -2.34 -49.74
C GLN A 967 15.61 -1.18 -49.87
N GLY A 968 16.90 -1.48 -49.70
CA GLY A 968 17.92 -0.45 -49.74
C GLY A 968 19.32 -0.99 -49.89
N PRO A 969 20.29 -0.09 -49.99
CA PRO A 969 21.69 -0.50 -50.11
C PRO A 969 22.15 -1.34 -48.92
N VAL A 970 23.22 -2.11 -49.15
CA VAL A 970 23.73 -3.08 -48.17
C VAL A 970 25.25 -3.18 -48.35
N THR A 971 25.97 -3.10 -47.23
CA THR A 971 27.41 -3.26 -47.25
C THR A 971 27.79 -4.74 -47.17
N GLU A 972 29.06 -5.02 -47.46
CA GLU A 972 29.57 -6.37 -47.26
C GLU A 972 29.49 -6.78 -45.80
N GLN A 973 29.72 -5.83 -44.90
CA GLN A 973 29.60 -6.09 -43.46
C GLN A 973 28.26 -6.74 -43.13
N ASP A 974 27.18 -6.18 -43.68
CA ASP A 974 25.87 -6.82 -43.53
C ASP A 974 25.90 -8.24 -44.07
N ILE A 975 26.56 -8.45 -45.21
CA ILE A 975 26.46 -9.72 -45.90
C ILE A 975 27.10 -10.83 -45.07
N ILE A 976 28.36 -10.66 -44.66
CA ILE A 976 28.98 -11.67 -43.80
C ILE A 976 28.24 -11.78 -42.47
N SER A 977 27.75 -10.64 -41.96
CA SER A 977 26.99 -10.67 -40.71
C SER A 977 25.80 -11.62 -40.83
N TYR A 978 25.00 -11.47 -41.89
CA TYR A 978 23.87 -12.36 -42.08
C TYR A 978 24.34 -13.79 -42.33
N VAL A 979 25.43 -13.96 -43.08
CA VAL A 979 25.91 -15.31 -43.39
C VAL A 979 26.36 -16.02 -42.11
N LEU A 980 26.96 -15.29 -41.17
CA LEU A 980 27.45 -15.92 -39.95
C LEU A 980 26.34 -16.11 -38.92
N TYR A 981 25.48 -15.10 -38.73
CA TYR A 981 24.39 -15.16 -37.78
C TYR A 981 23.12 -14.69 -38.46
N PRO A 982 22.41 -15.59 -39.17
CA PRO A 982 21.25 -15.16 -39.96
C PRO A 982 20.06 -14.73 -39.11
N LYS A 983 19.47 -15.69 -38.37
CA LYS A 983 18.32 -15.37 -37.54
C LYS A 983 18.64 -14.32 -36.48
N VAL A 984 19.93 -14.10 -36.21
CA VAL A 984 20.34 -13.06 -35.28
C VAL A 984 20.54 -11.72 -35.97
N TYR A 985 21.28 -11.69 -37.09
CA TYR A 985 21.46 -10.44 -37.81
C TYR A 985 20.10 -9.82 -38.18
N GLU A 986 19.18 -10.65 -38.68
CA GLU A 986 17.87 -10.13 -39.07
C GLU A 986 17.09 -9.63 -37.87
N GLN A 987 17.25 -10.28 -36.71
CA GLN A 987 16.56 -9.82 -35.51
C GLN A 987 17.04 -8.44 -35.08
N TYR A 988 18.34 -8.18 -35.23
CA TYR A 988 18.86 -6.86 -34.92
C TYR A 988 18.31 -5.80 -35.87
N ILE A 989 18.10 -6.17 -37.14
CA ILE A 989 17.55 -5.22 -38.11
C ILE A 989 16.15 -4.78 -37.69
N GLN A 990 15.33 -5.72 -37.22
CA GLN A 990 14.02 -5.36 -36.68
C GLN A 990 14.16 -4.34 -35.56
N THR A 991 15.19 -4.46 -34.73
CA THR A 991 15.34 -3.57 -33.59
C THR A 991 15.83 -2.19 -34.02
N ARG A 992 16.79 -2.12 -34.95
CA ARG A 992 17.16 -0.83 -35.51
CA ARG A 992 17.16 -0.83 -35.51
C ARG A 992 15.98 -0.20 -36.25
N ASN A 993 15.07 -1.02 -36.76
CA ASN A 993 13.84 -0.51 -37.36
C ASN A 993 12.95 0.14 -36.30
N GLN A 994 12.78 -0.54 -35.16
CA GLN A 994 11.86 -0.07 -34.13
C GLN A 994 12.39 1.16 -33.42
N TYR A 995 13.56 1.06 -32.79
CA TYR A 995 14.05 2.10 -31.90
C TYR A 995 15.21 2.93 -32.46
N GLY A 996 15.75 2.56 -33.61
CA GLY A 996 16.90 3.27 -34.14
C GLY A 996 18.22 2.69 -33.66
N ASN A 997 19.22 3.53 -33.48
CA ASN A 997 20.53 3.09 -32.99
C ASN A 997 20.56 3.25 -31.48
N LEU A 998 20.50 2.13 -30.76
CA LEU A 998 20.51 2.16 -29.30
C LEU A 998 21.92 2.28 -28.74
N SER A 999 22.93 1.82 -29.47
CA SER A 999 24.32 1.90 -29.01
C SER A 999 24.70 3.31 -28.57
N LEU A 1000 24.03 4.32 -29.13
CA LEU A 1000 24.32 5.70 -28.79
C LEU A 1000 23.75 6.11 -27.45
N LEU A 1001 22.83 5.33 -26.89
CA LEU A 1001 22.29 5.62 -25.57
C LEU A 1001 23.33 5.28 -24.50
N ASP A 1002 23.40 6.11 -23.46
CA ASP A 1002 24.28 5.78 -22.35
C ASP A 1002 23.85 4.47 -21.71
N THR A 1003 24.80 3.79 -21.09
CA THR A 1003 24.51 2.45 -20.54
C THR A 1003 23.41 2.47 -19.49
N PRO A 1004 23.43 3.34 -18.46
CA PRO A 1004 22.34 3.30 -17.47
C PRO A 1004 20.96 3.49 -18.06
N THR A 1005 20.79 4.44 -19.00
CA THR A 1005 19.49 4.64 -19.63
C THR A 1005 19.10 3.42 -20.45
N PHE A 1006 20.07 2.79 -21.11
CA PHE A 1006 19.79 1.64 -21.96
C PHE A 1006 19.27 0.44 -21.15
N PHE A 1007 19.65 0.37 -19.87
CA PHE A 1007 19.32 -0.79 -19.04
C PHE A 1007 18.13 -0.57 -18.12
N PHE A 1008 17.93 0.65 -17.62
CA PHE A 1008 16.87 0.90 -16.65
C PHE A 1008 15.83 1.90 -17.13
N GLY A 1009 16.01 2.50 -18.30
CA GLY A 1009 15.12 3.55 -18.76
C GLY A 1009 15.41 4.88 -18.10
N MET A 1010 14.36 5.58 -17.67
CA MET A 1010 14.48 6.84 -16.97
C MET A 1010 13.58 6.85 -15.75
N ARG A 1011 14.00 7.55 -14.70
CA ARG A 1011 13.18 7.69 -13.51
C ARG A 1011 12.39 8.99 -13.58
N ASN A 1012 11.21 9.00 -12.95
CA ASN A 1012 10.38 10.20 -12.92
C ASN A 1012 11.18 11.40 -12.42
N GLY A 1013 11.21 12.45 -13.22
CA GLY A 1013 11.95 13.66 -12.90
C GLY A 1013 13.38 13.70 -13.39
N GLU A 1014 13.77 12.81 -14.30
CA GLU A 1014 15.15 12.71 -14.75
C GLU A 1014 15.32 13.40 -16.11
N THR A 1015 16.24 14.36 -16.15
CA THR A 1015 16.67 14.97 -17.40
C THR A 1015 17.87 14.20 -17.94
N VAL A 1016 17.90 14.00 -19.26
CA VAL A 1016 18.92 13.19 -19.92
C VAL A 1016 19.15 13.72 -21.32
N GLU A 1017 20.40 13.66 -21.79
CA GLU A 1017 20.76 14.08 -23.13
C GLU A 1017 21.36 12.90 -23.91
N ILE A 1018 20.94 12.76 -25.16
CA ILE A 1018 21.42 11.71 -26.06
C ILE A 1018 21.75 12.35 -27.40
N GLU A 1019 23.01 12.26 -27.82
CA GLU A 1019 23.37 12.71 -29.17
C GLU A 1019 22.99 11.63 -30.17
N ILE A 1020 22.05 11.95 -31.05
CA ILE A 1020 21.58 11.01 -32.07
C ILE A 1020 22.21 11.26 -33.44
N ASP A 1021 22.77 12.44 -33.68
CA ASP A 1021 23.34 12.79 -34.97
C ASP A 1021 24.27 13.98 -34.77
N LYS A 1022 24.96 14.35 -35.85
CA LYS A 1022 25.86 15.50 -35.83
C LYS A 1022 25.13 16.76 -35.38
N GLY A 1023 25.60 17.35 -34.30
CA GLY A 1023 24.96 18.54 -33.76
C GLY A 1023 23.50 18.36 -33.39
N LYS A 1024 23.04 17.12 -33.27
CA LYS A 1024 21.65 16.83 -32.91
C LYS A 1024 21.56 16.17 -31.55
N ARG A 1025 22.05 16.84 -30.51
CA ARG A 1025 21.83 16.37 -29.14
C ARG A 1025 20.39 16.72 -28.76
N LEU A 1026 19.57 15.70 -28.54
CA LEU A 1026 18.21 15.89 -28.09
C LEU A 1026 18.14 15.75 -26.57
N ILE A 1027 17.55 16.74 -25.91
CA ILE A 1027 17.47 16.77 -24.46
C ILE A 1027 16.11 16.22 -24.04
N ILE A 1028 16.13 15.12 -23.30
CA ILE A 1028 14.91 14.43 -22.90
C ILE A 1028 14.72 14.54 -21.39
N LYS A 1029 13.47 14.66 -20.98
CA LYS A 1029 13.07 14.68 -19.58
C LYS A 1029 11.85 13.79 -19.42
N LEU A 1030 11.84 12.94 -18.40
CA LEU A 1030 10.67 12.16 -18.04
C LEU A 1030 9.98 12.86 -16.87
N GLU A 1031 8.71 13.20 -17.04
CA GLU A 1031 7.97 13.97 -16.06
C GLU A 1031 7.13 13.10 -15.12
N THR A 1032 6.28 12.23 -15.69
CA THR A 1032 5.52 11.28 -14.89
C THR A 1032 4.97 10.21 -15.81
N ILE A 1033 4.48 9.13 -15.19
CA ILE A 1033 3.83 8.05 -15.91
C ILE A 1033 2.40 7.92 -15.39
N SER A 1034 1.50 7.54 -16.27
CA SER A 1034 0.09 7.38 -15.93
C SER A 1034 -0.20 5.95 -15.49
N GLU A 1035 -1.30 5.79 -14.77
CA GLU A 1035 -1.85 4.47 -14.52
C GLU A 1035 -2.29 3.86 -15.85
N PRO A 1036 -2.18 2.55 -16.02
CA PRO A 1036 -2.49 1.95 -17.32
C PRO A 1036 -3.97 2.07 -17.65
N ASP A 1037 -4.26 2.25 -18.93
CA ASP A 1037 -5.62 2.51 -19.38
C ASP A 1037 -6.39 1.19 -19.53
N GLU A 1038 -7.53 1.26 -20.23
CA GLU A 1038 -8.43 0.12 -20.32
C GLU A 1038 -7.74 -1.10 -20.92
N ASN A 1039 -6.92 -0.89 -21.95
CA ASN A 1039 -6.24 -2.01 -22.58
C ASN A 1039 -5.03 -2.47 -21.77
N GLY A 1040 -4.12 -1.56 -21.47
CA GLY A 1040 -2.90 -1.89 -20.77
C GLY A 1040 -1.77 -0.98 -21.18
N ASN A 1041 -2.11 0.10 -21.87
CA ASN A 1041 -1.16 1.08 -22.37
C ASN A 1041 -1.09 2.26 -21.41
N ARG A 1042 0.11 2.57 -20.94
CA ARG A 1042 0.35 3.74 -20.09
C ARG A 1042 0.73 4.94 -20.94
N THR A 1043 0.58 6.12 -20.37
CA THR A 1043 0.98 7.37 -21.00
C THR A 1043 2.22 7.91 -20.31
N ILE A 1044 3.23 8.24 -21.11
CA ILE A 1044 4.48 8.81 -20.61
C ILE A 1044 4.55 10.27 -21.07
N TYR A 1045 4.87 11.16 -20.13
CA TYR A 1045 4.93 12.59 -20.39
C TYR A 1045 6.39 13.01 -20.46
N TYR A 1046 6.88 13.26 -21.66
CA TYR A 1046 8.26 13.67 -21.86
C TYR A 1046 8.34 15.18 -22.06
N ALA A 1047 9.59 15.66 -22.11
CA ALA A 1047 9.91 17.06 -22.43
C ALA A 1047 11.14 17.02 -23.33
N MET A 1048 10.92 16.70 -24.60
CA MET A 1048 12.03 16.62 -25.55
C MET A 1048 12.33 18.00 -26.11
N ASN A 1049 13.57 18.45 -25.94
CA ASN A 1049 14.08 19.70 -26.51
C ASN A 1049 13.20 20.90 -26.12
N GLY A 1050 12.66 20.87 -24.91
CA GLY A 1050 11.85 21.97 -24.41
C GLY A 1050 10.39 21.92 -24.80
N GLN A 1051 10.00 21.06 -25.74
CA GLN A 1051 8.61 20.90 -26.13
C GLN A 1051 8.09 19.57 -25.64
N ALA A 1052 6.79 19.54 -25.29
CA ALA A 1052 6.21 18.40 -24.59
C ALA A 1052 5.76 17.34 -25.57
N ARG A 1053 6.16 16.09 -25.30
CA ARG A 1053 5.77 14.94 -26.09
C ARG A 1053 5.17 13.87 -25.19
N ARG A 1054 4.10 13.23 -25.66
CA ARG A 1054 3.47 12.12 -24.97
C ARG A 1054 3.56 10.88 -25.85
N ILE A 1055 3.70 9.72 -25.22
CA ILE A 1055 3.79 8.47 -25.96
C ILE A 1055 3.27 7.33 -25.08
N TYR A 1056 2.58 6.39 -25.71
CA TYR A 1056 1.91 5.29 -25.05
C TYR A 1056 2.77 4.04 -25.08
N ILE A 1057 2.81 3.32 -23.96
CA ILE A 1057 3.54 2.07 -23.82
C ILE A 1057 2.63 1.07 -23.11
N LYS A 1058 2.63 -0.18 -23.61
CA LYS A 1058 1.78 -1.22 -23.04
C LYS A 1058 2.48 -1.87 -21.86
N ASP A 1059 1.77 -1.94 -20.73
CA ASP A 1059 2.32 -2.48 -19.49
C ASP A 1059 2.05 -3.98 -19.42
N GLU A 1060 3.09 -4.76 -19.16
CA GLU A 1060 2.99 -6.21 -19.07
C GLU A 1060 2.97 -6.59 -17.59
N ASN A 1061 1.76 -6.77 -17.05
CA ASN A 1061 1.59 -7.01 -15.62
C ASN A 1061 1.36 -8.50 -15.34
N MET A 1111 -21.00 -9.05 -3.23
CA MET A 1111 -20.61 -8.94 -1.84
C MET A 1111 -20.15 -10.33 -1.42
N LYS A 1112 -20.92 -11.31 -1.87
CA LYS A 1112 -20.66 -12.72 -1.68
C LYS A 1112 -21.70 -13.36 -2.56
N MET A 1113 -22.68 -12.58 -3.03
CA MET A 1113 -23.70 -13.17 -3.84
C MET A 1113 -23.31 -13.29 -5.31
N GLU A 1114 -23.79 -14.35 -5.95
CA GLU A 1114 -23.52 -14.66 -7.34
C GLU A 1114 -24.50 -13.91 -8.24
N GLN B 3 -32.78 -32.56 45.87
CA GLN B 3 -32.59 -32.15 47.26
C GLN B 3 -31.71 -30.91 47.32
N ILE B 4 -30.58 -30.95 46.61
CA ILE B 4 -29.74 -29.78 46.39
C ILE B 4 -29.62 -29.64 44.88
N LYS B 5 -30.55 -28.89 44.28
CA LYS B 5 -30.56 -28.73 42.84
C LYS B 5 -29.30 -28.03 42.35
N LYS B 6 -29.03 -26.85 42.89
CA LYS B 6 -28.02 -25.96 42.34
C LYS B 6 -27.27 -25.28 43.48
N LEU B 7 -25.94 -25.37 43.43
CA LEU B 7 -25.06 -24.97 44.53
C LEU B 7 -24.16 -23.82 44.09
N LEU B 8 -23.93 -22.88 45.00
CA LEU B 8 -23.10 -21.70 44.74
C LEU B 8 -21.94 -21.69 45.72
N VAL B 9 -20.74 -21.35 45.23
CA VAL B 9 -19.54 -21.31 46.05
C VAL B 9 -19.13 -19.87 46.25
N ALA B 10 -19.26 -19.39 47.49
CA ALA B 10 -18.80 -18.05 47.86
C ALA B 10 -17.30 -18.06 48.11
N ASN B 11 -16.55 -18.37 47.05
CA ASN B 11 -15.10 -18.39 47.11
C ASN B 11 -14.55 -18.29 45.69
N ARG B 12 -13.25 -18.58 45.55
CA ARG B 12 -12.54 -18.38 44.30
C ARG B 12 -11.44 -19.41 44.18
N GLY B 13 -10.81 -19.43 43.00
CA GLY B 13 -9.56 -20.12 42.82
C GLY B 13 -9.62 -21.62 43.11
N GLU B 14 -8.66 -22.07 43.91
CA GLU B 14 -8.38 -23.50 44.01
C GLU B 14 -9.52 -24.27 44.67
N ILE B 15 -10.05 -23.75 45.78
CA ILE B 15 -11.10 -24.50 46.47
C ILE B 15 -12.44 -24.37 45.76
N ALA B 16 -12.70 -23.23 45.11
CA ALA B 16 -13.92 -23.09 44.32
C ALA B 16 -13.94 -24.10 43.18
N ILE B 17 -12.83 -24.18 42.44
CA ILE B 17 -12.69 -25.18 41.38
C ILE B 17 -12.86 -26.58 41.96
N ARG B 18 -12.37 -26.79 43.19
CA ARG B 18 -12.49 -28.09 43.84
C ARG B 18 -13.95 -28.44 44.10
N ILE B 19 -14.69 -27.54 44.75
CA ILE B 19 -16.08 -27.83 45.09
C ILE B 19 -16.92 -27.95 43.82
N PHE B 20 -16.63 -27.14 42.80
CA PHE B 20 -17.32 -27.26 41.52
C PHE B 20 -17.13 -28.64 40.91
N ALA B 21 -16.00 -29.29 41.20
CA ALA B 21 -15.76 -30.63 40.69
C ALA B 21 -16.60 -31.66 41.42
N ALA B 22 -16.57 -31.64 42.76
CA ALA B 22 -17.40 -32.55 43.53
C ALA B 22 -18.89 -32.30 43.28
N ALA B 23 -19.25 -31.06 42.98
CA ALA B 23 -20.66 -30.75 42.74
C ALA B 23 -21.12 -31.31 41.40
N ALA B 24 -20.28 -31.21 40.37
CA ALA B 24 -20.62 -31.83 39.09
C ALA B 24 -20.75 -33.33 39.22
N GLU B 25 -19.86 -33.95 40.01
CA GLU B 25 -19.84 -35.41 40.14
C GLU B 25 -21.17 -35.95 40.64
N LEU B 26 -21.90 -35.17 41.44
CA LEU B 26 -23.20 -35.58 41.95
C LEU B 26 -24.36 -34.92 41.19
N ASP B 27 -24.09 -34.45 39.97
CA ASP B 27 -25.12 -33.87 39.09
C ASP B 27 -25.79 -32.66 39.76
N ILE B 28 -24.97 -31.69 40.12
CA ILE B 28 -25.43 -30.44 40.73
C ILE B 28 -24.92 -29.28 39.90
N SER B 29 -25.82 -28.38 39.52
CA SER B 29 -25.42 -27.15 38.84
C SER B 29 -24.71 -26.23 39.81
N THR B 30 -23.73 -25.47 39.31
CA THR B 30 -22.82 -24.71 40.15
C THR B 30 -22.83 -23.25 39.72
N VAL B 31 -23.13 -22.36 40.66
CA VAL B 31 -23.01 -20.93 40.47
C VAL B 31 -21.68 -20.47 41.06
N ALA B 32 -20.90 -19.74 40.28
CA ALA B 32 -19.71 -19.08 40.77
C ALA B 32 -19.97 -17.59 40.96
N ILE B 33 -19.13 -16.96 41.76
CA ILE B 33 -19.17 -15.51 41.93
C ILE B 33 -17.76 -14.97 41.75
N TYR B 34 -17.66 -13.76 41.19
CA TYR B 34 -16.36 -13.18 40.91
C TYR B 34 -16.42 -11.67 41.11
N SER B 35 -15.27 -11.09 41.43
CA SER B 35 -15.13 -9.65 41.59
C SER B 35 -14.68 -9.02 40.27
N ASN B 36 -14.64 -7.68 40.26
CA ASN B 36 -14.08 -6.97 39.12
C ASN B 36 -12.65 -7.42 38.85
N GLU B 37 -11.81 -7.40 39.90
CA GLU B 37 -10.41 -7.77 39.77
C GLU B 37 -10.21 -9.26 39.54
N ASP B 38 -11.28 -10.07 39.62
CA ASP B 38 -11.18 -11.51 39.42
C ASP B 38 -11.88 -11.96 38.14
N LYS B 39 -12.20 -11.03 37.22
CA LYS B 39 -13.00 -11.38 36.06
C LYS B 39 -12.29 -12.38 35.16
N SER B 40 -10.96 -12.43 35.21
CA SER B 40 -10.17 -13.35 34.38
C SER B 40 -9.69 -14.57 35.17
N SER B 41 -10.40 -14.94 36.22
CA SER B 41 -10.00 -16.06 37.06
C SER B 41 -10.37 -17.39 36.40
N LEU B 42 -9.63 -18.43 36.79
CA LEU B 42 -9.96 -19.78 36.34
C LEU B 42 -11.31 -20.23 36.90
N HIS B 43 -11.56 -19.97 38.18
CA HIS B 43 -12.71 -20.54 38.88
C HIS B 43 -14.04 -20.06 38.35
N ARG B 44 -14.08 -18.89 37.69
CA ARG B 44 -15.32 -18.34 37.17
C ARG B 44 -15.74 -18.99 35.86
N TYR B 45 -14.88 -19.83 35.26
CA TYR B 45 -15.22 -20.55 34.05
C TYR B 45 -15.45 -22.05 34.30
N LYS B 46 -15.23 -22.52 35.53
CA LYS B 46 -15.49 -23.91 35.86
C LYS B 46 -16.92 -24.17 36.30
N ALA B 47 -17.71 -23.13 36.52
CA ALA B 47 -19.08 -23.27 36.98
C ALA B 47 -20.06 -23.21 35.80
N ASP B 48 -21.29 -23.64 36.07
CA ASP B 48 -22.34 -23.60 35.07
C ASP B 48 -22.93 -22.20 34.88
N GLU B 49 -22.83 -21.35 35.91
CA GLU B 49 -23.25 -19.96 35.84
C GLU B 49 -22.21 -19.11 36.55
N SER B 50 -22.18 -17.82 36.23
CA SER B 50 -21.20 -16.92 36.81
C SER B 50 -21.79 -15.52 36.90
N TYR B 51 -21.52 -14.85 38.01
CA TYR B 51 -22.10 -13.53 38.28
C TYR B 51 -21.08 -12.67 39.01
N LEU B 52 -20.90 -11.43 38.54
CA LEU B 52 -20.14 -10.44 39.29
C LEU B 52 -20.97 -10.00 40.50
N VAL B 53 -20.40 -10.14 41.70
CA VAL B 53 -21.17 -9.85 42.91
C VAL B 53 -21.60 -8.39 42.93
N GLY B 54 -20.65 -7.47 42.73
CA GLY B 54 -20.97 -6.07 42.73
C GLY B 54 -19.89 -5.21 42.08
N SER B 55 -20.26 -4.47 41.05
CA SER B 55 -19.30 -3.57 40.42
C SER B 55 -18.92 -2.43 41.35
N ASP B 56 -19.85 -2.01 42.21
CA ASP B 56 -19.54 -1.01 43.24
C ASP B 56 -18.54 -1.58 44.24
N LEU B 57 -18.77 -2.80 44.69
CA LEU B 57 -17.88 -3.43 45.67
C LEU B 57 -16.49 -3.63 45.09
N GLY B 58 -15.47 -3.47 45.94
CA GLY B 58 -14.10 -3.53 45.51
C GLY B 58 -13.39 -4.79 45.96
N PRO B 59 -12.73 -5.48 45.00
CA PRO B 59 -12.12 -6.79 45.25
C PRO B 59 -12.53 -7.56 46.51
N ALA B 60 -11.81 -7.34 47.62
CA ALA B 60 -12.04 -8.14 48.81
C ALA B 60 -13.49 -8.05 49.28
N GLU B 61 -14.11 -6.89 49.13
CA GLU B 61 -15.51 -6.74 49.54
C GLU B 61 -16.43 -7.64 48.72
N SER B 62 -16.07 -7.92 47.47
CA SER B 62 -16.93 -8.71 46.60
C SER B 62 -17.04 -10.16 47.04
N TYR B 63 -16.13 -10.63 47.90
CA TYR B 63 -16.21 -11.97 48.47
C TYR B 63 -16.56 -11.96 49.95
N LEU B 64 -17.01 -10.81 50.47
CA LEU B 64 -17.27 -10.68 51.90
C LEU B 64 -18.57 -9.96 52.22
N ASN B 65 -19.31 -9.47 51.23
CA ASN B 65 -20.61 -8.85 51.49
C ASN B 65 -21.65 -9.96 51.57
N ILE B 66 -22.19 -10.16 52.77
CA ILE B 66 -23.13 -11.26 53.00
C ILE B 66 -24.35 -11.12 52.11
N GLU B 67 -24.93 -9.92 52.07
CA GLU B 67 -26.19 -9.74 51.36
C GLU B 67 -26.00 -9.64 49.85
N ARG B 68 -24.92 -8.99 49.40
CA ARG B 68 -24.66 -8.93 47.96
C ARG B 68 -24.49 -10.32 47.38
N ILE B 69 -23.89 -11.24 48.16
CA ILE B 69 -23.77 -12.62 47.71
C ILE B 69 -25.13 -13.30 47.70
N ILE B 70 -25.91 -13.13 48.78
CA ILE B 70 -27.16 -13.87 48.93
C ILE B 70 -28.18 -13.44 47.88
N ASP B 71 -28.17 -12.17 47.49
CA ASP B 71 -28.97 -11.74 46.34
C ASP B 71 -28.73 -12.65 45.15
N VAL B 72 -27.47 -12.71 44.70
CA VAL B 72 -27.02 -13.55 43.60
C VAL B 72 -27.57 -14.97 43.74
N ALA B 73 -27.51 -15.51 44.96
CA ALA B 73 -28.00 -16.87 45.19
C ALA B 73 -29.51 -16.96 44.97
N LYS B 74 -30.27 -16.07 45.58
CA LYS B 74 -31.73 -16.08 45.42
C LYS B 74 -32.12 -15.80 43.98
N GLN B 75 -31.50 -14.77 43.39
CA GLN B 75 -31.78 -14.43 41.99
C GLN B 75 -31.49 -15.60 41.05
N ALA B 76 -30.58 -16.49 41.43
CA ALA B 76 -30.17 -17.60 40.58
C ALA B 76 -30.81 -18.92 40.95
N ASN B 77 -31.77 -18.93 41.89
CA ASN B 77 -32.44 -20.14 42.34
C ASN B 77 -31.41 -21.14 42.90
N VAL B 78 -30.88 -20.78 44.06
CA VAL B 78 -29.86 -21.56 44.75
C VAL B 78 -30.50 -22.29 45.92
N ASP B 79 -30.03 -23.52 46.18
CA ASP B 79 -30.40 -24.26 47.37
C ASP B 79 -29.36 -24.17 48.47
N ALA B 80 -28.08 -24.19 48.12
CA ALA B 80 -27.03 -24.35 49.10
C ALA B 80 -25.81 -23.55 48.69
N ILE B 81 -25.10 -23.03 49.70
CA ILE B 81 -23.87 -22.28 49.49
C ILE B 81 -22.74 -23.01 50.20
N HIS B 82 -21.66 -23.29 49.47
CA HIS B 82 -20.45 -23.83 50.09
C HIS B 82 -19.46 -22.69 50.26
N PRO B 83 -19.11 -22.31 51.49
CA PRO B 83 -18.22 -21.15 51.68
C PRO B 83 -16.75 -21.44 51.45
N GLY B 84 -16.37 -22.68 51.12
CA GLY B 84 -14.96 -22.99 50.97
C GLY B 84 -14.24 -22.82 52.28
N TYR B 85 -13.07 -22.19 52.24
CA TYR B 85 -12.31 -21.90 53.45
C TYR B 85 -11.93 -20.42 53.47
N GLY B 86 -12.00 -19.83 54.67
CA GLY B 86 -11.46 -18.50 54.89
C GLY B 86 -12.03 -17.10 54.70
N PHE B 87 -13.23 -17.02 54.09
CA PHE B 87 -13.81 -15.77 53.64
C PHE B 87 -14.96 -15.71 54.63
N LEU B 88 -16.01 -16.49 54.38
CA LEU B 88 -17.18 -16.53 55.25
C LEU B 88 -17.39 -17.92 55.83
N SER B 89 -16.44 -18.84 55.63
CA SER B 89 -16.55 -20.22 56.08
C SER B 89 -16.79 -20.33 57.58
N GLU B 90 -16.46 -19.30 58.36
CA GLU B 90 -16.62 -19.32 59.80
C GLU B 90 -17.48 -18.15 60.30
N ASN B 91 -18.26 -17.54 59.42
CA ASN B 91 -19.02 -16.34 59.75
C ASN B 91 -20.43 -16.75 60.17
N GLU B 92 -20.64 -16.86 61.48
CA GLU B 92 -21.92 -17.30 62.03
C GLU B 92 -23.10 -16.54 61.40
N GLN B 93 -22.94 -15.23 61.21
CA GLN B 93 -24.05 -14.43 60.70
C GLN B 93 -24.34 -14.74 59.23
N PHE B 94 -23.32 -15.07 58.44
CA PHE B 94 -23.57 -15.49 57.06
C PHE B 94 -24.39 -16.77 57.03
N ALA B 95 -23.96 -17.79 57.80
CA ALA B 95 -24.70 -19.04 57.86
C ALA B 95 -26.11 -18.84 58.36
N ARG B 96 -26.35 -17.78 59.14
CA ARG B 96 -27.70 -17.50 59.62
C ARG B 96 -28.57 -16.95 58.51
N ARG B 97 -28.06 -15.98 57.75
CA ARG B 97 -28.85 -15.41 56.68
C ARG B 97 -29.20 -16.45 55.63
N CYS B 98 -28.30 -17.39 55.39
CA CYS B 98 -28.58 -18.49 54.46
C CYS B 98 -29.83 -19.25 54.89
N ALA B 99 -29.86 -19.70 56.14
CA ALA B 99 -31.04 -20.41 56.65
C ALA B 99 -32.27 -19.51 56.60
N GLU B 100 -32.10 -18.22 56.88
CA GLU B 100 -33.22 -17.29 56.86
C GLU B 100 -33.87 -17.22 55.48
N GLU B 101 -33.11 -17.43 54.42
CA GLU B 101 -33.59 -17.25 53.05
C GLU B 101 -33.71 -18.58 52.30
N GLY B 102 -34.00 -19.66 53.01
CA GLY B 102 -34.21 -20.94 52.37
C GLY B 102 -32.99 -21.48 51.65
N ILE B 103 -31.81 -21.26 52.21
CA ILE B 103 -30.55 -21.66 51.60
C ILE B 103 -29.76 -22.49 52.60
N LYS B 104 -29.30 -23.66 52.18
CA LYS B 104 -28.55 -24.56 53.05
C LYS B 104 -27.09 -24.11 53.10
N PHE B 105 -26.68 -23.56 54.23
CA PHE B 105 -25.27 -23.34 54.47
C PHE B 105 -24.57 -24.68 54.64
N ILE B 106 -23.68 -25.03 53.72
CA ILE B 106 -22.97 -26.30 53.80
C ILE B 106 -21.91 -26.18 54.89
N GLY B 107 -22.13 -26.85 56.01
CA GLY B 107 -21.24 -26.78 57.13
C GLY B 107 -21.94 -27.05 58.44
N PRO B 108 -21.33 -26.63 59.54
CA PRO B 108 -21.86 -26.93 60.86
C PRO B 108 -23.10 -26.08 61.17
N HIS B 109 -23.77 -26.47 62.25
CA HIS B 109 -24.89 -25.69 62.74
C HIS B 109 -24.41 -24.36 63.28
N LEU B 110 -25.36 -23.41 63.41
CA LEU B 110 -25.03 -22.09 63.92
C LEU B 110 -24.37 -22.17 65.29
N GLU B 111 -24.90 -23.02 66.17
CA GLU B 111 -24.33 -23.18 67.50
C GLU B 111 -22.87 -23.57 67.44
N HIS B 112 -22.47 -24.37 66.44
CA HIS B 112 -21.08 -24.79 66.33
C HIS B 112 -20.19 -23.66 65.82
N LEU B 113 -20.65 -22.93 64.80
CA LEU B 113 -19.92 -21.74 64.36
C LEU B 113 -19.74 -20.74 65.50
N ASP B 114 -20.69 -20.72 66.44
CA ASP B 114 -20.58 -19.94 67.67
C ASP B 114 -19.46 -20.48 68.55
N MET B 115 -19.75 -21.57 69.27
CA MET B 115 -18.84 -22.28 70.16
C MET B 115 -17.35 -22.20 69.88
N PHE B 116 -16.96 -22.42 68.64
CA PHE B 116 -15.55 -22.59 68.28
C PHE B 116 -15.01 -21.33 67.65
N GLY B 117 -15.80 -20.25 67.63
CA GLY B 117 -15.35 -19.00 67.06
C GLY B 117 -14.72 -18.07 68.07
N ASP B 118 -15.03 -18.27 69.35
CA ASP B 118 -14.46 -17.49 70.43
C ASP B 118 -13.47 -18.35 71.20
N LYS B 119 -12.30 -17.80 71.49
CA LYS B 119 -11.26 -18.55 72.18
C LYS B 119 -11.74 -19.02 73.54
N VAL B 120 -12.48 -18.17 74.27
CA VAL B 120 -13.09 -18.59 75.52
C VAL B 120 -14.06 -19.74 75.26
N LYS B 121 -15.07 -19.49 74.42
CA LYS B 121 -16.12 -20.47 74.18
C LYS B 121 -15.56 -21.82 73.76
N ALA B 122 -14.69 -21.82 72.73
CA ALA B 122 -14.04 -23.05 72.32
C ALA B 122 -13.27 -23.70 73.46
N ARG B 123 -12.73 -22.89 74.38
CA ARG B 123 -12.02 -23.44 75.53
C ARG B 123 -12.98 -24.07 76.52
N THR B 124 -14.02 -23.34 76.94
CA THR B 124 -14.90 -23.88 77.97
C THR B 124 -15.73 -25.06 77.46
N THR B 125 -16.00 -25.12 76.15
CA THR B 125 -16.64 -26.30 75.60
C THR B 125 -15.67 -27.48 75.57
N ALA B 126 -14.40 -27.20 75.28
CA ALA B 126 -13.39 -28.25 75.31
C ALA B 126 -13.21 -28.84 76.70
N ILE B 127 -13.35 -28.00 77.74
CA ILE B 127 -13.24 -28.51 79.10
C ILE B 127 -14.49 -29.28 79.48
N LYS B 128 -15.67 -28.74 79.17
CA LYS B 128 -16.92 -29.39 79.52
C LYS B 128 -17.07 -30.74 78.83
N ALA B 129 -16.45 -30.90 77.66
CA ALA B 129 -16.46 -32.15 76.92
C ALA B 129 -15.32 -33.08 77.32
N ASP B 130 -14.65 -32.81 78.44
CA ASP B 130 -13.57 -33.63 78.97
C ASP B 130 -12.43 -33.76 77.93
N LEU B 131 -11.78 -32.63 77.69
CA LEU B 131 -10.65 -32.59 76.78
C LEU B 131 -9.51 -31.80 77.42
N PRO B 132 -8.26 -32.24 77.23
CA PRO B 132 -7.14 -31.54 77.86
C PRO B 132 -6.88 -30.19 77.19
N VAL B 133 -6.64 -29.19 78.03
CA VAL B 133 -6.39 -27.82 77.59
C VAL B 133 -5.12 -27.33 78.25
N ILE B 134 -4.58 -26.23 77.71
CA ILE B 134 -3.48 -25.51 78.34
C ILE B 134 -3.97 -24.97 79.68
N PRO B 135 -3.36 -25.35 80.80
CA PRO B 135 -3.75 -24.75 82.08
C PRO B 135 -3.53 -23.25 82.06
N GLY B 136 -4.42 -22.52 82.72
CA GLY B 136 -4.35 -21.08 82.70
C GLY B 136 -5.12 -20.47 83.83
N THR B 137 -4.65 -19.30 84.29
CA THR B 137 -5.37 -18.56 85.31
C THR B 137 -6.77 -18.21 84.82
N ASP B 138 -7.74 -18.27 85.73
CA ASP B 138 -9.14 -18.03 85.38
C ASP B 138 -9.29 -16.70 84.66
N GLY B 139 -8.91 -15.62 85.32
CA GLY B 139 -8.73 -14.35 84.65
C GLY B 139 -7.28 -13.97 84.62
N PRO B 140 -7.01 -12.69 84.46
CA PRO B 140 -5.67 -12.19 84.84
C PRO B 140 -5.59 -11.89 86.32
N ILE B 141 -4.71 -12.62 87.04
CA ILE B 141 -4.69 -12.57 88.50
C ILE B 141 -3.73 -11.48 88.98
N LYS B 142 -3.94 -11.04 90.21
CA LYS B 142 -2.97 -10.24 90.95
C LYS B 142 -2.46 -10.95 92.19
N SER B 143 -3.09 -12.04 92.59
CA SER B 143 -2.76 -12.72 93.84
C SER B 143 -1.59 -13.67 93.64
N TYR B 144 -0.54 -13.51 94.45
CA TYR B 144 0.52 -14.50 94.42
C TYR B 144 0.01 -15.86 94.85
N GLU B 145 -0.84 -15.90 95.89
CA GLU B 145 -1.44 -17.14 96.33
C GLU B 145 -2.09 -17.89 95.18
N LEU B 146 -2.74 -17.16 94.27
CA LEU B 146 -3.37 -17.81 93.12
C LEU B 146 -2.32 -18.32 92.14
N ALA B 147 -1.23 -17.57 91.96
CA ALA B 147 -0.16 -18.02 91.06
C ALA B 147 0.54 -19.23 91.64
N LYS B 148 0.92 -19.17 92.92
CA LYS B 148 1.53 -20.32 93.58
C LYS B 148 0.58 -21.52 93.58
N GLU B 149 -0.71 -21.27 93.80
CA GLU B 149 -1.70 -22.33 93.63
C GLU B 149 -1.66 -22.92 92.24
N PHE B 150 -1.57 -22.07 91.22
CA PHE B 150 -1.62 -22.55 89.85
C PHE B 150 -0.43 -23.44 89.52
N ALA B 151 0.79 -22.94 89.78
CA ALA B 151 1.99 -23.74 89.52
C ALA B 151 2.02 -25.02 90.32
N GLU B 152 1.24 -25.11 91.41
CA GLU B 152 1.07 -26.38 92.10
C GLU B 152 0.27 -27.34 91.24
N GLU B 153 -0.89 -26.90 90.76
CA GLU B 153 -1.71 -27.74 89.88
C GLU B 153 -1.06 -27.92 88.52
N ALA B 154 -0.39 -26.88 88.00
CA ALA B 154 0.14 -26.91 86.64
C ALA B 154 1.52 -27.55 86.54
N GLY B 155 2.42 -27.25 87.49
CA GLY B 155 3.82 -27.59 87.30
C GLY B 155 4.45 -26.65 86.30
N PHE B 156 5.72 -26.92 86.00
CA PHE B 156 6.53 -26.01 85.22
C PHE B 156 6.91 -26.61 83.87
N PRO B 157 7.34 -25.78 82.90
CA PRO B 157 7.54 -24.32 82.90
C PRO B 157 6.25 -23.52 82.75
N LEU B 158 6.28 -22.24 83.15
CA LEU B 158 5.13 -21.35 83.10
C LEU B 158 5.45 -20.12 82.26
N MET B 159 4.40 -19.53 81.68
CA MET B 159 4.50 -18.30 80.92
C MET B 159 3.55 -17.28 81.53
N ILE B 160 4.08 -16.13 81.92
CA ILE B 160 3.29 -15.02 82.43
C ILE B 160 3.13 -14.01 81.30
N LYS B 161 1.91 -13.85 80.82
CA LYS B 161 1.60 -12.94 79.72
C LYS B 161 0.86 -11.74 80.28
N ALA B 162 1.43 -10.55 80.09
CA ALA B 162 0.82 -9.32 80.56
C ALA B 162 -0.04 -8.69 79.46
N MET B 171 6.44 -10.64 78.34
CA MET B 171 5.97 -12.01 78.50
C MET B 171 7.09 -12.92 78.99
N ARG B 172 7.25 -13.01 80.30
CA ARG B 172 8.35 -13.76 80.89
C ARG B 172 8.01 -15.24 80.97
N ILE B 173 9.06 -16.06 81.04
CA ILE B 173 8.96 -17.50 81.21
C ILE B 173 9.61 -17.86 82.53
N VAL B 174 8.94 -18.71 83.31
CA VAL B 174 9.43 -19.14 84.61
C VAL B 174 9.62 -20.65 84.57
N ARG B 175 10.87 -21.09 84.72
CA ARG B 175 11.20 -22.52 84.61
C ARG B 175 11.22 -23.22 85.96
N GLU B 176 11.66 -22.53 87.02
CA GLU B 176 11.85 -23.14 88.32
C GLU B 176 10.98 -22.47 89.36
N GLU B 177 10.60 -23.23 90.39
CA GLU B 177 9.71 -22.73 91.43
C GLU B 177 10.27 -21.47 92.08
N SER B 178 11.57 -21.47 92.37
CA SER B 178 12.17 -20.34 93.08
C SER B 178 12.03 -19.04 92.31
N GLU B 179 11.96 -19.11 90.98
CA GLU B 179 11.89 -17.90 90.17
C GLU B 179 10.48 -17.32 90.08
N LEU B 180 9.45 -18.08 90.44
CA LEU B 180 8.08 -17.65 90.19
C LEU B 180 7.72 -16.42 91.01
N GLU B 181 8.04 -16.44 92.31
CA GLU B 181 7.68 -15.34 93.20
C GLU B 181 8.16 -14.00 92.63
N ASP B 182 9.46 -13.89 92.36
CA ASP B 182 10.00 -12.66 91.79
C ASP B 182 9.38 -12.37 90.43
N ALA B 183 9.37 -13.37 89.53
CA ALA B 183 8.89 -13.15 88.17
C ALA B 183 7.42 -12.73 88.13
N PHE B 184 6.60 -13.23 89.05
CA PHE B 184 5.19 -12.87 89.06
C PHE B 184 5.02 -11.38 89.35
N HIS B 185 5.66 -10.88 90.40
CA HIS B 185 5.54 -9.48 90.76
C HIS B 185 6.20 -8.56 89.74
N ARG B 186 7.19 -9.07 89.00
CA ARG B 186 7.82 -8.25 87.96
C ARG B 186 6.90 -8.09 86.76
N ALA B 187 6.33 -9.20 86.28
CA ALA B 187 5.37 -9.12 85.19
C ALA B 187 4.18 -8.25 85.56
N LYS B 188 3.78 -8.29 86.85
CA LYS B 188 2.76 -7.38 87.33
C LYS B 188 3.22 -5.92 87.22
N SER B 189 4.52 -5.68 87.43
CA SER B 189 5.03 -4.31 87.43
C SER B 189 4.92 -3.68 86.04
N GLU B 190 5.34 -4.41 85.00
CA GLU B 190 5.21 -3.87 83.65
C GLU B 190 3.76 -3.76 83.23
N ALA B 191 2.89 -4.64 83.74
CA ALA B 191 1.48 -4.57 83.40
C ALA B 191 0.86 -3.25 83.85
N GLU B 192 1.20 -2.79 85.06
CA GLU B 192 0.73 -1.49 85.51
C GLU B 192 1.45 -0.37 84.76
N LYS B 193 2.74 -0.57 84.46
CA LYS B 193 3.48 0.43 83.68
C LYS B 193 2.86 0.60 82.29
N SER B 194 2.42 -0.51 81.69
CA SER B 194 1.75 -0.45 80.40
C SER B 194 0.31 0.03 80.55
N ASN B 197 -5.00 -2.18 85.23
CA ASN B 197 -4.77 -3.20 86.25
C ASN B 197 -3.33 -3.70 86.21
N SER B 198 -2.82 -4.10 87.37
CA SER B 198 -1.58 -4.86 87.43
C SER B 198 -1.79 -6.33 87.14
N GLU B 199 -2.98 -6.69 86.70
CA GLU B 199 -3.32 -8.09 86.44
C GLU B 199 -2.44 -8.67 85.33
N VAL B 200 -2.12 -9.96 85.47
CA VAL B 200 -1.37 -10.72 84.48
C VAL B 200 -1.94 -12.12 84.42
N TYR B 201 -1.82 -12.75 83.26
CA TYR B 201 -2.28 -14.12 83.05
C TYR B 201 -1.09 -15.07 83.04
N ILE B 202 -1.28 -16.24 83.64
CA ILE B 202 -0.24 -17.28 83.69
C ILE B 202 -0.86 -18.57 83.17
N GLU B 203 -0.64 -18.87 81.90
CA GLU B 203 -0.92 -20.18 81.34
C GLU B 203 0.36 -21.01 81.34
N ARG B 204 0.21 -22.31 81.13
CA ARG B 204 1.36 -23.18 81.11
C ARG B 204 2.15 -22.99 79.82
N TYR B 205 3.47 -23.06 79.92
CA TYR B 205 4.33 -22.98 78.75
C TYR B 205 4.59 -24.38 78.20
N ILE B 206 4.56 -24.49 76.88
CA ILE B 206 4.77 -25.74 76.18
C ILE B 206 5.95 -25.57 75.24
N ASP B 207 7.02 -26.29 75.49
CA ASP B 207 8.27 -26.13 74.75
C ASP B 207 8.46 -27.26 73.75
N ASN B 208 8.94 -26.88 72.56
CA ASN B 208 9.14 -27.77 71.40
C ASN B 208 7.92 -28.65 71.15
N PRO B 209 6.77 -28.08 70.78
CA PRO B 209 5.58 -28.91 70.56
C PRO B 209 5.38 -29.31 69.11
N LYS B 210 4.74 -30.47 68.91
CA LYS B 210 4.24 -30.84 67.60
C LYS B 210 2.80 -30.36 67.47
N HIS B 211 2.51 -29.64 66.39
CA HIS B 211 1.17 -29.19 66.10
C HIS B 211 0.43 -30.28 65.33
N ILE B 212 -0.81 -30.58 65.72
CA ILE B 212 -1.48 -31.77 65.23
C ILE B 212 -2.96 -31.50 65.05
N GLU B 213 -3.50 -31.87 63.89
CA GLU B 213 -4.92 -31.80 63.60
C GLU B 213 -5.49 -33.22 63.53
N VAL B 214 -6.82 -33.28 63.68
CA VAL B 214 -7.58 -34.51 63.47
C VAL B 214 -8.80 -34.16 62.64
N GLN B 215 -9.00 -34.87 61.53
CA GLN B 215 -10.14 -34.62 60.66
C GLN B 215 -11.35 -35.39 61.16
N VAL B 216 -12.49 -34.71 61.23
CA VAL B 216 -13.74 -35.27 61.73
C VAL B 216 -14.85 -34.89 60.76
N ILE B 217 -15.74 -35.84 60.48
CA ILE B 217 -16.91 -35.59 59.64
C ILE B 217 -18.14 -36.19 60.32
N GLY B 218 -19.17 -35.37 60.50
CA GLY B 218 -20.44 -35.86 61.00
C GLY B 218 -21.54 -35.70 59.98
N ASP B 219 -22.67 -36.36 60.19
CA ASP B 219 -23.84 -36.21 59.34
C ASP B 219 -24.99 -35.63 60.16
N GLU B 220 -26.14 -35.47 59.50
CA GLU B 220 -27.33 -34.98 60.18
C GLU B 220 -27.93 -36.02 61.11
N HIS B 221 -27.33 -37.21 61.22
CA HIS B 221 -27.82 -38.27 62.08
C HIS B 221 -26.89 -38.52 63.27
N GLY B 222 -26.11 -37.51 63.66
CA GLY B 222 -25.22 -37.64 64.80
C GLY B 222 -23.97 -38.43 64.51
N ASN B 223 -24.06 -39.39 63.59
CA ASN B 223 -22.92 -40.24 63.24
C ASN B 223 -21.70 -39.40 62.92
N ILE B 224 -20.61 -39.68 63.62
CA ILE B 224 -19.35 -38.97 63.44
C ILE B 224 -18.25 -40.01 63.26
N VAL B 225 -17.34 -39.73 62.33
CA VAL B 225 -16.11 -40.50 62.17
C VAL B 225 -14.95 -39.53 62.15
N HIS B 226 -13.74 -40.07 62.23
CA HIS B 226 -12.53 -39.27 62.07
C HIS B 226 -11.64 -39.92 61.01
N LEU B 227 -11.06 -39.07 60.15
CA LEU B 227 -10.13 -39.52 59.12
C LEU B 227 -8.69 -39.35 59.57
N PHE B 228 -8.44 -39.61 60.86
CA PHE B 228 -7.11 -39.60 61.45
C PHE B 228 -6.46 -38.22 61.46
N GLU B 229 -5.17 -38.19 61.71
CA GLU B 229 -4.44 -36.95 61.93
C GLU B 229 -3.66 -36.54 60.68
N ARG B 230 -3.13 -35.33 60.73
CA ARG B 230 -2.12 -34.89 59.78
C ARG B 230 -1.28 -33.83 60.45
N ASP B 231 0.03 -33.98 60.36
CA ASP B 231 0.95 -33.13 61.10
C ASP B 231 1.11 -31.79 60.40
N CYS B 232 1.01 -30.70 61.16
CA CYS B 232 1.23 -29.37 60.63
C CYS B 232 2.35 -28.63 61.35
N SER B 233 3.09 -29.30 62.24
CA SER B 233 4.10 -28.64 63.05
C SER B 233 5.13 -27.87 62.22
N VAL B 234 5.32 -28.25 60.97
CA VAL B 234 6.18 -27.49 60.05
C VAL B 234 5.45 -26.20 59.68
N GLN B 235 5.66 -25.14 60.45
CA GLN B 235 4.94 -23.88 60.22
C GLN B 235 5.80 -22.70 60.67
N ARG B 236 5.82 -21.66 59.86
CA ARG B 236 6.68 -20.49 60.08
C ARG B 236 5.82 -19.30 60.53
N ARG B 237 5.95 -18.95 61.80
CA ARG B 237 5.38 -17.72 62.37
C ARG B 237 3.85 -17.70 62.22
N HIS B 238 3.21 -18.66 62.87
CA HIS B 238 1.75 -18.74 62.95
C HIS B 238 1.11 -18.71 61.57
N GLN B 239 1.78 -19.34 60.61
CA GLN B 239 1.23 -19.58 59.28
C GLN B 239 1.78 -20.91 58.80
N LYS B 240 0.92 -21.92 58.70
CA LYS B 240 1.37 -23.26 58.37
C LYS B 240 1.96 -23.30 56.97
N VAL B 241 3.10 -23.98 56.82
CA VAL B 241 3.80 -24.06 55.55
C VAL B 241 3.78 -25.46 54.98
N VAL B 242 3.85 -26.51 55.81
CA VAL B 242 3.92 -27.88 55.32
C VAL B 242 3.03 -28.78 56.19
N GLU B 243 2.44 -29.80 55.55
CA GLU B 243 1.55 -30.74 56.22
C GLU B 243 1.86 -32.16 55.77
N VAL B 244 1.72 -33.12 56.69
CA VAL B 244 2.03 -34.52 56.43
C VAL B 244 0.98 -35.40 57.09
N ALA B 245 0.38 -36.31 56.31
CA ALA B 245 -0.64 -37.23 56.81
C ALA B 245 -0.22 -38.67 56.57
N PRO B 246 -0.26 -39.53 57.59
CA PRO B 246 -0.49 -39.20 58.99
C PRO B 246 0.81 -38.69 59.58
N SER B 247 0.92 -38.45 60.89
CA SER B 247 2.20 -38.02 61.44
C SER B 247 3.16 -39.21 61.49
N VAL B 248 4.44 -38.91 61.29
CA VAL B 248 5.46 -39.96 61.14
C VAL B 248 6.07 -40.34 62.49
N GLY B 249 6.40 -39.35 63.32
CA GLY B 249 7.13 -39.65 64.55
C GLY B 249 6.28 -40.34 65.60
N LEU B 250 5.00 -39.99 65.65
CA LEU B 250 4.14 -40.46 66.73
C LEU B 250 3.92 -41.95 66.67
N SER B 251 3.81 -42.50 67.89
CA SER B 251 3.35 -43.86 68.08
C SER B 251 1.84 -43.96 68.01
N PRO B 252 1.34 -45.17 67.70
CA PRO B 252 -0.09 -45.44 67.62
C PRO B 252 -0.80 -45.10 68.95
N THR B 253 -0.11 -45.16 70.08
CA THR B 253 -0.82 -44.84 71.34
C THR B 253 -1.21 -43.36 71.38
N LEU B 254 -0.24 -42.45 71.21
CA LEU B 254 -0.55 -41.02 71.22
C LEU B 254 -1.58 -40.66 70.16
N ARG B 255 -1.34 -41.11 68.92
CA ARG B 255 -2.29 -40.87 67.83
C ARG B 255 -3.70 -41.30 68.22
N GLN B 256 -3.82 -42.43 68.91
CA GLN B 256 -5.14 -42.92 69.30
C GLN B 256 -5.74 -42.08 70.42
N ARG B 257 -4.95 -41.81 71.47
CA ARG B 257 -5.41 -40.89 72.51
C ARG B 257 -5.88 -39.58 71.92
N ILE B 258 -5.14 -39.07 70.92
CA ILE B 258 -5.49 -37.81 70.28
C ILE B 258 -6.81 -37.94 69.50
N CYS B 259 -6.96 -39.04 68.77
CA CYS B 259 -8.12 -39.18 67.89
C CYS B 259 -9.40 -39.37 68.70
N ASP B 260 -9.37 -40.26 69.69
CA ASP B 260 -10.53 -40.41 70.58
C ASP B 260 -10.85 -39.09 71.27
N ALA B 261 -9.82 -38.32 71.63
CA ALA B 261 -10.04 -37.00 72.23
C ALA B 261 -10.86 -36.12 71.30
N ALA B 262 -10.49 -36.07 70.01
CA ALA B 262 -11.23 -35.25 69.07
C ALA B 262 -12.65 -35.79 68.87
N ILE B 263 -12.80 -37.11 68.80
CA ILE B 263 -14.13 -37.70 68.68
C ILE B 263 -14.95 -37.41 69.94
N GLN B 264 -14.30 -37.46 71.10
CA GLN B 264 -14.96 -37.10 72.35
C GLN B 264 -15.58 -35.71 72.27
N LEU B 265 -14.81 -34.74 71.77
CA LEU B 265 -15.32 -33.37 71.69
C LEU B 265 -16.48 -33.27 70.72
N MET B 266 -16.31 -33.78 69.50
CA MET B 266 -17.31 -33.55 68.46
C MET B 266 -18.59 -34.34 68.73
N GLU B 267 -18.46 -35.57 69.21
CA GLU B 267 -19.65 -36.34 69.59
C GLU B 267 -20.44 -35.62 70.68
N ASN B 268 -19.73 -35.02 71.64
CA ASN B 268 -20.37 -34.45 72.82
C ASN B 268 -21.18 -33.19 72.50
N ILE B 269 -20.96 -32.56 71.35
CA ILE B 269 -21.72 -31.38 71.00
C ILE B 269 -22.38 -31.54 69.64
N LYS B 270 -22.52 -32.79 69.21
CA LYS B 270 -23.26 -33.16 68.00
C LYS B 270 -22.84 -32.31 66.80
N TYR B 271 -21.53 -32.33 66.54
CA TYR B 271 -20.99 -31.60 65.41
C TYR B 271 -21.49 -32.18 64.10
N VAL B 272 -21.70 -31.31 63.11
CA VAL B 272 -22.25 -31.68 61.83
C VAL B 272 -21.28 -31.24 60.74
N ASN B 273 -21.23 -32.02 59.65
CA ASN B 273 -20.38 -31.74 58.50
C ASN B 273 -18.91 -31.95 58.86
N ALA B 274 -18.00 -31.55 57.97
CA ALA B 274 -16.59 -31.76 58.23
C ALA B 274 -16.07 -30.75 59.24
N GLY B 275 -15.08 -31.18 60.02
CA GLY B 275 -14.48 -30.33 61.03
C GLY B 275 -13.13 -30.85 61.43
N THR B 276 -12.36 -29.97 62.08
CA THR B 276 -10.99 -30.27 62.46
C THR B 276 -10.75 -29.80 63.88
N VAL B 277 -10.14 -30.67 64.70
CA VAL B 277 -9.73 -30.34 66.05
C VAL B 277 -8.20 -30.25 66.06
N GLU B 278 -7.67 -29.17 66.63
CA GLU B 278 -6.25 -28.84 66.54
C GLU B 278 -5.61 -28.99 67.91
N PHE B 279 -4.97 -30.14 68.14
CA PHE B 279 -4.26 -30.34 69.39
C PHE B 279 -2.81 -29.88 69.26
N LEU B 280 -2.14 -29.75 70.42
CA LEU B 280 -0.72 -29.48 70.50
C LEU B 280 -0.07 -30.60 71.29
N VAL B 281 0.94 -31.23 70.71
CA VAL B 281 1.52 -32.45 71.26
C VAL B 281 2.93 -32.14 71.76
N SER B 282 3.14 -32.32 73.05
CA SER B 282 4.43 -32.12 73.69
C SER B 282 4.78 -33.36 74.51
N GLY B 283 5.90 -33.98 74.18
CA GLY B 283 6.30 -35.20 74.87
C GLY B 283 5.24 -36.27 74.67
N ASP B 284 4.73 -36.80 75.79
CA ASP B 284 3.59 -37.71 75.77
C ASP B 284 2.31 -37.01 76.22
N GLU B 285 2.36 -35.71 76.43
CA GLU B 285 1.17 -34.91 76.72
C GLU B 285 0.62 -34.31 75.43
N PHE B 286 -0.68 -34.02 75.45
CA PHE B 286 -1.33 -33.33 74.34
C PHE B 286 -2.49 -32.52 74.89
N PHE B 287 -2.76 -31.37 74.27
CA PHE B 287 -3.76 -30.43 74.75
C PHE B 287 -4.52 -29.81 73.58
N PHE B 288 -5.81 -29.54 73.83
CA PHE B 288 -6.67 -28.93 72.84
C PHE B 288 -6.31 -27.46 72.64
N ILE B 289 -6.57 -26.96 71.43
CA ILE B 289 -6.27 -25.57 71.08
C ILE B 289 -7.50 -24.90 70.48
N GLU B 290 -7.98 -25.42 69.35
CA GLU B 290 -9.09 -24.80 68.65
C GLU B 290 -9.75 -25.85 67.73
N VAL B 291 -10.80 -25.42 67.05
CA VAL B 291 -11.51 -26.24 66.07
C VAL B 291 -11.81 -25.35 64.87
N ASN B 292 -11.37 -25.79 63.68
CA ASN B 292 -11.66 -25.06 62.46
C ASN B 292 -12.93 -25.61 61.82
N PRO B 293 -14.08 -24.94 61.98
CA PRO B 293 -15.37 -25.49 61.54
C PRO B 293 -15.61 -25.40 60.04
N ARG B 294 -14.61 -25.81 59.25
CA ARG B 294 -14.73 -25.75 57.80
C ARG B 294 -13.71 -26.69 57.18
N VAL B 295 -13.82 -26.86 55.86
CA VAL B 295 -12.79 -27.57 55.11
C VAL B 295 -11.48 -26.79 55.20
N GLN B 296 -10.36 -27.49 55.07
CA GLN B 296 -9.05 -26.87 55.15
C GLN B 296 -8.26 -27.13 53.88
N VAL B 297 -7.36 -26.20 53.58
CA VAL B 297 -6.48 -26.31 52.41
C VAL B 297 -5.73 -27.63 52.42
N GLU B 298 -5.41 -28.14 53.60
CA GLU B 298 -4.70 -29.41 53.77
C GLU B 298 -5.64 -30.62 53.75
N HIS B 299 -6.89 -30.44 53.34
CA HIS B 299 -7.82 -31.57 53.27
C HIS B 299 -7.37 -32.63 52.28
N THR B 300 -6.51 -32.28 51.32
CA THR B 300 -6.17 -33.21 50.26
C THR B 300 -5.23 -34.32 50.73
N ILE B 301 -4.40 -34.07 51.74
CA ILE B 301 -3.49 -35.13 52.17
C ILE B 301 -4.21 -36.16 53.04
N THR B 302 -5.26 -35.77 53.73
CA THR B 302 -6.11 -36.73 54.42
C THR B 302 -7.02 -37.46 53.44
N GLU B 303 -7.26 -36.89 52.25
CA GLU B 303 -8.01 -37.59 51.22
C GLU B 303 -7.18 -38.70 50.58
N MET B 304 -5.92 -38.41 50.23
CA MET B 304 -5.09 -39.42 49.59
C MET B 304 -4.83 -40.59 50.53
N VAL B 305 -4.59 -40.31 51.81
CA VAL B 305 -4.18 -41.34 52.75
C VAL B 305 -5.36 -42.19 53.20
N THR B 306 -6.57 -41.63 53.19
CA THR B 306 -7.76 -42.35 53.64
C THR B 306 -8.72 -42.73 52.53
N GLY B 307 -8.57 -42.18 51.32
CA GLY B 307 -9.50 -42.42 50.24
C GLY B 307 -10.85 -41.75 50.39
N ILE B 308 -11.17 -41.21 51.56
CA ILE B 308 -12.46 -40.57 51.77
C ILE B 308 -12.46 -39.20 51.09
N ASP B 309 -13.54 -38.89 50.39
CA ASP B 309 -13.69 -37.65 49.65
C ASP B 309 -14.33 -36.63 50.57
N ILE B 310 -13.51 -35.73 51.14
CA ILE B 310 -14.02 -34.79 52.13
C ILE B 310 -15.00 -33.80 51.49
N VAL B 311 -14.67 -33.29 50.31
CA VAL B 311 -15.51 -32.25 49.70
C VAL B 311 -16.85 -32.83 49.27
N LYS B 312 -16.84 -33.99 48.63
CA LYS B 312 -18.09 -34.61 48.23
C LYS B 312 -18.94 -34.98 49.44
N THR B 313 -18.31 -35.54 50.48
CA THR B 313 -19.03 -35.88 51.71
C THR B 313 -19.68 -34.64 52.32
N GLN B 314 -19.04 -33.47 52.17
CA GLN B 314 -19.59 -32.24 52.73
C GLN B 314 -20.96 -31.94 52.15
N ILE B 315 -21.06 -31.89 50.81
CA ILE B 315 -22.34 -31.62 50.16
C ILE B 315 -23.36 -32.69 50.54
N LEU B 316 -22.96 -33.96 50.45
CA LEU B 316 -23.87 -35.05 50.74
C LEU B 316 -24.43 -34.94 52.15
N VAL B 317 -23.56 -34.70 53.13
CA VAL B 317 -24.01 -34.55 54.51
C VAL B 317 -24.98 -33.37 54.62
N ALA B 318 -24.66 -32.26 53.97
CA ALA B 318 -25.56 -31.12 53.98
C ALA B 318 -26.87 -31.39 53.23
N ALA B 319 -26.87 -32.36 52.31
CA ALA B 319 -28.08 -32.74 51.60
C ALA B 319 -28.93 -33.75 52.36
N GLY B 320 -28.54 -34.07 53.60
CA GLY B 320 -29.30 -34.98 54.44
C GLY B 320 -28.81 -36.41 54.44
N ALA B 321 -27.74 -36.72 53.72
CA ALA B 321 -27.29 -38.10 53.60
C ALA B 321 -26.75 -38.61 54.93
N ASP B 322 -26.86 -39.93 55.12
CA ASP B 322 -26.28 -40.62 56.27
C ASP B 322 -24.87 -41.04 55.95
N LEU B 323 -24.00 -40.99 56.96
CA LEU B 323 -22.58 -41.29 56.76
C LEU B 323 -22.39 -42.68 56.15
N PHE B 324 -23.10 -43.68 56.67
CA PHE B 324 -22.96 -45.05 56.23
C PHE B 324 -24.01 -45.46 55.21
N GLY B 325 -24.74 -44.50 54.65
CA GLY B 325 -25.69 -44.77 53.60
C GLY B 325 -25.00 -45.03 52.27
N GLU B 326 -25.80 -45.08 51.22
CA GLU B 326 -25.28 -45.49 49.92
C GLU B 326 -24.58 -44.36 49.17
N GLU B 327 -25.01 -43.11 49.36
CA GLU B 327 -24.41 -42.01 48.60
C GLU B 327 -23.00 -41.70 49.11
N ILE B 328 -22.84 -41.49 50.42
CA ILE B 328 -21.53 -41.22 50.98
C ILE B 328 -20.69 -42.48 51.03
N ASN B 329 -21.31 -43.60 51.42
CA ASN B 329 -20.64 -44.88 51.62
C ASN B 329 -19.33 -44.75 52.40
N MET B 330 -19.36 -43.96 53.48
CA MET B 330 -18.23 -43.93 54.38
C MET B 330 -18.04 -45.30 55.02
N PRO B 331 -16.81 -45.79 55.11
CA PRO B 331 -16.59 -47.04 55.85
C PRO B 331 -16.91 -46.85 57.32
N GLN B 332 -17.20 -47.96 57.99
CA GLN B 332 -17.33 -47.91 59.44
C GLN B 332 -16.00 -47.45 60.04
N GLN B 333 -16.10 -46.87 61.25
CA GLN B 333 -14.92 -46.26 61.86
C GLN B 333 -13.77 -47.25 61.97
N LYS B 334 -14.07 -48.51 62.27
CA LYS B 334 -13.03 -49.53 62.43
C LYS B 334 -12.36 -49.91 61.12
N ASP B 335 -12.76 -49.33 59.99
CA ASP B 335 -12.15 -49.65 58.71
C ASP B 335 -11.58 -48.44 57.98
N ILE B 336 -11.88 -47.22 58.43
CA ILE B 336 -11.21 -46.02 57.91
C ILE B 336 -9.75 -46.10 58.29
N THR B 337 -8.87 -46.24 57.30
CA THR B 337 -7.45 -46.47 57.59
C THR B 337 -6.55 -45.49 56.84
N THR B 338 -5.25 -45.77 56.85
CA THR B 338 -4.25 -44.96 56.17
C THR B 338 -3.43 -45.84 55.24
N LEU B 339 -3.24 -45.37 54.01
CA LEU B 339 -2.41 -46.05 53.02
C LEU B 339 -1.29 -45.10 52.64
N GLY B 340 -0.08 -45.40 53.08
CA GLY B 340 1.05 -44.56 52.76
C GLY B 340 1.03 -43.24 53.52
N TYR B 341 1.78 -42.28 52.96
CA TYR B 341 1.93 -40.96 53.55
C TYR B 341 1.82 -39.91 52.45
N ALA B 342 1.24 -38.76 52.78
CA ALA B 342 1.06 -37.67 51.84
C ALA B 342 1.61 -36.38 52.43
N ILE B 343 2.07 -35.49 51.55
CA ILE B 343 2.58 -34.18 51.94
C ILE B 343 1.96 -33.13 51.03
N GLN B 344 1.72 -31.94 51.58
CA GLN B 344 1.26 -30.82 50.78
C GLN B 344 1.91 -29.54 51.26
N CYS B 345 2.50 -28.80 50.33
CA CYS B 345 2.88 -27.41 50.53
C CYS B 345 2.21 -26.58 49.45
N ARG B 346 1.87 -25.35 49.80
CA ARG B 346 1.31 -24.40 48.84
C ARG B 346 2.43 -23.55 48.26
N ILE B 347 2.27 -23.18 47.00
CA ILE B 347 3.27 -22.38 46.30
C ILE B 347 2.71 -20.99 46.08
N THR B 348 3.30 -20.02 46.75
CA THR B 348 2.86 -18.64 46.74
C THR B 348 3.91 -17.77 46.05
N THR B 349 3.57 -16.50 45.88
CA THR B 349 4.51 -15.53 45.37
C THR B 349 5.22 -14.78 46.49
N GLU B 350 5.08 -15.23 47.73
CA GLU B 350 5.84 -14.65 48.83
C GLU B 350 7.33 -14.75 48.56
N ASP B 351 8.07 -13.69 48.91
CA ASP B 351 9.50 -13.63 48.67
C ASP B 351 10.27 -14.16 49.87
N PRO B 352 10.82 -15.39 49.79
CA PRO B 352 11.59 -15.92 50.93
C PRO B 352 12.84 -15.12 51.25
N LEU B 353 13.27 -14.22 50.36
CA LEU B 353 14.40 -13.35 50.63
C LEU B 353 13.98 -11.93 50.99
N ASN B 354 12.73 -11.73 51.41
CA ASN B 354 12.25 -10.40 51.75
C ASN B 354 11.22 -10.49 52.88
N ASP B 355 11.47 -11.36 53.85
CA ASP B 355 10.54 -11.60 54.96
C ASP B 355 9.17 -12.00 54.44
N PHE B 356 9.15 -12.77 53.35
CA PHE B 356 7.92 -13.31 52.76
C PHE B 356 6.92 -12.22 52.45
N MET B 357 7.12 -11.50 51.34
CA MET B 357 6.15 -10.52 50.90
C MET B 357 5.48 -11.01 49.62
N PRO B 358 4.15 -10.99 49.55
CA PRO B 358 3.46 -11.42 48.34
C PRO B 358 3.89 -10.61 47.12
N ASP B 359 4.66 -11.23 46.23
CA ASP B 359 4.99 -10.59 44.96
C ASP B 359 3.70 -10.23 44.21
N THR B 360 3.82 -9.33 43.25
CA THR B 360 2.66 -8.89 42.48
C THR B 360 3.12 -8.46 41.10
N GLY B 361 2.83 -9.29 40.11
CA GLY B 361 3.16 -8.99 38.73
C GLY B 361 2.29 -9.76 37.77
N THR B 362 2.87 -10.25 36.68
CA THR B 362 2.17 -11.08 35.72
C THR B 362 3.02 -12.30 35.41
N ILE B 363 2.49 -13.49 35.70
CA ILE B 363 3.16 -14.71 35.26
C ILE B 363 3.24 -14.70 33.75
N ILE B 364 4.46 -14.73 33.22
CA ILE B 364 4.65 -14.76 31.77
C ILE B 364 4.89 -16.19 31.25
N ALA B 365 5.28 -17.11 32.12
CA ALA B 365 5.51 -18.49 31.70
C ALA B 365 5.16 -19.43 32.86
N TYR B 366 4.47 -20.52 32.54
CA TYR B 366 4.08 -21.51 33.53
C TYR B 366 4.17 -22.89 32.90
N ARG B 367 4.93 -23.78 33.53
CA ARG B 367 4.87 -25.21 33.23
C ARG B 367 4.94 -25.95 34.55
N SER B 368 4.07 -26.95 34.69
CA SER B 368 3.88 -27.65 35.95
C SER B 368 4.57 -29.02 35.91
N SER B 369 4.16 -29.90 36.81
CA SER B 369 4.68 -31.27 36.85
C SER B 369 3.54 -32.27 36.68
N GLY B 370 2.77 -32.47 37.74
CA GLY B 370 1.77 -33.52 37.68
C GLY B 370 2.45 -34.88 37.65
N GLY B 371 1.71 -35.86 37.15
CA GLY B 371 2.21 -37.22 37.10
C GLY B 371 1.87 -38.00 38.34
N PHE B 372 1.93 -39.32 38.21
CA PHE B 372 1.41 -40.22 39.24
C PHE B 372 1.99 -39.90 40.61
N GLY B 373 1.13 -39.97 41.63
CA GLY B 373 1.47 -39.61 42.98
C GLY B 373 1.24 -38.15 43.30
N VAL B 374 1.43 -37.27 42.32
CA VAL B 374 1.28 -35.84 42.49
C VAL B 374 -0.18 -35.47 42.20
N ARG B 375 -0.67 -34.43 42.89
CA ARG B 375 -1.99 -33.87 42.60
C ARG B 375 -1.90 -32.36 42.66
N LEU B 376 -1.87 -31.73 41.49
CA LEU B 376 -1.83 -30.28 41.40
C LEU B 376 -3.24 -29.70 41.53
N ASP B 377 -3.31 -28.51 42.13
CA ASP B 377 -4.55 -27.75 42.22
C ASP B 377 -4.20 -26.28 42.00
N ALA B 378 -4.52 -25.77 40.81
CA ALA B 378 -4.10 -24.44 40.42
C ALA B 378 -5.09 -23.38 40.88
N GLY B 379 -4.55 -22.20 41.22
CA GLY B 379 -5.38 -21.07 41.59
C GLY B 379 -5.07 -19.85 40.75
N ASP B 380 -4.23 -18.96 41.28
CA ASP B 380 -3.84 -17.74 40.58
C ASP B 380 -2.55 -17.91 39.77
N GLY B 381 -2.17 -19.15 39.47
CA GLY B 381 -0.98 -19.41 38.69
C GLY B 381 -1.28 -20.16 37.40
N PHE B 382 -1.45 -19.42 36.30
CA PHE B 382 -1.66 -20.03 34.99
C PHE B 382 -0.80 -19.29 33.97
N GLN B 383 -1.14 -19.44 32.70
CA GLN B 383 -0.26 -18.97 31.63
C GLN B 383 -0.19 -17.44 31.61
N GLY B 384 -1.34 -16.77 31.69
CA GLY B 384 -1.37 -15.33 31.61
C GLY B 384 -1.94 -14.66 32.84
N ALA B 385 -1.61 -15.17 34.02
CA ALA B 385 -2.16 -14.65 35.26
C ALA B 385 -1.47 -13.34 35.63
N GLU B 386 -2.27 -12.34 36.00
CA GLU B 386 -1.80 -11.10 36.59
C GLU B 386 -2.23 -11.12 38.05
N ILE B 387 -1.30 -11.47 38.93
CA ILE B 387 -1.66 -11.69 40.33
C ILE B 387 -1.73 -10.35 41.07
N SER B 388 -2.86 -10.12 41.73
CA SER B 388 -3.15 -8.88 42.41
C SER B 388 -2.72 -8.98 43.87
N PRO B 389 -2.68 -7.86 44.60
CA PRO B 389 -2.21 -7.91 46.00
C PRO B 389 -3.29 -7.95 47.07
N TYR B 390 -4.58 -8.11 46.73
CA TYR B 390 -5.64 -8.12 47.72
C TYR B 390 -6.15 -9.52 48.06
N TYR B 391 -5.54 -10.56 47.49
CA TYR B 391 -5.94 -11.93 47.75
C TYR B 391 -4.75 -12.74 48.22
N ASP B 392 -5.00 -13.64 49.18
CA ASP B 392 -4.00 -14.61 49.61
C ASP B 392 -3.38 -15.26 48.37
N SER B 393 -2.15 -14.87 48.04
CA SER B 393 -1.51 -15.41 46.85
C SER B 393 -1.45 -16.93 46.93
N LEU B 394 -2.01 -17.59 45.93
CA LEU B 394 -1.96 -19.04 45.83
C LEU B 394 -1.80 -19.39 44.36
N LEU B 395 -0.59 -19.80 43.98
CA LEU B 395 -0.33 -20.15 42.58
C LEU B 395 -0.85 -21.57 42.29
N VAL B 396 -0.20 -22.57 42.87
CA VAL B 396 -0.63 -23.95 42.75
C VAL B 396 -0.51 -24.61 44.12
N LYS B 397 -1.44 -25.52 44.41
CA LYS B 397 -1.41 -26.30 45.63
C LYS B 397 -0.81 -27.66 45.32
N LEU B 398 0.40 -27.90 45.81
CA LEU B 398 1.16 -29.10 45.51
C LEU B 398 0.92 -30.12 46.62
N SER B 399 0.47 -31.32 46.23
CA SER B 399 0.19 -32.39 47.17
C SER B 399 0.55 -33.72 46.54
N THR B 400 1.36 -34.52 47.23
CA THR B 400 1.90 -35.77 46.68
C THR B 400 1.59 -36.92 47.64
N HIS B 401 2.01 -38.12 47.27
CA HIS B 401 1.57 -39.32 47.97
C HIS B 401 2.43 -40.51 47.56
N ALA B 402 2.72 -41.39 48.52
CA ALA B 402 3.48 -42.61 48.27
C ALA B 402 3.33 -43.52 49.48
N ILE B 403 3.75 -44.77 49.31
CA ILE B 403 3.63 -45.76 50.38
C ILE B 403 4.57 -45.43 51.53
N SER B 404 5.68 -44.74 51.26
CA SER B 404 6.63 -44.38 52.30
C SER B 404 6.75 -42.86 52.35
N PHE B 405 6.92 -42.34 53.57
CA PHE B 405 7.20 -40.92 53.75
C PHE B 405 8.35 -40.46 52.86
N LYS B 406 9.40 -41.28 52.78
CA LYS B 406 10.56 -40.93 51.96
C LYS B 406 10.17 -40.76 50.49
N GLN B 407 9.51 -41.78 49.92
CA GLN B 407 9.06 -41.67 48.53
C GLN B 407 8.13 -40.49 48.34
N ALA B 408 7.23 -40.25 49.30
CA ALA B 408 6.34 -39.10 49.22
C ALA B 408 7.11 -37.79 49.16
N GLU B 409 8.34 -37.78 49.69
CA GLU B 409 9.13 -36.56 49.66
C GLU B 409 9.87 -36.39 48.34
N GLU B 410 10.36 -37.48 47.74
CA GLU B 410 11.09 -37.33 46.49
C GLU B 410 10.16 -37.06 45.33
N LYS B 411 8.93 -37.56 45.38
CA LYS B 411 7.89 -37.05 44.49
C LYS B 411 7.73 -35.55 44.67
N MET B 412 7.85 -35.08 45.92
CA MET B 412 7.66 -33.66 46.20
C MET B 412 8.85 -32.84 45.72
N VAL B 413 10.07 -33.32 45.94
CA VAL B 413 11.25 -32.53 45.60
C VAL B 413 11.34 -32.35 44.09
N ARG B 414 11.04 -33.39 43.32
CA ARG B 414 11.10 -33.25 41.86
C ARG B 414 9.95 -32.41 41.35
N SER B 415 8.75 -32.56 41.94
CA SER B 415 7.62 -31.75 41.53
C SER B 415 7.95 -30.27 41.65
N LEU B 416 8.56 -29.87 42.76
CA LEU B 416 8.93 -28.48 42.94
C LEU B 416 10.00 -28.06 41.93
N ARG B 417 10.93 -28.95 41.62
CA ARG B 417 12.05 -28.58 40.76
C ARG B 417 11.64 -28.49 39.31
N GLU B 418 10.91 -29.50 38.80
CA GLU B 418 10.53 -29.53 37.39
C GLU B 418 9.58 -28.40 37.00
N MET B 419 9.05 -27.65 37.97
CA MET B 419 8.12 -26.58 37.65
C MET B 419 8.86 -25.29 37.26
N ARG B 420 8.19 -24.48 36.44
CA ARG B 420 8.71 -23.18 36.06
C ARG B 420 7.60 -22.15 36.13
N ILE B 421 7.87 -21.06 36.84
CA ILE B 421 6.92 -19.97 36.95
C ILE B 421 7.70 -18.66 36.79
N ARG B 422 7.65 -18.09 35.60
CA ARG B 422 8.47 -16.94 35.24
C ARG B 422 7.64 -15.66 35.30
N GLY B 423 8.28 -14.57 35.75
CA GLY B 423 7.65 -13.27 35.77
C GLY B 423 7.17 -12.81 37.13
N VAL B 424 7.18 -13.69 38.13
CA VAL B 424 6.87 -13.32 39.51
C VAL B 424 7.74 -14.18 40.41
N LYS B 425 8.00 -13.69 41.62
CA LYS B 425 8.74 -14.47 42.59
C LYS B 425 7.85 -15.58 43.16
N THR B 426 8.51 -16.61 43.68
CA THR B 426 7.82 -17.72 44.33
C THR B 426 8.56 -18.08 45.62
N ASN B 427 7.95 -18.96 46.40
CA ASN B 427 8.63 -19.61 47.51
C ASN B 427 9.03 -21.04 47.17
N ILE B 428 9.08 -21.37 45.88
CA ILE B 428 9.59 -22.68 45.46
C ILE B 428 10.96 -22.98 46.07
N PRO B 429 12.00 -22.14 45.89
CA PRO B 429 13.31 -22.51 46.45
C PRO B 429 13.30 -22.75 47.95
N PHE B 430 12.59 -21.90 48.70
CA PHE B 430 12.48 -22.08 50.14
C PHE B 430 11.85 -23.43 50.48
N LEU B 431 10.82 -23.83 49.74
CA LEU B 431 10.15 -25.10 50.02
C LEU B 431 11.05 -26.28 49.68
N ILE B 432 11.83 -26.18 48.60
CA ILE B 432 12.69 -27.29 48.19
C ILE B 432 13.69 -27.62 49.29
N ASN B 433 14.18 -26.59 49.98
CA ASN B 433 15.11 -26.82 51.08
C ASN B 433 14.42 -27.54 52.24
N VAL B 434 13.18 -27.18 52.55
CA VAL B 434 12.45 -27.85 53.61
C VAL B 434 12.29 -29.33 53.30
N MET B 435 12.05 -29.67 52.03
CA MET B 435 11.89 -31.06 51.65
C MET B 435 13.17 -31.86 51.88
N LYS B 436 14.31 -31.32 51.43
CA LYS B 436 15.57 -32.04 51.52
C LYS B 436 16.22 -31.96 52.91
N ASN B 437 15.89 -30.93 53.69
CA ASN B 437 16.48 -30.78 55.02
C ASN B 437 16.19 -32.01 55.87
N LYS B 438 17.25 -32.55 56.49
CA LYS B 438 17.12 -33.79 57.25
C LYS B 438 16.24 -33.62 58.49
N LYS B 439 16.17 -32.41 59.04
CA LYS B 439 15.31 -32.19 60.20
C LYS B 439 13.84 -32.39 59.85
N PHE B 440 13.47 -32.12 58.60
CA PHE B 440 12.13 -32.45 58.12
C PHE B 440 12.01 -33.93 57.80
N THR B 441 13.07 -34.52 57.23
CA THR B 441 13.06 -35.92 56.82
C THR B 441 13.04 -36.86 58.03
N SER B 442 13.47 -36.39 59.20
CA SER B 442 13.54 -37.25 60.38
C SER B 442 12.21 -37.93 60.66
N GLY B 443 11.11 -37.22 60.42
CA GLY B 443 9.78 -37.68 60.76
C GLY B 443 9.19 -36.99 61.97
N ASP B 444 10.02 -36.43 62.83
CA ASP B 444 9.59 -35.57 63.92
C ASP B 444 10.30 -34.24 63.79
N TYR B 445 9.53 -33.15 63.88
CA TYR B 445 10.07 -31.81 63.88
C TYR B 445 9.13 -30.95 64.71
N THR B 446 9.69 -29.97 65.41
CA THR B 446 8.88 -29.09 66.24
C THR B 446 8.49 -27.84 65.46
N THR B 447 7.46 -27.15 65.97
CA THR B 447 7.08 -25.86 65.39
C THR B 447 8.25 -24.90 65.36
N LYS B 448 9.28 -25.15 66.17
CA LYS B 448 10.57 -24.46 66.04
C LYS B 448 11.50 -25.33 65.20
N PHE B 449 11.16 -25.42 63.91
CA PHE B 449 12.01 -26.05 62.90
C PHE B 449 12.51 -25.04 61.89
N ILE B 450 11.62 -24.19 61.38
CA ILE B 450 12.04 -23.07 60.55
C ILE B 450 12.95 -22.13 61.35
N GLU B 451 12.64 -21.93 62.62
CA GLU B 451 13.47 -21.05 63.44
C GLU B 451 14.82 -21.68 63.72
N GLU B 452 14.87 -22.99 63.95
CA GLU B 452 16.09 -23.66 64.37
C GLU B 452 16.79 -24.41 63.25
N THR B 453 16.30 -24.32 62.02
CA THR B 453 16.99 -24.88 60.86
C THR B 453 17.09 -23.83 59.78
N PRO B 454 18.28 -23.32 59.49
CA PRO B 454 18.43 -22.26 58.48
C PRO B 454 18.62 -22.75 57.06
N GLU B 455 18.84 -24.05 56.85
CA GLU B 455 19.03 -24.56 55.50
C GLU B 455 17.85 -24.24 54.59
N LEU B 456 16.66 -24.00 55.16
CA LEU B 456 15.49 -23.66 54.38
C LEU B 456 15.61 -22.30 53.71
N PHE B 457 16.57 -21.48 54.10
CA PHE B 457 16.69 -20.11 53.62
C PHE B 457 17.92 -19.87 52.75
N ASP B 458 18.75 -20.88 52.50
CA ASP B 458 19.97 -20.69 51.70
C ASP B 458 19.65 -20.91 50.23
N ILE B 459 18.87 -19.98 49.68
CA ILE B 459 18.31 -20.13 48.35
C ILE B 459 19.07 -19.21 47.39
N GLN B 460 19.80 -19.81 46.47
CA GLN B 460 20.37 -19.06 45.36
C GLN B 460 19.27 -18.80 44.32
N PRO B 461 19.36 -17.68 43.59
CA PRO B 461 18.28 -17.35 42.64
C PRO B 461 18.36 -18.20 41.39
N SER B 462 17.69 -17.77 40.32
CA SER B 462 17.74 -18.46 39.05
C SER B 462 17.86 -17.46 37.92
N LEU B 463 18.61 -17.84 36.90
CA LEU B 463 18.59 -17.10 35.65
C LEU B 463 17.39 -17.53 34.82
N ASP B 464 17.14 -16.77 33.74
CA ASP B 464 16.04 -17.06 32.82
C ASP B 464 16.58 -16.83 31.41
N ARG B 465 17.49 -17.71 30.99
CA ARG B 465 18.17 -17.52 29.71
C ARG B 465 17.21 -17.66 28.54
N GLY B 466 16.27 -18.60 28.63
CA GLY B 466 15.37 -18.85 27.51
C GLY B 466 14.52 -17.63 27.16
N THR B 467 13.80 -17.11 28.15
CA THR B 467 13.03 -15.88 27.95
C THR B 467 13.91 -14.76 27.40
N LYS B 468 15.17 -14.70 27.84
CA LYS B 468 16.06 -13.64 27.37
C LYS B 468 16.48 -13.88 25.93
N THR B 469 16.55 -15.14 25.49
CA THR B 469 16.80 -15.39 24.07
C THR B 469 15.59 -15.04 23.22
N LEU B 470 14.38 -15.41 23.68
CA LEU B 470 13.17 -14.97 22.99
C LEU B 470 13.11 -13.46 22.89
N GLU B 471 13.57 -12.77 23.94
CA GLU B 471 13.50 -11.31 23.94
C GLU B 471 14.45 -10.72 22.91
N TYR B 472 15.67 -11.24 22.84
CA TYR B 472 16.65 -10.70 21.89
C TYR B 472 16.19 -10.95 20.45
N ILE B 473 15.98 -12.22 20.09
CA ILE B 473 15.61 -12.57 18.72
C ILE B 473 14.40 -11.77 18.27
N GLY B 474 13.40 -11.65 19.15
CA GLY B 474 12.25 -10.84 18.81
C GLY B 474 12.59 -9.38 18.62
N ASN B 475 13.41 -8.82 19.53
CA ASN B 475 13.76 -7.41 19.47
C ASN B 475 14.47 -7.09 18.16
N VAL B 476 15.42 -7.93 17.75
CA VAL B 476 16.12 -7.70 16.50
C VAL B 476 15.19 -7.93 15.31
N THR B 477 14.28 -8.90 15.43
CA THR B 477 13.34 -9.17 14.35
C THR B 477 12.47 -7.95 14.06
N ILE B 478 12.06 -7.24 15.11
CA ILE B 478 11.15 -6.11 14.92
C ILE B 478 11.90 -4.84 14.54
N ASN B 479 13.12 -4.65 15.05
CA ASN B 479 13.82 -3.39 14.87
C ASN B 479 15.19 -3.51 14.21
N GLY B 480 15.63 -4.71 13.83
CA GLY B 480 16.86 -4.86 13.09
C GLY B 480 18.09 -4.98 13.98
N PHE B 481 19.25 -5.13 13.32
CA PHE B 481 20.56 -5.16 13.97
C PHE B 481 21.37 -3.94 13.54
N PRO B 482 22.11 -3.33 14.46
CA PRO B 482 22.86 -2.11 14.12
C PRO B 482 23.82 -2.36 12.97
N ASN B 483 23.82 -1.42 12.02
CA ASN B 483 24.65 -1.44 10.83
C ASN B 483 24.30 -2.57 9.86
N VAL B 484 23.11 -3.16 10.02
CA VAL B 484 22.65 -4.21 9.12
C VAL B 484 21.35 -3.73 8.46
N GLU B 485 21.36 -3.66 7.14
CA GLU B 485 20.18 -3.24 6.38
C GLU B 485 18.97 -4.09 6.74
N LYS B 486 17.95 -3.45 7.30
CA LYS B 486 16.75 -4.15 7.73
C LYS B 486 16.08 -4.85 6.56
N ARG B 487 16.26 -6.16 6.48
CA ARG B 487 15.77 -6.98 5.38
C ARG B 487 15.29 -8.30 5.97
N PRO B 488 14.50 -9.07 5.22
CA PRO B 488 14.11 -10.40 5.69
C PRO B 488 15.32 -11.30 5.81
N LYS B 489 15.30 -12.19 6.81
CA LYS B 489 16.37 -13.15 7.04
C LYS B 489 16.68 -13.87 5.74
N PRO B 490 17.83 -13.58 5.12
CA PRO B 490 18.09 -14.05 3.76
C PRO B 490 18.17 -15.57 3.68
N ASP B 491 17.99 -16.06 2.46
CA ASP B 491 18.15 -17.49 2.18
C ASP B 491 19.63 -17.79 2.03
N TYR B 492 20.26 -18.23 3.12
CA TYR B 492 21.67 -18.55 3.12
C TYR B 492 21.87 -20.01 2.70
N GLU B 493 22.99 -20.25 2.01
CA GLU B 493 23.30 -21.58 1.52
C GLU B 493 23.66 -22.51 2.66
N LEU B 494 23.00 -23.66 2.73
CA LEU B 494 23.19 -24.62 3.80
C LEU B 494 24.46 -25.43 3.54
N ALA B 495 25.59 -24.85 3.96
CA ALA B 495 26.89 -25.48 3.79
C ALA B 495 27.25 -26.25 5.05
N SER B 496 27.38 -27.57 4.92
CA SER B 496 27.77 -28.40 6.03
C SER B 496 29.20 -28.08 6.49
N ILE B 497 29.47 -28.36 7.75
CA ILE B 497 30.77 -28.08 8.37
C ILE B 497 31.50 -29.41 8.54
N PRO B 498 32.65 -29.60 7.90
CA PRO B 498 33.46 -30.79 8.19
C PRO B 498 34.01 -30.73 9.60
N THR B 499 34.16 -31.90 10.20
CA THR B 499 34.67 -32.01 11.56
C THR B 499 35.77 -33.06 11.60
N VAL B 500 36.58 -33.00 12.65
CA VAL B 500 37.61 -34.00 12.91
C VAL B 500 37.52 -34.40 14.37
N SER B 501 37.43 -35.70 14.62
CA SER B 501 37.16 -36.21 15.96
C SER B 501 38.20 -35.72 16.96
N SER B 502 37.74 -35.29 18.13
CA SER B 502 38.62 -34.70 19.13
C SER B 502 39.71 -35.67 19.57
N SER B 503 39.45 -36.98 19.48
CA SER B 503 40.45 -37.95 19.91
C SER B 503 41.62 -38.02 18.94
N LYS B 504 41.34 -37.97 17.64
CA LYS B 504 42.42 -37.89 16.66
C LYS B 504 43.20 -36.58 16.83
N ILE B 505 42.47 -35.47 17.00
CA ILE B 505 43.09 -34.19 17.31
C ILE B 505 44.01 -34.34 18.53
N ALA B 506 43.50 -34.95 19.60
CA ALA B 506 44.28 -35.13 20.82
C ALA B 506 45.52 -35.97 20.58
N SER B 507 45.55 -36.79 19.54
CA SER B 507 46.74 -37.57 19.22
C SER B 507 47.79 -36.74 18.49
N PHE B 508 47.43 -35.57 17.98
CA PHE B 508 48.35 -34.77 17.21
C PHE B 508 49.37 -34.08 18.10
N SER B 509 50.58 -33.92 17.59
CA SER B 509 51.69 -33.30 18.32
C SER B 509 52.33 -32.24 17.42
N GLY B 510 51.90 -31.01 17.58
CA GLY B 510 52.43 -29.92 16.78
C GLY B 510 53.32 -28.97 17.54
N THR B 511 53.36 -27.72 17.09
CA THR B 511 54.29 -26.75 17.65
C THR B 511 53.97 -26.40 19.09
N LYS B 512 52.69 -26.53 19.49
CA LYS B 512 52.36 -26.35 20.90
C LYS B 512 53.04 -27.41 21.75
N GLN B 513 52.95 -28.68 21.31
CA GLN B 513 53.65 -29.75 22.01
C GLN B 513 55.16 -29.57 21.97
N LEU B 514 55.67 -28.85 20.97
CA LEU B 514 57.09 -28.50 20.92
C LEU B 514 57.41 -27.42 21.95
N LEU B 515 56.59 -26.36 22.01
CA LEU B 515 56.78 -25.35 23.03
C LEU B 515 56.52 -25.91 24.43
N ASP B 516 55.64 -26.91 24.55
CA ASP B 516 55.48 -27.56 25.84
C ASP B 516 56.72 -28.36 26.22
N GLU B 517 57.49 -28.80 25.22
CA GLU B 517 58.70 -29.56 25.47
C GLU B 517 59.95 -28.69 25.50
N VAL B 518 60.03 -27.68 24.64
CA VAL B 518 61.18 -26.79 24.57
C VAL B 518 60.71 -25.37 24.79
N GLY B 519 61.60 -24.53 25.32
CA GLY B 519 61.28 -23.16 25.62
C GLY B 519 60.97 -22.35 24.37
N PRO B 520 60.53 -21.10 24.56
CA PRO B 520 60.29 -20.22 23.40
C PRO B 520 61.50 -20.11 22.49
N LYS B 521 62.67 -19.83 23.04
CA LYS B 521 63.89 -19.88 22.26
C LYS B 521 64.11 -21.24 21.62
N GLY B 522 63.65 -22.31 22.27
CA GLY B 522 63.78 -23.64 21.69
C GLY B 522 62.99 -23.79 20.41
N VAL B 523 61.71 -23.40 20.44
CA VAL B 523 60.90 -23.44 19.23
C VAL B 523 61.48 -22.53 18.17
N ALA B 524 61.97 -21.36 18.58
CA ALA B 524 62.62 -20.44 17.65
C ALA B 524 63.76 -21.10 16.90
N GLU B 525 64.59 -21.87 17.62
CA GLU B 525 65.73 -22.54 16.99
C GLU B 525 65.28 -23.64 16.04
N TRP B 526 64.17 -24.33 16.37
CA TRP B 526 63.67 -25.39 15.50
C TRP B 526 63.17 -24.82 14.18
N VAL B 527 62.52 -23.66 14.21
CA VAL B 527 62.06 -23.00 12.99
C VAL B 527 63.23 -22.78 12.04
N LYS B 528 64.39 -22.39 12.60
CA LYS B 528 65.59 -22.22 11.79
C LYS B 528 65.92 -23.49 11.00
N LYS B 529 65.81 -24.65 11.64
CA LYS B 529 66.26 -25.89 11.02
C LYS B 529 65.41 -26.25 9.80
N GLN B 530 64.11 -25.96 9.85
CA GLN B 530 63.20 -26.40 8.79
C GLN B 530 63.45 -25.61 7.52
N ASP B 531 63.72 -26.33 6.42
CA ASP B 531 63.90 -25.70 5.12
C ASP B 531 62.57 -25.42 4.41
N ASP B 532 61.52 -26.14 4.78
CA ASP B 532 60.19 -25.81 4.30
C ASP B 532 59.79 -24.42 4.78
N VAL B 533 58.71 -23.90 4.22
CA VAL B 533 58.12 -22.65 4.65
C VAL B 533 57.01 -22.98 5.62
N LEU B 534 57.22 -22.67 6.90
CA LEU B 534 56.13 -22.73 7.87
C LEU B 534 55.18 -21.56 7.63
N LEU B 535 53.90 -21.82 7.86
CA LEU B 535 52.86 -20.83 7.57
C LEU B 535 52.05 -20.53 8.82
N THR B 536 51.63 -19.28 8.94
CA THR B 536 50.68 -18.84 9.94
C THR B 536 49.36 -18.53 9.25
N ASP B 537 48.26 -19.06 9.80
CA ASP B 537 46.94 -18.82 9.23
C ASP B 537 46.25 -17.70 10.01
N THR B 538 45.78 -16.69 9.28
CA THR B 538 45.19 -15.50 9.88
C THR B 538 43.68 -15.43 9.67
N THR B 539 43.05 -16.53 9.25
CA THR B 539 41.62 -16.50 8.94
C THR B 539 40.80 -16.13 10.16
N PHE B 540 41.25 -16.52 11.35
CA PHE B 540 40.53 -16.19 12.57
C PHE B 540 40.71 -14.75 13.01
N ARG B 541 41.58 -13.99 12.34
CA ARG B 541 41.91 -12.66 12.83
C ARG B 541 42.05 -11.63 11.72
N ASP B 542 43.30 -11.41 11.25
CA ASP B 542 43.58 -10.28 10.37
C ASP B 542 42.78 -10.34 9.07
N ALA B 543 42.51 -11.54 8.56
CA ALA B 543 41.80 -11.66 7.29
C ALA B 543 40.47 -10.94 7.33
N HIS B 544 39.64 -11.24 8.34
CA HIS B 544 38.33 -10.62 8.44
C HIS B 544 38.37 -9.26 9.14
N GLN B 545 39.50 -8.88 9.74
CA GLN B 545 39.64 -7.52 10.27
C GLN B 545 39.75 -6.49 9.16
N SER B 546 40.20 -6.90 7.97
CA SER B 546 40.23 -6.04 6.79
C SER B 546 39.00 -6.24 5.92
N LEU B 547 38.82 -7.45 5.39
CA LEU B 547 37.69 -7.74 4.51
C LEU B 547 36.36 -7.45 5.21
N LEU B 548 36.14 -8.04 6.38
CA LEU B 548 34.82 -8.10 6.98
C LEU B 548 34.69 -7.26 8.24
N ALA B 549 35.57 -6.27 8.42
CA ALA B 549 35.46 -5.32 9.53
C ALA B 549 35.40 -6.01 10.89
N THR B 550 36.20 -7.08 11.03
CA THR B 550 36.43 -7.76 12.31
C THR B 550 35.14 -8.32 12.91
N ARG B 551 34.09 -8.53 12.11
CA ARG B 551 32.81 -8.93 12.67
C ARG B 551 32.62 -10.43 12.79
N VAL B 552 33.56 -11.25 12.29
CA VAL B 552 33.36 -12.69 12.27
C VAL B 552 33.20 -13.20 13.70
N ARG B 553 32.14 -13.96 13.94
CA ARG B 553 31.71 -14.32 15.27
C ARG B 553 32.33 -15.65 15.71
N THR B 554 32.38 -15.85 17.04
CA THR B 554 33.04 -17.02 17.59
C THR B 554 32.38 -18.31 17.14
N LYS B 555 31.05 -18.31 17.07
CA LYS B 555 30.32 -19.52 16.65
C LYS B 555 30.80 -20.03 15.31
N ASP B 556 31.19 -19.13 14.40
CA ASP B 556 31.65 -19.54 13.08
C ASP B 556 33.10 -20.00 13.08
N MET B 557 33.88 -19.66 14.10
CA MET B 557 35.24 -20.18 14.23
C MET B 557 35.27 -21.54 14.90
N ILE B 558 34.51 -21.70 15.99
CA ILE B 558 34.51 -22.95 16.74
C ILE B 558 33.90 -24.10 15.95
N ASN B 559 33.12 -23.81 14.91
CA ASN B 559 32.49 -24.88 14.14
C ASN B 559 33.51 -25.64 13.30
N ILE B 560 34.54 -24.96 12.80
CA ILE B 560 35.58 -25.59 12.00
C ILE B 560 36.83 -25.94 12.78
N ALA B 561 36.95 -25.45 14.03
CA ALA B 561 38.19 -25.62 14.78
C ALA B 561 38.67 -27.07 14.76
N SER B 562 37.73 -28.01 14.79
CA SER B 562 38.05 -29.42 14.57
C SER B 562 38.82 -29.60 13.27
N LYS B 563 38.23 -29.17 12.15
CA LYS B 563 38.90 -29.31 10.86
C LYS B 563 40.13 -28.42 10.76
N THR B 564 40.06 -27.23 11.35
CA THR B 564 41.21 -26.31 11.28
C THR B 564 42.42 -26.90 12.01
N ALA B 565 42.19 -27.52 13.17
CA ALA B 565 43.28 -28.15 13.92
C ALA B 565 43.87 -29.34 13.18
N ASP B 566 43.12 -29.95 12.26
CA ASP B 566 43.69 -30.99 11.42
C ASP B 566 44.46 -30.40 10.26
N VAL B 567 43.84 -29.46 9.54
CA VAL B 567 44.45 -28.92 8.33
C VAL B 567 45.80 -28.29 8.65
N PHE B 568 45.78 -27.24 9.49
CA PHE B 568 47.01 -26.58 9.88
C PHE B 568 47.72 -27.31 11.02
N LYS B 569 47.80 -28.64 10.95
CA LYS B 569 48.46 -29.40 12.00
C LYS B 569 49.98 -29.28 11.92
N ASP B 570 50.53 -28.99 10.74
CA ASP B 570 51.96 -28.76 10.58
C ASP B 570 52.27 -27.28 10.44
N GLY B 571 51.33 -26.40 10.82
CA GLY B 571 51.57 -24.98 10.76
C GLY B 571 52.31 -24.46 11.98
N PHE B 572 52.86 -23.25 11.84
CA PHE B 572 53.63 -22.66 12.92
C PHE B 572 52.71 -22.07 14.00
N SER B 573 51.73 -21.27 13.59
CA SER B 573 50.87 -20.60 14.55
C SER B 573 49.57 -20.21 13.89
N LEU B 574 48.55 -20.00 14.72
CA LEU B 574 47.23 -19.54 14.30
C LEU B 574 47.00 -18.16 14.92
N GLU B 575 46.91 -17.14 14.08
CA GLU B 575 46.54 -15.82 14.60
C GLU B 575 45.03 -15.78 14.79
N MET B 576 44.60 -15.69 16.05
CA MET B 576 43.19 -15.80 16.37
C MET B 576 42.76 -14.84 17.48
N TRP B 577 43.47 -13.71 17.65
CA TRP B 577 43.27 -12.88 18.82
C TRP B 577 44.09 -11.60 18.66
N GLY B 578 43.75 -10.59 19.45
CA GLY B 578 44.47 -9.34 19.37
C GLY B 578 44.00 -8.49 18.21
N GLY B 579 44.68 -7.36 18.05
CA GLY B 579 44.18 -6.40 17.09
C GLY B 579 42.80 -5.93 17.51
N ALA B 580 41.96 -5.65 16.51
CA ALA B 580 40.63 -5.12 16.79
C ALA B 580 39.77 -6.11 17.56
N THR B 581 40.07 -7.41 17.47
CA THR B 581 39.14 -8.45 17.93
C THR B 581 38.75 -8.26 19.38
N PHE B 582 39.69 -7.88 20.24
CA PHE B 582 39.37 -7.69 21.65
C PHE B 582 38.30 -6.62 21.83
N ASP B 583 38.53 -5.43 21.28
CA ASP B 583 37.56 -4.35 21.39
C ASP B 583 36.26 -4.70 20.66
N VAL B 584 36.36 -5.07 19.38
CA VAL B 584 35.17 -5.26 18.54
C VAL B 584 34.27 -6.36 19.09
N ALA B 585 34.85 -7.40 19.70
CA ALA B 585 34.04 -8.48 20.24
C ALA B 585 33.17 -8.00 21.40
N TYR B 586 33.79 -7.45 22.45
CA TYR B 586 33.06 -6.91 23.59
C TYR B 586 31.96 -5.95 23.14
N ASN B 587 32.24 -5.14 22.13
CA ASN B 587 31.47 -3.95 21.82
C ASN B 587 30.44 -4.15 20.71
N PHE B 588 30.84 -4.74 19.59
CA PHE B 588 29.92 -4.86 18.46
C PHE B 588 29.16 -6.18 18.45
N LEU B 589 29.84 -7.28 18.75
CA LEU B 589 29.21 -8.59 18.78
C LEU B 589 28.67 -8.95 20.16
N LYS B 590 28.91 -8.08 21.16
CA LYS B 590 28.47 -8.29 22.54
C LYS B 590 28.76 -9.71 22.99
N GLU B 591 30.02 -10.12 22.82
CA GLU B 591 30.43 -11.48 23.15
C GLU B 591 31.85 -11.45 23.68
N ASN B 592 32.20 -12.49 24.42
CA ASN B 592 33.40 -12.48 25.26
C ASN B 592 34.62 -12.89 24.45
N PRO B 593 35.62 -12.03 24.30
CA PRO B 593 36.85 -12.46 23.62
C PRO B 593 37.63 -13.49 24.41
N TRP B 594 37.73 -13.32 25.73
CA TRP B 594 38.40 -14.32 26.56
C TRP B 594 37.76 -15.68 26.36
N GLU B 595 36.42 -15.74 26.28
CA GLU B 595 35.74 -16.99 25.99
C GLU B 595 36.20 -17.56 24.65
N ARG B 596 36.36 -16.71 23.64
CA ARG B 596 36.76 -17.19 22.32
C ARG B 596 38.16 -17.79 22.36
N LEU B 597 39.08 -17.18 23.11
CA LEU B 597 40.40 -17.77 23.27
C LEU B 597 40.33 -19.10 24.01
N GLU B 598 39.33 -19.28 24.87
CA GLU B 598 39.27 -20.49 25.69
C GLU B 598 38.63 -21.65 24.95
N ARG B 599 37.41 -21.45 24.42
CA ARG B 599 36.76 -22.53 23.66
C ARG B 599 37.62 -22.99 22.50
N LEU B 600 38.41 -22.08 21.91
CA LEU B 600 39.26 -22.45 20.78
C LEU B 600 40.53 -23.15 21.24
N ARG B 601 41.14 -22.68 22.34
CA ARG B 601 42.32 -23.36 22.88
C ARG B 601 42.01 -24.81 23.19
N LYS B 602 40.85 -25.06 23.81
CA LYS B 602 40.36 -26.42 24.01
C LYS B 602 40.14 -27.12 22.68
N ALA B 603 39.65 -26.40 21.68
CA ALA B 603 39.33 -26.99 20.39
C ALA B 603 40.57 -27.29 19.57
N ILE B 604 41.51 -26.35 19.51
CA ILE B 604 42.78 -26.54 18.80
C ILE B 604 43.91 -26.62 19.82
N PRO B 605 44.34 -27.82 20.21
CA PRO B 605 45.43 -27.95 21.19
C PRO B 605 46.81 -28.25 20.62
N ASN B 606 46.97 -28.37 19.30
CA ASN B 606 48.24 -28.80 18.74
C ASN B 606 49.08 -27.67 18.14
N VAL B 607 48.44 -26.62 17.64
CA VAL B 607 49.15 -25.52 16.98
C VAL B 607 49.26 -24.36 17.96
N LEU B 608 50.40 -23.67 17.93
CA LEU B 608 50.54 -22.44 18.69
C LEU B 608 49.40 -21.48 18.37
N PHE B 609 48.99 -20.74 19.38
CA PHE B 609 48.08 -19.63 19.19
C PHE B 609 48.86 -18.34 19.24
N GLN B 610 48.59 -17.46 18.28
CA GLN B 610 49.34 -16.21 18.14
C GLN B 610 48.38 -15.03 18.12
N MET B 611 48.77 -13.96 18.78
CA MET B 611 48.03 -12.70 18.78
C MET B 611 48.95 -11.58 18.33
N LEU B 612 48.36 -10.44 18.03
CA LEU B 612 49.11 -9.22 17.75
C LEU B 612 48.93 -8.24 18.89
N LEU B 613 50.04 -7.77 19.45
CA LEU B 613 50.04 -7.01 20.69
C LEU B 613 50.79 -5.70 20.47
N ARG B 614 50.05 -4.59 20.40
CA ARG B 614 50.68 -3.28 20.35
C ARG B 614 51.59 -3.10 21.56
N ALA B 615 52.77 -2.54 21.32
CA ALA B 615 53.74 -2.39 22.39
C ALA B 615 53.28 -1.36 23.42
N SER B 616 52.59 -0.31 22.96
CA SER B 616 52.26 0.80 23.83
C SER B 616 51.10 0.48 24.76
N ASN B 617 50.03 -0.11 24.22
CA ASN B 617 48.79 -0.22 24.97
C ASN B 617 48.11 -1.57 24.84
N ALA B 618 48.86 -2.60 24.48
CA ALA B 618 48.35 -3.98 24.37
C ALA B 618 47.20 -3.96 23.36
N VAL B 619 45.96 -4.25 23.76
CA VAL B 619 44.80 -4.19 22.87
C VAL B 619 43.86 -3.05 23.24
N GLY B 620 44.36 -2.11 24.02
CA GLY B 620 43.59 -0.97 24.50
C GLY B 620 43.41 0.08 23.44
N TYR B 621 43.12 1.31 23.90
CA TYR B 621 42.88 2.41 22.97
C TYR B 621 43.67 3.65 23.36
N LYS B 622 43.93 3.82 24.65
CA LYS B 622 44.67 4.97 25.17
C LYS B 622 46.07 4.54 25.58
N ASN B 623 46.67 5.27 26.51
CA ASN B 623 47.94 4.89 27.12
C ASN B 623 47.68 4.26 28.48
N TYR B 624 48.41 3.18 28.78
CA TYR B 624 48.23 2.45 30.02
C TYR B 624 49.57 2.30 30.73
N PRO B 625 49.57 2.34 32.06
CA PRO B 625 50.82 2.14 32.79
C PRO B 625 51.36 0.73 32.60
N ASP B 626 52.67 0.59 32.75
CA ASP B 626 53.31 -0.72 32.66
C ASP B 626 52.58 -1.76 33.52
N ASN B 627 51.89 -1.31 34.57
CA ASN B 627 51.02 -2.14 35.39
C ASN B 627 50.12 -3.08 34.57
N VAL B 628 49.36 -2.51 33.64
CA VAL B 628 48.29 -3.28 32.98
C VAL B 628 48.79 -4.03 31.74
N ILE B 629 49.82 -3.52 31.07
CA ILE B 629 50.42 -4.28 29.96
C ILE B 629 50.92 -5.62 30.45
N HIS B 630 51.30 -5.70 31.73
CA HIS B 630 51.78 -6.96 32.30
C HIS B 630 50.63 -7.92 32.61
N LYS B 631 49.66 -7.48 33.42
CA LYS B 631 48.58 -8.35 33.85
C LYS B 631 47.86 -8.97 32.65
N PHE B 632 47.62 -8.17 31.61
CA PHE B 632 46.97 -8.67 30.41
C PHE B 632 47.77 -9.82 29.80
N VAL B 633 49.07 -9.60 29.56
CA VAL B 633 49.89 -10.60 28.90
C VAL B 633 49.89 -11.91 29.69
N GLN B 634 49.97 -11.82 31.03
CA GLN B 634 49.97 -13.02 31.85
C GLN B 634 48.64 -13.76 31.75
N GLU B 635 47.53 -13.02 31.84
CA GLU B 635 46.22 -13.65 31.70
C GLU B 635 46.06 -14.31 30.34
N SER B 636 46.65 -13.70 29.30
CA SER B 636 46.52 -14.25 27.95
C SER B 636 47.28 -15.56 27.81
N ALA B 637 48.55 -15.57 28.22
CA ALA B 637 49.32 -16.81 28.22
C ALA B 637 48.63 -17.87 29.08
N LYS B 638 48.11 -17.46 30.23
CA LYS B 638 47.29 -18.35 31.04
C LYS B 638 46.08 -18.85 30.25
N ALA B 639 45.48 -17.97 29.45
CA ALA B 639 44.32 -18.34 28.66
C ALA B 639 44.69 -19.13 27.41
N GLY B 640 45.91 -18.99 26.91
CA GLY B 640 46.37 -19.88 25.86
C GLY B 640 47.10 -19.28 24.68
N ILE B 641 47.66 -18.08 24.83
CA ILE B 641 48.40 -17.43 23.75
C ILE B 641 49.87 -17.78 23.88
N ASP B 642 50.42 -18.42 22.85
CA ASP B 642 51.79 -18.92 22.88
C ASP B 642 52.80 -17.98 22.24
N VAL B 643 52.39 -17.23 21.21
CA VAL B 643 53.30 -16.34 20.49
C VAL B 643 52.71 -14.94 20.52
N PHE B 644 53.47 -14.01 21.10
CA PHE B 644 53.05 -12.61 21.21
C PHE B 644 53.82 -11.79 20.18
N ARG B 645 53.13 -11.36 19.13
CA ARG B 645 53.73 -10.48 18.13
C ARG B 645 53.65 -9.05 18.65
N ILE B 646 54.79 -8.52 19.09
CA ILE B 646 54.86 -7.19 19.67
C ILE B 646 55.32 -6.21 18.60
N PHE B 647 54.57 -5.12 18.45
CA PHE B 647 54.93 -4.07 17.51
C PHE B 647 54.63 -2.71 18.12
N ASP B 648 55.46 -1.72 17.78
CA ASP B 648 55.21 -0.34 18.14
C ASP B 648 54.96 0.46 16.87
N SER B 649 54.02 1.41 16.97
CA SER B 649 53.52 2.09 15.79
C SER B 649 54.60 2.93 15.10
N LEU B 650 55.56 3.47 15.86
CA LEU B 650 56.59 4.32 15.30
C LEU B 650 57.96 3.64 15.27
N ASN B 651 57.99 2.31 15.38
CA ASN B 651 59.24 1.54 15.41
C ASN B 651 60.15 1.97 16.56
N TRP B 652 59.57 2.53 17.62
CA TRP B 652 60.33 2.95 18.79
C TRP B 652 60.55 1.73 19.67
N VAL B 653 61.76 1.19 19.63
CA VAL B 653 62.08 -0.04 20.37
C VAL B 653 61.86 0.14 21.87
N ASP B 654 62.09 1.36 22.37
CA ASP B 654 61.95 1.62 23.81
C ASP B 654 60.56 1.26 24.30
N GLN B 655 59.53 1.55 23.49
CA GLN B 655 58.17 1.25 23.91
C GLN B 655 57.87 -0.25 23.91
N MET B 656 58.68 -1.05 23.20
CA MET B 656 58.48 -2.49 23.14
C MET B 656 59.14 -3.22 24.31
N LYS B 657 59.93 -2.53 25.12
CA LYS B 657 60.69 -3.22 26.17
C LYS B 657 59.77 -3.84 27.21
N VAL B 658 58.78 -3.07 27.69
CA VAL B 658 57.88 -3.57 28.72
C VAL B 658 57.12 -4.81 28.24
N ALA B 659 56.43 -4.66 27.11
CA ALA B 659 55.65 -5.78 26.58
C ALA B 659 56.52 -7.00 26.34
N ASN B 660 57.80 -6.80 26.03
CA ASN B 660 58.69 -7.94 25.81
C ASN B 660 58.95 -8.70 27.10
N GLU B 661 59.38 -7.99 28.15
CA GLU B 661 59.74 -8.70 29.39
C GLU B 661 58.55 -9.42 30.00
N ALA B 662 57.32 -9.02 29.67
CA ALA B 662 56.15 -9.75 30.13
C ALA B 662 55.97 -11.09 29.42
N VAL B 663 56.66 -11.32 28.31
CA VAL B 663 56.47 -12.52 27.52
C VAL B 663 57.55 -13.57 27.80
N GLN B 664 58.81 -13.16 27.91
CA GLN B 664 59.81 -14.08 28.47
C GLN B 664 59.41 -14.50 29.88
N GLU B 665 58.92 -13.55 30.67
CA GLU B 665 58.44 -13.85 32.02
C GLU B 665 57.34 -14.90 31.98
N ALA B 666 56.38 -14.76 31.06
CA ALA B 666 55.32 -15.75 30.93
C ALA B 666 55.81 -17.06 30.34
N GLY B 667 56.96 -17.05 29.68
CA GLY B 667 57.50 -18.26 29.08
C GLY B 667 56.96 -18.56 27.69
N LYS B 668 56.61 -17.54 26.92
CA LYS B 668 56.01 -17.72 25.61
C LYS B 668 56.89 -17.06 24.54
N ILE B 669 56.64 -17.44 23.29
CA ILE B 669 57.41 -16.92 22.18
C ILE B 669 57.04 -15.47 21.92
N SER B 670 58.04 -14.63 21.66
CA SER B 670 57.86 -13.19 21.61
C SER B 670 58.39 -12.65 20.29
N GLU B 671 57.51 -12.13 19.44
CA GLU B 671 57.88 -11.69 18.10
C GLU B 671 58.20 -10.20 18.12
N GLY B 672 59.46 -9.86 17.84
CA GLY B 672 59.87 -8.48 17.67
C GLY B 672 59.72 -8.06 16.23
N THR B 673 58.86 -7.07 15.98
CA THR B 673 58.41 -6.78 14.63
C THR B 673 58.83 -5.39 14.19
N ILE B 674 59.04 -5.26 12.88
CA ILE B 674 59.43 -4.01 12.23
C ILE B 674 58.34 -3.65 11.23
N CYS B 675 57.52 -2.66 11.57
CA CYS B 675 56.58 -2.11 10.60
C CYS B 675 57.36 -1.46 9.47
N TYR B 676 57.03 -1.81 8.23
CA TYR B 676 57.82 -1.44 7.06
C TYR B 676 57.10 -0.34 6.29
N THR B 677 57.80 0.77 6.07
CA THR B 677 57.31 1.86 5.24
C THR B 677 58.38 2.22 4.22
N GLY B 678 57.95 2.87 3.14
CA GLY B 678 58.88 3.32 2.13
C GLY B 678 59.13 2.32 1.02
N ASP B 679 60.34 2.32 0.47
CA ASP B 679 60.69 1.46 -0.66
C ASP B 679 62.21 1.41 -0.75
N ILE B 680 62.80 0.33 -0.24
CA ILE B 680 64.25 0.18 -0.20
C ILE B 680 64.79 -0.07 -1.61
N LEU B 681 63.93 0.06 -2.62
CA LEU B 681 64.35 0.03 -4.02
C LEU B 681 64.60 1.43 -4.59
N ASN B 682 63.86 2.43 -4.13
CA ASN B 682 63.99 3.81 -4.58
C ASN B 682 64.83 4.58 -3.57
N PRO B 683 66.13 4.78 -3.81
CA PRO B 683 66.96 5.56 -2.88
C PRO B 683 66.57 7.04 -2.81
N GLU B 684 65.61 7.46 -3.62
CA GLU B 684 65.21 8.86 -3.75
C GLU B 684 63.82 9.10 -3.16
N ARG B 685 63.29 8.12 -2.44
CA ARG B 685 62.00 8.25 -1.75
C ARG B 685 62.17 8.66 -0.29
N SER B 686 63.04 7.99 0.45
CA SER B 686 63.30 8.31 1.84
C SER B 686 64.76 8.07 2.16
N ASN B 687 65.36 9.00 2.90
CA ASN B 687 66.70 8.81 3.44
C ASN B 687 66.68 8.29 4.87
N ILE B 688 65.52 7.84 5.35
CA ILE B 688 65.39 7.32 6.72
C ILE B 688 65.23 5.81 6.65
N TYR B 689 64.21 5.36 5.92
CA TYR B 689 63.86 3.94 5.89
C TYR B 689 64.64 3.23 4.81
N THR B 690 65.94 3.13 5.05
CA THR B 690 66.87 2.44 4.17
C THR B 690 67.14 1.03 4.68
N LEU B 691 67.56 0.17 3.76
CA LEU B 691 67.85 -1.23 4.09
C LEU B 691 68.77 -1.33 5.29
N GLU B 692 69.83 -0.51 5.32
CA GLU B 692 70.79 -0.59 6.41
C GLU B 692 70.17 -0.19 7.75
N TYR B 693 69.22 0.75 7.74
CA TYR B 693 68.49 1.08 8.96
C TYR B 693 67.71 -0.14 9.46
N TYR B 694 67.04 -0.85 8.55
CA TYR B 694 66.30 -2.05 8.94
C TYR B 694 67.22 -3.09 9.56
N VAL B 695 68.41 -3.26 8.99
CA VAL B 695 69.41 -4.15 9.60
C VAL B 695 69.76 -3.66 11.00
N LYS B 696 69.98 -2.35 11.15
CA LYS B 696 70.32 -1.79 12.45
C LYS B 696 69.17 -1.89 13.44
N LEU B 697 67.93 -2.02 12.96
CA LEU B 697 66.81 -2.24 13.87
C LEU B 697 66.70 -3.70 14.27
N ALA B 698 66.92 -4.61 13.33
CA ALA B 698 66.87 -6.04 13.63
C ALA B 698 68.00 -6.44 14.57
N LYS B 699 69.23 -6.00 14.26
CA LYS B 699 70.38 -6.29 15.11
C LYS B 699 70.14 -5.85 16.54
N GLU B 700 69.36 -4.79 16.73
CA GLU B 700 69.08 -4.23 18.05
C GLU B 700 67.87 -4.87 18.72
N LEU B 701 66.91 -5.36 17.93
CA LEU B 701 65.82 -6.15 18.51
C LEU B 701 66.34 -7.49 19.03
N GLU B 702 67.29 -8.09 18.31
CA GLU B 702 67.99 -9.25 18.82
C GLU B 702 68.63 -8.98 20.17
N ARG B 703 69.16 -7.76 20.35
CA ARG B 703 69.82 -7.40 21.60
C ARG B 703 68.85 -7.48 22.78
N GLU B 704 67.63 -6.97 22.61
CA GLU B 704 66.66 -6.95 23.70
C GLU B 704 66.00 -8.30 23.94
N GLY B 705 66.39 -9.35 23.21
CA GLY B 705 66.03 -10.70 23.59
C GLY B 705 64.76 -11.27 22.99
N PHE B 706 64.41 -10.88 21.77
CA PHE B 706 63.25 -11.48 21.11
C PHE B 706 63.64 -12.83 20.50
N HIS B 707 62.65 -13.72 20.42
CA HIS B 707 62.91 -15.08 19.95
C HIS B 707 62.83 -15.21 18.43
N ILE B 708 61.98 -14.44 17.77
CA ILE B 708 61.86 -14.45 16.31
C ILE B 708 61.65 -13.01 15.85
N LEU B 709 62.41 -12.59 14.86
CA LEU B 709 62.15 -11.31 14.20
C LEU B 709 61.04 -11.48 13.18
N ALA B 710 60.13 -10.53 13.14
CA ALA B 710 59.04 -10.55 12.17
C ALA B 710 58.93 -9.20 11.48
N ILE B 711 58.32 -9.21 10.30
CA ILE B 711 58.22 -8.02 9.46
C ILE B 711 56.74 -7.75 9.19
N LYS B 712 56.27 -6.59 9.62
CA LYS B 712 54.87 -6.20 9.48
C LYS B 712 54.75 -5.16 8.37
N ASP B 713 54.25 -5.58 7.21
CA ASP B 713 53.99 -4.67 6.10
C ASP B 713 52.51 -4.32 6.08
N MET B 714 52.12 -3.47 7.04
CA MET B 714 50.72 -3.13 7.28
C MET B 714 50.06 -2.47 6.08
N ALA B 715 50.83 -2.00 5.10
CA ALA B 715 50.27 -1.30 3.95
C ALA B 715 50.54 -1.99 2.62
N GLY B 716 51.14 -3.18 2.63
CA GLY B 716 51.48 -3.85 1.37
C GLY B 716 52.56 -3.16 0.57
N LEU B 717 53.49 -2.47 1.23
CA LEU B 717 54.49 -1.66 0.54
C LEU B 717 55.74 -2.44 0.16
N LEU B 718 55.92 -3.65 0.66
CA LEU B 718 57.12 -4.42 0.37
C LEU B 718 56.98 -5.04 -1.01
N LYS B 719 57.58 -4.39 -2.02
CA LYS B 719 57.51 -4.86 -3.38
C LYS B 719 58.26 -6.19 -3.52
N PRO B 720 57.91 -7.01 -4.54
CA PRO B 720 58.53 -8.34 -4.69
C PRO B 720 60.04 -8.39 -4.52
N LYS B 721 60.78 -7.57 -5.28
CA LYS B 721 62.23 -7.56 -5.12
C LYS B 721 62.66 -6.97 -3.79
N ALA B 722 61.92 -5.98 -3.28
CA ALA B 722 62.27 -5.35 -2.01
C ALA B 722 62.33 -6.35 -0.85
N ALA B 723 61.62 -7.48 -0.95
CA ALA B 723 61.71 -8.50 0.07
C ALA B 723 62.93 -9.39 -0.12
N TYR B 724 63.24 -9.73 -1.37
CA TYR B 724 64.42 -10.56 -1.63
C TYR B 724 65.69 -9.89 -1.14
N GLU B 725 65.73 -8.55 -1.16
CA GLU B 725 66.84 -7.84 -0.55
C GLU B 725 66.70 -7.80 0.97
N LEU B 726 65.55 -7.33 1.47
CA LEU B 726 65.37 -7.16 2.91
C LEU B 726 65.56 -8.47 3.66
N ILE B 727 64.72 -9.46 3.37
CA ILE B 727 64.84 -10.76 4.02
C ILE B 727 66.24 -11.33 3.83
N GLY B 728 66.83 -11.08 2.66
CA GLY B 728 68.19 -11.56 2.42
C GLY B 728 69.19 -10.94 3.37
N GLU B 729 69.14 -9.61 3.51
CA GLU B 729 70.11 -8.92 4.36
C GLU B 729 69.93 -9.27 5.83
N LEU B 730 68.68 -9.28 6.30
CA LEU B 730 68.44 -9.60 7.71
C LEU B 730 68.76 -11.06 8.01
N LYS B 731 68.68 -11.94 7.01
CA LYS B 731 68.96 -13.36 7.22
C LYS B 731 70.43 -13.64 7.46
N SER B 732 71.31 -12.65 7.28
CA SER B 732 72.72 -12.79 7.63
C SER B 732 73.16 -11.80 8.69
N ALA B 733 72.37 -10.77 8.97
CA ALA B 733 72.72 -9.75 9.95
C ALA B 733 72.25 -10.10 11.35
N VAL B 734 71.19 -10.89 11.47
CA VAL B 734 70.74 -11.43 12.74
C VAL B 734 70.51 -12.93 12.56
N ASP B 735 70.47 -13.64 13.69
CA ASP B 735 70.16 -15.06 13.67
C ASP B 735 68.76 -15.35 14.19
N LEU B 736 67.91 -14.37 14.19
CA LEU B 736 66.57 -14.84 14.46
C LEU B 736 65.91 -15.30 13.17
N PRO B 737 65.04 -16.32 13.23
CA PRO B 737 64.17 -16.59 12.09
C PRO B 737 63.30 -15.37 11.81
N ILE B 738 62.84 -15.27 10.57
CA ILE B 738 62.10 -14.08 10.13
C ILE B 738 60.70 -14.49 9.73
N HIS B 739 59.71 -13.84 10.34
CA HIS B 739 58.30 -14.17 10.18
C HIS B 739 57.64 -13.03 9.41
N LEU B 740 57.48 -13.21 8.10
CA LEU B 740 56.99 -12.13 7.26
C LEU B 740 55.47 -12.07 7.25
N HIS B 741 54.96 -10.86 7.04
CA HIS B 741 53.52 -10.60 7.00
C HIS B 741 53.30 -9.37 6.15
N THR B 742 52.60 -9.52 5.03
CA THR B 742 52.18 -8.38 4.23
C THR B 742 50.69 -8.41 4.04
N HIS B 743 50.17 -7.33 3.47
CA HIS B 743 48.83 -7.30 2.94
C HIS B 743 48.92 -7.22 1.42
N ASP B 744 47.80 -7.50 0.76
CA ASP B 744 47.79 -7.75 -0.68
C ASP B 744 47.13 -6.63 -1.47
N THR B 745 47.18 -5.40 -0.96
CA THR B 745 46.40 -4.30 -1.54
C THR B 745 46.73 -4.08 -3.01
N SER B 746 47.98 -4.31 -3.41
CA SER B 746 48.40 -4.06 -4.78
C SER B 746 48.28 -5.29 -5.68
N GLY B 747 47.97 -6.46 -5.12
CA GLY B 747 47.90 -7.67 -5.91
C GLY B 747 49.23 -8.36 -6.13
N ASN B 748 50.33 -7.83 -5.60
CA ASN B 748 51.64 -8.45 -5.69
C ASN B 748 52.03 -9.19 -4.41
N GLY B 749 51.04 -9.64 -3.63
CA GLY B 749 51.36 -10.27 -2.35
C GLY B 749 51.94 -11.66 -2.50
N LEU B 750 51.37 -12.48 -3.38
CA LEU B 750 52.01 -13.74 -3.72
C LEU B 750 53.40 -13.51 -4.24
N LEU B 751 53.57 -12.47 -5.05
CA LEU B 751 54.87 -12.17 -5.65
C LEU B 751 55.88 -11.79 -4.58
N THR B 752 55.49 -10.90 -3.67
CA THR B 752 56.37 -10.50 -2.59
C THR B 752 56.75 -11.70 -1.73
N TYR B 753 55.81 -12.62 -1.53
CA TYR B 753 56.09 -13.80 -0.71
C TYR B 753 57.10 -14.73 -1.39
N LYS B 754 56.83 -15.09 -2.66
CA LYS B 754 57.71 -16.02 -3.36
C LYS B 754 59.16 -15.56 -3.32
N GLN B 755 59.39 -14.25 -3.51
CA GLN B 755 60.74 -13.72 -3.41
C GLN B 755 61.28 -13.82 -1.99
N ALA B 756 60.42 -13.56 -1.00
CA ALA B 756 60.85 -13.71 0.39
C ALA B 756 61.19 -15.15 0.72
N ILE B 757 60.48 -16.10 0.12
CA ILE B 757 60.84 -17.51 0.28
C ILE B 757 62.18 -17.79 -0.37
N ASP B 758 62.42 -17.23 -1.55
CA ASP B 758 63.71 -17.38 -2.22
C ASP B 758 64.84 -16.85 -1.33
N ALA B 759 64.57 -15.77 -0.59
CA ALA B 759 65.61 -15.17 0.24
C ALA B 759 65.89 -16.00 1.48
N GLY B 760 64.90 -16.76 1.96
CA GLY B 760 65.10 -17.61 3.11
C GLY B 760 64.21 -17.29 4.29
N VAL B 761 63.08 -16.61 4.04
CA VAL B 761 62.14 -16.32 5.10
C VAL B 761 61.68 -17.62 5.75
N ASP B 762 61.42 -17.55 7.06
CA ASP B 762 61.11 -18.76 7.83
C ASP B 762 59.62 -19.01 7.97
N ILE B 763 58.85 -18.01 8.38
CA ILE B 763 57.40 -18.13 8.50
C ILE B 763 56.75 -16.99 7.72
N ILE B 764 55.59 -17.27 7.16
CA ILE B 764 54.79 -16.28 6.45
C ILE B 764 53.35 -16.34 6.94
N ASP B 765 52.62 -15.27 6.70
CA ASP B 765 51.22 -15.14 7.10
C ASP B 765 50.34 -15.23 5.86
N THR B 766 49.43 -16.20 5.84
CA THR B 766 48.55 -16.43 4.71
C THR B 766 47.15 -16.79 5.18
N ALA B 767 46.14 -16.30 4.47
CA ALA B 767 44.75 -16.60 4.78
C ALA B 767 44.22 -17.67 3.84
N VAL B 768 43.17 -18.36 4.30
CA VAL B 768 42.43 -19.26 3.43
C VAL B 768 41.96 -18.50 2.18
N ALA B 769 41.90 -19.21 1.05
CA ALA B 769 41.62 -18.59 -0.24
C ALA B 769 40.42 -17.65 -0.20
N SER B 770 39.27 -18.16 0.26
CA SER B 770 38.05 -17.35 0.21
C SER B 770 38.06 -16.21 1.23
N MET B 771 39.10 -16.06 2.04
CA MET B 771 39.30 -14.90 2.88
C MET B 771 40.62 -14.21 2.55
N SER B 772 41.04 -14.29 1.30
CA SER B 772 42.35 -13.83 0.88
C SER B 772 42.24 -12.64 -0.05
N GLY B 773 43.38 -12.22 -0.58
CA GLY B 773 43.44 -11.22 -1.63
C GLY B 773 43.06 -9.83 -1.15
N LEU B 774 43.21 -8.88 -2.07
CA LEU B 774 42.87 -7.47 -1.85
C LEU B 774 43.44 -6.97 -0.53
N THR B 775 42.60 -6.47 0.35
CA THR B 775 43.09 -5.89 1.60
C THR B 775 43.41 -6.96 2.66
N SER B 776 43.37 -8.24 2.31
CA SER B 776 43.70 -9.32 3.23
C SER B 776 45.12 -9.82 2.95
N GLN B 777 45.43 -11.04 3.36
CA GLN B 777 46.70 -11.67 3.09
C GLN B 777 46.66 -12.36 1.74
N PRO B 778 47.82 -12.74 1.20
CA PRO B 778 47.81 -13.59 0.00
C PRO B 778 47.26 -14.96 0.33
N SER B 779 46.65 -15.59 -0.67
CA SER B 779 45.99 -16.88 -0.44
C SER B 779 47.02 -17.97 -0.23
N ALA B 780 46.88 -18.71 0.87
CA ALA B 780 47.70 -19.90 1.09
C ALA B 780 47.45 -20.92 -0.01
N ASN B 781 46.19 -21.07 -0.43
CA ASN B 781 45.83 -22.03 -1.47
C ASN B 781 46.69 -21.86 -2.71
N SER B 782 46.71 -20.65 -3.27
CA SER B 782 47.39 -20.42 -4.54
C SER B 782 48.91 -20.45 -4.36
N LEU B 783 49.42 -19.83 -3.29
CA LEU B 783 50.86 -19.86 -3.05
C LEU B 783 51.38 -21.28 -2.96
N TYR B 784 50.59 -22.17 -2.35
CA TYR B 784 50.97 -23.57 -2.27
C TYR B 784 51.21 -24.16 -3.65
N TYR B 785 50.32 -23.87 -4.61
CA TYR B 785 50.51 -24.34 -5.97
C TYR B 785 51.50 -23.48 -6.74
N ALA B 786 51.66 -22.22 -6.34
CA ALA B 786 52.62 -21.34 -7.01
C ALA B 786 54.02 -21.94 -6.97
N LEU B 787 54.47 -22.33 -5.77
CA LEU B 787 55.81 -22.84 -5.56
C LEU B 787 56.05 -24.20 -6.20
N ASN B 788 55.03 -24.81 -6.80
CA ASN B 788 55.20 -26.06 -7.54
C ASN B 788 56.30 -25.92 -8.56
N GLY B 789 57.40 -26.66 -8.37
CA GLY B 789 58.57 -26.60 -9.22
C GLY B 789 59.76 -25.92 -8.60
N PHE B 790 59.56 -25.14 -7.55
CA PHE B 790 60.64 -24.36 -6.96
C PHE B 790 61.26 -25.11 -5.78
N PRO B 791 62.49 -24.72 -5.37
CA PRO B 791 63.18 -25.43 -4.28
C PRO B 791 62.34 -25.59 -3.01
N ARG B 792 62.08 -24.49 -2.30
CA ARG B 792 61.37 -24.57 -1.04
C ARG B 792 59.89 -24.87 -1.27
N HIS B 793 59.23 -25.34 -0.22
CA HIS B 793 57.87 -25.86 -0.37
C HIS B 793 57.06 -25.55 0.88
N LEU B 794 55.83 -25.07 0.67
CA LEU B 794 54.97 -24.65 1.77
C LEU B 794 54.41 -25.86 2.50
N ARG B 795 54.60 -25.89 3.83
CA ARG B 795 54.21 -27.03 4.64
C ARG B 795 52.76 -26.85 5.09
N THR B 796 51.83 -27.38 4.29
CA THR B 796 50.42 -27.32 4.63
C THR B 796 49.69 -28.43 3.89
N ASP B 797 48.39 -28.58 4.19
CA ASP B 797 47.52 -29.59 3.59
C ASP B 797 46.60 -28.85 2.61
N ILE B 798 46.83 -29.05 1.31
CA ILE B 798 46.08 -28.31 0.31
C ILE B 798 44.65 -28.83 0.19
N GLU B 799 44.48 -30.15 0.19
CA GLU B 799 43.13 -30.72 0.11
C GLU B 799 42.30 -30.33 1.32
N GLY B 800 42.92 -30.24 2.49
CA GLY B 800 42.23 -29.67 3.63
C GLY B 800 42.04 -28.17 3.57
N MET B 801 42.70 -27.50 2.64
CA MET B 801 42.56 -26.05 2.49
C MET B 801 41.45 -25.65 1.54
N GLU B 802 41.15 -26.49 0.54
CA GLU B 802 39.96 -26.25 -0.26
C GLU B 802 38.70 -26.52 0.56
N SER B 803 38.74 -27.58 1.38
CA SER B 803 37.63 -27.82 2.31
C SER B 803 37.37 -26.61 3.19
N LEU B 804 38.43 -26.09 3.81
CA LEU B 804 38.28 -24.92 4.68
C LEU B 804 37.82 -23.69 3.88
N SER B 805 38.31 -23.56 2.64
CA SER B 805 37.91 -22.42 1.83
C SER B 805 36.42 -22.49 1.49
N HIS B 806 35.96 -23.67 1.06
CA HIS B 806 34.55 -23.82 0.72
C HIS B 806 33.64 -23.47 1.89
N TYR B 807 34.04 -23.86 3.10
CA TYR B 807 33.30 -23.46 4.30
C TYR B 807 33.30 -21.94 4.43
N TRP B 808 34.49 -21.33 4.38
CA TRP B 808 34.59 -19.88 4.55
C TRP B 808 33.92 -19.14 3.40
N SER B 809 34.01 -19.71 2.18
CA SER B 809 33.35 -19.10 1.04
C SER B 809 31.86 -18.91 1.29
N THR B 810 31.23 -19.88 1.93
CA THR B 810 29.82 -19.75 2.27
C THR B 810 29.62 -18.89 3.51
N VAL B 811 30.41 -19.15 4.56
CA VAL B 811 30.24 -18.44 5.83
C VAL B 811 30.36 -16.93 5.63
N ARG B 812 31.30 -16.51 4.77
CA ARG B 812 31.56 -15.09 4.58
C ARG B 812 30.29 -14.31 4.22
N THR B 813 29.33 -14.95 3.55
CA THR B 813 28.14 -14.24 3.10
C THR B 813 27.22 -13.83 4.25
N TYR B 814 27.41 -14.40 5.44
CA TYR B 814 26.65 -13.93 6.60
C TYR B 814 26.99 -12.49 6.96
N TYR B 815 28.19 -12.03 6.59
CA TYR B 815 28.67 -10.71 6.95
C TYR B 815 28.75 -9.77 5.75
N SER B 816 27.95 -10.01 4.72
CA SER B 816 27.98 -9.18 3.52
C SER B 816 27.80 -7.70 3.84
N ASP B 817 27.08 -7.39 4.91
CA ASP B 817 26.84 -6.01 5.31
C ASP B 817 28.10 -5.29 5.77
N PHE B 818 29.22 -6.00 5.94
CA PHE B 818 30.44 -5.42 6.45
C PHE B 818 31.56 -5.46 5.42
N GLU B 819 31.24 -5.79 4.17
CA GLU B 819 32.24 -5.88 3.12
C GLU B 819 32.75 -4.50 2.75
N SER B 820 34.07 -4.34 2.74
CA SER B 820 34.67 -3.08 2.33
C SER B 820 34.45 -2.85 0.84
N ASP B 821 34.53 -1.59 0.44
CA ASP B 821 34.37 -1.23 -0.97
C ASP B 821 35.51 -1.75 -1.82
N ILE B 822 36.67 -2.01 -1.23
CA ILE B 822 37.82 -2.52 -1.99
C ILE B 822 37.47 -3.88 -2.56
N LYS B 823 37.30 -3.92 -3.88
CA LYS B 823 37.08 -5.17 -4.58
C LYS B 823 38.08 -5.42 -5.70
N SER B 824 38.88 -4.43 -6.07
CA SER B 824 39.94 -4.54 -7.07
C SER B 824 41.24 -4.04 -6.48
N PRO B 825 42.38 -4.55 -6.98
CA PRO B 825 43.67 -4.02 -6.53
C PRO B 825 43.76 -2.51 -6.76
N ASN B 826 44.46 -1.83 -5.85
CA ASN B 826 44.72 -0.40 -5.96
C ASN B 826 46.22 -0.21 -5.73
N THR B 827 46.97 -0.12 -6.81
CA THR B 827 48.41 0.03 -6.71
C THR B 827 48.85 1.47 -6.48
N GLU B 828 47.91 2.42 -6.38
CA GLU B 828 48.25 3.76 -5.94
C GLU B 828 48.76 3.79 -4.50
N ILE B 829 48.57 2.68 -3.77
CA ILE B 829 49.02 2.57 -2.38
C ILE B 829 50.51 2.89 -2.24
N TYR B 830 51.29 2.68 -3.31
CA TYR B 830 52.73 2.88 -3.26
C TYR B 830 53.10 4.35 -3.09
N GLN B 831 52.14 5.27 -3.21
CA GLN B 831 52.40 6.69 -3.03
C GLN B 831 51.84 7.23 -1.73
N HIS B 832 50.59 6.94 -1.39
CA HIS B 832 50.03 7.49 -0.16
C HIS B 832 50.20 6.57 1.05
N GLU B 833 50.70 5.35 0.86
CA GLU B 833 51.08 4.45 1.95
C GLU B 833 49.98 4.25 2.99
N MET B 834 48.74 4.56 2.65
CA MET B 834 47.63 4.29 3.56
C MET B 834 47.51 2.78 3.75
N PRO B 835 47.46 2.30 4.99
CA PRO B 835 47.42 0.84 5.18
C PRO B 835 46.05 0.25 4.90
N GLY B 836 45.79 -0.92 5.51
CA GLY B 836 44.51 -1.58 5.28
C GLY B 836 43.36 -0.80 5.92
N GLY B 837 42.23 -0.81 5.24
CA GLY B 837 41.07 -0.08 5.72
C GLY B 837 41.33 1.39 5.89
N GLN B 838 42.08 2.00 4.97
CA GLN B 838 42.43 3.40 5.08
C GLN B 838 41.85 4.24 3.95
N TYR B 839 42.23 3.98 2.69
CA TYR B 839 41.67 4.78 1.61
C TYR B 839 40.18 4.55 1.45
N SER B 840 39.64 3.42 1.91
CA SER B 840 38.19 3.29 2.03
C SER B 840 37.68 4.14 3.19
N ASN B 841 38.31 4.03 4.35
CA ASN B 841 37.86 4.76 5.52
C ASN B 841 37.94 6.27 5.31
N LEU B 842 39.02 6.72 4.65
CA LEU B 842 39.19 8.16 4.42
C LEU B 842 38.22 8.66 3.37
N SER B 843 38.04 7.90 2.28
CA SER B 843 37.07 8.28 1.26
C SER B 843 35.69 8.54 1.85
N GLN B 844 35.27 7.71 2.80
CA GLN B 844 34.01 7.94 3.48
C GLN B 844 34.05 9.24 4.29
N GLN B 845 35.20 9.52 4.92
CA GLN B 845 35.30 10.74 5.72
C GLN B 845 35.33 11.99 4.85
N ALA B 846 36.07 11.94 3.73
CA ALA B 846 36.06 13.07 2.80
C ALA B 846 34.65 13.32 2.26
N LYS B 847 33.89 12.24 2.03
CA LYS B 847 32.49 12.39 1.67
C LYS B 847 31.69 13.04 2.79
N SER B 848 32.07 12.76 4.05
CA SER B 848 31.34 13.30 5.19
C SER B 848 31.60 14.79 5.40
N LEU B 849 32.69 15.31 4.87
CA LEU B 849 33.07 16.71 5.11
C LEU B 849 32.98 17.58 3.88
N GLY B 850 32.34 17.09 2.81
CA GLY B 850 32.16 17.91 1.62
C GLY B 850 33.39 18.04 0.75
N LEU B 851 34.27 17.04 0.75
CA LEU B 851 35.42 17.01 -0.13
C LEU B 851 35.43 15.79 -1.05
N GLY B 852 34.40 14.95 -0.99
CA GLY B 852 34.41 13.72 -1.77
C GLY B 852 34.60 13.93 -3.25
N GLU B 853 34.19 15.09 -3.77
CA GLU B 853 34.44 15.42 -5.16
C GLU B 853 35.93 15.67 -5.43
N ARG B 854 36.66 16.14 -4.42
CA ARG B 854 38.07 16.47 -4.59
C ARG B 854 38.96 15.53 -3.77
N PHE B 855 38.73 14.22 -3.88
CA PHE B 855 39.53 13.28 -3.12
C PHE B 855 40.94 13.12 -3.68
N ASP B 856 41.14 13.43 -4.96
CA ASP B 856 42.50 13.44 -5.51
C ASP B 856 43.41 14.40 -4.74
N GLU B 857 42.85 15.41 -4.08
CA GLU B 857 43.63 16.33 -3.27
C GLU B 857 43.89 15.82 -1.86
N VAL B 858 43.09 14.86 -1.38
CA VAL B 858 43.33 14.34 -0.04
C VAL B 858 44.41 13.27 -0.04
N LYS B 859 44.53 12.50 -1.13
CA LYS B 859 45.57 11.48 -1.19
C LYS B 859 46.94 12.08 -1.43
N ASP B 860 47.01 13.15 -2.23
CA ASP B 860 48.27 13.89 -2.36
C ASP B 860 48.66 14.51 -1.02
N MET B 861 47.69 15.13 -0.35
CA MET B 861 47.97 15.75 0.95
C MET B 861 48.47 14.72 1.95
N TYR B 862 47.78 13.58 2.04
CA TYR B 862 48.22 12.50 2.92
C TYR B 862 49.69 12.18 2.73
N ARG B 863 50.11 11.97 1.48
CA ARG B 863 51.52 11.76 1.18
C ARG B 863 52.35 12.96 1.61
N ARG B 864 51.80 14.17 1.48
CA ARG B 864 52.53 15.38 1.86
C ARG B 864 52.71 15.47 3.36
N VAL B 865 51.61 15.30 4.12
CA VAL B 865 51.67 15.43 5.58
C VAL B 865 52.75 14.53 6.16
N ASN B 866 52.93 13.35 5.56
CA ASN B 866 53.98 12.45 6.00
C ASN B 866 55.34 13.14 5.98
N PHE B 867 55.68 13.79 4.87
CA PHE B 867 56.97 14.47 4.76
C PHE B 867 56.99 15.80 5.51
N LEU B 868 55.92 16.11 6.25
CA LEU B 868 55.91 17.20 7.22
C LEU B 868 56.23 16.68 8.62
N PHE B 869 55.58 15.58 9.02
CA PHE B 869 55.82 14.97 10.32
C PHE B 869 57.08 14.11 10.34
N GLY B 870 57.84 14.08 9.26
CA GLY B 870 59.18 13.50 9.26
C GLY B 870 59.27 12.05 8.84
N ASP B 871 58.51 11.66 7.82
CA ASP B 871 58.49 10.29 7.32
C ASP B 871 58.30 9.30 8.47
N ILE B 872 57.05 9.18 8.92
CA ILE B 872 56.70 8.33 10.04
C ILE B 872 56.09 7.04 9.53
N VAL B 873 56.04 6.05 10.43
CA VAL B 873 55.38 4.79 10.14
C VAL B 873 53.88 4.99 10.28
N LYS B 874 53.14 4.68 9.22
CA LYS B 874 51.68 4.90 9.19
C LYS B 874 50.96 3.58 9.43
N VAL B 875 50.48 3.41 10.65
CA VAL B 875 49.75 2.23 11.10
C VAL B 875 48.95 2.70 12.31
N THR B 876 47.96 1.93 12.73
CA THR B 876 47.19 2.32 13.91
C THR B 876 48.11 2.36 15.14
N PRO B 877 48.07 3.42 15.95
CA PRO B 877 47.25 4.64 15.79
C PRO B 877 47.97 5.77 15.04
N SER B 878 49.21 5.59 14.59
CA SER B 878 49.88 6.64 13.83
C SER B 878 49.27 6.88 12.46
N SER B 879 48.28 6.09 12.05
CA SER B 879 47.64 6.31 10.77
C SER B 879 46.63 7.45 10.83
N LYS B 880 45.73 7.41 11.82
CA LYS B 880 44.64 8.38 11.88
C LYS B 880 45.18 9.80 12.03
N VAL B 881 46.26 9.97 12.79
CA VAL B 881 46.76 11.32 13.06
C VAL B 881 47.23 11.99 11.77
N VAL B 882 47.75 11.21 10.82
CA VAL B 882 48.24 11.80 9.58
C VAL B 882 47.06 12.17 8.67
N GLY B 883 46.01 11.37 8.69
CA GLY B 883 44.86 11.55 7.82
C GLY B 883 43.91 12.62 8.33
N ASP B 884 43.61 12.60 9.63
CA ASP B 884 42.86 13.70 10.23
C ASP B 884 43.56 15.03 9.97
N MET B 885 44.89 15.03 9.91
CA MET B 885 45.63 16.22 9.52
C MET B 885 45.51 16.47 8.03
N ALA B 886 45.70 15.44 7.21
CA ALA B 886 45.52 15.59 5.77
C ALA B 886 44.13 16.11 5.43
N LEU B 887 43.12 15.65 6.17
CA LEU B 887 41.77 16.20 5.98
C LEU B 887 41.68 17.61 6.52
N TYR B 888 42.46 17.95 7.55
CA TYR B 888 42.42 19.30 8.11
C TYR B 888 42.97 20.32 7.13
N MET B 889 44.05 19.97 6.42
CA MET B 889 44.70 20.94 5.55
C MET B 889 43.89 21.21 4.29
N VAL B 890 43.27 20.17 3.73
CA VAL B 890 42.44 20.36 2.54
C VAL B 890 41.17 21.13 2.89
N GLN B 891 40.58 20.83 4.05
CA GLN B 891 39.33 21.47 4.45
C GLN B 891 39.49 22.98 4.55
N ASN B 892 40.53 23.43 5.26
CA ASN B 892 40.73 24.85 5.55
C ASN B 892 41.75 25.50 4.63
N ASP B 893 42.23 24.78 3.61
CA ASP B 893 43.12 25.31 2.58
C ASP B 893 44.41 25.89 3.19
N LEU B 894 45.26 24.98 3.66
CA LEU B 894 46.57 25.33 4.17
C LEU B 894 47.62 24.46 3.48
N ASP B 895 48.86 24.93 3.51
CA ASP B 895 49.98 24.22 2.91
C ASP B 895 51.01 23.82 3.96
N GLU B 896 52.26 23.65 3.55
CA GLU B 896 53.32 23.34 4.49
C GLU B 896 53.74 24.57 5.28
N GLN B 897 54.22 25.60 4.59
CA GLN B 897 54.57 26.85 5.26
C GLN B 897 53.33 27.57 5.80
N SER B 898 52.17 27.34 5.17
CA SER B 898 50.96 28.01 5.62
C SER B 898 50.49 27.47 6.96
N VAL B 899 50.53 26.16 7.16
CA VAL B 899 50.00 25.58 8.38
C VAL B 899 50.86 25.94 9.59
N ILE B 900 52.14 26.24 9.38
CA ILE B 900 52.99 26.64 10.50
C ILE B 900 52.76 28.10 10.85
N THR B 901 52.52 28.94 9.84
CA THR B 901 52.36 30.37 10.06
C THR B 901 51.06 30.69 10.80
N ASP B 902 49.92 30.54 10.13
CA ASP B 902 48.64 30.94 10.70
C ASP B 902 48.05 29.88 11.63
N GLY B 903 48.73 28.76 11.84
CA GLY B 903 48.23 27.76 12.76
C GLY B 903 48.40 28.12 14.22
N TYR B 904 49.12 29.22 14.52
CA TYR B 904 49.45 29.55 15.89
C TYR B 904 48.20 29.68 16.74
N LYS B 905 47.13 30.20 16.14
CA LYS B 905 45.83 30.24 16.76
C LYS B 905 44.81 29.34 16.06
N LEU B 906 45.15 28.79 14.88
CA LEU B 906 44.20 27.95 14.17
C LEU B 906 43.95 26.66 14.95
N ASP B 907 42.71 26.16 14.85
CA ASP B 907 42.35 24.94 15.55
C ASP B 907 43.15 23.75 15.02
N PHE B 908 43.42 22.81 15.91
CA PHE B 908 44.19 21.64 15.56
C PHE B 908 43.42 20.39 15.95
N PRO B 909 43.41 19.37 15.09
CA PRO B 909 42.74 18.11 15.45
C PRO B 909 43.33 17.53 16.72
N GLU B 910 42.45 16.95 17.54
CA GLU B 910 42.91 16.38 18.80
C GLU B 910 43.91 15.25 18.58
N SER B 911 43.82 14.57 17.43
CA SER B 911 44.76 13.50 17.13
C SER B 911 46.16 14.04 16.90
N VAL B 912 46.28 15.14 16.16
CA VAL B 912 47.60 15.69 15.83
C VAL B 912 48.29 16.20 17.08
N VAL B 913 47.58 16.97 17.90
CA VAL B 913 48.19 17.54 19.10
C VAL B 913 48.72 16.44 20.00
N SER B 914 48.02 15.31 20.07
CA SER B 914 48.44 14.23 20.95
C SER B 914 49.68 13.52 20.41
N PHE B 915 49.75 13.35 19.09
CA PHE B 915 50.94 12.76 18.49
C PHE B 915 52.18 13.55 18.87
N PHE B 916 52.15 14.87 18.64
CA PHE B 916 53.33 15.69 18.95
C PHE B 916 53.60 15.75 20.44
N LYS B 917 52.56 15.71 21.27
CA LYS B 917 52.76 15.58 22.71
C LYS B 917 53.53 14.31 23.07
N GLY B 918 53.70 13.38 22.15
CA GLY B 918 54.39 12.15 22.43
C GLY B 918 53.52 11.04 22.96
N GLU B 919 52.20 11.27 23.07
CA GLU B 919 51.30 10.26 23.63
C GLU B 919 51.38 8.96 22.84
N ILE B 920 51.31 9.06 21.52
CA ILE B 920 51.47 7.87 20.68
C ILE B 920 52.89 7.31 20.81
N GLY B 921 53.86 8.17 21.09
CA GLY B 921 55.25 7.82 21.16
C GLY B 921 56.08 8.94 20.55
N GLN B 922 57.35 8.64 20.30
CA GLN B 922 58.22 9.59 19.63
C GLN B 922 58.61 9.04 18.26
N PRO B 923 58.58 9.87 17.22
CA PRO B 923 58.93 9.41 15.88
C PRO B 923 60.44 9.17 15.78
N VAL B 924 60.81 8.48 14.70
CA VAL B 924 62.22 8.15 14.47
C VAL B 924 63.06 9.41 14.43
N ASN B 925 62.69 10.35 13.56
CA ASN B 925 63.35 11.64 13.51
C ASN B 925 62.78 12.63 14.51
N GLY B 926 61.70 12.28 15.20
CA GLY B 926 61.09 13.19 16.15
C GLY B 926 60.13 14.16 15.47
N PHE B 927 59.67 15.10 16.28
CA PHE B 927 58.77 16.14 15.84
C PHE B 927 59.56 17.41 15.50
N ASN B 928 58.93 18.29 14.74
CA ASN B 928 59.58 19.51 14.29
C ASN B 928 59.24 20.65 15.25
N LYS B 929 60.26 21.41 15.66
CA LYS B 929 60.10 22.46 16.64
C LYS B 929 59.38 23.70 16.12
N ASP B 930 59.21 23.82 14.80
CA ASP B 930 58.46 24.94 14.22
C ASP B 930 56.99 24.61 14.00
N LEU B 931 56.63 23.33 13.96
CA LEU B 931 55.24 22.91 13.86
C LEU B 931 54.68 22.36 15.16
N GLN B 932 55.51 21.72 15.98
CA GLN B 932 55.05 21.28 17.29
C GLN B 932 54.60 22.46 18.13
N ALA B 933 55.42 23.52 18.18
CA ALA B 933 55.11 24.67 19.01
C ALA B 933 53.81 25.34 18.60
N VAL B 934 53.59 25.45 17.29
CA VAL B 934 52.41 26.16 16.81
C VAL B 934 51.14 25.35 17.06
N ILE B 935 51.19 24.05 16.79
CA ILE B 935 49.98 23.23 16.94
C ILE B 935 49.76 22.81 18.40
N LEU B 936 50.82 22.72 19.20
CA LEU B 936 50.66 22.36 20.61
C LEU B 936 50.09 23.52 21.42
N LYS B 937 50.66 24.72 21.22
CA LYS B 937 50.26 25.96 21.89
C LYS B 937 50.69 26.00 23.36
N GLY B 938 51.70 25.24 23.76
CA GLY B 938 52.41 25.55 24.99
C GLY B 938 52.42 24.55 26.14
N GLN B 939 52.10 23.28 25.91
CA GLN B 939 52.22 22.28 26.95
C GLN B 939 53.43 21.40 26.71
N GLU B 940 53.82 20.67 27.75
CA GLU B 940 55.08 19.93 27.75
C GLU B 940 54.93 18.61 27.01
N ALA B 941 55.77 18.40 26.00
CA ALA B 941 55.93 17.08 25.42
C ALA B 941 56.63 16.17 26.41
N LEU B 942 56.18 14.93 26.51
CA LEU B 942 56.85 14.01 27.41
C LEU B 942 58.21 13.61 26.85
N THR B 943 59.03 13.03 27.71
CA THR B 943 60.41 12.70 27.37
C THR B 943 60.75 11.22 27.44
N ALA B 944 60.22 10.49 28.44
CA ALA B 944 60.72 9.14 28.76
C ALA B 944 59.85 8.02 28.23
N ARG B 945 58.95 8.30 27.29
CA ARG B 945 57.92 7.43 26.68
C ARG B 945 56.71 7.34 27.61
N PRO B 946 55.50 7.31 27.06
CA PRO B 946 54.29 7.57 27.90
C PRO B 946 54.05 6.55 29.00
N GLY B 947 54.41 5.29 28.80
CA GLY B 947 54.17 4.29 29.83
C GLY B 947 54.78 4.63 31.17
N GLU B 948 55.91 5.35 31.15
CA GLU B 948 56.62 5.68 32.38
C GLU B 948 55.96 6.82 33.16
N TYR B 949 55.17 7.67 32.51
CA TYR B 949 54.51 8.76 33.20
C TYR B 949 53.29 8.32 33.99
N LEU B 950 52.68 7.20 33.63
CA LEU B 950 51.45 6.77 34.26
C LEU B 950 51.73 6.18 35.63
N GLU B 951 50.72 6.24 36.50
CA GLU B 951 50.85 5.69 37.84
C GLU B 951 50.19 4.31 37.91
N PRO B 952 50.82 3.38 38.63
CA PRO B 952 50.28 2.01 38.68
C PRO B 952 48.84 1.96 39.15
N VAL B 953 48.02 1.21 38.41
CA VAL B 953 46.61 1.04 38.77
C VAL B 953 46.49 0.18 40.02
N ASP B 954 45.35 0.30 40.70
CA ASP B 954 45.03 -0.48 41.90
C ASP B 954 44.07 -1.59 41.50
N PHE B 955 44.63 -2.76 41.19
CA PHE B 955 43.82 -3.88 40.72
C PHE B 955 42.86 -4.36 41.81
N GLU B 956 43.32 -4.37 43.06
CA GLU B 956 42.48 -4.84 44.16
C GLU B 956 41.24 -3.95 44.34
N LYS B 957 41.44 -2.64 44.25
CA LYS B 957 40.30 -1.71 44.37
C LYS B 957 39.31 -1.95 43.25
N VAL B 958 39.81 -2.23 42.04
CA VAL B 958 38.91 -2.47 40.90
C VAL B 958 38.09 -3.74 41.14
N ARG B 959 38.71 -4.78 41.68
CA ARG B 959 38.00 -6.03 41.95
C ARG B 959 36.83 -5.79 42.89
N GLU B 960 37.08 -5.14 44.03
CA GLU B 960 36.00 -4.86 44.98
C GLU B 960 34.91 -4.02 44.33
N LEU B 961 35.31 -2.98 43.58
CA LEU B 961 34.34 -2.16 42.87
C LEU B 961 33.55 -2.99 41.87
N LEU B 962 34.25 -3.78 41.05
CA LEU B 962 33.56 -4.65 40.09
C LEU B 962 32.83 -5.81 40.77
N GLU B 963 33.12 -6.08 42.05
CA GLU B 963 32.36 -7.11 42.77
C GLU B 963 31.05 -6.55 43.32
N GLU B 964 31.09 -5.33 43.86
CA GLU B 964 29.86 -4.68 44.33
C GLU B 964 29.04 -4.11 43.19
N GLU B 965 29.68 -3.75 42.08
CA GLU B 965 28.92 -3.33 40.90
C GLU B 965 28.19 -4.51 40.28
N GLN B 966 28.71 -5.73 40.44
CA GLN B 966 28.15 -6.91 39.82
C GLN B 966 27.50 -7.87 40.80
N GLN B 967 27.66 -7.66 42.10
CA GLN B 967 27.06 -8.49 43.14
C GLN B 967 27.37 -9.97 42.90
N GLY B 968 28.64 -10.30 43.09
CA GLY B 968 29.10 -11.66 42.88
C GLY B 968 30.55 -11.74 42.48
N PRO B 969 30.91 -12.75 41.72
CA PRO B 969 32.33 -13.01 41.43
C PRO B 969 32.85 -12.16 40.29
N VAL B 970 34.18 -11.99 40.29
CA VAL B 970 34.88 -11.26 39.23
C VAL B 970 36.24 -11.92 39.04
N THR B 971 36.57 -12.26 37.80
CA THR B 971 37.81 -12.94 37.49
C THR B 971 38.91 -11.95 37.12
N GLU B 972 40.15 -12.46 37.13
CA GLU B 972 41.28 -11.66 36.64
C GLU B 972 41.05 -11.24 35.19
N GLN B 973 40.47 -12.14 34.39
CA GLN B 973 40.04 -11.77 33.04
C GLN B 973 39.08 -10.58 33.08
N ASP B 974 38.06 -10.67 33.94
CA ASP B 974 37.07 -9.59 34.04
C ASP B 974 37.72 -8.30 34.52
N ILE B 975 38.71 -8.41 35.42
CA ILE B 975 39.43 -7.23 35.91
C ILE B 975 40.06 -6.53 34.73
N ILE B 976 41.03 -7.19 34.08
CA ILE B 976 41.88 -6.52 33.11
C ILE B 976 41.09 -6.02 31.92
N SER B 977 40.07 -6.78 31.50
CA SER B 977 39.20 -6.32 30.43
C SER B 977 38.64 -4.93 30.75
N TYR B 978 38.08 -4.78 31.95
CA TYR B 978 37.64 -3.47 32.42
C TYR B 978 38.79 -2.47 32.38
N VAL B 979 39.94 -2.81 32.97
CA VAL B 979 41.05 -1.87 33.03
C VAL B 979 41.49 -1.44 31.64
N LEU B 980 41.28 -2.29 30.62
CA LEU B 980 41.63 -1.91 29.26
C LEU B 980 40.57 -1.03 28.63
N TYR B 981 39.30 -1.43 28.72
CA TYR B 981 38.18 -0.67 28.17
C TYR B 981 37.10 -0.58 29.23
N PRO B 982 37.23 0.35 30.19
CA PRO B 982 36.16 0.48 31.20
C PRO B 982 34.84 0.89 30.58
N LYS B 983 34.89 1.83 29.63
CA LYS B 983 33.68 2.31 28.97
C LYS B 983 32.91 1.17 28.33
N VAL B 984 33.56 0.39 27.46
CA VAL B 984 32.85 -0.64 26.71
C VAL B 984 32.45 -1.80 27.61
N TYR B 985 33.35 -2.21 28.51
CA TYR B 985 33.08 -3.40 29.33
C TYR B 985 31.86 -3.23 30.21
N GLU B 986 31.54 -2.00 30.60
CA GLU B 986 30.31 -1.75 31.35
C GLU B 986 29.09 -2.17 30.56
N GLN B 987 29.01 -1.72 29.29
CA GLN B 987 27.87 -2.05 28.45
C GLN B 987 27.79 -3.56 28.19
N TYR B 988 28.94 -4.21 28.03
CA TYR B 988 28.93 -5.66 27.82
C TYR B 988 28.23 -6.37 28.98
N ILE B 989 28.48 -5.92 30.21
CA ILE B 989 27.75 -6.44 31.36
C ILE B 989 26.26 -6.16 31.20
N GLN B 990 25.91 -4.95 30.76
CA GLN B 990 24.50 -4.60 30.59
C GLN B 990 23.82 -5.50 29.56
N THR B 991 24.49 -5.74 28.43
CA THR B 991 23.92 -6.64 27.43
C THR B 991 23.94 -8.09 27.90
N ARG B 992 24.96 -8.49 28.66
CA ARG B 992 24.95 -9.83 29.24
C ARG B 992 23.75 -10.00 30.16
N ASN B 993 23.47 -9.00 30.99
CA ASN B 993 22.30 -9.03 31.87
C ASN B 993 21.03 -9.23 31.06
N GLN B 994 20.79 -8.36 30.07
CA GLN B 994 19.54 -8.39 29.32
C GLN B 994 19.37 -9.69 28.55
N TYR B 995 20.31 -9.99 27.65
CA TYR B 995 20.11 -11.02 26.64
C TYR B 995 20.82 -12.34 26.95
N GLY B 996 21.70 -12.36 27.95
CA GLY B 996 22.46 -13.58 28.19
C GLY B 996 23.65 -13.70 27.24
N ASN B 997 23.96 -14.94 26.88
CA ASN B 997 25.13 -15.24 26.04
C ASN B 997 24.66 -15.37 24.59
N LEU B 998 24.87 -14.30 23.80
CA LEU B 998 24.52 -14.32 22.39
C LEU B 998 25.51 -15.10 21.55
N SER B 999 26.73 -15.28 22.03
CA SER B 999 27.78 -15.94 21.25
C SER B 999 27.42 -17.37 20.87
N LEU B 1000 26.34 -17.93 21.41
CA LEU B 1000 25.90 -19.27 21.04
C LEU B 1000 24.93 -19.27 19.86
N LEU B 1001 24.32 -18.13 19.53
CA LEU B 1001 23.41 -18.07 18.40
C LEU B 1001 24.19 -18.09 17.08
N ASP B 1002 23.63 -18.77 16.08
CA ASP B 1002 24.23 -18.74 14.76
C ASP B 1002 24.16 -17.33 14.17
N THR B 1003 25.13 -17.02 13.31
CA THR B 1003 25.32 -15.65 12.86
C THR B 1003 24.09 -15.03 12.19
N PRO B 1004 23.41 -15.69 11.24
CA PRO B 1004 22.24 -15.04 10.63
C PRO B 1004 21.13 -14.75 11.61
N THR B 1005 20.92 -15.60 12.61
CA THR B 1005 19.89 -15.32 13.62
C THR B 1005 20.34 -14.22 14.56
N PHE B 1006 21.63 -14.18 14.88
CA PHE B 1006 22.17 -13.09 15.70
C PHE B 1006 22.07 -11.76 14.98
N PHE B 1007 22.06 -11.78 13.64
CA PHE B 1007 22.01 -10.56 12.84
C PHE B 1007 20.61 -10.22 12.34
N PHE B 1008 19.68 -11.17 12.35
CA PHE B 1008 18.39 -10.96 11.70
C PHE B 1008 17.19 -11.52 12.46
N GLY B 1009 17.38 -12.03 13.67
CA GLY B 1009 16.27 -12.70 14.33
C GLY B 1009 15.82 -13.91 13.53
N MET B 1010 14.50 -14.10 13.45
CA MET B 1010 13.93 -15.17 12.64
C MET B 1010 12.73 -14.64 11.87
N ARG B 1011 12.32 -15.41 10.87
CA ARG B 1011 11.21 -15.06 10.00
C ARG B 1011 9.95 -15.83 10.38
N ASN B 1012 8.81 -15.32 9.92
CA ASN B 1012 7.51 -15.90 10.23
C ASN B 1012 7.47 -17.37 9.83
N GLY B 1013 7.17 -18.24 10.78
CA GLY B 1013 7.10 -19.66 10.52
C GLY B 1013 8.42 -20.40 10.55
N GLU B 1014 9.51 -19.72 10.89
CA GLU B 1014 10.81 -20.37 10.95
C GLU B 1014 10.98 -21.10 12.27
N THR B 1015 11.72 -22.21 12.22
CA THR B 1015 12.19 -22.92 13.40
C THR B 1015 13.72 -22.82 13.44
N VAL B 1016 14.26 -22.63 14.64
CA VAL B 1016 15.67 -22.37 14.84
C VAL B 1016 16.21 -23.33 15.89
N GLU B 1017 17.46 -23.76 15.71
CA GLU B 1017 18.11 -24.68 16.63
C GLU B 1017 19.32 -24.01 17.27
N ILE B 1018 19.37 -24.05 18.60
CA ILE B 1018 20.48 -23.52 19.38
C ILE B 1018 21.05 -24.67 20.20
N GLU B 1019 22.38 -24.80 20.19
CA GLU B 1019 23.06 -25.92 20.85
C GLU B 1019 23.62 -25.44 22.19
N ILE B 1020 23.02 -25.94 23.28
CA ILE B 1020 23.49 -25.60 24.62
C ILE B 1020 24.73 -26.41 24.98
N ASP B 1021 24.59 -27.73 25.02
CA ASP B 1021 25.69 -28.64 25.31
C ASP B 1021 25.19 -30.07 25.15
N LYS B 1022 26.09 -30.94 24.67
CA LYS B 1022 25.83 -32.37 24.54
C LYS B 1022 24.53 -32.64 23.79
N GLY B 1023 23.53 -33.16 24.49
CA GLY B 1023 22.25 -33.42 23.87
C GLY B 1023 21.27 -32.29 24.02
N LYS B 1024 21.55 -31.38 24.94
CA LYS B 1024 20.61 -30.31 25.27
C LYS B 1024 20.61 -29.25 24.19
N ARG B 1025 19.40 -28.88 23.74
CA ARG B 1025 19.24 -27.83 22.73
C ARG B 1025 17.94 -27.08 23.00
N LEU B 1026 17.91 -25.83 22.56
CA LEU B 1026 16.77 -24.93 22.78
C LEU B 1026 16.12 -24.66 21.43
N ILE B 1027 14.89 -25.12 21.26
CA ILE B 1027 14.23 -25.15 19.95
C ILE B 1027 13.18 -24.04 19.92
N ILE B 1028 13.47 -22.95 19.20
CA ILE B 1028 12.54 -21.86 19.01
C ILE B 1028 11.88 -21.98 17.65
N LYS B 1029 10.59 -21.63 17.59
CA LYS B 1029 9.94 -21.29 16.34
C LYS B 1029 9.13 -20.02 16.58
N LEU B 1030 9.39 -19.00 15.77
CA LEU B 1030 8.51 -17.83 15.74
C LEU B 1030 7.32 -18.16 14.86
N GLU B 1031 6.11 -17.96 15.40
CA GLU B 1031 4.88 -18.32 14.70
C GLU B 1031 4.31 -17.14 13.93
N THR B 1032 3.90 -16.09 14.64
CA THR B 1032 3.51 -14.83 14.00
C THR B 1032 3.82 -13.69 14.96
N ILE B 1033 4.05 -12.52 14.39
CA ILE B 1033 4.17 -11.28 15.16
C ILE B 1033 2.91 -10.47 14.94
N SER B 1034 2.54 -9.69 15.95
CA SER B 1034 1.21 -9.11 16.03
C SER B 1034 1.21 -7.62 15.69
N GLU B 1035 0.00 -7.09 15.58
CA GLU B 1035 -0.21 -5.66 15.49
C GLU B 1035 0.42 -4.95 16.69
N PRO B 1036 0.95 -3.75 16.49
CA PRO B 1036 1.34 -2.93 17.64
C PRO B 1036 0.10 -2.56 18.46
N ASP B 1037 0.13 -2.89 19.75
CA ASP B 1037 -1.00 -2.65 20.62
C ASP B 1037 -1.05 -1.18 21.01
N GLU B 1038 -1.88 -0.86 22.02
CA GLU B 1038 -1.97 0.51 22.52
C GLU B 1038 -0.59 1.11 22.79
N ASN B 1039 0.24 0.41 23.55
CA ASN B 1039 1.61 0.85 23.74
C ASN B 1039 2.43 0.70 22.46
N GLY B 1040 2.10 -0.30 21.64
CA GLY B 1040 2.86 -0.61 20.45
C GLY B 1040 3.72 -1.85 20.57
N ASN B 1041 3.86 -2.40 21.77
CA ASN B 1041 4.64 -3.63 21.96
C ASN B 1041 3.94 -4.81 21.29
N ARG B 1042 4.32 -5.11 20.05
CA ARG B 1042 3.74 -6.24 19.34
C ARG B 1042 3.95 -7.53 20.14
N THR B 1043 2.97 -8.42 20.07
CA THR B 1043 3.07 -9.73 20.69
C THR B 1043 3.72 -10.70 19.72
N ILE B 1044 4.70 -11.45 20.19
CA ILE B 1044 5.38 -12.45 19.37
C ILE B 1044 5.04 -13.82 19.89
N TYR B 1045 4.46 -14.65 19.03
CA TYR B 1045 3.96 -15.96 19.41
C TYR B 1045 5.02 -16.99 19.05
N TYR B 1046 5.51 -17.69 20.07
CA TYR B 1046 6.65 -18.57 19.95
C TYR B 1046 6.23 -20.03 20.14
N ALA B 1047 7.24 -20.90 20.24
CA ALA B 1047 7.05 -22.31 20.55
C ALA B 1047 8.35 -22.88 21.09
N MET B 1048 8.86 -22.29 22.18
CA MET B 1048 10.17 -22.70 22.70
C MET B 1048 10.07 -24.07 23.34
N ASN B 1049 10.78 -25.04 22.77
CA ASN B 1049 10.86 -26.40 23.31
C ASN B 1049 9.48 -27.03 23.42
N GLY B 1050 8.71 -26.94 22.33
CA GLY B 1050 7.49 -27.69 22.18
C GLY B 1050 6.23 -27.00 22.68
N GLN B 1051 6.34 -25.99 23.52
CA GLN B 1051 5.17 -25.37 24.13
C GLN B 1051 5.19 -23.86 23.90
N ALA B 1052 3.98 -23.30 23.80
CA ALA B 1052 3.82 -21.92 23.37
C ALA B 1052 4.37 -20.94 24.40
N ARG B 1053 4.92 -19.84 23.89
CA ARG B 1053 5.37 -18.72 24.71
C ARG B 1053 5.04 -17.42 23.98
N ARG B 1054 4.59 -16.43 24.74
CA ARG B 1054 4.38 -15.09 24.23
C ARG B 1054 5.50 -14.18 24.74
N ILE B 1055 5.81 -13.15 23.97
CA ILE B 1055 6.76 -12.14 24.40
C ILE B 1055 6.33 -10.79 23.83
N TYR B 1056 6.39 -9.76 24.67
CA TYR B 1056 6.01 -8.41 24.31
C TYR B 1056 7.27 -7.63 23.93
N ILE B 1057 7.25 -7.01 22.76
CA ILE B 1057 8.41 -6.21 22.32
C ILE B 1057 7.92 -4.96 21.59
N LYS B 1058 8.37 -3.81 22.05
CA LYS B 1058 8.10 -2.51 21.45
C LYS B 1058 8.56 -2.46 20.00
N ASP B 1059 8.16 -1.39 19.31
CA ASP B 1059 8.45 -1.24 17.88
C ASP B 1059 8.66 0.24 17.60
N GLU B 1060 9.90 0.61 17.31
CA GLU B 1060 10.24 2.00 17.00
C GLU B 1060 10.14 2.27 15.49
N ASN B 1061 8.94 2.09 14.97
CA ASN B 1061 8.67 2.31 13.56
C ASN B 1061 7.17 2.52 13.32
N MET B 1111 -13.58 15.84 8.22
CA MET B 1111 -13.32 15.84 6.78
C MET B 1111 -12.83 17.20 6.31
N LYS B 1112 -11.53 17.44 6.48
CA LYS B 1112 -10.90 18.73 6.18
C LYS B 1112 -11.47 19.84 7.06
N MET B 1113 -11.99 19.47 8.23
CA MET B 1113 -12.51 20.43 9.20
C MET B 1113 -11.88 20.15 10.56
N GLU B 1114 -11.76 21.21 11.36
CA GLU B 1114 -11.16 21.10 12.68
C GLU B 1114 -12.23 21.06 13.77
N GLN C 3 23.43 -47.64 41.97
CA GLN C 3 23.83 -48.64 40.99
C GLN C 3 23.46 -48.22 39.57
N ILE C 4 22.35 -47.51 39.46
CA ILE C 4 21.92 -46.91 38.19
C ILE C 4 22.26 -45.43 38.23
N LYS C 5 23.03 -44.97 37.24
CA LYS C 5 23.50 -43.59 37.21
C LYS C 5 22.90 -42.77 36.07
N LYS C 6 22.81 -43.32 34.87
CA LYS C 6 22.19 -42.66 33.74
C LYS C 6 21.29 -43.65 33.03
N LEU C 7 20.04 -43.24 32.78
CA LEU C 7 19.03 -44.13 32.22
C LEU C 7 18.51 -43.58 30.90
N LEU C 8 18.19 -44.51 30.00
CA LEU C 8 17.59 -44.19 28.70
C LEU C 8 16.27 -44.94 28.57
N VAL C 9 15.24 -44.24 28.11
CA VAL C 9 13.95 -44.85 27.84
C VAL C 9 13.80 -44.95 26.33
N ALA C 10 13.89 -46.18 25.82
CA ALA C 10 13.74 -46.44 24.39
C ALA C 10 12.28 -46.39 23.94
N ASN C 11 11.50 -45.45 24.49
CA ASN C 11 10.12 -45.26 24.07
C ASN C 11 9.82 -43.77 23.95
N ARG C 12 8.55 -43.39 24.11
CA ARG C 12 8.15 -42.03 23.80
C ARG C 12 6.80 -41.73 24.47
N GLY C 13 6.39 -40.48 24.36
CA GLY C 13 5.04 -40.10 24.72
C GLY C 13 4.79 -40.17 26.21
N GLU C 14 3.65 -40.77 26.58
CA GLU C 14 3.20 -40.74 27.96
C GLU C 14 4.03 -41.68 28.84
N ILE C 15 4.37 -42.86 28.34
CA ILE C 15 5.15 -43.79 29.16
C ILE C 15 6.55 -43.23 29.41
N ALA C 16 7.22 -42.74 28.37
CA ALA C 16 8.52 -42.11 28.55
C ALA C 16 8.47 -41.04 29.65
N ILE C 17 7.38 -40.26 29.68
CA ILE C 17 7.16 -39.31 30.76
C ILE C 17 7.23 -40.02 32.11
N ARG C 18 6.57 -41.17 32.21
CA ARG C 18 6.45 -41.87 33.48
C ARG C 18 7.81 -42.31 34.02
N ILE C 19 8.57 -43.07 33.21
CA ILE C 19 9.86 -43.58 33.71
C ILE C 19 10.81 -42.43 34.01
N PHE C 20 10.82 -41.40 33.16
CA PHE C 20 11.64 -40.22 33.42
C PHE C 20 11.40 -39.70 34.84
N ALA C 21 10.13 -39.41 35.15
CA ALA C 21 9.80 -38.86 36.47
C ALA C 21 10.13 -39.85 37.59
N ALA C 22 9.85 -41.13 37.37
CA ALA C 22 10.25 -42.14 38.34
C ALA C 22 11.76 -42.16 38.51
N ALA C 23 12.50 -42.21 37.39
CA ALA C 23 13.95 -42.13 37.47
C ALA C 23 14.42 -40.81 38.06
N ALA C 24 13.80 -39.70 37.62
CA ALA C 24 14.12 -38.40 38.21
C ALA C 24 13.86 -38.40 39.70
N GLU C 25 12.83 -39.13 40.14
CA GLU C 25 12.55 -39.23 41.57
C GLU C 25 13.62 -40.04 42.30
N LEU C 26 14.26 -40.97 41.60
CA LEU C 26 15.35 -41.76 42.18
C LEU C 26 16.72 -41.14 41.94
N ASP C 27 16.76 -39.89 41.49
CA ASP C 27 18.00 -39.17 41.20
C ASP C 27 18.87 -39.95 40.21
N ILE C 28 18.25 -40.39 39.13
CA ILE C 28 18.95 -40.97 37.99
C ILE C 28 18.85 -39.96 36.84
N SER C 29 19.97 -39.75 36.15
CA SER C 29 19.94 -38.91 34.97
C SER C 29 19.17 -39.61 33.85
N THR C 30 18.41 -38.82 33.09
CA THR C 30 17.45 -39.36 32.12
C THR C 30 17.87 -38.96 30.71
N VAL C 31 17.82 -39.93 29.80
CA VAL C 31 18.17 -39.71 28.39
C VAL C 31 16.96 -40.10 27.54
N ALA C 32 16.60 -39.23 26.60
CA ALA C 32 15.42 -39.41 25.76
C ALA C 32 15.83 -39.57 24.30
N ILE C 33 15.21 -40.54 23.63
CA ILE C 33 15.35 -40.71 22.19
C ILE C 33 14.00 -40.43 21.55
N TYR C 34 14.03 -40.05 20.27
CA TYR C 34 12.83 -39.59 19.60
C TYR C 34 12.92 -39.85 18.10
N SER C 35 11.76 -39.87 17.47
CA SER C 35 11.63 -40.04 16.03
C SER C 35 11.64 -38.69 15.33
N ASN C 36 12.06 -38.70 14.06
CA ASN C 36 11.98 -37.52 13.21
C ASN C 36 10.63 -36.85 13.37
N GLU C 37 9.56 -37.64 13.42
CA GLU C 37 8.21 -37.14 13.60
C GLU C 37 7.92 -36.69 15.02
N ASP C 38 8.78 -37.00 15.97
CA ASP C 38 8.58 -36.61 17.37
C ASP C 38 9.56 -35.53 17.81
N LYS C 39 10.01 -34.70 16.87
CA LYS C 39 10.94 -33.62 17.20
C LYS C 39 10.31 -32.57 18.11
N SER C 40 8.98 -32.48 18.14
CA SER C 40 8.27 -31.56 19.00
C SER C 40 7.49 -32.27 20.11
N SER C 41 7.80 -33.55 20.34
CA SER C 41 7.14 -34.28 21.42
C SER C 41 7.54 -33.71 22.77
N LEU C 42 6.67 -33.90 23.76
CA LEU C 42 6.92 -33.36 25.09
C LEU C 42 7.92 -34.22 25.86
N HIS C 43 7.93 -35.54 25.63
CA HIS C 43 8.84 -36.43 26.34
C HIS C 43 10.31 -36.10 26.07
N ARG C 44 10.59 -35.28 25.06
CA ARG C 44 11.97 -34.93 24.72
C ARG C 44 12.68 -34.24 25.88
N TYR C 45 12.04 -33.24 26.48
CA TYR C 45 12.70 -32.34 27.41
C TYR C 45 12.46 -32.68 28.88
N LYS C 46 11.52 -33.57 29.19
CA LYS C 46 11.37 -34.02 30.57
C LYS C 46 12.59 -34.80 31.02
N ALA C 47 13.32 -35.41 30.08
CA ALA C 47 14.62 -35.99 30.35
C ALA C 47 15.70 -34.92 30.25
N ASP C 48 16.87 -35.24 30.79
CA ASP C 48 17.97 -34.29 30.78
C ASP C 48 18.58 -34.17 29.39
N GLU C 49 18.98 -35.30 28.81
CA GLU C 49 19.59 -35.33 27.47
C GLU C 49 18.62 -35.92 26.47
N SER C 50 18.73 -35.46 25.23
CA SER C 50 17.84 -35.90 24.15
C SER C 50 18.65 -36.05 22.87
N TYR C 51 18.45 -37.16 22.17
CA TYR C 51 19.18 -37.46 20.94
C TYR C 51 18.21 -37.90 19.85
N LEU C 52 18.57 -37.58 18.61
CA LEU C 52 17.83 -38.08 17.45
C LEU C 52 18.34 -39.47 17.10
N VAL C 53 17.40 -40.38 16.82
CA VAL C 53 17.78 -41.73 16.42
C VAL C 53 18.46 -41.72 15.06
N GLY C 54 18.05 -40.82 14.18
CA GLY C 54 18.71 -40.69 12.89
C GLY C 54 17.78 -40.08 11.86
N SER C 55 18.35 -39.83 10.68
CA SER C 55 17.56 -39.25 9.60
C SER C 55 16.79 -40.33 8.83
N ASP C 56 17.43 -41.44 8.52
CA ASP C 56 16.88 -42.45 7.62
C ASP C 56 15.99 -43.47 8.32
N LEU C 57 15.75 -43.32 9.62
CA LEU C 57 14.93 -44.31 10.32
C LEU C 57 13.50 -44.33 9.80
N GLY C 58 12.86 -43.16 9.73
CA GLY C 58 11.53 -43.06 9.18
C GLY C 58 10.50 -42.65 10.22
N PRO C 59 9.27 -43.17 10.07
CA PRO C 59 8.18 -42.77 10.96
C PRO C 59 8.29 -43.36 12.36
N ALA C 60 8.10 -44.67 12.48
CA ALA C 60 8.16 -45.36 13.76
C ALA C 60 9.33 -46.31 13.88
N GLU C 61 10.22 -46.34 12.87
CA GLU C 61 11.41 -47.18 12.90
C GLU C 61 12.57 -46.52 13.64
N SER C 62 12.32 -45.42 14.35
CA SER C 62 13.32 -44.83 15.22
C SER C 62 13.31 -45.47 16.60
N TYR C 63 12.14 -45.90 17.08
CA TYR C 63 12.02 -46.68 18.30
C TYR C 63 11.97 -48.18 18.02
N LEU C 64 12.48 -48.60 16.86
CA LEU C 64 12.55 -50.01 16.50
C LEU C 64 13.91 -50.44 15.99
N ASN C 65 14.82 -49.48 15.73
CA ASN C 65 16.19 -49.78 15.32
C ASN C 65 17.02 -49.97 16.59
N ILE C 66 17.10 -51.22 17.04
CA ILE C 66 17.85 -51.59 18.24
C ILE C 66 19.24 -50.98 18.15
N GLU C 67 19.97 -51.31 17.08
CA GLU C 67 21.36 -50.90 16.93
C GLU C 67 21.55 -49.41 17.14
N ARG C 68 20.71 -48.59 16.51
CA ARG C 68 20.84 -47.14 16.65
C ARG C 68 20.53 -46.69 18.08
N ILE C 69 19.76 -47.48 18.82
CA ILE C 69 19.43 -47.12 20.19
C ILE C 69 20.48 -47.61 21.18
N ILE C 70 21.05 -48.80 20.98
CA ILE C 70 22.21 -49.15 21.80
C ILE C 70 23.39 -48.26 21.44
N ASP C 71 23.48 -47.82 20.18
CA ASP C 71 24.54 -46.91 19.79
C ASP C 71 24.37 -45.55 20.45
N VAL C 72 23.15 -45.00 20.41
CA VAL C 72 22.87 -43.75 21.11
C VAL C 72 23.14 -43.89 22.59
N ALA C 73 22.73 -45.03 23.16
CA ALA C 73 23.03 -45.33 24.56
C ALA C 73 24.52 -45.32 24.82
N LYS C 74 25.28 -46.10 24.04
CA LYS C 74 26.73 -46.17 24.21
C LYS C 74 27.38 -44.80 24.03
N GLN C 75 26.85 -44.00 23.10
CA GLN C 75 27.36 -42.64 22.92
C GLN C 75 27.23 -41.85 24.22
N ALA C 76 26.21 -42.11 25.01
CA ALA C 76 26.04 -41.48 26.31
C ALA C 76 26.60 -42.32 27.46
N ASN C 77 26.89 -43.59 27.22
CA ASN C 77 27.30 -44.53 28.27
C ASN C 77 26.27 -44.55 29.40
N VAL C 78 25.03 -44.84 29.03
CA VAL C 78 23.96 -44.94 29.99
C VAL C 78 24.03 -46.30 30.67
N ASP C 79 23.77 -46.32 31.97
CA ASP C 79 23.85 -47.56 32.73
C ASP C 79 22.80 -48.56 32.26
N ALA C 80 21.57 -48.10 32.06
CA ALA C 80 20.46 -49.01 31.83
C ALA C 80 19.49 -48.43 30.81
N ILE C 81 18.52 -49.26 30.42
CA ILE C 81 17.52 -48.92 29.42
C ILE C 81 16.19 -49.50 29.89
N HIS C 82 15.14 -48.68 29.84
CA HIS C 82 13.77 -49.08 30.10
C HIS C 82 12.98 -48.99 28.80
N PRO C 83 12.35 -50.07 28.36
CA PRO C 83 11.70 -50.10 27.05
C PRO C 83 10.26 -49.66 27.02
N GLY C 84 9.71 -49.12 28.11
CA GLY C 84 8.30 -48.79 28.18
C GLY C 84 7.42 -50.02 28.01
N TYR C 85 6.28 -49.83 27.38
CA TYR C 85 5.41 -50.92 26.99
C TYR C 85 5.46 -51.09 25.47
N GLY C 86 5.03 -52.26 25.02
CA GLY C 86 4.98 -52.56 23.61
C GLY C 86 6.33 -52.75 22.96
N PHE C 87 6.68 -51.80 22.09
CA PHE C 87 7.81 -51.79 21.15
C PHE C 87 8.83 -52.91 21.38
N LEU C 88 9.92 -52.61 22.06
CA LEU C 88 11.00 -53.57 22.27
C LEU C 88 10.92 -54.27 23.62
N SER C 89 9.94 -53.93 24.46
CA SER C 89 9.84 -54.46 25.81
C SER C 89 9.73 -55.97 25.85
N GLU C 90 9.40 -56.62 24.74
CA GLU C 90 9.28 -58.07 24.70
C GLU C 90 10.11 -58.67 23.56
N ASN C 91 11.11 -57.94 23.08
CA ASN C 91 12.00 -58.40 22.02
C ASN C 91 13.24 -59.01 22.67
N GLU C 92 13.49 -60.29 22.39
CA GLU C 92 14.62 -60.98 23.02
C GLU C 92 15.96 -60.41 22.58
N GLN C 93 16.06 -60.00 21.31
CA GLN C 93 17.33 -59.49 20.81
C GLN C 93 17.73 -58.20 21.51
N PHE C 94 16.79 -57.25 21.61
CA PHE C 94 17.08 -56.00 22.29
C PHE C 94 17.50 -56.22 23.72
N ALA C 95 16.89 -57.20 24.40
CA ALA C 95 17.28 -57.52 25.77
C ALA C 95 18.73 -57.99 25.83
N ARG C 96 19.09 -58.96 24.98
CA ARG C 96 20.45 -59.51 25.01
C ARG C 96 21.46 -58.48 24.53
N ARG C 97 21.16 -57.79 23.42
CA ARG C 97 22.07 -56.76 22.93
C ARG C 97 22.33 -55.70 23.99
N CYS C 98 21.31 -55.39 24.79
CA CYS C 98 21.52 -54.53 25.95
C CYS C 98 22.52 -55.16 26.91
N ALA C 99 22.32 -56.43 27.25
CA ALA C 99 23.21 -57.10 28.18
C ALA C 99 24.63 -57.20 27.62
N GLU C 100 24.75 -57.44 26.31
CA GLU C 100 26.06 -57.70 25.71
C GLU C 100 26.97 -56.48 25.75
N GLU C 101 26.40 -55.27 25.75
CA GLU C 101 27.17 -54.04 25.75
C GLU C 101 27.28 -53.40 27.13
N GLY C 102 26.92 -54.12 28.19
CA GLY C 102 26.97 -53.56 29.52
C GLY C 102 25.80 -52.68 29.90
N ILE C 103 24.63 -52.94 29.32
CA ILE C 103 23.42 -52.18 29.60
C ILE C 103 22.42 -53.10 30.27
N LYS C 104 21.90 -52.69 31.42
CA LYS C 104 20.91 -53.48 32.14
C LYS C 104 19.54 -53.22 31.53
N PHE C 105 19.05 -54.17 30.74
CA PHE C 105 17.68 -54.13 30.26
C PHE C 105 16.74 -54.28 31.45
N ILE C 106 15.88 -53.29 31.67
CA ILE C 106 14.95 -53.31 32.79
C ILE C 106 13.82 -54.27 32.45
N GLY C 107 13.75 -55.39 33.16
CA GLY C 107 12.71 -56.37 32.94
C GLY C 107 13.09 -57.73 33.47
N PRO C 108 12.45 -58.78 32.95
CA PRO C 108 12.71 -60.17 33.33
C PRO C 108 13.97 -60.73 32.68
N LEU C 110 15.78 -62.80 30.45
CA LEU C 110 15.98 -63.31 29.09
C LEU C 110 15.27 -64.64 28.90
N GLU C 111 15.46 -65.56 29.86
CA GLU C 111 14.75 -66.84 29.80
C GLU C 111 13.25 -66.65 29.99
N HIS C 112 12.84 -65.57 30.66
CA HIS C 112 11.42 -65.25 30.76
C HIS C 112 10.90 -64.68 29.44
N LEU C 113 11.71 -63.86 28.78
CA LEU C 113 11.33 -63.36 27.45
C LEU C 113 11.17 -64.50 26.46
N ASP C 114 11.91 -65.60 26.66
CA ASP C 114 11.73 -66.78 25.83
C ASP C 114 10.57 -67.65 26.33
N MET C 115 10.44 -67.77 27.66
CA MET C 115 9.38 -68.61 28.23
C MET C 115 8.00 -68.10 27.84
N PHE C 116 7.85 -66.79 27.65
CA PHE C 116 6.55 -66.20 27.31
C PHE C 116 6.50 -65.58 25.92
N GLY C 117 7.64 -65.38 25.27
CA GLY C 117 7.66 -64.82 23.93
C GLY C 117 6.78 -65.55 22.92
N ASP C 118 6.34 -66.77 23.24
CA ASP C 118 5.45 -67.54 22.39
C ASP C 118 4.13 -67.76 23.14
N LYS C 119 3.05 -67.88 22.37
CA LYS C 119 1.76 -68.22 22.96
C LYS C 119 1.76 -69.66 23.46
N VAL C 120 2.26 -70.59 22.65
CA VAL C 120 2.20 -72.00 22.98
C VAL C 120 3.25 -72.38 24.01
N LYS C 121 4.43 -71.76 23.95
CA LYS C 121 5.47 -72.06 24.94
C LYS C 121 5.07 -71.58 26.33
N ALA C 122 4.35 -70.45 26.42
CA ALA C 122 3.87 -69.98 27.71
C ALA C 122 2.88 -70.97 28.32
N ARG C 123 1.94 -71.46 27.51
CA ARG C 123 1.02 -72.49 27.98
C ARG C 123 1.78 -73.71 28.46
N THR C 124 2.82 -74.11 27.74
CA THR C 124 3.67 -75.21 28.19
C THR C 124 4.31 -74.90 29.54
N THR C 125 4.66 -73.64 29.79
CA THR C 125 5.12 -73.24 31.11
C THR C 125 3.98 -73.22 32.11
N ALA C 126 2.76 -72.91 31.67
CA ALA C 126 1.61 -72.95 32.56
C ALA C 126 1.28 -74.37 32.97
N ILE C 127 1.44 -75.33 32.05
CA ILE C 127 1.27 -76.73 32.40
C ILE C 127 2.32 -77.14 33.42
N LYS C 128 3.56 -76.68 33.25
CA LYS C 128 4.58 -76.91 34.26
C LYS C 128 4.20 -76.26 35.59
N ALA C 129 3.66 -75.04 35.53
CA ALA C 129 3.13 -74.41 36.73
C ALA C 129 1.84 -75.05 37.22
N ASP C 130 1.25 -75.95 36.42
CA ASP C 130 0.00 -76.62 36.78
C ASP C 130 -1.14 -75.63 37.00
N LEU C 131 -1.08 -74.49 36.33
CA LEU C 131 -2.16 -73.51 36.35
C LEU C 131 -3.16 -73.82 35.25
N PRO C 132 -4.46 -73.86 35.57
CA PRO C 132 -5.48 -74.25 34.58
C PRO C 132 -5.29 -73.63 33.20
N VAL C 133 -5.41 -74.44 32.16
CA VAL C 133 -5.21 -74.02 30.78
C VAL C 133 -6.43 -74.41 29.97
N ILE C 134 -6.84 -73.48 29.11
CA ILE C 134 -7.98 -73.68 28.19
C ILE C 134 -7.62 -74.74 27.14
N PRO C 135 -8.56 -75.60 26.71
CA PRO C 135 -8.22 -76.68 25.79
C PRO C 135 -7.90 -76.13 24.41
N GLY C 136 -6.84 -76.67 23.85
CA GLY C 136 -6.40 -76.28 22.53
C GLY C 136 -5.61 -77.36 21.85
N THR C 137 -4.71 -76.95 20.95
CA THR C 137 -3.87 -77.87 20.22
C THR C 137 -2.55 -78.07 20.97
N ASP C 138 -1.60 -78.74 20.34
CA ASP C 138 -0.28 -78.94 20.94
C ASP C 138 0.71 -77.93 20.39
N ILE C 206 -14.98 -71.15 25.24
CA ILE C 206 -15.13 -70.49 26.54
C ILE C 206 -15.97 -69.22 26.38
N ASP C 207 -17.17 -69.23 26.95
CA ASP C 207 -18.14 -68.17 26.72
C ASP C 207 -18.48 -67.45 28.03
N ASN C 208 -19.01 -66.24 27.86
CA ASN C 208 -19.25 -65.28 28.94
C ASN C 208 -18.07 -65.23 29.93
N PRO C 209 -16.85 -64.90 29.46
CA PRO C 209 -15.71 -64.96 30.38
C PRO C 209 -15.09 -63.60 30.68
N LYS C 210 -14.88 -63.32 31.96
CA LYS C 210 -14.38 -62.02 32.40
C LYS C 210 -12.85 -62.04 32.38
N HIS C 211 -12.26 -61.16 31.58
CA HIS C 211 -10.80 -61.07 31.50
C HIS C 211 -10.25 -60.50 32.80
N ILE C 212 -9.33 -61.25 33.43
CA ILE C 212 -8.81 -60.92 34.75
C ILE C 212 -7.29 -61.04 34.72
N GLU C 213 -6.62 -59.96 35.09
CA GLU C 213 -5.16 -59.91 35.15
C GLU C 213 -4.72 -59.64 36.58
N VAL C 214 -3.67 -60.34 37.01
CA VAL C 214 -3.07 -60.14 38.33
C VAL C 214 -1.70 -59.53 38.14
N GLN C 215 -1.42 -58.46 38.89
CA GLN C 215 -0.10 -57.85 38.87
C GLN C 215 0.82 -58.61 39.82
N VAL C 216 1.89 -59.18 39.28
CA VAL C 216 2.90 -59.85 40.08
C VAL C 216 4.21 -59.09 39.92
N ILE C 217 4.98 -59.04 41.00
CA ILE C 217 6.25 -58.32 41.02
C ILE C 217 7.28 -59.16 41.76
N GLY C 218 8.41 -59.42 41.12
CA GLY C 218 9.50 -60.14 41.75
C GLY C 218 10.80 -59.36 41.62
N ASP C 219 11.73 -59.67 42.52
CA ASP C 219 13.06 -59.07 42.47
C ASP C 219 14.09 -60.14 42.11
N GLU C 220 15.35 -59.69 41.98
CA GLU C 220 16.42 -60.61 41.62
C GLU C 220 16.56 -61.74 42.65
N HIS C 221 16.20 -61.47 43.91
CA HIS C 221 16.30 -62.47 44.95
C HIS C 221 15.15 -63.48 44.91
N GLY C 222 14.04 -63.11 44.30
CA GLY C 222 12.91 -64.01 44.13
C GLY C 222 11.65 -63.68 44.90
N ASN C 223 11.57 -62.50 45.52
CA ASN C 223 10.37 -62.10 46.27
C ASN C 223 9.27 -61.73 45.28
N ILE C 224 8.37 -62.67 45.02
CA ILE C 224 7.35 -62.52 43.99
C ILE C 224 6.04 -62.17 44.70
N VAL C 225 5.85 -60.88 44.96
CA VAL C 225 4.61 -60.39 45.55
C VAL C 225 3.60 -60.13 44.45
N HIS C 226 2.37 -59.80 44.82
CA HIS C 226 1.33 -59.51 43.85
C HIS C 226 0.50 -58.31 44.30
N LEU C 227 0.09 -57.50 43.34
CA LEU C 227 -0.70 -56.29 43.60
C LEU C 227 -2.16 -56.49 43.24
N PHE C 228 -2.70 -57.67 43.54
CA PHE C 228 -4.09 -58.03 43.31
C PHE C 228 -4.48 -57.92 41.84
N GLU C 229 -5.78 -57.95 41.55
CA GLU C 229 -6.26 -58.16 40.20
C GLU C 229 -6.75 -56.85 39.59
N ARG C 230 -7.36 -56.96 38.41
CA ARG C 230 -8.03 -55.86 37.74
C ARG C 230 -8.90 -56.48 36.65
N ASP C 231 -10.17 -56.08 36.61
CA ASP C 231 -11.06 -56.60 35.58
C ASP C 231 -10.83 -55.86 34.28
N CYS C 232 -10.78 -56.62 33.18
CA CYS C 232 -10.47 -56.08 31.86
C CYS C 232 -11.50 -56.54 30.83
N SER C 233 -12.75 -56.76 31.25
CA SER C 233 -13.73 -57.32 30.33
C SER C 233 -14.36 -56.27 29.43
N VAL C 234 -14.47 -55.03 29.88
CA VAL C 234 -15.11 -54.01 29.06
C VAL C 234 -14.20 -53.70 27.88
N GLN C 235 -14.58 -54.18 26.70
CA GLN C 235 -13.76 -54.01 25.50
C GLN C 235 -14.60 -54.30 24.27
N ARG C 236 -14.08 -53.85 23.13
CA ARG C 236 -14.64 -54.16 21.82
C ARG C 236 -13.54 -54.78 20.98
N ARG C 237 -13.90 -55.82 20.23
CA ARG C 237 -12.94 -56.60 19.44
C ARG C 237 -11.83 -57.05 20.39
N HIS C 238 -10.56 -56.82 20.05
CA HIS C 238 -9.47 -57.33 20.87
C HIS C 238 -9.00 -56.35 21.92
N GLN C 239 -9.05 -55.05 21.64
CA GLN C 239 -8.46 -54.06 22.54
C GLN C 239 -9.40 -53.73 23.70
N LYS C 240 -8.87 -53.74 24.91
CA LYS C 240 -9.63 -53.32 26.07
C LYS C 240 -9.92 -51.82 25.99
N VAL C 241 -10.98 -51.39 26.67
CA VAL C 241 -11.32 -49.97 26.71
C VAL C 241 -11.65 -49.47 28.11
N VAL C 242 -12.04 -50.32 29.05
CA VAL C 242 -12.24 -49.92 30.43
C VAL C 242 -11.67 -50.98 31.36
N GLU C 243 -10.85 -50.55 32.32
CA GLU C 243 -10.30 -51.41 33.35
C GLU C 243 -10.81 -50.97 34.71
N VAL C 244 -10.94 -51.94 35.63
CA VAL C 244 -11.40 -51.68 36.99
C VAL C 244 -10.51 -52.46 37.94
N ALA C 245 -10.00 -51.80 38.97
CA ALA C 245 -9.11 -52.42 39.94
C ALA C 245 -9.61 -52.13 41.34
N PRO C 246 -9.93 -53.16 42.14
CA PRO C 246 -9.95 -54.58 41.77
C PRO C 246 -11.28 -54.93 41.12
N SER C 247 -11.57 -56.22 40.96
CA SER C 247 -12.87 -56.64 40.46
C SER C 247 -13.97 -56.18 41.43
N VAL C 248 -15.18 -56.04 40.89
CA VAL C 248 -16.33 -55.65 41.68
C VAL C 248 -17.20 -56.85 42.03
N GLY C 249 -17.40 -57.77 41.09
CA GLY C 249 -18.36 -58.83 41.27
C GLY C 249 -17.82 -60.25 41.31
N LEU C 250 -16.63 -60.43 41.88
CA LEU C 250 -16.11 -61.76 42.13
C LEU C 250 -16.33 -62.12 43.60
N SER C 251 -15.89 -63.30 43.98
CA SER C 251 -15.94 -63.69 45.38
C SER C 251 -14.64 -63.31 46.07
N PRO C 252 -14.66 -63.14 47.39
CA PRO C 252 -13.39 -62.99 48.13
C PRO C 252 -12.50 -64.22 48.04
N THR C 253 -12.99 -65.32 47.46
CA THR C 253 -12.27 -66.57 47.32
C THR C 253 -11.75 -66.80 45.91
N LEU C 254 -12.54 -66.49 44.88
CA LEU C 254 -12.04 -66.57 43.52
C LEU C 254 -10.87 -65.63 43.30
N ARG C 255 -10.88 -64.47 43.97
CA ARG C 255 -9.73 -63.58 43.96
C ARG C 255 -8.57 -64.15 44.76
N GLN C 256 -8.82 -65.10 45.65
CA GLN C 256 -7.74 -65.72 46.41
C GLN C 256 -7.08 -66.84 45.62
N ARG C 257 -7.87 -67.64 44.90
CA ARG C 257 -7.30 -68.71 44.10
C ARG C 257 -6.56 -68.16 42.88
N ILE C 258 -7.16 -67.18 42.19
CA ILE C 258 -6.53 -66.56 41.03
C ILE C 258 -5.16 -66.01 41.41
N CYS C 259 -5.12 -65.16 42.44
CA CYS C 259 -3.89 -64.47 42.80
C CYS C 259 -2.83 -65.44 43.30
N ASP C 260 -3.24 -66.54 43.93
CA ASP C 260 -2.26 -67.56 44.33
C ASP C 260 -1.68 -68.26 43.10
N ALA C 261 -2.49 -68.46 42.06
CA ALA C 261 -2.00 -69.08 40.84
C ALA C 261 -0.95 -68.22 40.16
N ALA C 262 -1.16 -66.90 40.13
CA ALA C 262 -0.18 -66.01 39.51
C ALA C 262 1.15 -66.04 40.25
N ILE C 263 1.11 -66.07 41.59
CA ILE C 263 2.34 -66.23 42.35
C ILE C 263 2.89 -67.65 42.21
N GLN C 264 2.03 -68.62 41.91
CA GLN C 264 2.52 -69.99 41.69
C GLN C 264 3.44 -70.05 40.47
N LEU C 265 2.91 -69.66 39.29
CA LEU C 265 3.71 -69.66 38.07
C LEU C 265 4.96 -68.81 38.26
N MET C 266 4.79 -67.55 38.63
CA MET C 266 5.91 -66.61 38.73
C MET C 266 6.92 -66.99 39.81
N GLU C 267 6.60 -67.94 40.68
CA GLU C 267 7.59 -68.47 41.62
C GLU C 267 8.27 -69.73 41.11
N ASN C 268 7.64 -70.48 40.20
CA ASN C 268 8.31 -71.62 39.58
C ASN C 268 9.44 -71.14 38.69
N ILE C 269 9.17 -70.17 37.82
CA ILE C 269 10.18 -69.63 36.91
C ILE C 269 11.06 -68.59 37.58
N LYS C 270 10.84 -68.30 38.86
CA LYS C 270 11.61 -67.33 39.61
C LYS C 270 11.66 -65.99 38.88
N TYR C 271 10.48 -65.45 38.63
CA TYR C 271 10.35 -64.27 37.78
C TYR C 271 10.96 -63.03 38.45
N VAL C 272 11.61 -62.20 37.64
CA VAL C 272 12.28 -60.99 38.12
C VAL C 272 11.59 -59.77 37.51
N ASN C 273 11.64 -58.67 38.25
CA ASN C 273 11.02 -57.39 37.90
C ASN C 273 9.50 -57.51 37.95
N ALA C 274 8.79 -56.78 37.09
CA ALA C 274 7.34 -56.68 37.15
C ALA C 274 6.69 -57.26 35.91
N GLY C 275 5.51 -57.85 36.08
CA GLY C 275 4.80 -58.47 34.98
C GLY C 275 3.41 -58.89 35.39
N THR C 276 2.63 -59.27 34.39
CA THR C 276 1.21 -59.55 34.54
C THR C 276 0.91 -60.99 34.12
N VAL C 277 -0.14 -61.57 34.70
CA VAL C 277 -0.59 -62.92 34.38
C VAL C 277 -2.06 -62.81 33.97
N GLU C 278 -2.34 -62.93 32.68
CA GLU C 278 -3.69 -62.75 32.16
C GLU C 278 -4.47 -64.05 32.27
N PHE C 279 -5.61 -64.01 32.95
CA PHE C 279 -6.48 -65.16 33.12
C PHE C 279 -7.83 -64.92 32.43
N LEU C 280 -8.59 -66.00 32.30
CA LEU C 280 -9.97 -65.95 31.85
C LEU C 280 -10.82 -66.65 32.90
N VAL C 281 -12.04 -66.13 33.14
CA VAL C 281 -12.90 -66.62 34.21
C VAL C 281 -14.33 -66.73 33.69
N SER C 282 -14.93 -67.91 33.84
CA SER C 282 -16.35 -68.11 33.58
C SER C 282 -16.95 -68.84 34.77
N GLY C 283 -17.99 -68.25 35.36
CA GLY C 283 -18.62 -68.83 36.54
C GLY C 283 -17.66 -69.01 37.69
N ASP C 284 -17.34 -70.27 38.02
CA ASP C 284 -16.41 -70.58 39.09
C ASP C 284 -15.05 -71.06 38.59
N GLU C 285 -14.90 -71.28 37.29
CA GLU C 285 -13.66 -71.79 36.72
C GLU C 285 -12.83 -70.67 36.12
N PHE C 286 -11.53 -70.93 35.98
CA PHE C 286 -10.58 -69.96 35.45
C PHE C 286 -9.43 -70.72 34.81
N PHE C 287 -8.82 -70.10 33.80
CA PHE C 287 -7.76 -70.74 33.03
C PHE C 287 -6.72 -69.71 32.61
N PHE C 288 -5.48 -70.17 32.42
CA PHE C 288 -4.38 -69.29 32.04
C PHE C 288 -4.42 -68.98 30.55
N ILE C 289 -4.06 -67.73 30.20
CA ILE C 289 -4.15 -67.22 28.83
C ILE C 289 -2.80 -66.73 28.32
N GLU C 290 -2.17 -65.80 29.03
CA GLU C 290 -0.98 -65.12 28.55
C GLU C 290 -0.27 -64.46 29.73
N VAL C 291 1.06 -64.41 29.70
CA VAL C 291 1.83 -63.81 30.78
C VAL C 291 2.87 -62.83 30.25
N ASN C 292 2.45 -61.61 29.98
CA ASN C 292 3.37 -60.63 29.39
C ASN C 292 4.19 -59.90 30.42
N PRO C 293 5.50 -59.89 30.18
CA PRO C 293 6.64 -59.37 30.91
C PRO C 293 7.04 -57.97 30.53
N ARG C 294 6.18 -57.05 30.91
CA ARG C 294 6.36 -55.64 30.70
C ARG C 294 5.30 -54.93 31.45
N VAL C 295 5.51 -53.65 31.50
CA VAL C 295 4.57 -52.68 32.04
C VAL C 295 3.40 -52.50 31.08
N GLN C 296 2.28 -52.05 31.62
CA GLN C 296 1.06 -51.84 30.85
C GLN C 296 0.52 -50.45 31.12
N VAL C 297 -0.20 -49.91 30.13
CA VAL C 297 -0.85 -48.61 30.32
C VAL C 297 -1.90 -48.71 31.42
N GLU C 298 -2.48 -49.89 31.60
CA GLU C 298 -3.45 -50.12 32.67
C GLU C 298 -2.79 -50.26 34.04
N HIS C 299 -1.48 -50.06 34.15
CA HIS C 299 -0.80 -50.27 35.43
C HIS C 299 -1.28 -49.30 36.50
N THR C 300 -1.67 -48.08 36.09
CA THR C 300 -1.87 -47.02 37.07
C THR C 300 -3.01 -47.30 38.02
N ILE C 301 -4.05 -48.00 37.56
CA ILE C 301 -5.15 -48.31 38.46
C ILE C 301 -4.68 -49.21 39.59
N THR C 302 -3.77 -50.14 39.29
CA THR C 302 -3.22 -50.99 40.35
C THR C 302 -2.42 -50.17 41.35
N GLU C 303 -1.54 -49.30 40.86
CA GLU C 303 -0.81 -48.40 41.75
C GLU C 303 -1.77 -47.54 42.54
N MET C 304 -2.90 -47.16 41.95
CA MET C 304 -3.86 -46.28 42.61
C MET C 304 -4.56 -46.98 43.77
N VAL C 305 -4.86 -48.27 43.62
CA VAL C 305 -5.63 -48.98 44.64
C VAL C 305 -4.75 -49.61 45.72
N THR C 306 -3.49 -49.90 45.43
CA THR C 306 -2.59 -50.45 46.45
C THR C 306 -1.57 -49.46 46.97
N GLY C 307 -1.35 -48.35 46.27
CA GLY C 307 -0.42 -47.34 46.74
C GLY C 307 1.03 -47.62 46.46
N ILE C 308 1.31 -48.56 45.56
CA ILE C 308 2.67 -48.97 45.25
C ILE C 308 3.02 -48.50 43.85
N ASP C 309 4.05 -47.67 43.75
CA ASP C 309 4.57 -47.26 42.46
C ASP C 309 5.27 -48.43 41.79
N ILE C 310 4.76 -48.85 40.63
CA ILE C 310 5.38 -49.96 39.92
C ILE C 310 6.64 -49.52 39.19
N VAL C 311 6.55 -48.42 38.44
CA VAL C 311 7.66 -48.01 37.57
C VAL C 311 8.89 -47.62 38.39
N LYS C 312 8.66 -46.87 39.47
CA LYS C 312 9.76 -46.58 40.39
C LYS C 312 10.35 -47.86 40.97
N THR C 313 9.47 -48.79 41.38
CA THR C 313 9.92 -50.08 41.86
C THR C 313 10.61 -50.87 40.75
N GLN C 314 10.17 -50.69 39.50
CA GLN C 314 10.78 -51.39 38.37
C GLN C 314 12.26 -51.03 38.23
N ILE C 315 12.59 -49.74 38.38
CA ILE C 315 13.97 -49.31 38.23
C ILE C 315 14.81 -49.82 39.40
N LEU C 316 14.27 -49.75 40.61
CA LEU C 316 15.04 -50.17 41.79
C LEU C 316 15.27 -51.67 41.79
N VAL C 317 14.22 -52.46 41.52
CA VAL C 317 14.38 -53.91 41.45
C VAL C 317 15.43 -54.29 40.41
N ALA C 318 15.44 -53.59 39.28
CA ALA C 318 16.40 -53.88 38.22
C ALA C 318 17.83 -53.50 38.61
N ALA C 319 18.00 -52.66 39.63
CA ALA C 319 19.33 -52.22 40.06
C ALA C 319 19.92 -53.17 41.09
N LEU C 323 13.40 -56.14 47.70
CA LEU C 323 11.96 -55.86 47.67
C LEU C 323 11.49 -55.34 49.02
N PHE C 324 11.91 -56.02 50.09
CA PHE C 324 11.60 -55.62 51.45
C PHE C 324 12.76 -54.87 52.10
N GLY C 325 13.67 -54.31 51.31
CA GLY C 325 14.59 -53.33 51.81
C GLY C 325 13.95 -51.95 51.85
N GLU C 326 14.60 -51.03 52.57
CA GLU C 326 14.05 -49.69 52.72
C GLU C 326 14.07 -48.88 51.43
N GLU C 327 14.66 -49.42 50.36
CA GLU C 327 14.74 -48.70 49.09
C GLU C 327 13.40 -48.71 48.38
N ILE C 328 12.78 -49.88 48.27
CA ILE C 328 11.46 -50.00 47.68
C ILE C 328 10.36 -49.90 48.74
N ASN C 329 10.45 -50.73 49.78
CA ASN C 329 9.52 -50.75 50.92
C ASN C 329 8.18 -51.40 50.56
N MET C 330 8.22 -52.47 49.80
CA MET C 330 7.00 -53.21 49.51
C MET C 330 6.52 -53.92 50.77
N PRO C 331 5.25 -53.80 51.13
CA PRO C 331 4.72 -54.60 52.25
C PRO C 331 4.73 -56.08 51.92
N GLN C 332 4.71 -56.88 52.99
CA GLN C 332 4.57 -58.33 52.83
C GLN C 332 3.21 -58.67 52.23
N GLN C 333 3.13 -59.86 51.63
CA GLN C 333 1.91 -60.23 50.92
C GLN C 333 0.70 -60.31 51.84
N LYS C 334 0.91 -60.69 53.10
CA LYS C 334 -0.18 -60.67 54.07
C LYS C 334 -0.58 -59.25 54.49
N ASP C 335 0.02 -58.24 53.86
CA ASP C 335 -0.21 -56.84 54.22
C ASP C 335 -0.56 -55.96 53.04
N ILE C 336 -0.29 -56.37 51.81
CA ILE C 336 -0.72 -55.59 50.65
C ILE C 336 -2.24 -55.64 50.56
N THR C 337 -2.87 -54.47 50.37
CA THR C 337 -4.32 -54.37 50.34
C THR C 337 -4.77 -53.52 49.16
N THR C 338 -6.09 -53.45 48.99
CA THR C 338 -6.72 -52.59 48.00
C THR C 338 -7.54 -51.53 48.72
N LEU C 339 -7.36 -50.26 48.33
CA LEU C 339 -8.10 -49.15 48.90
C LEU C 339 -9.02 -48.58 47.82
N GLY C 340 -10.32 -48.80 47.97
CA GLY C 340 -11.26 -48.24 47.03
C GLY C 340 -11.17 -48.90 45.66
N TYR C 341 -11.48 -48.11 44.64
CA TYR C 341 -11.54 -48.64 43.28
C TYR C 341 -11.09 -47.57 42.29
N ALA C 342 -10.36 -48.01 41.28
CA ALA C 342 -9.96 -47.16 40.18
C ALA C 342 -10.54 -47.69 38.88
N ILE C 343 -10.70 -46.80 37.92
CA ILE C 343 -11.21 -47.13 36.60
C ILE C 343 -10.29 -46.46 35.58
N GLN C 344 -10.20 -47.05 34.39
CA GLN C 344 -9.40 -46.49 33.31
C GLN C 344 -10.19 -46.52 32.02
N CYS C 345 -10.24 -45.37 31.34
CA CYS C 345 -10.86 -45.26 30.03
C CYS C 345 -9.79 -45.02 28.97
N ARG C 346 -10.09 -45.42 27.74
CA ARG C 346 -9.18 -45.25 26.62
C ARG C 346 -9.83 -44.30 25.63
N ILE C 347 -9.40 -43.04 25.66
CA ILE C 347 -9.93 -42.02 24.76
C ILE C 347 -9.30 -42.26 23.39
N THR C 348 -10.11 -42.71 22.44
CA THR C 348 -9.63 -42.98 21.09
C THR C 348 -10.21 -41.96 20.11
N VAL C 396 -6.10 -39.81 24.83
CA VAL C 396 -5.26 -40.14 25.97
C VAL C 396 -5.86 -41.30 26.75
N LYS C 397 -5.40 -41.48 27.99
CA LYS C 397 -5.98 -42.40 28.93
C LYS C 397 -6.34 -41.64 30.20
N LEU C 398 -7.47 -41.99 30.80
CA LEU C 398 -7.98 -41.32 31.98
C LEU C 398 -8.14 -42.34 33.11
N SER C 399 -7.56 -42.03 34.26
CA SER C 399 -7.70 -42.85 35.46
C SER C 399 -8.27 -42.00 36.58
N THR C 400 -9.27 -42.54 37.27
CA THR C 400 -9.85 -41.91 38.46
C THR C 400 -9.94 -42.95 39.57
N HIS C 401 -10.18 -42.48 40.78
CA HIS C 401 -10.12 -43.31 41.98
C HIS C 401 -11.07 -42.75 43.02
N ALA C 402 -11.68 -43.64 43.80
CA ALA C 402 -12.52 -43.24 44.92
C ALA C 402 -12.68 -44.42 45.87
N ILE C 403 -13.41 -44.19 46.96
CA ILE C 403 -13.67 -45.25 47.95
C ILE C 403 -14.79 -46.17 47.51
N SER C 404 -15.67 -45.72 46.64
CA SER C 404 -16.76 -46.53 46.12
C SER C 404 -16.65 -46.59 44.61
N PHE C 405 -16.92 -47.77 44.05
CA PHE C 405 -16.87 -47.93 42.60
C PHE C 405 -17.75 -46.92 41.90
N LYS C 406 -18.89 -46.57 42.51
CA LYS C 406 -19.75 -45.53 41.94
C LYS C 406 -19.03 -44.19 41.88
N GLN C 407 -18.39 -43.78 42.98
CA GLN C 407 -17.72 -42.48 43.00
C GLN C 407 -16.53 -42.47 42.05
N ALA C 408 -15.78 -43.57 41.98
CA ALA C 408 -14.77 -43.70 40.94
C ALA C 408 -15.41 -43.56 39.56
N GLU C 409 -16.65 -44.03 39.43
CA GLU C 409 -17.39 -43.94 38.19
C GLU C 409 -17.91 -42.52 37.97
N GLU C 410 -18.44 -41.88 39.03
CA GLU C 410 -18.87 -40.48 38.92
C GLU C 410 -17.70 -39.58 38.54
N LYS C 411 -16.59 -39.69 39.26
CA LYS C 411 -15.38 -38.94 38.92
C LYS C 411 -14.99 -39.19 37.47
N MET C 412 -14.94 -40.46 37.08
CA MET C 412 -14.61 -40.81 35.71
C MET C 412 -15.50 -40.10 34.70
N VAL C 413 -16.80 -40.02 35.02
CA VAL C 413 -17.75 -39.39 34.10
C VAL C 413 -17.37 -37.94 33.85
N ARG C 414 -17.34 -37.14 34.91
CA ARG C 414 -17.03 -35.74 34.68
C ARG C 414 -15.61 -35.55 34.17
N SER C 415 -14.64 -36.37 34.60
CA SER C 415 -13.31 -36.19 34.01
C SER C 415 -13.38 -36.25 32.49
N LEU C 416 -14.38 -36.98 31.94
CA LEU C 416 -14.46 -37.12 30.48
C LEU C 416 -15.08 -35.88 29.83
N ARG C 417 -16.19 -35.38 30.37
CA ARG C 417 -16.80 -34.17 29.81
C ARG C 417 -15.88 -32.97 29.98
N GLU C 418 -15.30 -32.80 31.18
CA GLU C 418 -14.28 -31.80 31.40
C GLU C 418 -13.11 -31.97 30.43
N MET C 419 -12.83 -33.20 30.00
CA MET C 419 -11.86 -33.47 28.95
C MET C 419 -12.43 -32.99 27.63
N ARG C 420 -11.98 -31.83 27.16
CA ARG C 420 -12.40 -31.26 25.89
C ARG C 420 -11.23 -31.35 24.93
N ILE C 421 -11.37 -32.19 23.91
CA ILE C 421 -10.41 -32.27 22.81
C ILE C 421 -11.18 -31.91 21.54
N ARG C 422 -11.06 -30.65 21.13
CA ARG C 422 -11.89 -30.12 20.05
C ARG C 422 -11.13 -30.06 18.72
N LYS C 425 -15.02 -35.81 18.68
CA LYS C 425 -14.37 -36.57 17.61
C LYS C 425 -13.69 -37.82 18.16
N THR C 426 -14.18 -38.31 19.30
CA THR C 426 -13.51 -39.38 20.02
C THR C 426 -14.55 -40.30 20.66
N ASN C 427 -14.06 -41.15 21.56
CA ASN C 427 -14.82 -42.20 22.22
C ASN C 427 -15.63 -41.68 23.40
N ILE C 428 -15.50 -40.40 23.76
CA ILE C 428 -15.99 -39.88 25.04
C ILE C 428 -17.47 -40.23 25.24
N PRO C 429 -18.41 -39.75 24.40
CA PRO C 429 -19.83 -40.07 24.68
C PRO C 429 -20.13 -41.54 24.95
N PHE C 430 -19.55 -42.46 24.16
CA PHE C 430 -19.78 -43.88 24.41
C PHE C 430 -19.24 -44.29 25.77
N LEU C 431 -17.99 -43.93 26.07
CA LEU C 431 -17.39 -44.29 27.33
C LEU C 431 -18.16 -43.71 28.51
N ILE C 432 -18.73 -42.50 28.35
CA ILE C 432 -19.59 -41.95 29.38
C ILE C 432 -20.85 -42.82 29.53
N ASN C 433 -21.45 -43.22 28.41
CA ASN C 433 -22.58 -44.15 28.47
C ASN C 433 -22.19 -45.45 29.15
N VAL C 434 -20.96 -45.91 28.90
CA VAL C 434 -20.46 -47.11 29.58
C VAL C 434 -20.45 -46.89 31.09
N MET C 435 -20.15 -45.67 31.52
CA MET C 435 -20.16 -45.35 32.94
C MET C 435 -21.58 -45.31 33.48
N LYS C 436 -22.45 -44.55 32.84
CA LYS C 436 -23.83 -44.46 33.30
C LYS C 436 -24.63 -45.71 32.96
N ASN C 437 -24.04 -46.67 32.24
CA ASN C 437 -24.65 -47.98 32.06
C ASN C 437 -24.74 -48.68 33.40
N LYS C 438 -25.98 -48.93 33.86
CA LYS C 438 -26.16 -49.62 35.13
C LYS C 438 -25.55 -51.01 35.11
N LYS C 439 -25.46 -51.64 33.94
CA LYS C 439 -24.86 -52.97 33.85
C LYS C 439 -23.38 -52.94 34.19
N PHE C 440 -22.68 -51.84 33.87
CA PHE C 440 -21.29 -51.73 34.31
C PHE C 440 -21.21 -51.58 35.83
N THR C 441 -21.84 -50.54 36.37
CA THR C 441 -21.82 -50.24 37.79
C THR C 441 -22.02 -51.48 38.64
N SER C 442 -22.91 -52.38 38.18
CA SER C 442 -23.15 -53.64 38.87
C SER C 442 -21.89 -54.47 39.01
N GLY C 443 -20.85 -54.18 38.22
CA GLY C 443 -19.59 -54.86 38.35
C GLY C 443 -19.54 -56.26 37.77
N ASP C 444 -20.52 -56.64 36.95
CA ASP C 444 -20.54 -57.98 36.35
C ASP C 444 -21.01 -57.87 34.91
N TYR C 445 -20.10 -58.20 34.00
CA TYR C 445 -20.33 -58.21 32.57
C TYR C 445 -19.43 -59.29 31.97
N THR C 446 -19.27 -59.27 30.66
CA THR C 446 -18.34 -60.20 30.02
C THR C 446 -17.72 -59.51 28.82
N THR C 447 -16.80 -60.21 28.16
CA THR C 447 -16.18 -59.69 26.94
C THR C 447 -17.22 -59.14 25.98
N LYS C 448 -18.38 -59.81 25.90
CA LYS C 448 -19.52 -59.28 25.16
C LYS C 448 -20.36 -58.37 26.08
N PHE C 449 -19.73 -57.28 26.52
CA PHE C 449 -20.44 -56.20 27.19
C PHE C 449 -20.82 -55.09 26.25
N ILE C 450 -19.91 -54.70 25.36
CA ILE C 450 -20.19 -53.66 24.39
C ILE C 450 -21.10 -54.17 23.29
N GLU C 451 -20.84 -55.40 22.81
CA GLU C 451 -21.69 -55.98 21.77
C GLU C 451 -23.09 -56.29 22.31
N GLU C 452 -23.19 -56.79 23.53
CA GLU C 452 -24.50 -57.16 24.08
C GLU C 452 -25.41 -55.94 24.24
N THR C 453 -24.84 -54.77 24.62
CA THR C 453 -25.64 -53.61 25.00
C THR C 453 -25.87 -52.71 23.79
N PRO C 454 -27.09 -52.32 23.47
CA PRO C 454 -27.37 -51.58 22.23
C PRO C 454 -27.06 -50.08 22.20
N GLU C 455 -27.63 -49.39 23.19
CA GLU C 455 -27.63 -47.94 23.33
C GLU C 455 -26.37 -47.41 24.01
N LEU C 456 -25.37 -48.25 24.30
CA LEU C 456 -24.02 -47.73 24.52
C LEU C 456 -23.64 -46.79 23.38
N PHE C 457 -23.86 -47.25 22.15
CA PHE C 457 -23.54 -46.49 20.96
C PHE C 457 -24.55 -45.38 20.69
N ASP C 458 -25.71 -45.40 21.35
CA ASP C 458 -26.64 -44.28 21.28
C ASP C 458 -26.03 -43.07 21.97
N ILE C 459 -24.90 -42.60 21.45
CA ILE C 459 -24.18 -41.50 22.07
C ILE C 459 -24.92 -40.20 21.82
N GLN C 460 -24.81 -39.26 22.76
CA GLN C 460 -25.36 -37.95 22.47
C GLN C 460 -24.27 -37.07 21.85
N PRO C 461 -24.64 -36.26 20.85
CA PRO C 461 -23.63 -35.47 20.13
C PRO C 461 -22.79 -34.62 21.07
N SER C 462 -21.54 -34.41 20.66
CA SER C 462 -20.59 -33.67 21.49
C SER C 462 -20.92 -32.18 21.50
N LEU C 463 -20.82 -31.56 22.67
CA LEU C 463 -20.93 -30.12 22.78
C LEU C 463 -19.71 -29.46 22.15
N ASP C 464 -19.63 -29.50 20.81
CA ASP C 464 -18.56 -28.79 20.12
C ASP C 464 -18.61 -27.30 20.47
N ARG C 465 -19.78 -26.67 20.28
CA ARG C 465 -20.12 -25.35 20.86
C ARG C 465 -19.03 -24.35 20.49
N GLY C 466 -18.41 -23.66 21.46
CA GLY C 466 -17.46 -22.59 21.21
C GLY C 466 -16.46 -22.82 20.09
N THR C 467 -16.05 -24.08 19.89
CA THR C 467 -15.20 -24.39 18.74
C THR C 467 -15.91 -24.10 17.43
N LYS C 468 -17.23 -24.35 17.37
CA LYS C 468 -17.99 -23.94 16.20
C LYS C 468 -18.21 -22.42 16.16
N THR C 469 -18.54 -21.83 17.31
CA THR C 469 -18.70 -20.38 17.38
C THR C 469 -17.41 -19.66 16.98
N LEU C 470 -16.27 -20.25 17.34
CA LEU C 470 -14.99 -19.73 16.85
C LEU C 470 -14.91 -19.84 15.33
N GLU C 471 -15.30 -20.99 14.78
CA GLU C 471 -15.25 -21.17 13.33
C GLU C 471 -16.09 -20.12 12.60
N TYR C 472 -17.29 -19.83 13.11
CA TYR C 472 -18.13 -18.84 12.44
C TYR C 472 -17.49 -17.47 12.49
N ILE C 473 -17.30 -16.92 13.69
CA ILE C 473 -16.62 -15.63 13.83
C ILE C 473 -15.31 -15.65 13.08
N GLY C 474 -14.64 -16.80 13.01
CA GLY C 474 -13.48 -16.96 12.17
C GLY C 474 -13.77 -16.74 10.69
N ASN C 475 -14.74 -17.48 10.15
CA ASN C 475 -14.97 -17.43 8.70
C ASN C 475 -15.48 -16.06 8.26
N VAL C 476 -16.30 -15.40 9.07
CA VAL C 476 -16.86 -14.12 8.67
C VAL C 476 -15.81 -13.01 8.80
N THR C 477 -14.94 -13.10 9.80
CA THR C 477 -13.94 -12.05 9.99
C THR C 477 -12.94 -12.00 8.84
N ILE C 478 -12.71 -13.13 8.18
CA ILE C 478 -11.77 -13.19 7.06
C ILE C 478 -12.47 -13.03 5.72
N ASN C 479 -13.63 -13.66 5.53
CA ASN C 479 -14.30 -13.68 4.24
C ASN C 479 -15.64 -12.97 4.23
N GLY C 480 -16.00 -12.27 5.29
CA GLY C 480 -17.19 -11.45 5.27
C GLY C 480 -18.49 -12.24 5.25
N PHE C 481 -19.58 -11.49 5.10
CA PHE C 481 -20.94 -11.97 5.09
C PHE C 481 -21.63 -11.58 3.79
N PRO C 482 -22.49 -12.44 3.24
CA PRO C 482 -23.18 -12.12 1.99
C PRO C 482 -23.99 -10.83 2.08
N ASN C 483 -24.03 -10.10 0.96
CA ASN C 483 -24.84 -8.88 0.82
C ASN C 483 -24.44 -7.80 1.82
N VAL C 484 -23.19 -7.84 2.30
CA VAL C 484 -22.70 -6.84 3.24
C VAL C 484 -21.32 -6.39 2.78
N GLU C 485 -21.17 -5.09 2.53
CA GLU C 485 -19.89 -4.53 2.14
C GLU C 485 -18.81 -4.89 3.16
N LYS C 486 -17.79 -5.62 2.71
CA LYS C 486 -16.72 -6.07 3.57
C LYS C 486 -16.02 -4.87 4.22
N ARG C 487 -16.44 -4.51 5.42
CA ARG C 487 -15.85 -3.42 6.18
C ARG C 487 -15.56 -3.90 7.59
N PRO C 488 -14.54 -3.34 8.24
CA PRO C 488 -14.30 -3.70 9.65
C PRO C 488 -15.54 -3.43 10.49
N LYS C 489 -15.82 -4.37 11.40
CA LYS C 489 -16.99 -4.33 12.27
C LYS C 489 -17.17 -2.93 12.85
N PRO C 490 -18.20 -2.20 12.43
CA PRO C 490 -18.32 -0.79 12.81
C PRO C 490 -18.64 -0.62 14.30
N ASP C 491 -18.53 0.63 14.74
CA ASP C 491 -18.72 1.00 16.14
C ASP C 491 -20.13 1.57 16.29
N TYR C 492 -21.07 0.72 16.71
CA TYR C 492 -22.43 1.15 16.97
C TYR C 492 -22.56 1.69 18.39
N GLU C 493 -23.70 2.32 18.66
CA GLU C 493 -24.01 2.73 20.02
C GLU C 493 -24.32 1.51 20.88
N LEU C 494 -24.19 1.69 22.20
CA LEU C 494 -24.35 0.58 23.12
C LEU C 494 -25.82 0.21 23.32
N ALA C 495 -26.73 1.18 23.24
CA ALA C 495 -28.17 0.94 23.20
C ALA C 495 -28.64 0.07 24.37
N SER C 496 -28.67 0.69 25.54
CA SER C 496 -29.20 0.02 26.72
C SER C 496 -30.67 -0.31 26.53
N ILE C 497 -31.08 -1.45 27.05
CA ILE C 497 -32.38 -2.06 26.71
C ILE C 497 -33.28 -2.02 27.93
N PRO C 498 -34.51 -1.53 27.81
CA PRO C 498 -35.48 -1.72 28.90
C PRO C 498 -35.76 -3.18 29.18
N THR C 499 -36.05 -3.47 30.45
CA THR C 499 -36.49 -4.77 30.91
C THR C 499 -37.73 -4.59 31.76
N VAL C 500 -38.46 -5.69 31.96
CA VAL C 500 -39.54 -5.72 32.95
C VAL C 500 -39.51 -7.09 33.62
N SER C 501 -39.62 -7.10 34.95
CA SER C 501 -39.62 -8.30 35.76
C SER C 501 -40.47 -9.40 35.13
N SER C 502 -39.91 -10.60 35.04
CA SER C 502 -40.64 -11.72 34.46
C SER C 502 -41.82 -12.12 35.34
N SER C 503 -41.76 -11.84 36.63
CA SER C 503 -42.91 -12.09 37.50
C SER C 503 -44.04 -11.11 37.20
N LYS C 504 -43.69 -9.84 36.93
CA LYS C 504 -44.72 -8.85 36.63
C LYS C 504 -45.41 -9.15 35.31
N ILE C 505 -44.61 -9.46 34.27
CA ILE C 505 -45.21 -9.81 32.98
C ILE C 505 -46.10 -11.02 33.12
N ALA C 506 -45.79 -11.91 34.07
CA ALA C 506 -46.67 -13.04 34.37
C ALA C 506 -47.92 -12.60 35.10
N SER C 507 -48.00 -11.36 35.56
CA SER C 507 -49.20 -10.85 36.20
C SER C 507 -50.18 -10.23 35.21
N PHE C 508 -49.69 -9.73 34.08
CA PHE C 508 -50.55 -9.16 33.06
C PHE C 508 -51.57 -10.19 32.58
N SER C 509 -52.72 -9.70 32.13
CA SER C 509 -53.76 -10.52 31.52
C SER C 509 -54.21 -9.81 30.26
N GLY C 510 -53.51 -10.05 29.17
CA GLY C 510 -53.78 -9.41 27.89
C GLY C 510 -54.84 -10.13 27.10
N THR C 511 -54.78 -9.99 25.77
CA THR C 511 -55.78 -10.56 24.89
C THR C 511 -55.52 -12.02 24.54
N LYS C 512 -54.44 -12.63 25.05
CA LYS C 512 -54.36 -14.08 24.99
C LYS C 512 -55.14 -14.72 26.13
N GLN C 513 -55.11 -14.10 27.32
CA GLN C 513 -55.97 -14.53 28.41
C GLN C 513 -57.43 -14.56 27.98
N LEU C 514 -57.83 -13.57 27.17
CA LEU C 514 -59.21 -13.49 26.71
C LEU C 514 -59.55 -14.66 25.80
N LEU C 515 -58.61 -15.07 24.94
CA LEU C 515 -58.82 -16.26 24.13
C LEU C 515 -58.82 -17.53 24.98
N ASP C 516 -58.17 -17.49 26.13
CA ASP C 516 -58.13 -18.61 27.07
C ASP C 516 -59.28 -18.60 28.07
N GLU C 517 -60.25 -17.70 27.90
CA GLU C 517 -61.38 -17.61 28.82
C GLU C 517 -62.68 -17.69 28.04
N VAL C 518 -62.80 -16.85 27.01
CA VAL C 518 -63.81 -17.02 25.98
C VAL C 518 -63.10 -17.40 24.69
N GLY C 519 -63.86 -17.99 23.78
CA GLY C 519 -63.28 -18.50 22.55
C GLY C 519 -62.82 -17.40 21.61
N PRO C 520 -62.59 -17.75 20.35
CA PRO C 520 -62.36 -16.70 19.34
C PRO C 520 -63.56 -15.77 19.20
N LYS C 521 -64.77 -16.33 19.12
CA LYS C 521 -65.97 -15.51 18.95
C LYS C 521 -66.16 -14.55 20.11
N GLY C 522 -65.66 -14.88 21.30
CA GLY C 522 -65.72 -13.97 22.41
C GLY C 522 -64.70 -12.85 22.29
N VAL C 523 -63.53 -13.17 21.74
CA VAL C 523 -62.52 -12.14 21.49
C VAL C 523 -63.03 -11.14 20.46
N ALA C 524 -63.69 -11.63 19.42
CA ALA C 524 -64.22 -10.73 18.39
C ALA C 524 -65.37 -9.89 18.94
N GLU C 525 -66.28 -10.52 19.69
CA GLU C 525 -67.40 -9.79 20.25
C GLU C 525 -66.96 -8.76 21.29
N TRP C 526 -65.78 -8.95 21.88
CA TRP C 526 -65.25 -7.96 22.80
C TRP C 526 -64.73 -6.74 22.06
N VAL C 527 -63.81 -6.96 21.10
CA VAL C 527 -63.23 -5.91 20.26
C VAL C 527 -64.30 -4.94 19.78
N LYS C 528 -65.43 -5.48 19.33
CA LYS C 528 -66.57 -4.66 18.93
C LYS C 528 -66.90 -3.63 20.01
N LYS C 529 -66.97 -4.07 21.26
CA LYS C 529 -67.46 -3.22 22.34
C LYS C 529 -66.53 -2.07 22.66
N GLN C 530 -65.24 -2.18 22.32
CA GLN C 530 -64.27 -1.17 22.73
C GLN C 530 -64.43 0.10 21.92
N ASP C 531 -64.70 1.21 22.60
CA ASP C 531 -64.74 2.51 21.93
C ASP C 531 -63.34 2.94 21.49
N ASP C 532 -62.32 2.54 22.23
CA ASP C 532 -60.95 2.94 21.91
C ASP C 532 -60.42 2.14 20.71
N VAL C 533 -59.37 2.67 20.10
CA VAL C 533 -58.80 2.07 18.90
C VAL C 533 -57.76 1.03 19.33
N LEU C 534 -58.07 -0.24 19.06
CA LEU C 534 -57.11 -1.31 19.33
C LEU C 534 -56.06 -1.33 18.23
N LEU C 535 -54.81 -1.60 18.62
CA LEU C 535 -53.71 -1.58 17.67
C LEU C 535 -53.01 -2.93 17.62
N THR C 536 -52.62 -3.31 16.42
CA THR C 536 -51.73 -4.43 16.19
C THR C 536 -50.35 -3.88 15.84
N ASP C 537 -49.30 -4.48 16.39
CA ASP C 537 -47.95 -4.02 16.13
C ASP C 537 -47.24 -4.94 15.14
N THR C 538 -46.54 -4.33 14.19
CA THR C 538 -45.93 -5.03 13.06
C THR C 538 -44.42 -4.97 13.11
N THR C 539 -43.84 -4.47 14.21
CA THR C 539 -42.39 -4.22 14.27
C THR C 539 -41.60 -5.52 14.13
N PHE C 540 -42.10 -6.61 14.71
CA PHE C 540 -41.39 -7.88 14.66
C PHE C 540 -41.51 -8.56 13.30
N ARG C 541 -42.40 -8.10 12.42
CA ARG C 541 -42.62 -8.79 11.15
C ARG C 541 -42.71 -8.00 9.85
N ASP C 542 -43.69 -7.09 9.77
CA ASP C 542 -44.08 -6.54 8.48
C ASP C 542 -43.26 -5.26 8.30
N ALA C 543 -43.04 -4.52 9.39
CA ALA C 543 -42.32 -3.26 9.27
C ALA C 543 -40.89 -3.48 8.77
N HIS C 544 -40.21 -4.51 9.29
CA HIS C 544 -38.84 -4.76 8.87
C HIS C 544 -38.77 -5.61 7.60
N GLN C 545 -39.83 -6.35 7.27
CA GLN C 545 -39.93 -6.91 5.93
C GLN C 545 -39.83 -5.82 4.88
N SER C 546 -40.60 -4.75 5.05
CA SER C 546 -40.64 -3.69 4.06
C SER C 546 -39.33 -2.90 4.03
N LEU C 547 -38.81 -2.53 5.19
CA LEU C 547 -37.71 -1.58 5.26
C LEU C 547 -36.33 -2.23 5.28
N LEU C 548 -36.21 -3.50 5.68
CA LEU C 548 -34.89 -4.08 5.89
C LEU C 548 -34.75 -5.48 5.29
N ALA C 549 -35.50 -5.77 4.22
CA ALA C 549 -35.44 -7.06 3.54
C ALA C 549 -35.68 -8.23 4.50
N THR C 550 -36.39 -7.97 5.60
CA THR C 550 -36.75 -8.99 6.60
C THR C 550 -35.53 -9.61 7.25
N ARG C 551 -34.42 -8.85 7.35
CA ARG C 551 -33.20 -9.40 7.93
C ARG C 551 -33.14 -9.30 9.44
N VAL C 552 -34.10 -8.65 10.09
CA VAL C 552 -34.05 -8.48 11.54
C VAL C 552 -34.00 -9.84 12.21
N ARG C 553 -32.99 -10.05 13.04
CA ARG C 553 -32.73 -11.35 13.63
C ARG C 553 -33.45 -11.51 14.96
N THR C 554 -33.57 -12.77 15.38
CA THR C 554 -34.33 -13.09 16.59
C THR C 554 -33.71 -12.44 17.82
N LYS C 555 -32.38 -12.42 17.89
CA LYS C 555 -31.69 -11.90 19.07
C LYS C 555 -32.13 -10.46 19.37
N ASP C 556 -32.35 -9.65 18.34
CA ASP C 556 -32.79 -8.29 18.55
C ASP C 556 -34.26 -8.20 18.98
N MET C 557 -35.06 -9.22 18.66
CA MET C 557 -36.46 -9.21 19.08
C MET C 557 -36.60 -9.69 20.52
N ILE C 558 -35.94 -10.81 20.87
CA ILE C 558 -36.05 -11.36 22.21
C ILE C 558 -35.46 -10.40 23.24
N ASN C 559 -34.50 -9.57 22.83
CA ASN C 559 -33.82 -8.70 23.78
C ASN C 559 -34.67 -7.53 24.22
N ILE C 560 -35.87 -7.36 23.67
CA ILE C 560 -36.76 -6.29 24.10
C ILE C 560 -38.14 -6.88 24.40
N ALA C 561 -38.31 -8.17 24.08
CA ALA C 561 -39.58 -8.88 24.26
C ALA C 561 -40.26 -8.56 25.58
N SER C 562 -39.46 -8.41 26.64
CA SER C 562 -40.02 -8.08 27.95
C SER C 562 -40.73 -6.73 27.92
N LYS C 563 -40.01 -5.69 27.49
CA LYS C 563 -40.61 -4.35 27.44
C LYS C 563 -41.77 -4.30 26.46
N THR C 564 -41.61 -4.95 25.30
CA THR C 564 -42.69 -5.00 24.32
C THR C 564 -43.94 -5.64 24.90
N ALA C 565 -43.77 -6.71 25.69
CA ALA C 565 -44.91 -7.37 26.33
C ALA C 565 -45.60 -6.46 27.33
N ASP C 566 -44.86 -5.51 27.90
CA ASP C 566 -45.43 -4.56 28.85
C ASP C 566 -45.95 -3.30 28.15
N VAL C 567 -45.29 -2.87 27.07
CA VAL C 567 -45.71 -1.67 26.36
C VAL C 567 -47.02 -1.91 25.63
N PHE C 568 -47.07 -2.95 24.79
CA PHE C 568 -48.32 -3.35 24.15
C PHE C 568 -49.13 -4.30 25.02
N LYS C 569 -49.25 -4.05 26.33
CA LYS C 569 -50.04 -4.94 27.16
C LYS C 569 -51.53 -4.77 26.93
N ASP C 570 -51.95 -3.58 26.48
CA ASP C 570 -53.34 -3.33 26.11
C ASP C 570 -53.55 -3.43 24.61
N GLY C 571 -52.65 -4.09 23.89
CA GLY C 571 -52.77 -4.21 22.45
C GLY C 571 -53.50 -5.46 22.03
N PHE C 572 -54.11 -5.39 20.84
CA PHE C 572 -54.86 -6.54 20.32
C PHE C 572 -53.93 -7.70 20.00
N SER C 573 -52.93 -7.46 19.15
CA SER C 573 -52.08 -8.55 18.70
C SER C 573 -50.69 -8.01 18.35
N LEU C 574 -49.72 -8.92 18.40
CA LEU C 574 -48.38 -8.68 17.89
C LEU C 574 -48.23 -9.44 16.58
N GLU C 575 -47.92 -8.71 15.50
CA GLU C 575 -47.62 -9.33 14.21
C GLU C 575 -46.13 -9.66 14.18
N MET C 576 -45.80 -10.95 14.04
CA MET C 576 -44.40 -11.33 14.26
C MET C 576 -43.89 -12.45 13.37
N TRP C 577 -44.74 -13.17 12.65
CA TRP C 577 -44.41 -14.46 12.05
C TRP C 577 -45.10 -14.53 10.71
N GLY C 578 -44.71 -15.53 9.91
CA GLY C 578 -45.28 -15.62 8.58
C GLY C 578 -44.80 -14.50 7.69
N GLY C 579 -45.62 -14.16 6.71
CA GLY C 579 -45.16 -13.25 5.68
C GLY C 579 -43.97 -13.87 4.97
N ALA C 580 -42.81 -13.24 5.12
CA ALA C 580 -41.57 -13.77 4.57
C ALA C 580 -40.55 -14.09 5.66
N THR C 581 -40.99 -14.27 6.90
CA THR C 581 -40.08 -14.55 8.00
C THR C 581 -39.73 -16.02 8.15
N PHE C 582 -40.50 -16.92 7.53
CA PHE C 582 -40.11 -18.33 7.49
C PHE C 582 -38.92 -18.53 6.55
N ASP C 583 -39.04 -18.02 5.32
CA ASP C 583 -38.04 -18.27 4.29
C ASP C 583 -36.72 -17.55 4.60
N VAL C 584 -36.79 -16.24 4.85
CA VAL C 584 -35.58 -15.46 5.09
C VAL C 584 -34.85 -15.94 6.34
N ALA C 585 -35.57 -16.52 7.31
CA ALA C 585 -34.93 -16.96 8.55
C ALA C 585 -34.09 -18.20 8.32
N TYR C 586 -34.72 -19.30 7.89
CA TYR C 586 -34.00 -20.56 7.68
C TYR C 586 -32.87 -20.42 6.67
N ASN C 587 -33.04 -19.56 5.66
CA ASN C 587 -32.09 -19.47 4.56
C ASN C 587 -31.04 -18.36 4.73
N PHE C 588 -31.48 -17.14 5.00
CA PHE C 588 -30.53 -16.03 5.01
C PHE C 588 -29.86 -15.91 6.38
N LEU C 589 -30.64 -15.66 7.43
CA LEU C 589 -30.09 -15.62 8.77
C LEU C 589 -29.77 -17.02 9.30
N LYS C 590 -30.17 -18.07 8.59
CA LYS C 590 -29.94 -19.45 8.99
C LYS C 590 -30.43 -19.71 10.41
N GLU C 591 -31.51 -19.02 10.80
CA GLU C 591 -32.10 -19.17 12.12
C GLU C 591 -33.49 -19.75 12.01
N ASN C 592 -33.86 -20.56 13.01
CA ASN C 592 -35.09 -21.32 12.97
C ASN C 592 -36.26 -20.41 13.36
N PRO C 593 -37.25 -20.22 12.50
CA PRO C 593 -38.40 -19.37 12.87
C PRO C 593 -39.23 -19.94 14.00
N TRP C 594 -39.18 -21.26 14.22
CA TRP C 594 -39.94 -21.86 15.30
C TRP C 594 -39.42 -21.41 16.65
N GLU C 595 -38.10 -21.26 16.78
CA GLU C 595 -37.54 -20.80 18.04
C GLU C 595 -37.82 -19.32 18.26
N ARG C 596 -37.82 -18.53 17.18
CA ARG C 596 -38.33 -17.16 17.27
C ARG C 596 -39.75 -17.16 17.84
N LEU C 597 -40.58 -18.08 17.36
CA LEU C 597 -41.95 -18.20 17.85
C LEU C 597 -41.97 -18.63 19.32
N GLU C 598 -41.32 -19.76 19.62
CA GLU C 598 -41.40 -20.33 20.96
C GLU C 598 -40.77 -19.40 21.99
N ARG C 599 -39.59 -18.85 21.69
CA ARG C 599 -38.90 -18.01 22.65
C ARG C 599 -39.64 -16.70 22.89
N LEU C 600 -40.38 -16.20 21.90
CA LEU C 600 -41.18 -15.00 22.11
C LEU C 600 -42.47 -15.32 22.86
N ARG C 601 -43.12 -16.42 22.51
CA ARG C 601 -44.32 -16.84 23.21
C ARG C 601 -44.07 -16.96 24.71
N LYS C 602 -42.90 -17.50 25.09
CA LYS C 602 -42.54 -17.56 26.49
C LYS C 602 -42.40 -16.16 27.08
N ALA C 603 -41.69 -15.27 26.37
CA ALA C 603 -41.40 -13.95 26.92
C ALA C 603 -42.62 -13.05 26.90
N ILE C 604 -43.47 -13.18 25.88
CA ILE C 604 -44.66 -12.35 25.73
C ILE C 604 -45.89 -13.24 25.87
N PRO C 605 -46.38 -13.48 27.09
CA PRO C 605 -47.52 -14.40 27.28
C PRO C 605 -48.90 -13.74 27.39
N ASN C 606 -48.99 -12.41 27.37
CA ASN C 606 -50.27 -11.74 27.57
C ASN C 606 -50.97 -11.38 26.26
N VAL C 607 -50.24 -10.93 25.25
CA VAL C 607 -50.85 -10.44 24.01
C VAL C 607 -50.97 -11.59 23.02
N LEU C 608 -52.00 -11.52 22.18
CA LEU C 608 -52.19 -12.49 21.12
C LEU C 608 -51.01 -12.41 20.15
N PHE C 609 -50.73 -13.53 19.49
CA PHE C 609 -49.72 -13.59 18.44
C PHE C 609 -50.42 -13.74 17.10
N GLN C 610 -50.07 -12.87 16.15
CA GLN C 610 -50.69 -12.83 14.83
C GLN C 610 -49.64 -13.08 13.75
N MET C 611 -50.06 -13.77 12.70
CA MET C 611 -49.21 -14.04 11.54
C MET C 611 -49.99 -13.74 10.27
N LEU C 612 -49.26 -13.66 9.15
CA LEU C 612 -49.84 -13.46 7.83
C LEU C 612 -49.80 -14.79 7.10
N LEU C 613 -50.98 -15.39 6.89
CA LEU C 613 -51.10 -16.68 6.23
C LEU C 613 -51.69 -16.49 4.84
N ARG C 614 -50.98 -16.97 3.83
CA ARG C 614 -51.49 -16.98 2.46
C ARG C 614 -52.39 -18.20 2.28
N ALA C 615 -53.55 -17.99 1.66
CA ALA C 615 -54.53 -19.06 1.54
C ALA C 615 -54.00 -20.22 0.69
N SER C 616 -53.36 -19.90 -0.44
CA SER C 616 -52.93 -20.94 -1.37
C SER C 616 -51.89 -21.87 -0.75
N ASN C 617 -50.92 -21.31 -0.02
CA ASN C 617 -49.73 -22.09 0.32
C ASN C 617 -49.18 -21.79 1.71
N ALA C 618 -49.98 -21.17 2.58
CA ALA C 618 -49.51 -20.73 3.89
C ALA C 618 -48.28 -19.84 3.72
N VAL C 619 -47.11 -20.31 4.15
CA VAL C 619 -45.86 -19.56 4.04
C VAL C 619 -44.97 -20.11 2.93
N GLY C 620 -45.48 -21.03 2.13
CA GLY C 620 -44.71 -21.72 1.12
C GLY C 620 -44.41 -20.85 -0.08
N TYR C 621 -43.80 -21.48 -1.09
CA TYR C 621 -43.38 -20.78 -2.30
C TYR C 621 -44.11 -21.23 -3.55
N LYS C 622 -44.43 -22.52 -3.67
CA LYS C 622 -45.25 -23.02 -4.76
C LYS C 622 -46.65 -23.35 -4.21
N ASN C 623 -47.35 -24.26 -4.87
CA ASN C 623 -48.65 -24.69 -4.41
C ASN C 623 -48.54 -26.02 -3.66
N TYR C 624 -49.43 -26.23 -2.70
CA TYR C 624 -49.36 -27.35 -1.79
C TYR C 624 -50.71 -28.01 -1.66
N PRO C 625 -50.75 -29.32 -1.40
CA PRO C 625 -52.03 -29.97 -1.09
C PRO C 625 -52.54 -29.54 0.28
N ASP C 626 -53.86 -29.55 0.41
CA ASP C 626 -54.53 -29.08 1.62
C ASP C 626 -53.97 -29.74 2.87
N ASN C 627 -53.63 -31.02 2.76
CA ASN C 627 -53.05 -31.81 3.84
C ASN C 627 -51.92 -31.07 4.55
N VAL C 628 -51.08 -30.37 3.79
CA VAL C 628 -49.97 -29.65 4.41
C VAL C 628 -50.43 -28.30 4.96
N ILE C 629 -51.50 -27.73 4.40
CA ILE C 629 -52.02 -26.47 4.94
C ILE C 629 -52.52 -26.68 6.36
N HIS C 630 -53.13 -27.82 6.63
CA HIS C 630 -53.59 -28.14 7.98
C HIS C 630 -52.42 -28.37 8.92
N LYS C 631 -51.47 -29.22 8.52
CA LYS C 631 -50.33 -29.55 9.35
C LYS C 631 -49.64 -28.30 9.88
N PHE C 632 -49.28 -27.39 8.97
CA PHE C 632 -48.58 -26.17 9.39
C PHE C 632 -49.42 -25.32 10.32
N VAL C 633 -50.73 -25.21 10.05
CA VAL C 633 -51.58 -24.33 10.85
C VAL C 633 -51.71 -24.86 12.27
N GLN C 634 -51.86 -26.18 12.44
CA GLN C 634 -51.95 -26.74 13.78
C GLN C 634 -50.66 -26.51 14.56
N GLU C 635 -49.50 -26.67 13.90
CA GLU C 635 -48.24 -26.61 14.62
C GLU C 635 -47.89 -25.18 15.03
N SER C 636 -48.17 -24.22 14.16
CA SER C 636 -48.06 -22.83 14.58
C SER C 636 -49.06 -22.54 15.71
N ALA C 637 -50.29 -23.04 15.57
CA ALA C 637 -51.27 -22.91 16.65
C ALA C 637 -50.78 -23.58 17.92
N LYS C 638 -50.10 -24.73 17.79
CA LYS C 638 -49.55 -25.40 18.96
C LYS C 638 -48.47 -24.56 19.62
N ALA C 639 -47.68 -23.83 18.82
CA ALA C 639 -46.52 -23.11 19.32
C ALA C 639 -46.83 -21.68 19.75
N GLY C 640 -48.05 -21.18 19.55
CA GLY C 640 -48.41 -19.90 20.11
C GLY C 640 -49.15 -18.93 19.21
N ILE C 641 -49.25 -19.23 17.91
CA ILE C 641 -49.95 -18.33 16.99
C ILE C 641 -51.44 -18.40 17.27
N ASP C 642 -52.08 -17.23 17.37
CA ASP C 642 -53.49 -17.18 17.76
C ASP C 642 -54.36 -16.34 16.85
N VAL C 643 -53.80 -15.51 15.97
CA VAL C 643 -54.58 -14.68 15.06
C VAL C 643 -54.00 -14.90 13.66
N PHE C 644 -54.71 -15.65 12.84
CA PHE C 644 -54.26 -15.98 11.49
C PHE C 644 -54.97 -15.07 10.50
N ARG C 645 -54.23 -14.14 9.92
CA ARG C 645 -54.75 -13.32 8.83
C ARG C 645 -54.66 -14.12 7.53
N ILE C 646 -55.80 -14.30 6.86
CA ILE C 646 -55.89 -15.17 5.69
C ILE C 646 -56.26 -14.31 4.48
N PHE C 647 -55.38 -14.26 3.49
CA PHE C 647 -55.61 -13.53 2.26
C PHE C 647 -55.32 -14.43 1.06
N ASP C 648 -55.86 -14.04 -0.09
CA ASP C 648 -55.57 -14.71 -1.35
C ASP C 648 -55.24 -13.65 -2.39
N SER C 649 -54.26 -13.98 -3.25
CA SER C 649 -53.68 -12.99 -4.14
C SER C 649 -54.64 -12.49 -5.21
N LEU C 650 -55.78 -13.15 -5.40
CA LEU C 650 -56.78 -12.68 -6.35
C LEU C 650 -58.15 -12.55 -5.69
N ASN C 651 -58.16 -12.31 -4.38
CA ASN C 651 -59.39 -12.11 -3.60
C ASN C 651 -60.42 -13.17 -3.94
N TRP C 652 -59.97 -14.41 -4.00
CA TRP C 652 -60.79 -15.55 -4.41
C TRP C 652 -61.07 -16.41 -3.19
N VAL C 653 -62.33 -16.37 -2.72
CA VAL C 653 -62.67 -16.97 -1.44
C VAL C 653 -62.45 -18.48 -1.45
N ASP C 654 -62.54 -19.12 -2.62
CA ASP C 654 -62.51 -20.57 -2.69
C ASP C 654 -61.19 -21.13 -2.15
N GLN C 655 -60.07 -20.47 -2.46
CA GLN C 655 -58.79 -20.93 -1.95
C GLN C 655 -58.61 -20.68 -0.46
N MET C 656 -59.38 -19.76 0.11
CA MET C 656 -59.26 -19.41 1.53
C MET C 656 -60.00 -20.36 2.44
N LYS C 657 -60.74 -21.33 1.89
CA LYS C 657 -61.60 -22.16 2.72
C LYS C 657 -60.81 -23.24 3.46
N VAL C 658 -59.77 -23.78 2.83
CA VAL C 658 -59.04 -24.88 3.47
C VAL C 658 -58.16 -24.35 4.60
N ALA C 659 -57.43 -23.26 4.35
CA ALA C 659 -56.71 -22.59 5.42
C ALA C 659 -57.64 -22.06 6.50
N ASN C 660 -58.94 -22.02 6.23
CA ASN C 660 -59.94 -21.56 7.18
C ASN C 660 -60.43 -22.68 8.09
N GLU C 661 -60.77 -23.84 7.52
CA GLU C 661 -61.20 -24.96 8.35
C GLU C 661 -60.13 -25.36 9.35
N ALA C 662 -58.86 -25.11 9.03
CA ALA C 662 -57.78 -25.45 9.95
C ALA C 662 -57.74 -24.49 11.14
N VAL C 663 -57.96 -23.20 10.90
CA VAL C 663 -57.91 -22.25 12.01
C VAL C 663 -59.12 -22.39 12.91
N GLN C 664 -60.29 -22.70 12.33
CA GLN C 664 -61.45 -23.04 13.16
C GLN C 664 -61.17 -24.27 13.99
N GLU C 665 -60.71 -25.35 13.32
CA GLU C 665 -60.35 -26.60 14.00
C GLU C 665 -59.42 -26.34 15.18
N ALA C 666 -58.32 -25.64 14.93
CA ALA C 666 -57.35 -25.38 15.99
C ALA C 666 -57.92 -24.49 17.08
N GLY C 667 -58.99 -23.75 16.80
CA GLY C 667 -59.66 -22.97 17.82
C GLY C 667 -59.12 -21.59 18.06
N LYS C 668 -58.35 -21.03 17.13
CA LYS C 668 -57.83 -19.69 17.26
C LYS C 668 -58.66 -18.71 16.44
N ILE C 669 -58.22 -17.46 16.41
CA ILE C 669 -58.91 -16.40 15.67
C ILE C 669 -58.53 -16.48 14.20
N SER C 670 -59.47 -16.12 13.32
CA SER C 670 -59.29 -16.26 11.87
C SER C 670 -59.72 -14.98 11.18
N GLU C 671 -58.77 -14.30 10.53
CA GLU C 671 -59.05 -13.04 9.82
C GLU C 671 -59.20 -13.31 8.33
N GLY C 672 -60.44 -13.21 7.84
CA GLY C 672 -60.66 -13.18 6.41
C GLY C 672 -60.38 -11.77 5.88
N THR C 673 -59.64 -11.69 4.79
CA THR C 673 -59.13 -10.41 4.33
C THR C 673 -59.45 -10.15 2.87
N ILE C 674 -59.92 -8.94 2.60
CA ILE C 674 -60.04 -8.41 1.25
C ILE C 674 -58.82 -7.56 0.99
N CYS C 675 -58.07 -7.89 -0.06
CA CYS C 675 -56.96 -7.05 -0.49
C CYS C 675 -57.51 -5.92 -1.36
N TYR C 676 -57.11 -4.69 -1.05
CA TYR C 676 -57.69 -3.51 -1.67
C TYR C 676 -56.92 -3.12 -2.92
N THR C 677 -57.65 -2.97 -4.03
CA THR C 677 -57.10 -2.45 -5.27
C THR C 677 -57.97 -1.30 -5.76
N GLY C 678 -57.46 -0.57 -6.75
CA GLY C 678 -58.26 0.42 -7.42
C GLY C 678 -58.58 1.65 -6.59
N ASP C 679 -59.62 2.36 -7.01
CA ASP C 679 -60.03 3.61 -6.38
C ASP C 679 -61.55 3.63 -6.25
N ILE C 680 -62.04 3.54 -5.01
CA ILE C 680 -63.48 3.55 -4.77
C ILE C 680 -64.08 4.91 -5.11
N LEU C 681 -63.27 5.97 -5.12
CA LEU C 681 -63.76 7.30 -5.43
C LEU C 681 -63.72 7.63 -6.92
N ASN C 682 -62.89 6.92 -7.70
CA ASN C 682 -62.80 7.15 -9.13
C ASN C 682 -63.73 6.18 -9.83
N PRO C 683 -64.85 6.64 -10.41
CA PRO C 683 -65.72 5.71 -11.15
C PRO C 683 -65.13 5.22 -12.45
N GLU C 684 -64.17 5.95 -13.02
CA GLU C 684 -63.59 5.63 -14.31
C GLU C 684 -62.34 4.77 -14.21
N ARG C 685 -61.94 4.38 -13.02
CA ARG C 685 -60.71 3.61 -12.84
C ARG C 685 -60.91 2.12 -13.07
N SER C 686 -61.98 1.56 -12.53
CA SER C 686 -62.32 0.16 -12.74
C SER C 686 -63.82 0.01 -12.51
N ASN C 687 -64.45 -0.84 -13.30
CA ASN C 687 -65.86 -1.17 -13.10
C ASN C 687 -66.05 -2.47 -12.33
N ILE C 688 -64.97 -3.01 -11.75
CA ILE C 688 -65.02 -4.27 -11.03
C ILE C 688 -64.88 -4.06 -9.52
N TYR C 689 -63.82 -3.37 -9.10
CA TYR C 689 -63.54 -3.18 -7.68
C TYR C 689 -64.23 -1.90 -7.20
N THR C 690 -65.55 -2.01 -7.02
CA THR C 690 -66.38 -0.94 -6.52
C THR C 690 -66.80 -1.21 -5.09
N LEU C 691 -67.40 -0.20 -4.47
CA LEU C 691 -67.89 -0.34 -3.09
C LEU C 691 -68.85 -1.51 -2.96
N GLU C 692 -69.56 -1.87 -4.03
CA GLU C 692 -70.43 -3.03 -4.01
C GLU C 692 -69.62 -4.32 -3.88
N TYR C 693 -68.55 -4.43 -4.65
CA TYR C 693 -67.66 -5.59 -4.57
C TYR C 693 -67.16 -5.79 -3.14
N TYR C 694 -66.69 -4.72 -2.51
CA TYR C 694 -66.10 -4.84 -1.18
C TYR C 694 -67.14 -5.16 -0.12
N VAL C 695 -68.38 -4.68 -0.29
CA VAL C 695 -69.43 -5.05 0.64
C VAL C 695 -69.87 -6.49 0.41
N LYS C 696 -69.90 -6.92 -0.86
CA LYS C 696 -70.23 -8.31 -1.16
C LYS C 696 -69.21 -9.26 -0.52
N LEU C 697 -67.92 -9.00 -0.75
CA LEU C 697 -66.90 -9.90 -0.23
C LEU C 697 -66.94 -9.98 1.29
N ALA C 698 -67.27 -8.86 1.96
CA ALA C 698 -67.43 -8.90 3.40
C ALA C 698 -68.55 -9.83 3.81
N LYS C 699 -69.70 -9.72 3.15
CA LYS C 699 -70.80 -10.65 3.39
C LYS C 699 -70.37 -12.08 3.08
N GLU C 700 -69.70 -12.27 1.95
CA GLU C 700 -69.09 -13.57 1.65
C GLU C 700 -68.14 -13.98 2.76
N LEU C 701 -67.31 -13.05 3.24
CA LEU C 701 -66.34 -13.36 4.28
C LEU C 701 -67.02 -13.64 5.62
N GLU C 702 -68.21 -13.07 5.83
CA GLU C 702 -68.94 -13.40 7.05
C GLU C 702 -69.59 -14.77 6.95
N ARG C 703 -70.24 -15.06 5.82
CA ARG C 703 -70.89 -16.35 5.63
C ARG C 703 -69.89 -17.49 5.79
N GLU C 704 -68.69 -17.34 5.22
CA GLU C 704 -67.68 -18.38 5.34
C GLU C 704 -67.14 -18.52 6.75
N GLY C 705 -67.56 -17.68 7.70
CA GLY C 705 -67.35 -17.96 9.10
C GLY C 705 -66.10 -17.36 9.73
N PHE C 706 -65.60 -16.25 9.19
CA PHE C 706 -64.40 -15.64 9.77
C PHE C 706 -64.76 -14.80 10.98
N HIS C 707 -63.84 -14.74 11.93
CA HIS C 707 -64.12 -14.10 13.22
C HIS C 707 -63.91 -12.60 13.19
N ILE C 708 -63.00 -12.10 12.35
CA ILE C 708 -62.81 -10.67 12.12
C ILE C 708 -62.58 -10.44 10.64
N LEU C 709 -63.25 -9.42 10.09
CA LEU C 709 -63.00 -8.99 8.72
C LEU C 709 -61.85 -7.99 8.72
N ALA C 710 -60.86 -8.22 7.87
CA ALA C 710 -59.69 -7.37 7.81
C ALA C 710 -59.45 -6.89 6.38
N ILE C 711 -58.94 -5.67 6.27
CA ILE C 711 -58.71 -5.02 4.98
C ILE C 711 -57.22 -4.75 4.84
N LYS C 712 -56.64 -5.16 3.73
CA LYS C 712 -55.20 -5.14 3.51
C LYS C 712 -54.87 -4.24 2.33
N ASP C 713 -54.42 -3.02 2.62
CA ASP C 713 -54.00 -2.06 1.60
C ASP C 713 -52.51 -2.25 1.31
N MET C 714 -52.21 -3.32 0.60
CA MET C 714 -50.81 -3.71 0.39
C MET C 714 -50.07 -2.81 -0.58
N ALA C 715 -50.70 -1.76 -1.13
CA ALA C 715 -50.00 -0.84 -2.01
C ALA C 715 -50.34 0.61 -1.71
N GLY C 716 -50.93 0.90 -0.55
CA GLY C 716 -51.26 2.26 -0.20
C GLY C 716 -52.24 2.94 -1.13
N LEU C 717 -53.19 2.19 -1.68
CA LEU C 717 -54.11 2.74 -2.68
C LEU C 717 -55.46 3.15 -2.11
N LEU C 718 -55.74 2.84 -0.84
CA LEU C 718 -57.00 3.23 -0.21
C LEU C 718 -56.80 4.62 0.38
N LYS C 719 -57.31 5.64 -0.32
CA LYS C 719 -57.09 7.03 0.04
C LYS C 719 -57.82 7.36 1.34
N PRO C 720 -57.48 8.49 1.98
CA PRO C 720 -58.15 8.84 3.24
C PRO C 720 -59.67 8.90 3.13
N LYS C 721 -60.21 9.53 2.08
CA LYS C 721 -61.66 9.57 1.94
C LYS C 721 -62.21 8.18 1.59
N ALA C 722 -61.46 7.42 0.78
CA ALA C 722 -61.90 6.06 0.46
C ALA C 722 -61.98 5.20 1.72
N ALA C 723 -61.03 5.36 2.63
CA ALA C 723 -61.08 4.67 3.91
C ALA C 723 -62.38 5.01 4.65
N TYR C 724 -62.73 6.30 4.66
CA TYR C 724 -63.91 6.75 5.41
C TYR C 724 -65.17 6.06 4.92
N GLU C 725 -65.38 6.01 3.61
CA GLU C 725 -66.58 5.38 3.06
C GLU C 725 -66.49 3.86 3.14
N LEU C 726 -65.36 3.28 2.74
CA LEU C 726 -65.23 1.83 2.67
C LEU C 726 -65.56 1.18 4.01
N ILE C 727 -64.93 1.63 5.09
CA ILE C 727 -65.13 1.01 6.39
C ILE C 727 -66.54 1.26 6.90
N GLY C 728 -66.97 2.52 6.88
CA GLY C 728 -68.31 2.85 7.36
C GLY C 728 -69.40 2.11 6.61
N GLU C 729 -69.23 1.94 5.29
CA GLU C 729 -70.18 1.15 4.52
C GLU C 729 -70.03 -0.34 4.84
N LEU C 730 -68.80 -0.80 5.10
CA LEU C 730 -68.60 -2.16 5.57
C LEU C 730 -69.13 -2.33 6.99
N LYS C 731 -68.88 -1.34 7.85
CA LYS C 731 -69.22 -1.47 9.27
C LYS C 731 -70.71 -1.67 9.49
N SER C 732 -71.54 -1.16 8.59
CA SER C 732 -72.99 -1.24 8.75
C SER C 732 -73.63 -2.39 7.98
N ALA C 733 -72.89 -3.05 7.08
CA ALA C 733 -73.42 -4.19 6.33
C ALA C 733 -73.07 -5.53 6.94
N VAL C 734 -71.90 -5.64 7.58
CA VAL C 734 -71.47 -6.87 8.24
C VAL C 734 -71.18 -6.55 9.71
N ASP C 735 -71.29 -7.57 10.55
CA ASP C 735 -71.26 -7.39 12.00
C ASP C 735 -69.96 -7.91 12.64
N LEU C 736 -68.89 -7.94 11.88
CA LEU C 736 -67.61 -8.28 12.47
C LEU C 736 -66.83 -7.02 12.81
N PRO C 737 -65.91 -7.10 13.75
CA PRO C 737 -64.89 -6.03 13.86
C PRO C 737 -64.07 -5.98 12.58
N ILE C 738 -63.48 -4.82 12.32
CA ILE C 738 -62.73 -4.59 11.09
C ILE C 738 -61.29 -4.28 11.44
N HIS C 739 -60.37 -5.00 10.79
CA HIS C 739 -58.93 -4.92 11.06
C HIS C 739 -58.24 -4.33 9.84
N LEU C 740 -57.93 -3.04 9.89
CA LEU C 740 -57.39 -2.33 8.74
C LEU C 740 -55.87 -2.32 8.76
N HIS C 741 -55.28 -2.57 7.59
CA HIS C 741 -53.83 -2.61 7.44
C HIS C 741 -53.44 -1.89 6.15
N THR C 742 -52.57 -0.90 6.27
CA THR C 742 -52.10 -0.13 5.12
C THR C 742 -50.58 -0.04 5.14
N HIS C 743 -50.01 0.38 4.01
CA HIS C 743 -48.60 0.71 3.90
C HIS C 743 -48.49 2.18 3.52
N ASP C 744 -47.64 2.90 4.25
CA ASP C 744 -47.58 4.37 4.15
C ASP C 744 -46.66 4.80 2.99
N THR C 745 -47.01 4.34 1.79
CA THR C 745 -46.18 4.65 0.64
C THR C 745 -46.50 6.01 0.03
N SER C 746 -47.76 6.44 0.06
CA SER C 746 -48.07 7.79 -0.38
C SER C 746 -47.76 8.84 0.66
N GLY C 747 -47.44 8.44 1.88
CA GLY C 747 -47.34 9.38 2.98
C GLY C 747 -48.66 9.78 3.58
N ASN C 748 -49.76 9.18 3.12
CA ASN C 748 -51.10 9.44 3.65
C ASN C 748 -51.56 8.36 4.60
N GLY C 749 -50.67 7.43 5.00
CA GLY C 749 -51.09 6.30 5.81
C GLY C 749 -51.80 6.72 7.09
N LEU C 750 -51.29 7.74 7.76
CA LEU C 750 -51.98 8.29 8.92
C LEU C 750 -53.33 8.88 8.53
N LEU C 751 -53.38 9.57 7.39
CA LEU C 751 -54.64 10.17 6.95
C LEU C 751 -55.67 9.11 6.61
N THR C 752 -55.24 8.00 6.04
CA THR C 752 -56.12 6.85 5.89
C THR C 752 -56.68 6.42 7.25
N TYR C 753 -55.79 6.27 8.23
CA TYR C 753 -56.20 5.72 9.52
C TYR C 753 -57.16 6.66 10.24
N LYS C 754 -56.73 7.90 10.52
CA LYS C 754 -57.58 8.82 11.29
C LYS C 754 -58.97 8.92 10.68
N GLN C 755 -59.06 8.96 9.35
CA GLN C 755 -60.34 8.79 8.68
C GLN C 755 -60.98 7.45 9.03
N ALA C 756 -60.20 6.37 8.89
CA ALA C 756 -60.70 5.04 9.18
C ALA C 756 -61.22 4.92 10.61
N ILE C 757 -60.51 5.49 11.58
CA ILE C 757 -60.97 5.46 12.96
C ILE C 757 -62.32 6.18 13.07
N ASP C 758 -62.49 7.27 12.33
CA ASP C 758 -63.75 8.01 12.39
C ASP C 758 -64.92 7.16 11.90
N ALA C 759 -64.74 6.46 10.78
CA ALA C 759 -65.74 5.51 10.33
C ALA C 759 -65.89 4.33 11.27
N GLY C 760 -65.02 4.21 12.27
CA GLY C 760 -65.20 3.26 13.34
C GLY C 760 -64.41 1.97 13.25
N VAL C 761 -63.31 1.94 12.49
CA VAL C 761 -62.49 0.75 12.39
C VAL C 761 -62.09 0.31 13.79
N ASP C 762 -61.97 -0.99 14.01
CA ASP C 762 -61.71 -1.51 15.35
C ASP C 762 -60.23 -1.79 15.60
N ILE C 763 -59.48 -2.25 14.61
CA ILE C 763 -58.07 -2.56 14.77
C ILE C 763 -57.28 -2.02 13.60
N ILE C 764 -56.10 -1.47 13.88
CA ILE C 764 -55.24 -0.85 12.89
C ILE C 764 -53.83 -1.40 13.05
N ASP C 765 -53.08 -1.42 11.97
CA ASP C 765 -51.71 -1.95 11.94
C ASP C 765 -50.73 -0.79 12.02
N THR C 766 -49.97 -0.73 13.12
CA THR C 766 -49.00 0.33 13.33
C THR C 766 -47.66 -0.27 13.74
N ALA C 767 -46.59 0.40 13.34
CA ALA C 767 -45.24 0.05 13.74
C ALA C 767 -44.66 1.17 14.58
N VAL C 768 -43.68 0.81 15.42
CA VAL C 768 -43.06 1.80 16.29
C VAL C 768 -42.41 2.89 15.44
N ALA C 769 -42.32 4.09 16.01
CA ALA C 769 -41.98 5.28 15.23
C ALA C 769 -40.68 5.11 14.45
N SER C 770 -39.61 4.68 15.12
CA SER C 770 -38.30 4.59 14.47
C SER C 770 -38.25 3.52 13.39
N MET C 771 -39.30 2.72 13.22
CA MET C 771 -39.35 1.69 12.19
C MET C 771 -40.61 1.85 11.34
N SER C 772 -41.06 3.09 11.16
CA SER C 772 -42.34 3.38 10.54
C SER C 772 -42.16 4.27 9.32
N GLY C 773 -43.25 4.43 8.58
CA GLY C 773 -43.28 5.26 7.39
C GLY C 773 -42.84 4.53 6.14
N LEU C 774 -43.13 5.17 5.01
CA LEU C 774 -42.77 4.66 3.68
C LEU C 774 -43.44 3.30 3.51
N THR C 775 -42.77 2.33 2.90
CA THR C 775 -43.40 1.05 2.62
C THR C 775 -43.73 0.24 3.87
N SER C 776 -43.59 0.80 5.08
CA SER C 776 -43.98 0.16 6.32
C SER C 776 -45.36 0.64 6.75
N GLN C 777 -45.74 0.34 8.00
CA GLN C 777 -47.01 0.80 8.54
C GLN C 777 -46.89 2.24 9.01
N PRO C 778 -48.01 2.94 9.17
CA PRO C 778 -47.96 4.28 9.76
C PRO C 778 -47.41 4.23 11.18
N SER C 779 -46.85 5.37 11.61
CA SER C 779 -46.23 5.45 12.92
C SER C 779 -47.29 5.37 14.01
N ALA C 780 -47.17 4.35 14.88
CA ALA C 780 -48.03 4.28 16.06
C ALA C 780 -47.85 5.52 16.93
N ASN C 781 -46.60 5.90 17.18
CA ASN C 781 -46.29 7.06 18.00
C ASN C 781 -47.03 8.30 17.51
N SER C 782 -46.75 8.70 16.26
CA SER C 782 -47.38 9.88 15.69
C SER C 782 -48.89 9.82 15.79
N LEU C 783 -49.47 8.64 15.52
CA LEU C 783 -50.91 8.49 15.53
C LEU C 783 -51.49 8.79 16.90
N TYR C 784 -50.89 8.25 17.95
CA TYR C 784 -51.38 8.45 19.32
C TYR C 784 -51.60 9.93 19.62
N TYR C 785 -50.64 10.77 19.24
CA TYR C 785 -50.78 12.21 19.45
C TYR C 785 -51.73 12.86 18.46
N ALA C 786 -51.93 12.25 17.29
CA ALA C 786 -52.78 12.88 16.28
C ALA C 786 -54.24 12.91 16.70
N LEU C 787 -54.66 11.93 17.51
CA LEU C 787 -56.04 11.89 17.99
C LEU C 787 -56.28 12.79 19.19
N ASN C 788 -55.25 13.51 19.65
CA ASN C 788 -55.42 14.56 20.65
C ASN C 788 -56.49 15.54 20.20
N GLY C 789 -57.57 15.62 20.97
CA GLY C 789 -58.66 16.54 20.73
C GLY C 789 -59.86 15.91 20.04
N PHE C 790 -59.64 14.89 19.23
CA PHE C 790 -60.73 14.16 18.61
C PHE C 790 -61.32 13.15 19.59
N PRO C 791 -62.56 12.72 19.38
CA PRO C 791 -63.22 11.89 20.39
C PRO C 791 -62.52 10.57 20.66
N ARG C 792 -62.04 9.89 19.62
CA ARG C 792 -61.51 8.54 19.80
C ARG C 792 -60.06 8.57 20.26
N HIS C 793 -59.68 7.54 21.01
CA HIS C 793 -58.34 7.41 21.58
C HIS C 793 -57.77 6.05 21.24
N LEU C 794 -56.47 6.02 20.95
CA LEU C 794 -55.77 4.80 20.56
C LEU C 794 -55.22 4.14 21.82
N ARG C 795 -55.74 2.96 22.15
CA ARG C 795 -55.38 2.27 23.39
C ARG C 795 -53.96 1.73 23.29
N THR C 796 -53.01 2.45 23.88
CA THR C 796 -51.62 2.00 23.92
C THR C 796 -50.85 2.80 24.96
N ASP C 797 -49.60 2.42 25.14
CA ASP C 797 -48.68 2.99 26.13
C ASP C 797 -47.68 3.87 25.38
N ILE C 798 -47.98 5.16 25.29
CA ILE C 798 -47.20 6.05 24.43
C ILE C 798 -45.76 6.15 24.92
N GLU C 799 -45.57 6.36 26.23
CA GLU C 799 -44.21 6.48 26.74
C GLU C 799 -43.44 5.17 26.60
N GLY C 800 -44.14 4.04 26.64
CA GLY C 800 -43.48 2.78 26.35
C GLY C 800 -43.12 2.62 24.89
N MET C 801 -43.89 3.25 24.00
CA MET C 801 -43.59 3.14 22.57
C MET C 801 -42.35 3.95 22.20
N GLU C 802 -42.21 5.15 22.77
CA GLU C 802 -41.01 5.95 22.52
C GLU C 802 -39.75 5.20 22.94
N SER C 803 -39.79 4.56 24.11
CA SER C 803 -38.66 3.71 24.51
C SER C 803 -38.46 2.58 23.52
N LEU C 804 -39.55 1.99 23.03
CA LEU C 804 -39.43 0.97 22.00
C LEU C 804 -38.92 1.56 20.69
N SER C 805 -39.19 2.84 20.44
CA SER C 805 -38.68 3.49 19.23
C SER C 805 -37.18 3.72 19.34
N HIS C 806 -36.73 4.28 20.47
CA HIS C 806 -35.31 4.58 20.65
C HIS C 806 -34.47 3.31 20.55
N TYR C 807 -34.92 2.23 21.17
CA TYR C 807 -34.23 0.95 21.03
C TYR C 807 -34.12 0.54 19.57
N TRP C 808 -35.24 0.58 18.85
CA TRP C 808 -35.25 0.12 17.46
C TRP C 808 -34.47 1.06 16.56
N SER C 809 -34.39 2.35 16.91
CA SER C 809 -33.60 3.28 16.10
C SER C 809 -32.13 2.86 16.06
N THR C 810 -31.56 2.57 17.24
CA THR C 810 -30.16 2.15 17.27
C THR C 810 -29.98 0.76 16.66
N VAL C 811 -30.88 -0.17 16.98
CA VAL C 811 -30.77 -1.54 16.49
C VAL C 811 -30.75 -1.56 14.96
N ARG C 812 -31.60 -0.76 14.33
CA ARG C 812 -31.72 -0.76 12.88
C ARG C 812 -30.38 -0.45 12.20
N THR C 813 -29.53 0.37 12.84
CA THR C 813 -28.24 0.68 12.25
C THR C 813 -27.34 -0.55 12.15
N TYR C 814 -27.59 -1.59 12.95
CA TYR C 814 -26.93 -2.87 12.69
C TYR C 814 -27.30 -3.42 11.32
N TYR C 815 -28.41 -2.97 10.76
CA TYR C 815 -28.99 -3.53 9.54
C TYR C 815 -28.94 -2.57 8.35
N SER C 816 -28.10 -1.53 8.43
CA SER C 816 -28.10 -0.50 7.39
C SER C 816 -27.67 -1.04 6.03
N ASP C 817 -26.98 -2.18 6.01
CA ASP C 817 -26.62 -2.81 4.73
C ASP C 817 -27.86 -3.18 3.92
N PHE C 818 -29.01 -3.37 4.56
CA PHE C 818 -30.20 -3.90 3.91
C PHE C 818 -31.31 -2.87 3.76
N GLU C 819 -31.01 -1.58 3.99
CA GLU C 819 -32.01 -0.54 3.85
C GLU C 819 -32.51 -0.47 2.41
N SER C 820 -33.83 -0.30 2.26
CA SER C 820 -34.40 -0.06 0.95
C SER C 820 -33.88 1.27 0.40
N ASP C 821 -33.97 1.42 -0.92
CA ASP C 821 -33.56 2.64 -1.59
C ASP C 821 -34.61 3.75 -1.49
N ILE C 822 -35.75 3.47 -0.87
CA ILE C 822 -36.91 4.36 -0.90
C ILE C 822 -36.76 5.39 0.21
N LYS C 823 -36.59 6.65 -0.16
CA LYS C 823 -36.32 7.72 0.79
C LYS C 823 -37.50 8.65 1.01
N SER C 824 -38.60 8.48 0.28
CA SER C 824 -39.63 9.51 0.24
C SER C 824 -40.94 8.87 -0.21
N PRO C 825 -42.09 9.49 0.06
CA PRO C 825 -43.34 8.94 -0.43
C PRO C 825 -43.40 9.00 -1.94
N ASN C 826 -43.98 7.96 -2.54
CA ASN C 826 -44.13 7.87 -3.99
C ASN C 826 -45.62 7.96 -4.28
N THR C 827 -46.08 9.18 -4.57
CA THR C 827 -47.51 9.41 -4.74
C THR C 827 -48.06 8.81 -6.03
N GLU C 828 -47.20 8.48 -7.00
CA GLU C 828 -47.70 7.89 -8.24
C GLU C 828 -47.91 6.37 -8.16
N ILE C 829 -48.03 5.82 -6.95
CA ILE C 829 -48.56 4.47 -6.82
C ILE C 829 -50.03 4.45 -7.23
N TYR C 830 -50.72 5.58 -7.07
CA TYR C 830 -52.14 5.68 -7.38
C TYR C 830 -52.45 5.39 -8.84
N GLN C 831 -51.44 5.39 -9.72
CA GLN C 831 -51.62 5.05 -11.12
C GLN C 831 -51.23 3.60 -11.41
N HIS C 832 -49.95 3.25 -11.23
CA HIS C 832 -49.49 1.92 -11.59
C HIS C 832 -49.83 0.84 -10.57
N GLU C 833 -50.24 1.22 -9.36
CA GLU C 833 -50.56 0.27 -8.29
C GLU C 833 -49.43 -0.74 -8.09
N MET C 834 -48.21 -0.23 -7.94
CA MET C 834 -47.11 -1.14 -7.66
C MET C 834 -47.00 -1.34 -6.15
N PRO C 835 -46.99 -2.60 -5.68
CA PRO C 835 -47.03 -2.84 -4.23
C PRO C 835 -45.80 -2.36 -3.49
N GLY C 836 -45.79 -2.56 -2.17
CA GLY C 836 -44.70 -2.12 -1.31
C GLY C 836 -43.35 -2.64 -1.74
N GLY C 837 -42.41 -1.73 -1.96
CA GLY C 837 -41.08 -2.13 -2.40
C GLY C 837 -41.06 -2.80 -3.76
N GLN C 838 -42.02 -2.49 -4.62
CA GLN C 838 -42.01 -2.99 -5.99
C GLN C 838 -41.53 -1.93 -6.99
N TYR C 839 -41.98 -0.68 -6.85
CA TYR C 839 -41.50 0.38 -7.74
C TYR C 839 -40.03 0.69 -7.55
N SER C 840 -39.37 0.08 -6.57
CA SER C 840 -37.92 0.12 -6.44
C SER C 840 -37.29 -1.21 -6.84
N ASN C 841 -37.82 -2.32 -6.34
CA ASN C 841 -37.32 -3.63 -6.72
C ASN C 841 -37.45 -3.86 -8.21
N LEU C 842 -38.57 -3.41 -8.81
CA LEU C 842 -38.73 -3.55 -10.25
C LEU C 842 -37.82 -2.61 -11.03
N SER C 843 -37.35 -1.53 -10.41
CA SER C 843 -36.44 -0.63 -11.11
C SER C 843 -35.05 -1.24 -11.21
N GLN C 844 -34.61 -1.94 -10.17
CA GLN C 844 -33.31 -2.61 -10.23
C GLN C 844 -33.31 -3.75 -11.24
N GLN C 845 -34.47 -4.35 -11.49
CA GLN C 845 -34.57 -5.42 -12.48
C GLN C 845 -34.70 -4.86 -13.89
N ALA C 846 -35.33 -3.70 -14.04
CA ALA C 846 -35.34 -3.04 -15.35
C ALA C 846 -33.94 -2.60 -15.75
N LYS C 847 -33.13 -2.18 -14.78
CA LYS C 847 -31.74 -1.82 -15.08
C LYS C 847 -30.97 -3.02 -15.62
N SER C 848 -31.24 -4.21 -15.08
CA SER C 848 -30.58 -5.43 -15.54
C SER C 848 -30.77 -5.62 -17.04
N LEU C 849 -32.00 -5.48 -17.52
CA LEU C 849 -32.30 -5.63 -18.94
C LEU C 849 -31.85 -4.43 -19.77
N GLY C 850 -31.19 -3.45 -19.17
CA GLY C 850 -30.84 -2.24 -19.91
C GLY C 850 -32.01 -1.32 -20.16
N LEU C 851 -33.03 -1.37 -19.30
CA LEU C 851 -34.18 -0.48 -19.37
C LEU C 851 -34.16 0.56 -18.25
N GLY C 852 -33.01 0.74 -17.60
CA GLY C 852 -32.98 1.50 -16.36
C GLY C 852 -33.47 2.93 -16.51
N GLU C 853 -33.12 3.58 -17.61
CA GLU C 853 -33.57 4.94 -17.89
C GLU C 853 -34.86 4.98 -18.68
N ARG C 854 -35.39 3.82 -19.08
CA ARG C 854 -36.68 3.71 -19.76
C ARG C 854 -37.77 3.28 -18.79
N PHE C 855 -37.81 3.88 -17.60
CA PHE C 855 -38.72 3.38 -16.57
C PHE C 855 -40.15 3.90 -16.73
N ASP C 856 -40.34 5.05 -17.38
CA ASP C 856 -41.71 5.50 -17.65
C ASP C 856 -42.48 4.47 -18.45
N GLU C 857 -41.82 3.84 -19.42
CA GLU C 857 -42.46 2.82 -20.23
C GLU C 857 -42.56 1.47 -19.52
N VAL C 858 -41.84 1.28 -18.42
CA VAL C 858 -42.03 0.08 -17.60
C VAL C 858 -43.13 0.31 -16.57
N LYS C 859 -43.17 1.49 -15.96
CA LYS C 859 -44.29 1.84 -15.08
C LYS C 859 -45.60 1.78 -15.83
N ASP C 860 -45.68 2.46 -16.97
CA ASP C 860 -46.90 2.45 -17.78
C ASP C 860 -47.26 1.04 -18.20
N MET C 861 -46.27 0.23 -18.57
CA MET C 861 -46.57 -1.13 -19.00
C MET C 861 -47.23 -1.92 -17.87
N TYR C 862 -46.71 -1.78 -16.65
CA TYR C 862 -47.33 -2.41 -15.49
C TYR C 862 -48.82 -2.10 -15.42
N ARG C 863 -49.17 -0.83 -15.52
CA ARG C 863 -50.56 -0.42 -15.45
C ARG C 863 -51.35 -0.95 -16.65
N ARG C 864 -50.72 -0.98 -17.83
CA ARG C 864 -51.35 -1.59 -18.99
C ARG C 864 -51.52 -3.10 -18.79
N VAL C 865 -50.48 -3.76 -18.28
CA VAL C 865 -50.52 -5.21 -18.07
C VAL C 865 -51.67 -5.57 -17.13
N ASN C 866 -51.86 -4.77 -16.08
CA ASN C 866 -52.98 -5.02 -15.18
C ASN C 866 -54.27 -5.17 -15.98
N PHE C 867 -54.69 -4.08 -16.66
CA PHE C 867 -55.87 -4.13 -17.52
C PHE C 867 -55.82 -5.29 -18.51
N LEU C 868 -54.63 -5.64 -19.00
CA LEU C 868 -54.52 -6.71 -20.00
C LEU C 868 -54.98 -8.05 -19.42
N PHE C 869 -54.67 -8.32 -18.16
CA PHE C 869 -55.10 -9.54 -17.50
C PHE C 869 -56.44 -9.38 -16.78
N GLY C 870 -57.31 -8.51 -17.29
CA GLY C 870 -58.52 -8.14 -16.58
C GLY C 870 -58.21 -7.00 -15.63
N ASP C 871 -58.87 -6.90 -14.50
CA ASP C 871 -58.43 -6.02 -13.41
C ASP C 871 -58.11 -6.92 -12.24
N ILE C 872 -56.83 -7.03 -11.89
CA ILE C 872 -56.46 -8.02 -10.89
C ILE C 872 -55.88 -7.34 -9.65
N VAL C 873 -55.51 -8.14 -8.67
CA VAL C 873 -54.99 -7.67 -7.39
C VAL C 873 -53.48 -7.80 -7.42
N LYS C 874 -52.78 -6.74 -7.03
CA LYS C 874 -51.31 -6.70 -7.10
C LYS C 874 -50.77 -7.08 -5.72
N VAL C 875 -50.48 -8.36 -5.54
CA VAL C 875 -49.89 -8.87 -4.31
C VAL C 875 -49.26 -10.22 -4.62
N THR C 876 -48.14 -10.51 -3.96
CA THR C 876 -47.37 -11.71 -4.22
C THR C 876 -48.28 -12.95 -4.17
N PRO C 877 -48.27 -13.82 -5.18
CA PRO C 877 -47.44 -13.77 -6.41
C PRO C 877 -48.06 -13.00 -7.56
N SER C 878 -49.31 -12.56 -7.44
CA SER C 878 -49.99 -11.90 -8.56
C SER C 878 -49.22 -10.67 -9.02
N SER C 879 -48.50 -10.01 -8.13
CA SER C 879 -47.70 -8.85 -8.53
C SER C 879 -46.51 -9.26 -9.38
N LYS C 880 -45.99 -10.47 -9.19
CA LYS C 880 -44.82 -10.91 -9.95
C LYS C 880 -45.14 -11.10 -11.42
N VAL C 881 -46.32 -11.65 -11.73
CA VAL C 881 -46.68 -11.91 -13.11
C VAL C 881 -46.89 -10.61 -13.87
N VAL C 882 -47.67 -9.69 -13.30
CA VAL C 882 -47.85 -8.37 -13.91
C VAL C 882 -46.51 -7.66 -14.07
N GLY C 883 -45.58 -7.89 -13.15
CA GLY C 883 -44.24 -7.37 -13.27
C GLY C 883 -43.51 -7.97 -14.45
N ASP C 884 -43.27 -9.30 -14.38
CA ASP C 884 -42.60 -10.00 -15.47
C ASP C 884 -43.24 -9.71 -16.82
N MET C 885 -44.56 -9.51 -16.85
CA MET C 885 -45.26 -9.26 -18.10
C MET C 885 -45.03 -7.85 -18.62
N ALA C 886 -44.74 -6.89 -17.74
CA ALA C 886 -44.48 -5.51 -18.17
C ALA C 886 -43.09 -5.37 -18.79
N LEU C 887 -42.09 -6.05 -18.22
CA LEU C 887 -40.75 -6.02 -18.81
C LEU C 887 -40.76 -6.63 -20.20
N TYR C 888 -41.39 -7.80 -20.33
CA TYR C 888 -41.36 -8.55 -21.58
C TYR C 888 -41.84 -7.71 -22.76
N MET C 889 -42.99 -7.08 -22.62
CA MET C 889 -43.53 -6.27 -23.72
C MET C 889 -42.67 -5.06 -24.02
N VAL C 890 -42.03 -4.48 -23.00
CA VAL C 890 -41.06 -3.42 -23.24
C VAL C 890 -39.71 -3.99 -23.65
N GLN C 891 -39.44 -5.26 -23.34
CA GLN C 891 -38.17 -5.86 -23.76
C GLN C 891 -38.08 -5.96 -25.27
N ASN C 892 -39.11 -6.50 -25.93
CA ASN C 892 -39.09 -6.65 -27.38
C ASN C 892 -40.24 -5.91 -28.07
N ASP C 893 -40.66 -4.77 -27.50
CA ASP C 893 -41.50 -3.78 -28.18
C ASP C 893 -42.86 -4.37 -28.58
N LEU C 894 -43.66 -4.66 -27.56
CA LEU C 894 -45.02 -5.16 -27.76
C LEU C 894 -46.04 -4.15 -27.27
N ASP C 895 -47.29 -4.37 -27.65
CA ASP C 895 -48.42 -3.62 -27.11
C ASP C 895 -49.56 -4.60 -26.85
N GLU C 896 -50.74 -4.05 -26.57
CA GLU C 896 -51.89 -4.84 -26.17
C GLU C 896 -52.30 -5.83 -27.27
N GLN C 897 -52.80 -5.31 -28.39
CA GLN C 897 -53.23 -6.18 -29.48
C GLN C 897 -52.06 -6.92 -30.13
N SER C 898 -50.83 -6.42 -29.97
CA SER C 898 -49.69 -7.07 -30.60
C SER C 898 -49.36 -8.39 -29.92
N VAL C 899 -49.50 -8.46 -28.59
CA VAL C 899 -49.13 -9.68 -27.88
C VAL C 899 -50.13 -10.81 -28.15
N ILE C 900 -51.35 -10.49 -28.56
CA ILE C 900 -52.27 -11.53 -29.00
C ILE C 900 -52.00 -11.91 -30.45
N THR C 901 -51.71 -10.91 -31.29
CA THR C 901 -51.66 -11.14 -32.73
C THR C 901 -50.41 -11.91 -33.17
N ASP C 902 -49.34 -11.90 -32.36
CA ASP C 902 -48.13 -12.66 -32.67
C ASP C 902 -47.83 -13.70 -31.59
N GLY C 903 -48.85 -14.14 -30.85
CA GLY C 903 -48.60 -14.85 -29.61
C GLY C 903 -47.93 -16.19 -29.79
N TYR C 904 -48.28 -16.90 -30.87
CA TYR C 904 -47.79 -18.26 -31.04
C TYR C 904 -46.32 -18.32 -31.41
N LYS C 905 -45.69 -17.20 -31.75
CA LYS C 905 -44.28 -17.20 -32.11
C LYS C 905 -43.40 -17.36 -30.88
N PRO C 909 -42.24 -16.45 -20.87
CA PRO C 909 -42.35 -15.79 -19.57
C PRO C 909 -42.90 -16.74 -18.53
N GLU C 910 -42.01 -17.50 -17.87
CA GLU C 910 -42.41 -18.68 -17.11
C GLU C 910 -43.54 -18.38 -16.13
N SER C 911 -43.47 -17.24 -15.43
CA SER C 911 -44.52 -16.92 -14.46
C SER C 911 -45.86 -16.70 -15.16
N VAL C 912 -45.85 -15.97 -16.27
CA VAL C 912 -47.10 -15.62 -16.95
C VAL C 912 -47.83 -16.87 -17.43
N VAL C 913 -47.10 -17.84 -17.96
CA VAL C 913 -47.75 -19.07 -18.41
C VAL C 913 -48.20 -19.90 -17.22
N SER C 914 -47.48 -19.81 -16.09
CA SER C 914 -47.97 -20.43 -14.86
C SER C 914 -49.24 -19.75 -14.38
N PHE C 915 -49.34 -18.44 -14.57
CA PHE C 915 -50.51 -17.70 -14.13
C PHE C 915 -51.73 -18.07 -14.94
N PHE C 916 -51.61 -18.08 -16.27
CA PHE C 916 -52.75 -18.36 -17.13
C PHE C 916 -53.22 -19.80 -17.04
N LYS C 917 -52.42 -20.69 -16.47
CA LYS C 917 -52.90 -22.01 -16.11
C LYS C 917 -53.75 -21.99 -14.84
N GLY C 918 -53.77 -20.86 -14.12
CA GLY C 918 -54.48 -20.77 -12.86
C GLY C 918 -53.72 -21.28 -11.67
N GLU C 919 -52.41 -21.49 -11.79
CA GLU C 919 -51.60 -22.07 -10.72
C GLU C 919 -51.50 -21.18 -9.49
N ILE C 920 -52.02 -19.95 -9.54
CA ILE C 920 -52.08 -19.09 -8.36
C ILE C 920 -53.51 -18.79 -7.92
N GLY C 921 -54.50 -19.15 -8.72
CA GLY C 921 -55.89 -18.94 -8.36
C GLY C 921 -56.73 -18.72 -9.61
N GLN C 922 -57.95 -18.25 -9.37
CA GLN C 922 -58.86 -17.86 -10.44
C GLN C 922 -59.15 -16.38 -10.33
N PRO C 923 -58.80 -15.57 -11.33
CA PRO C 923 -59.04 -14.13 -11.24
C PRO C 923 -60.53 -13.81 -11.23
N VAL C 924 -60.86 -12.67 -10.61
CA VAL C 924 -62.25 -12.23 -10.51
C VAL C 924 -62.77 -11.67 -11.83
N ASN C 925 -61.90 -11.56 -12.84
CA ASN C 925 -62.35 -11.24 -14.20
C ASN C 925 -62.25 -12.42 -15.15
N GLY C 926 -61.69 -13.54 -14.71
CA GLY C 926 -61.51 -14.70 -15.56
C GLY C 926 -60.24 -14.61 -16.39
N PHE C 927 -60.32 -15.07 -17.64
CA PHE C 927 -59.21 -14.92 -18.58
C PHE C 927 -59.76 -14.55 -19.93
N ASN C 928 -58.91 -13.92 -20.75
CA ASN C 928 -59.24 -13.62 -22.14
C ASN C 928 -58.86 -14.84 -22.98
N LYS C 929 -59.88 -15.50 -23.54
CA LYS C 929 -59.66 -16.75 -24.27
C LYS C 929 -58.56 -16.60 -25.32
N ASP C 930 -58.64 -15.54 -26.13
CA ASP C 930 -57.62 -15.29 -27.13
C ASP C 930 -56.26 -15.03 -26.47
N LEU C 931 -56.25 -14.21 -25.42
CA LEU C 931 -55.02 -14.00 -24.68
C LEU C 931 -54.52 -15.31 -24.07
N GLN C 932 -55.40 -15.99 -23.32
CA GLN C 932 -55.03 -17.25 -22.68
C GLN C 932 -54.39 -18.20 -23.69
N ALA C 933 -55.07 -18.44 -24.82
CA ALA C 933 -54.64 -19.47 -25.76
C ALA C 933 -53.20 -19.28 -26.22
N VAL C 934 -52.78 -18.04 -26.47
CA VAL C 934 -51.47 -17.83 -27.07
C VAL C 934 -50.35 -17.97 -26.04
N ILE C 935 -50.62 -17.70 -24.76
CA ILE C 935 -49.56 -17.71 -23.76
C ILE C 935 -49.14 -19.13 -23.44
N LEU C 936 -50.10 -19.99 -23.13
CA LEU C 936 -49.75 -21.37 -22.77
C LEU C 936 -49.71 -22.29 -23.98
N LYS C 937 -50.28 -21.87 -25.12
CA LYS C 937 -50.18 -22.61 -26.38
C LYS C 937 -50.69 -24.03 -26.24
N GLY C 938 -51.68 -24.24 -25.36
CA GLY C 938 -52.34 -25.52 -25.24
C GLY C 938 -51.77 -26.50 -24.24
N GLN C 939 -52.08 -26.32 -22.95
CA GLN C 939 -52.00 -27.38 -21.96
C GLN C 939 -53.17 -27.20 -20.99
N GLU C 940 -53.16 -27.98 -19.92
CA GLU C 940 -54.28 -28.05 -18.98
C GLU C 940 -54.37 -26.76 -18.18
N ALA C 941 -55.30 -25.89 -18.57
CA ALA C 941 -55.67 -24.76 -17.73
C ALA C 941 -56.49 -25.27 -16.55
N LEU C 942 -56.02 -25.02 -15.33
CA LEU C 942 -56.69 -25.54 -14.14
C LEU C 942 -58.15 -25.13 -14.12
N THR C 943 -59.03 -26.12 -13.97
CA THR C 943 -60.48 -25.89 -13.96
C THR C 943 -61.02 -25.62 -12.56
N ALA C 944 -60.22 -25.82 -11.53
CA ALA C 944 -60.54 -25.42 -10.17
C ALA C 944 -59.25 -24.93 -9.51
N ARG C 945 -59.34 -24.62 -8.22
CA ARG C 945 -58.19 -24.15 -7.47
C ARG C 945 -57.05 -25.18 -7.52
N PRO C 946 -55.81 -24.72 -7.32
CA PRO C 946 -54.67 -25.61 -7.56
C PRO C 946 -54.55 -26.76 -6.56
N GLY C 947 -55.11 -26.61 -5.35
CA GLY C 947 -54.85 -27.59 -4.31
C GLY C 947 -55.42 -28.97 -4.60
N GLU C 948 -56.56 -29.03 -5.28
CA GLU C 948 -57.25 -30.30 -5.46
C GLU C 948 -56.67 -31.16 -6.56
N TYR C 949 -55.77 -30.64 -7.38
CA TYR C 949 -55.01 -31.45 -8.32
C TYR C 949 -53.77 -32.06 -7.67
N LEU C 950 -53.63 -31.92 -6.35
CA LEU C 950 -52.40 -32.30 -5.64
C LEU C 950 -52.71 -33.43 -4.67
N GLU C 951 -51.87 -34.46 -4.71
CA GLU C 951 -52.05 -35.61 -3.82
C GLU C 951 -51.57 -35.25 -2.42
N PRO C 952 -52.33 -35.59 -1.37
CA PRO C 952 -51.87 -35.32 0.00
C PRO C 952 -50.51 -35.95 0.28
N VAL C 953 -49.73 -35.27 1.12
CA VAL C 953 -48.35 -35.63 1.38
C VAL C 953 -48.28 -36.61 2.54
N ASP C 954 -47.50 -37.68 2.36
CA ASP C 954 -47.33 -38.70 3.38
C ASP C 954 -46.26 -38.23 4.36
N PHE C 955 -46.69 -37.63 5.46
CA PHE C 955 -45.76 -37.09 6.45
C PHE C 955 -45.04 -38.16 7.24
N GLU C 956 -45.46 -39.43 7.12
CA GLU C 956 -44.73 -40.51 7.80
C GLU C 956 -43.45 -40.86 7.07
N LYS C 957 -43.48 -40.90 5.74
CA LYS C 957 -42.26 -41.13 4.96
C LYS C 957 -41.26 -40.00 5.18
N VAL C 958 -41.73 -38.76 5.18
CA VAL C 958 -40.85 -37.62 5.40
C VAL C 958 -40.13 -37.76 6.74
N ARG C 959 -40.85 -38.16 7.78
CA ARG C 959 -40.23 -38.41 9.08
C ARG C 959 -39.15 -39.46 8.98
N GLU C 960 -39.39 -40.52 8.20
CA GLU C 960 -38.37 -41.54 7.99
C GLU C 960 -37.16 -40.96 7.26
N LEU C 961 -37.40 -40.23 6.16
CA LEU C 961 -36.31 -39.68 5.37
C LEU C 961 -35.40 -38.79 6.21
N LEU C 962 -36.00 -37.94 7.06
CA LEU C 962 -35.20 -37.02 7.85
C LEU C 962 -34.47 -37.72 8.98
N GLU C 963 -35.07 -38.76 9.56
CA GLU C 963 -34.43 -39.45 10.68
C GLU C 963 -33.23 -40.25 10.22
N GLU C 964 -33.32 -40.90 9.07
CA GLU C 964 -32.15 -41.55 8.49
C GLU C 964 -31.05 -40.53 8.22
N GLU C 965 -31.41 -39.36 7.71
CA GLU C 965 -30.41 -38.34 7.39
C GLU C 965 -29.81 -37.73 8.65
N GLN C 966 -30.66 -37.21 9.53
CA GLN C 966 -30.19 -36.45 10.68
C GLN C 966 -29.71 -37.38 11.79
N GLN C 967 -29.49 -36.81 12.98
CA GLN C 967 -29.13 -37.61 14.15
C GLN C 967 -30.20 -38.65 14.45
N GLY C 968 -31.44 -38.21 14.64
CA GLY C 968 -32.51 -39.10 14.97
C GLY C 968 -33.74 -38.34 15.28
N PRO C 969 -33.81 -37.69 16.46
CA PRO C 969 -35.09 -37.11 16.84
C PRO C 969 -35.60 -36.01 15.94
N VAL C 970 -36.61 -36.28 15.09
CA VAL C 970 -37.15 -35.28 14.16
C VAL C 970 -38.53 -34.88 14.70
N THR C 971 -38.70 -33.61 15.00
CA THR C 971 -39.98 -33.14 15.52
C THR C 971 -40.93 -32.80 14.37
N GLU C 972 -42.20 -32.61 14.73
CA GLU C 972 -43.22 -32.25 13.75
C GLU C 972 -42.84 -30.97 13.01
N GLN C 973 -42.30 -29.98 13.74
CA GLN C 973 -41.86 -28.74 13.10
C GLN C 973 -40.79 -29.03 12.05
N ASP C 974 -39.82 -29.89 12.38
CA ASP C 974 -38.84 -30.33 11.39
C ASP C 974 -39.52 -30.86 10.14
N ILE C 975 -40.62 -31.59 10.32
CA ILE C 975 -41.31 -32.27 9.22
C ILE C 975 -41.93 -31.24 8.28
N ILE C 976 -42.95 -30.52 8.77
CA ILE C 976 -43.68 -29.59 7.91
C ILE C 976 -42.74 -28.53 7.32
N SER C 977 -41.65 -28.22 8.01
CA SER C 977 -40.68 -27.27 7.48
C SER C 977 -39.99 -27.82 6.25
N TYR C 978 -39.55 -29.09 6.31
CA TYR C 978 -38.96 -29.71 5.13
C TYR C 978 -39.98 -29.81 4.00
N VAL C 979 -41.24 -30.12 4.34
CA VAL C 979 -42.28 -30.23 3.32
C VAL C 979 -42.49 -28.87 2.64
N LEU C 980 -42.61 -27.81 3.43
CA LEU C 980 -42.88 -26.50 2.88
C LEU C 980 -41.67 -25.96 2.11
N TYR C 981 -40.47 -26.09 2.67
CA TYR C 981 -39.24 -25.56 2.08
C TYR C 981 -38.15 -26.63 2.16
N PRO C 982 -38.11 -27.54 1.19
CA PRO C 982 -37.12 -28.63 1.22
C PRO C 982 -35.67 -28.15 1.22
N LYS C 983 -35.26 -27.48 0.13
CA LYS C 983 -33.85 -27.13 -0.03
C LYS C 983 -33.35 -26.26 1.12
N VAL C 984 -34.15 -25.28 1.54
CA VAL C 984 -33.70 -24.35 2.56
C VAL C 984 -33.51 -25.06 3.88
N TYR C 985 -34.49 -25.88 4.30
CA TYR C 985 -34.35 -26.65 5.52
C TYR C 985 -33.13 -27.55 5.47
N GLU C 986 -33.02 -28.36 4.42
CA GLU C 986 -31.84 -29.19 4.22
C GLU C 986 -30.56 -28.35 4.36
N GLN C 987 -30.51 -27.22 3.67
CA GLN C 987 -29.35 -26.33 3.77
C GLN C 987 -29.21 -25.77 5.18
N TYR C 988 -30.33 -25.36 5.79
CA TYR C 988 -30.27 -24.83 7.16
C TYR C 988 -29.68 -25.84 8.12
N ILE C 989 -30.02 -27.12 7.94
CA ILE C 989 -29.52 -28.15 8.84
C ILE C 989 -28.00 -28.29 8.69
N GLN C 990 -27.51 -28.35 7.45
CA GLN C 990 -26.06 -28.43 7.24
C GLN C 990 -25.35 -27.25 7.90
N THR C 991 -25.92 -26.05 7.78
CA THR C 991 -25.35 -24.90 8.45
C THR C 991 -25.44 -25.05 9.97
N ARG C 992 -26.58 -25.51 10.47
CA ARG C 992 -26.70 -25.78 11.90
C ARG C 992 -25.63 -26.74 12.37
N ASN C 993 -25.26 -27.70 11.52
CA ASN C 993 -24.22 -28.66 11.88
C ASN C 993 -22.88 -27.97 12.06
N GLN C 994 -22.47 -27.17 11.06
CA GLN C 994 -21.13 -26.58 11.09
C GLN C 994 -20.96 -25.60 12.25
N TYR C 995 -21.94 -24.72 12.46
CA TYR C 995 -21.75 -23.54 13.30
C TYR C 995 -22.63 -23.47 14.53
N GLY C 996 -23.48 -24.46 14.78
CA GLY C 996 -24.33 -24.35 15.96
C GLY C 996 -25.43 -23.32 15.81
N ASN C 997 -25.98 -22.91 16.95
CA ASN C 997 -27.07 -21.93 16.98
C ASN C 997 -26.49 -20.53 16.91
N LEU C 998 -26.61 -19.90 15.74
CA LEU C 998 -26.14 -18.53 15.54
C LEU C 998 -27.20 -17.48 15.90
N SER C 999 -28.45 -17.89 16.16
CA SER C 999 -29.45 -16.96 16.65
C SER C 999 -29.12 -16.41 18.04
N LEU C 1000 -28.02 -16.86 18.66
CA LEU C 1000 -27.58 -16.39 19.97
C LEU C 1000 -26.55 -15.28 19.90
N LEU C 1001 -25.82 -15.18 18.80
CA LEU C 1001 -24.80 -14.15 18.66
C LEU C 1001 -25.45 -12.78 18.51
N ASP C 1002 -24.77 -11.75 19.00
CA ASP C 1002 -25.22 -10.38 18.78
C ASP C 1002 -25.17 -10.07 17.29
N THR C 1003 -26.18 -9.31 16.83
CA THR C 1003 -26.32 -9.05 15.40
C THR C 1003 -25.05 -8.51 14.74
N PRO C 1004 -24.30 -7.56 15.33
CA PRO C 1004 -23.04 -7.16 14.69
C PRO C 1004 -22.05 -8.30 14.51
N THR C 1005 -21.76 -9.05 15.58
CA THR C 1005 -20.84 -10.18 15.47
C THR C 1005 -21.34 -11.19 14.44
N PHE C 1006 -22.66 -11.37 14.34
CA PHE C 1006 -23.22 -12.23 13.31
C PHE C 1006 -22.82 -11.76 11.91
N PHE C 1007 -22.74 -10.44 11.72
CA PHE C 1007 -22.58 -9.87 10.40
C PHE C 1007 -21.15 -9.48 10.06
N PHE C 1008 -20.30 -9.25 11.05
CA PHE C 1008 -18.97 -8.71 10.80
C PHE C 1008 -17.84 -9.48 11.47
N GLY C 1009 -18.13 -10.56 12.18
CA GLY C 1009 -17.10 -11.16 13.02
C GLY C 1009 -16.65 -10.17 14.06
N MET C 1010 -15.34 -10.18 14.34
CA MET C 1010 -14.76 -9.26 15.31
C MET C 1010 -13.47 -8.66 14.74
N ARG C 1011 -13.04 -7.58 15.37
CA ARG C 1011 -11.81 -6.89 15.00
C ARG C 1011 -10.69 -7.24 15.98
N ASN C 1012 -9.46 -6.94 15.57
CA ASN C 1012 -8.29 -7.33 16.33
C ASN C 1012 -8.29 -6.72 17.73
N GLY C 1013 -8.11 -7.55 18.75
CA GLY C 1013 -8.00 -7.08 20.11
C GLY C 1013 -9.31 -6.69 20.77
N GLU C 1014 -10.42 -7.29 20.35
CA GLU C 1014 -11.74 -6.99 20.89
C GLU C 1014 -12.30 -8.22 21.58
N THR C 1015 -13.08 -8.00 22.64
CA THR C 1015 -13.68 -9.07 23.42
C THR C 1015 -15.19 -9.07 23.23
N VAL C 1016 -15.77 -10.27 23.23
CA VAL C 1016 -17.17 -10.47 22.84
C VAL C 1016 -17.79 -11.49 23.79
N GLU C 1017 -18.91 -11.12 24.42
CA GLU C 1017 -19.65 -12.00 25.33
C GLU C 1017 -20.93 -12.46 24.66
N ILE C 1018 -21.16 -13.77 24.68
CA ILE C 1018 -22.30 -14.40 24.02
C ILE C 1018 -23.21 -15.00 25.08
N GLU C 1019 -24.47 -14.61 25.07
CA GLU C 1019 -25.46 -15.24 25.93
C GLU C 1019 -25.72 -16.65 25.43
N ILE C 1020 -25.00 -17.65 25.96
CA ILE C 1020 -25.42 -19.03 25.80
C ILE C 1020 -26.75 -19.32 26.49
N ASP C 1021 -27.25 -18.36 27.28
CA ASP C 1021 -28.63 -18.19 27.75
C ASP C 1021 -28.43 -18.33 29.26
N LYS C 1022 -29.27 -17.60 30.00
CA LYS C 1022 -29.46 -17.74 31.44
C LYS C 1022 -28.31 -18.10 32.38
N GLY C 1023 -27.34 -17.20 32.51
CA GLY C 1023 -26.25 -17.37 33.44
C GLY C 1023 -25.04 -17.92 32.70
N LYS C 1024 -25.29 -18.75 31.69
CA LYS C 1024 -24.20 -19.30 30.88
C LYS C 1024 -23.87 -18.28 29.78
N ARG C 1025 -22.68 -17.71 29.85
CA ARG C 1025 -22.20 -16.79 28.83
C ARG C 1025 -20.73 -17.10 28.56
N LEU C 1026 -20.34 -17.08 27.30
CA LEU C 1026 -18.95 -17.32 26.93
C LEU C 1026 -18.32 -16.06 26.36
N ILE C 1027 -17.04 -15.88 26.66
CA ILE C 1027 -16.31 -14.65 26.39
C ILE C 1027 -15.17 -14.98 25.43
N ILE C 1028 -15.09 -14.26 24.32
CA ILE C 1028 -14.12 -14.53 23.27
C ILE C 1028 -13.32 -13.26 23.00
N LYS C 1029 -12.01 -13.41 22.87
CA LYS C 1029 -11.12 -12.31 22.50
C LYS C 1029 -10.29 -12.71 21.29
N LEU C 1030 -10.38 -11.92 20.23
CA LEU C 1030 -9.56 -12.12 19.05
C LEU C 1030 -8.22 -11.42 19.26
N GLU C 1031 -7.13 -12.18 19.20
CA GLU C 1031 -5.80 -11.61 19.40
C GLU C 1031 -5.16 -11.23 18.07
N THR C 1032 -5.02 -12.18 17.14
CA THR C 1032 -4.56 -11.87 15.80
C THR C 1032 -4.94 -12.99 14.84
N ILE C 1033 -5.07 -12.62 13.58
CA ILE C 1033 -5.08 -13.55 12.47
C ILE C 1033 -3.71 -13.52 11.83
N SER C 1034 -3.27 -14.66 11.30
CA SER C 1034 -2.00 -14.75 10.60
C SER C 1034 -2.20 -14.55 9.10
N GLU C 1035 -1.10 -14.31 8.42
CA GLU C 1035 -1.08 -14.34 6.97
C GLU C 1035 -1.35 -15.77 6.51
N PRO C 1036 -1.92 -15.95 5.32
CA PRO C 1036 -2.20 -17.32 4.83
C PRO C 1036 -0.90 -18.10 4.69
N ASP C 1037 -0.92 -19.35 5.20
CA ASP C 1037 0.27 -20.18 5.17
C ASP C 1037 0.53 -20.71 3.77
N GLU C 1038 1.16 -21.88 3.66
CA GLU C 1038 1.44 -22.46 2.35
C GLU C 1038 0.17 -22.64 1.54
N ASN C 1039 -0.92 -23.01 2.20
CA ASN C 1039 -2.22 -23.10 1.54
C ASN C 1039 -2.97 -21.78 1.66
N GLY C 1040 -4.29 -21.84 1.78
CA GLY C 1040 -5.07 -20.65 1.99
C GLY C 1040 -5.71 -20.62 3.36
N ASN C 1041 -4.99 -21.09 4.37
CA ASN C 1041 -5.52 -21.22 5.72
C ASN C 1041 -4.77 -20.30 6.67
N ARG C 1042 -5.53 -19.51 7.43
CA ARG C 1042 -4.98 -18.53 8.35
C ARG C 1042 -5.23 -18.96 9.79
N THR C 1043 -4.33 -18.56 10.68
CA THR C 1043 -4.35 -18.96 12.08
C THR C 1043 -4.87 -17.80 12.92
N ILE C 1044 -6.07 -17.95 13.47
CA ILE C 1044 -6.67 -16.95 14.33
C ILE C 1044 -6.33 -17.28 15.77
N TYR C 1045 -5.60 -16.37 16.43
CA TYR C 1045 -5.20 -16.57 17.82
C TYR C 1045 -6.31 -16.04 18.70
N TYR C 1046 -7.03 -16.95 19.34
CA TYR C 1046 -8.24 -16.66 20.09
C TYR C 1046 -7.98 -16.77 21.58
N ALA C 1047 -8.90 -16.20 22.36
CA ALA C 1047 -8.93 -16.36 23.80
C ALA C 1047 -10.37 -16.54 24.21
N MET C 1048 -10.76 -17.77 24.55
CA MET C 1048 -12.14 -18.08 24.91
C MET C 1048 -12.20 -18.62 26.33
N ASN C 1049 -13.05 -17.99 27.16
CA ASN C 1049 -13.29 -18.41 28.54
C ASN C 1049 -11.99 -18.59 29.30
N GLY C 1050 -11.03 -17.71 29.00
CA GLY C 1050 -9.72 -17.74 29.65
C GLY C 1050 -8.71 -18.66 29.03
N GLN C 1051 -9.15 -19.64 28.23
CA GLN C 1051 -8.26 -20.64 27.65
C GLN C 1051 -7.89 -20.24 26.23
N ALA C 1052 -6.58 -20.12 25.97
CA ALA C 1052 -6.11 -19.78 24.65
C ALA C 1052 -6.50 -20.86 23.65
N ARG C 1053 -6.99 -20.44 22.48
CA ARG C 1053 -7.38 -21.37 21.43
C ARG C 1053 -6.92 -20.81 20.08
N ARG C 1054 -6.82 -21.70 19.10
CA ARG C 1054 -6.48 -21.34 17.73
C ARG C 1054 -7.42 -22.03 16.77
N ILE C 1055 -7.79 -21.33 15.70
CA ILE C 1055 -8.62 -21.88 14.64
C ILE C 1055 -7.95 -21.57 13.31
N TYR C 1056 -8.10 -22.48 12.36
CA TYR C 1056 -7.45 -22.38 11.05
C TYR C 1056 -8.53 -22.28 9.98
N ILE C 1057 -8.50 -21.19 9.22
CA ILE C 1057 -9.64 -20.76 8.41
C ILE C 1057 -9.20 -20.58 6.97
N LYS C 1058 -9.95 -21.17 6.04
CA LYS C 1058 -9.66 -21.03 4.62
C LYS C 1058 -9.95 -19.60 4.15
N ASP C 1059 -8.94 -18.96 3.58
CA ASP C 1059 -9.07 -17.59 3.08
C ASP C 1059 -9.40 -17.62 1.59
N GLU C 1060 -10.39 -16.83 1.20
CA GLU C 1060 -10.81 -16.71 -0.19
C GLU C 1060 -10.38 -15.34 -0.72
N ASN C 1061 -9.56 -15.34 -1.76
CA ASN C 1061 -9.05 -14.09 -2.33
C ASN C 1061 -9.07 -14.12 -3.85
N PRO C 1104 9.10 -31.99 -20.90
CA PRO C 1104 9.55 -31.02 -19.91
C PRO C 1104 8.64 -31.01 -18.69
N LEU C 1105 8.86 -30.08 -17.77
CA LEU C 1105 7.99 -29.98 -16.59
C LEU C 1105 7.35 -28.60 -16.51
N LEU C 1106 8.08 -27.61 -16.01
CA LEU C 1106 7.57 -26.27 -15.80
C LEU C 1106 8.27 -25.29 -16.72
N ILE C 1107 7.65 -24.12 -16.92
CA ILE C 1107 8.21 -23.04 -17.72
C ILE C 1107 8.06 -21.76 -16.89
N THR C 1108 9.17 -21.27 -16.36
CA THR C 1108 9.17 -20.12 -15.46
C THR C 1108 9.84 -18.92 -16.10
N GLU C 1109 9.62 -17.76 -15.49
CA GLU C 1109 10.22 -16.51 -15.96
C GLU C 1109 10.69 -15.73 -14.75
N ALA C 1110 11.88 -15.15 -14.86
CA ALA C 1110 12.50 -14.43 -13.75
C ALA C 1110 12.81 -12.98 -14.05
N MET C 1111 13.35 -12.67 -15.24
CA MET C 1111 13.65 -11.30 -15.66
C MET C 1111 13.43 -11.23 -17.17
N LYS C 1112 12.16 -11.37 -17.58
CA LYS C 1112 11.76 -11.49 -18.99
C LYS C 1112 12.45 -12.66 -19.71
N MET C 1113 12.78 -13.73 -18.99
CA MET C 1113 13.52 -14.84 -19.59
C MET C 1113 12.77 -16.15 -19.39
N GLU C 1114 12.23 -16.70 -20.46
CA GLU C 1114 11.45 -17.93 -20.40
C GLU C 1114 12.37 -19.08 -20.02
N THR C 1115 12.35 -19.45 -18.74
CA THR C 1115 13.12 -20.57 -18.21
C THR C 1115 12.19 -21.76 -18.03
N THR C 1116 12.69 -22.96 -18.32
CA THR C 1116 11.88 -24.16 -18.23
C THR C 1116 12.52 -25.17 -17.28
N ILE C 1117 11.68 -25.89 -16.56
CA ILE C 1117 12.15 -26.93 -15.64
C ILE C 1117 12.22 -28.27 -16.36
N GLN D 3 27.98 28.85 -54.27
CA GLN D 3 28.91 29.43 -53.31
C GLN D 3 28.58 28.99 -51.89
N ILE D 4 27.46 29.47 -51.36
CA ILE D 4 27.07 29.17 -49.99
C ILE D 4 26.51 27.75 -49.96
N LYS D 5 27.28 26.83 -49.38
CA LYS D 5 26.84 25.44 -49.20
C LYS D 5 26.33 25.14 -47.79
N LYS D 6 26.93 25.76 -46.78
CA LYS D 6 26.44 25.67 -45.41
C LYS D 6 26.39 27.07 -44.83
N LEU D 7 25.38 27.33 -43.99
CA LEU D 7 25.14 28.65 -43.43
C LEU D 7 24.93 28.54 -41.93
N LEU D 8 25.63 29.40 -41.18
CA LEU D 8 25.48 29.47 -39.73
C LEU D 8 24.83 30.79 -39.35
N VAL D 9 23.86 30.73 -38.45
CA VAL D 9 23.16 31.92 -37.96
C VAL D 9 23.71 32.23 -36.57
N ALA D 10 24.41 33.37 -36.46
CA ALA D 10 24.93 33.82 -35.18
C ALA D 10 23.84 34.61 -34.45
N ASN D 11 22.79 33.90 -34.08
CA ASN D 11 21.63 34.51 -33.43
C ASN D 11 20.76 33.41 -32.85
N ARG D 12 19.57 33.80 -32.39
CA ARG D 12 18.62 32.91 -31.74
C ARG D 12 17.21 33.34 -32.12
N GLY D 13 16.25 32.50 -31.78
CA GLY D 13 14.86 32.93 -31.81
C GLY D 13 14.32 33.15 -33.21
N GLU D 14 13.53 34.21 -33.36
CA GLU D 14 12.69 34.36 -34.54
C GLU D 14 13.52 34.54 -35.81
N ILE D 15 14.63 35.26 -35.73
CA ILE D 15 15.37 35.53 -36.96
C ILE D 15 16.16 34.30 -37.40
N ALA D 16 16.62 33.47 -36.46
CA ALA D 16 17.26 32.22 -36.84
C ALA D 16 16.29 31.35 -37.63
N ILE D 17 15.08 31.15 -37.10
CA ILE D 17 14.05 30.44 -37.84
C ILE D 17 13.74 31.14 -39.15
N ARG D 18 13.64 32.47 -39.11
CA ARG D 18 13.42 33.25 -40.33
C ARG D 18 14.48 32.93 -41.38
N ILE D 19 15.74 32.86 -40.96
CA ILE D 19 16.83 32.65 -41.91
C ILE D 19 16.90 31.19 -42.34
N PHE D 20 16.71 30.25 -41.41
CA PHE D 20 16.72 28.84 -41.77
C PHE D 20 15.70 28.55 -42.87
N ALA D 21 14.48 29.06 -42.72
CA ALA D 21 13.47 28.91 -43.76
C ALA D 21 13.96 29.50 -45.08
N ALA D 22 14.62 30.65 -45.03
CA ALA D 22 15.18 31.23 -46.24
C ALA D 22 16.36 30.42 -46.75
N ALA D 23 17.20 29.93 -45.84
CA ALA D 23 18.37 29.16 -46.25
C ALA D 23 17.97 27.85 -46.91
N ALA D 24 17.11 27.07 -46.25
CA ALA D 24 16.67 25.79 -46.80
C ALA D 24 15.72 25.94 -47.97
N GLU D 25 15.45 27.16 -48.43
CA GLU D 25 14.73 27.36 -49.68
C GLU D 25 15.66 27.36 -50.88
N LEU D 26 16.90 27.82 -50.69
CA LEU D 26 17.95 27.72 -51.68
C LEU D 26 18.83 26.50 -51.49
N ASP D 27 18.35 25.50 -50.74
CA ASP D 27 19.06 24.25 -50.51
C ASP D 27 20.40 24.48 -49.80
N ILE D 28 20.42 25.45 -48.88
CA ILE D 28 21.60 25.77 -48.11
C ILE D 28 21.52 25.04 -46.77
N SER D 29 22.56 24.27 -46.45
CA SER D 29 22.59 23.59 -45.17
C SER D 29 22.77 24.59 -44.03
N THR D 30 22.02 24.38 -42.95
CA THR D 30 21.88 25.38 -41.90
C THR D 30 22.42 24.84 -40.58
N VAL D 31 23.10 25.71 -39.84
CA VAL D 31 23.66 25.38 -38.53
C VAL D 31 23.24 26.46 -37.55
N ALA D 32 22.88 26.06 -36.33
CA ALA D 32 22.44 26.98 -35.29
C ALA D 32 23.36 26.91 -34.08
N ILE D 33 23.40 28.00 -33.33
CA ILE D 33 24.12 28.08 -32.07
C ILE D 33 23.11 28.42 -30.97
N TYR D 34 23.43 28.01 -29.74
CA TYR D 34 22.51 28.24 -28.64
C TYR D 34 23.28 28.38 -27.33
N SER D 35 22.63 29.02 -26.37
CA SER D 35 23.14 29.15 -25.02
C SER D 35 22.66 27.98 -24.15
N ASN D 36 23.21 27.90 -22.95
CA ASN D 36 22.68 26.95 -21.97
C ASN D 36 21.27 27.31 -21.56
N GLU D 37 20.93 28.60 -21.58
CA GLU D 37 19.58 29.05 -21.28
C GLU D 37 18.63 28.78 -22.42
N ASP D 38 19.14 28.71 -23.65
CA ASP D 38 18.35 28.37 -24.83
C ASP D 38 18.47 26.89 -25.19
N LYS D 39 18.82 26.04 -24.22
CA LYS D 39 18.84 24.61 -24.48
C LYS D 39 17.47 24.13 -24.93
N SER D 40 16.41 24.67 -24.33
CA SER D 40 15.04 24.36 -24.69
C SER D 40 14.47 25.29 -25.76
N SER D 41 15.31 26.14 -26.36
CA SER D 41 14.81 27.10 -27.32
C SER D 41 14.20 26.41 -28.54
N LEU D 42 13.25 27.10 -29.18
CA LEU D 42 12.55 26.55 -30.33
C LEU D 42 13.39 26.57 -31.60
N HIS D 43 14.41 27.43 -31.66
CA HIS D 43 15.10 27.67 -32.92
C HIS D 43 16.20 26.65 -33.20
N ARG D 44 16.77 26.02 -32.17
CA ARG D 44 17.93 25.18 -32.38
C ARG D 44 17.60 23.83 -33.00
N TYR D 45 16.33 23.57 -33.35
CA TYR D 45 16.01 22.43 -34.21
C TYR D 45 15.16 22.84 -35.40
N LYS D 46 15.16 24.12 -35.75
CA LYS D 46 14.78 24.54 -37.09
C LYS D 46 15.94 24.40 -38.06
N ALA D 47 17.14 24.16 -37.54
CA ALA D 47 18.36 23.99 -38.32
C ALA D 47 18.75 22.51 -38.38
N ASP D 48 19.65 22.20 -39.30
CA ASP D 48 20.12 20.82 -39.45
C ASP D 48 20.82 20.35 -38.18
N GLU D 49 21.88 21.05 -37.77
CA GLU D 49 22.58 20.75 -36.54
C GLU D 49 22.56 21.99 -35.63
N SER D 50 22.92 21.76 -34.37
CA SER D 50 22.91 22.82 -33.37
C SER D 50 24.07 22.59 -32.41
N TYR D 51 24.75 23.67 -32.05
CA TYR D 51 25.96 23.58 -31.23
C TYR D 51 25.89 24.57 -30.08
N LEU D 52 26.18 24.07 -28.88
CA LEU D 52 26.34 24.94 -27.73
C LEU D 52 27.52 25.88 -27.94
N VAL D 53 27.37 27.12 -27.48
CA VAL D 53 28.48 28.05 -27.53
C VAL D 53 29.61 27.63 -26.59
N GLY D 54 29.29 26.86 -25.56
CA GLY D 54 30.25 26.48 -24.54
C GLY D 54 29.58 26.45 -23.18
N SER D 55 29.77 25.36 -22.43
CA SER D 55 29.10 25.21 -21.14
C SER D 55 29.50 26.27 -20.13
N ASP D 56 30.49 27.11 -20.43
CA ASP D 56 31.03 28.07 -19.48
C ASP D 56 30.56 29.49 -19.72
N LEU D 57 29.58 29.70 -20.60
CA LEU D 57 29.11 31.03 -20.95
C LEU D 57 27.69 31.24 -20.47
N GLY D 58 27.42 32.45 -19.94
CA GLY D 58 26.10 32.83 -19.57
C GLY D 58 25.23 33.10 -20.78
N PRO D 59 23.99 33.54 -20.53
CA PRO D 59 23.02 33.63 -21.63
C PRO D 59 23.39 34.65 -22.70
N ALA D 60 23.95 35.80 -22.32
CA ALA D 60 24.33 36.80 -23.31
C ALA D 60 25.72 36.54 -23.87
N GLU D 61 26.60 35.95 -23.07
CA GLU D 61 27.95 35.63 -23.56
C GLU D 61 27.89 34.68 -24.75
N SER D 62 26.91 33.77 -24.76
CA SER D 62 26.88 32.70 -25.75
C SER D 62 26.71 33.23 -27.17
N TYR D 63 26.03 34.38 -27.33
CA TYR D 63 25.78 34.95 -28.64
C TYR D 63 26.64 36.16 -28.93
N LEU D 64 27.66 36.43 -28.10
CA LEU D 64 28.54 37.56 -28.30
C LEU D 64 30.02 37.19 -28.29
N ASN D 65 30.37 35.96 -27.98
CA ASN D 65 31.76 35.52 -27.98
C ASN D 65 32.22 35.34 -29.42
N ILE D 66 32.92 36.36 -29.94
CA ILE D 66 33.31 36.33 -31.35
C ILE D 66 34.18 35.11 -31.64
N GLU D 67 35.11 34.80 -30.74
CA GLU D 67 36.09 33.76 -31.05
C GLU D 67 35.49 32.36 -30.96
N ARG D 68 34.64 32.12 -29.96
CA ARG D 68 34.00 30.81 -29.87
C ARG D 68 32.91 30.64 -30.91
N ILE D 69 32.20 31.72 -31.26
CA ILE D 69 31.30 31.67 -32.41
C ILE D 69 32.08 31.27 -33.66
N ILE D 70 33.28 31.85 -33.83
CA ILE D 70 34.14 31.44 -34.93
C ILE D 70 34.58 30.00 -34.76
N ASP D 71 34.86 29.58 -33.52
CA ASP D 71 35.18 28.17 -33.25
C ASP D 71 34.10 27.25 -33.81
N VAL D 72 32.85 27.48 -33.39
CA VAL D 72 31.76 26.58 -33.76
C VAL D 72 31.54 26.58 -35.27
N ALA D 73 31.72 27.73 -35.91
CA ALA D 73 31.53 27.80 -37.36
C ALA D 73 32.66 27.11 -38.11
N LYS D 74 33.91 27.30 -37.65
CA LYS D 74 35.04 26.67 -38.34
C LYS D 74 34.96 25.15 -38.27
N GLN D 75 34.59 24.61 -37.11
CA GLN D 75 34.39 23.17 -37.01
C GLN D 75 33.14 22.74 -37.76
N ALA D 76 32.14 23.61 -37.85
CA ALA D 76 30.99 23.34 -38.71
C ALA D 76 31.34 23.43 -40.19
N ASN D 77 32.63 23.64 -40.52
CA ASN D 77 33.15 23.94 -41.86
C ASN D 77 32.17 24.75 -42.70
N VAL D 78 31.52 25.72 -42.05
CA VAL D 78 30.47 26.50 -42.69
C VAL D 78 31.07 27.47 -43.70
N ASP D 79 30.24 27.91 -44.64
CA ASP D 79 30.65 28.87 -45.66
C ASP D 79 30.40 30.30 -45.18
N ALA D 80 29.13 30.68 -45.12
CA ALA D 80 28.75 32.05 -44.76
C ALA D 80 28.28 32.11 -43.31
N ILE D 81 28.14 33.33 -42.82
CA ILE D 81 27.48 33.60 -41.55
C ILE D 81 26.48 34.73 -41.75
N HIS D 82 25.24 34.49 -41.35
CA HIS D 82 24.25 35.56 -41.22
C HIS D 82 24.18 35.95 -39.77
N PRO D 83 24.39 37.22 -39.41
CA PRO D 83 24.33 37.60 -37.99
C PRO D 83 22.96 38.05 -37.53
N GLY D 84 22.01 38.18 -38.45
CA GLY D 84 20.67 38.58 -38.07
C GLY D 84 20.64 40.04 -37.69
N TYR D 85 19.97 40.34 -36.58
CA TYR D 85 19.93 41.68 -36.01
C TYR D 85 20.16 41.59 -34.51
N GLY D 86 20.73 42.67 -33.96
CA GLY D 86 20.70 42.92 -32.53
C GLY D 86 21.78 42.26 -31.70
N PHE D 87 22.73 41.56 -32.31
CA PHE D 87 23.82 40.97 -31.54
C PHE D 87 25.26 41.22 -32.00
N LEU D 88 25.63 40.62 -33.13
CA LEU D 88 26.90 40.89 -33.79
C LEU D 88 26.55 41.25 -35.24
N SER D 89 25.31 41.72 -35.44
CA SER D 89 24.79 41.90 -36.78
C SER D 89 25.59 42.91 -37.58
N GLU D 90 26.14 43.92 -36.92
CA GLU D 90 26.88 44.99 -37.58
C GLU D 90 28.25 45.18 -36.96
N ASN D 91 28.80 44.13 -36.36
CA ASN D 91 30.10 44.21 -35.70
C ASN D 91 31.19 44.03 -36.73
N GLU D 92 31.89 45.12 -37.06
CA GLU D 92 33.00 45.04 -38.02
C GLU D 92 34.07 44.07 -37.54
N GLN D 93 34.29 44.01 -36.22
CA GLN D 93 35.26 43.05 -35.69
C GLN D 93 34.82 41.61 -35.97
N PHE D 94 33.53 41.31 -35.81
CA PHE D 94 33.01 40.03 -36.25
C PHE D 94 33.07 39.92 -37.77
N ALA D 95 32.69 40.99 -38.47
CA ALA D 95 32.77 40.99 -39.93
C ALA D 95 34.21 40.92 -40.41
N ARG D 96 35.16 41.44 -39.63
CA ARG D 96 36.57 41.27 -39.97
C ARG D 96 37.03 39.86 -39.68
N ARG D 97 36.69 39.34 -38.49
CA ARG D 97 37.11 38.00 -38.11
C ARG D 97 36.55 36.94 -39.06
N CYS D 98 35.34 37.17 -39.60
CA CYS D 98 34.72 36.20 -40.48
C CYS D 98 35.52 36.02 -41.76
N ALA D 99 35.70 37.11 -42.51
CA ALA D 99 36.46 37.03 -43.76
C ALA D 99 37.91 36.64 -43.53
N GLU D 100 38.45 36.90 -42.34
CA GLU D 100 39.77 36.38 -42.00
C GLU D 100 39.80 34.86 -42.07
N GLU D 101 38.68 34.21 -41.73
CA GLU D 101 38.57 32.76 -41.73
C GLU D 101 37.86 32.22 -42.97
N GLY D 102 37.86 32.98 -44.07
CA GLY D 102 37.15 32.55 -45.26
C GLY D 102 35.68 32.31 -45.04
N ILE D 103 35.08 33.04 -44.11
CA ILE D 103 33.65 32.92 -43.80
C ILE D 103 32.97 34.17 -44.32
N LYS D 104 32.20 34.04 -45.39
CA LYS D 104 31.48 35.17 -45.98
C LYS D 104 30.50 35.76 -44.97
N PHE D 105 30.76 36.99 -44.52
CA PHE D 105 29.88 37.68 -43.61
C PHE D 105 28.71 38.25 -44.38
N ILE D 106 27.51 37.73 -44.13
CA ILE D 106 26.32 38.16 -44.87
C ILE D 106 25.91 39.53 -44.34
N GLY D 107 26.22 40.57 -45.09
CA GLY D 107 25.90 41.92 -44.71
C GLY D 107 26.63 42.93 -45.58
N PRO D 108 26.98 44.06 -45.01
CA PRO D 108 27.71 45.09 -45.75
C PRO D 108 29.21 44.88 -45.69
N HIS D 109 29.91 45.57 -46.59
CA HIS D 109 31.36 45.53 -46.59
C HIS D 109 31.89 46.22 -45.33
N LEU D 110 33.13 45.86 -44.98
CA LEU D 110 33.68 46.22 -43.67
C LEU D 110 33.55 47.72 -43.39
N GLU D 111 33.91 48.55 -44.37
CA GLU D 111 33.90 49.99 -44.14
C GLU D 111 32.49 50.49 -43.85
N HIS D 112 31.47 49.90 -44.48
CA HIS D 112 30.09 50.33 -44.25
C HIS D 112 29.73 50.25 -42.78
N LEU D 113 30.08 49.14 -42.13
CA LEU D 113 29.83 48.99 -40.70
C LEU D 113 30.47 50.15 -39.93
N ASP D 114 31.63 50.61 -40.37
CA ASP D 114 32.30 51.73 -39.71
C ASP D 114 31.55 53.04 -39.97
N MET D 115 31.21 53.33 -41.23
CA MET D 115 30.54 54.59 -41.53
C MET D 115 29.26 54.75 -40.72
N PHE D 116 28.54 53.66 -40.50
CA PHE D 116 27.21 53.70 -39.90
C PHE D 116 27.19 53.17 -38.46
N GLY D 117 28.36 53.05 -37.83
CA GLY D 117 28.44 52.44 -36.51
C GLY D 117 28.30 53.39 -35.34
N ASP D 118 28.71 54.64 -35.52
CA ASP D 118 28.72 55.63 -34.45
C ASP D 118 27.72 56.74 -34.76
N LYS D 119 27.43 57.54 -33.72
CA LYS D 119 26.36 58.54 -33.82
C LYS D 119 26.75 59.74 -34.67
N VAL D 120 28.04 59.98 -34.90
CA VAL D 120 28.50 61.15 -35.62
C VAL D 120 29.08 60.80 -36.98
N LYS D 121 29.79 59.68 -37.08
CA LYS D 121 30.36 59.27 -38.37
C LYS D 121 29.26 59.06 -39.41
N ALA D 122 28.16 58.42 -39.02
CA ALA D 122 27.03 58.25 -39.93
C ALA D 122 26.47 59.60 -40.35
N ARG D 123 26.35 60.53 -39.40
CA ARG D 123 25.88 61.87 -39.74
C ARG D 123 26.78 62.54 -40.77
N THR D 124 28.09 62.29 -40.71
CA THR D 124 29.02 62.96 -41.59
C THR D 124 28.89 62.45 -43.03
N THR D 125 28.88 61.12 -43.22
CA THR D 125 28.68 60.58 -44.55
C THR D 125 27.32 60.98 -45.12
N ALA D 126 26.34 61.22 -44.25
CA ALA D 126 25.01 61.62 -44.71
C ALA D 126 25.04 63.02 -45.31
N ILE D 127 25.81 63.94 -44.71
CA ILE D 127 25.88 65.30 -45.26
C ILE D 127 26.67 65.31 -46.56
N LYS D 128 27.65 64.41 -46.70
CA LYS D 128 28.49 64.41 -47.89
C LYS D 128 27.67 64.06 -49.14
N ALA D 129 26.61 63.28 -48.99
CA ALA D 129 25.78 62.86 -50.11
C ALA D 129 24.62 63.80 -50.39
N ASP D 130 24.70 65.05 -49.92
CA ASP D 130 23.67 66.06 -50.14
C ASP D 130 22.33 65.61 -49.56
N LEU D 131 22.31 65.42 -48.24
CA LEU D 131 21.13 65.00 -47.52
C LEU D 131 20.87 65.95 -46.36
N PRO D 132 19.61 66.30 -46.10
CA PRO D 132 19.30 67.11 -44.92
C PRO D 132 19.62 66.34 -43.64
N VAL D 133 20.03 67.08 -42.62
CA VAL D 133 20.45 66.53 -41.34
C VAL D 133 19.92 67.43 -40.24
N ILE D 134 19.60 66.83 -39.09
CA ILE D 134 19.17 67.61 -37.95
C ILE D 134 20.35 68.46 -37.47
N PRO D 135 20.21 69.78 -37.43
CA PRO D 135 21.34 70.62 -36.98
C PRO D 135 21.70 70.34 -35.53
N GLY D 136 23.00 70.24 -35.27
CA GLY D 136 23.49 69.97 -33.94
C GLY D 136 24.82 70.63 -33.70
N THR D 137 25.27 70.58 -32.45
CA THR D 137 26.61 71.03 -32.12
C THR D 137 27.63 70.01 -32.66
N ASP D 138 28.81 70.53 -33.05
CA ASP D 138 29.79 69.70 -33.74
C ASP D 138 30.20 68.49 -32.90
N GLY D 139 30.33 68.67 -31.59
CA GLY D 139 30.52 67.58 -30.68
C GLY D 139 29.67 67.80 -29.45
N PRO D 140 30.18 67.42 -28.28
CA PRO D 140 29.61 67.93 -27.03
C PRO D 140 30.22 69.27 -26.68
N ILE D 141 29.46 70.05 -25.90
CA ILE D 141 29.87 71.40 -25.52
C ILE D 141 29.66 71.58 -24.03
N LYS D 142 30.46 72.48 -23.45
CA LYS D 142 30.41 72.76 -22.02
C LYS D 142 30.34 74.26 -21.73
N SER D 143 29.92 75.06 -22.72
CA SER D 143 29.78 76.49 -22.54
C SER D 143 28.40 76.93 -22.99
N TYR D 144 27.76 77.78 -22.19
CA TYR D 144 26.55 78.44 -22.65
C TYR D 144 26.83 79.25 -23.91
N GLU D 145 28.04 79.82 -24.01
CA GLU D 145 28.35 80.69 -25.15
C GLU D 145 28.30 79.94 -26.47
N LEU D 146 28.83 78.71 -26.50
CA LEU D 146 28.67 77.89 -27.70
C LEU D 146 27.24 77.37 -27.85
N ALA D 147 26.50 77.26 -26.75
CA ALA D 147 25.11 76.84 -26.83
C ALA D 147 24.25 77.93 -27.42
N LYS D 148 24.42 79.16 -26.95
CA LYS D 148 23.76 80.30 -27.58
C LYS D 148 24.28 80.52 -29.00
N GLU D 149 25.54 80.15 -29.26
CA GLU D 149 26.05 80.22 -30.62
C GLU D 149 25.30 79.27 -31.55
N PHE D 150 24.87 78.11 -31.05
CA PHE D 150 24.14 77.17 -31.87
C PHE D 150 22.65 77.49 -31.95
N ALA D 151 22.11 78.16 -30.94
CA ALA D 151 20.68 78.44 -30.92
C ALA D 151 20.32 79.61 -31.83
N GLU D 152 21.16 80.64 -31.88
CA GLU D 152 20.99 81.73 -32.83
C GLU D 152 21.50 81.38 -34.21
N GLU D 153 21.82 80.10 -34.46
CA GLU D 153 22.17 79.61 -35.78
C GLU D 153 21.31 78.44 -36.24
N ALA D 154 20.70 77.70 -35.31
CA ALA D 154 19.84 76.59 -35.68
C ALA D 154 18.36 76.88 -35.52
N GLY D 155 17.98 77.85 -34.69
CA GLY D 155 16.58 78.16 -34.50
C GLY D 155 15.85 77.12 -33.67
N PHE D 156 14.79 77.54 -33.00
CA PHE D 156 14.10 76.75 -31.99
C PHE D 156 12.93 75.98 -32.60
N PRO D 157 12.40 74.96 -31.89
CA PRO D 157 12.92 74.30 -30.67
C PRO D 157 14.31 73.65 -30.76
N LEU D 158 14.82 73.27 -29.59
CA LEU D 158 16.15 72.69 -29.42
C LEU D 158 16.09 71.64 -28.33
N MET D 159 16.69 70.47 -28.58
CA MET D 159 16.72 69.37 -27.62
C MET D 159 18.15 69.23 -27.08
N ILE D 160 18.32 69.50 -25.80
CA ILE D 160 19.60 69.32 -25.12
C ILE D 160 19.57 68.01 -24.35
N LYS D 161 20.65 67.24 -24.45
CA LYS D 161 20.77 65.96 -23.77
C LYS D 161 22.23 65.59 -23.68
N ALA D 162 22.51 64.41 -23.15
CA ALA D 162 23.88 63.93 -23.03
C ALA D 162 23.92 62.40 -22.89
N ILE D 173 13.29 69.90 -24.00
CA ILE D 173 12.93 70.63 -25.21
C ILE D 173 12.87 72.12 -24.88
N VAL D 174 13.40 72.96 -25.76
CA VAL D 174 13.53 74.39 -25.53
C VAL D 174 13.00 75.14 -26.75
N ARG D 175 11.91 75.87 -26.56
CA ARG D 175 11.28 76.63 -27.64
C ARG D 175 11.56 78.13 -27.50
N GLU D 176 11.06 78.76 -26.44
CA GLU D 176 11.38 80.16 -26.21
C GLU D 176 12.84 80.29 -25.72
N GLU D 177 13.46 81.42 -26.09
CA GLU D 177 14.87 81.59 -25.80
C GLU D 177 15.12 81.78 -24.31
N SER D 178 14.10 82.24 -23.56
CA SER D 178 14.25 82.41 -22.12
C SER D 178 14.44 81.09 -21.39
N GLU D 179 14.28 79.96 -22.08
CA GLU D 179 14.49 78.64 -21.49
C GLU D 179 15.84 78.05 -21.81
N LEU D 180 16.44 78.43 -22.95
CA LEU D 180 17.74 77.89 -23.34
C LEU D 180 18.81 78.10 -22.29
N GLU D 181 18.64 79.11 -21.42
CA GLU D 181 19.57 79.33 -20.33
C GLU D 181 19.41 78.27 -19.25
N ASP D 182 18.24 78.25 -18.60
CA ASP D 182 18.02 77.37 -17.46
C ASP D 182 18.01 75.89 -17.84
N ALA D 183 17.87 75.56 -19.12
CA ALA D 183 17.87 74.17 -19.53
C ALA D 183 19.27 73.65 -19.84
N PHE D 184 20.10 74.47 -20.49
CA PHE D 184 21.45 74.04 -20.84
C PHE D 184 22.28 73.75 -19.59
N HIS D 185 22.02 74.45 -18.50
CA HIS D 185 22.73 74.19 -17.24
C HIS D 185 22.23 72.91 -16.58
N ARG D 186 20.92 72.63 -16.69
CA ARG D 186 20.35 71.45 -16.03
C ARG D 186 20.98 70.16 -16.57
N ALA D 187 21.10 70.04 -17.90
CA ALA D 187 21.71 68.85 -18.47
C ALA D 187 23.18 68.72 -18.07
N LYS D 188 23.94 69.82 -18.14
CA LYS D 188 25.32 69.81 -17.71
C LYS D 188 25.46 69.30 -16.28
N SER D 189 24.45 69.57 -15.44
CA SER D 189 24.42 69.06 -14.07
C SER D 189 24.28 67.55 -14.04
N GLU D 190 23.16 67.06 -14.56
CA GLU D 190 22.84 65.64 -14.47
C GLU D 190 23.84 64.81 -15.26
N ALA D 191 24.31 65.33 -16.40
CA ALA D 191 25.37 64.64 -17.13
C ALA D 191 26.64 64.56 -16.30
N GLU D 192 26.98 65.66 -15.60
CA GLU D 192 28.09 65.61 -14.66
C GLU D 192 27.82 64.66 -13.50
N LYS D 193 26.56 64.34 -13.24
CA LYS D 193 26.20 63.37 -12.20
C LYS D 193 26.16 61.96 -12.80
N VAL D 200 27.20 68.13 -22.93
CA VAL D 200 25.86 67.95 -23.47
C VAL D 200 25.88 68.05 -24.98
N TYR D 201 24.87 67.47 -25.63
CA TYR D 201 24.81 67.37 -27.09
C TYR D 201 23.51 68.01 -27.57
N ILE D 202 23.51 69.35 -27.69
CA ILE D 202 22.34 70.05 -28.18
C ILE D 202 22.03 69.64 -29.62
N GLU D 203 20.74 69.65 -29.95
CA GLU D 203 20.29 69.36 -31.30
C GLU D 203 19.02 70.14 -31.56
N ARG D 204 18.65 70.23 -32.84
CA ARG D 204 17.37 70.83 -33.21
C ARG D 204 16.23 69.89 -32.83
N TYR D 205 15.34 70.36 -31.96
CA TYR D 205 14.20 69.56 -31.51
C TYR D 205 13.03 69.76 -32.45
N ILE D 206 12.47 68.66 -32.94
CA ILE D 206 11.39 68.69 -33.92
C ILE D 206 10.08 68.36 -33.23
N ASP D 207 8.99 68.95 -33.73
CA ASP D 207 7.66 68.81 -33.17
C ASP D 207 6.83 67.90 -34.07
N ASN D 208 6.31 66.81 -33.48
CA ASN D 208 5.40 65.87 -34.12
C ASN D 208 5.95 65.31 -35.41
N PRO D 209 7.00 64.48 -35.36
CA PRO D 209 7.54 63.91 -36.60
C PRO D 209 7.18 62.45 -36.82
N LYS D 210 6.69 62.12 -38.01
CA LYS D 210 6.48 60.72 -38.35
C LYS D 210 7.83 60.03 -38.54
N HIS D 211 8.00 58.88 -37.89
CA HIS D 211 9.24 58.10 -38.02
C HIS D 211 9.12 57.20 -39.24
N ILE D 212 9.88 57.51 -40.28
CA ILE D 212 9.79 56.83 -41.56
C ILE D 212 11.14 56.21 -41.89
N GLU D 213 11.11 54.98 -42.40
CA GLU D 213 12.30 54.23 -42.78
C GLU D 213 12.18 53.82 -44.23
N VAL D 214 13.32 53.65 -44.90
CA VAL D 214 13.34 53.20 -46.29
C VAL D 214 14.23 51.98 -46.39
N GLN D 215 13.66 50.87 -46.83
CA GLN D 215 14.43 49.66 -47.05
C GLN D 215 15.17 49.74 -48.37
N VAL D 216 16.48 49.44 -48.33
CA VAL D 216 17.32 49.39 -49.51
C VAL D 216 17.97 48.02 -49.58
N ILE D 217 18.39 47.63 -50.78
CA ILE D 217 19.00 46.33 -51.00
C ILE D 217 20.07 46.46 -52.09
N GLY D 218 21.25 45.91 -51.81
CA GLY D 218 22.35 45.95 -52.76
C GLY D 218 22.98 44.58 -52.92
N ASP D 219 23.74 44.42 -53.99
CA ASP D 219 24.34 43.14 -54.32
C ASP D 219 25.85 43.28 -54.50
N GLU D 220 26.51 42.13 -54.60
CA GLU D 220 27.96 42.09 -54.76
C GLU D 220 28.41 42.84 -56.01
N HIS D 221 27.61 42.80 -57.08
CA HIS D 221 27.92 43.58 -58.27
C HIS D 221 27.83 45.09 -58.03
N GLY D 222 27.32 45.51 -56.87
CA GLY D 222 27.21 46.92 -56.53
C GLY D 222 25.84 47.51 -56.76
N ASN D 223 25.00 46.86 -57.56
CA ASN D 223 23.67 47.37 -57.82
C ASN D 223 22.85 47.41 -56.54
N ILE D 224 22.13 48.52 -56.34
CA ILE D 224 21.38 48.72 -55.11
C ILE D 224 20.18 49.62 -55.41
N VAL D 225 19.04 49.30 -54.77
CA VAL D 225 17.81 50.04 -54.97
C VAL D 225 16.99 50.00 -53.67
N HIS D 226 16.14 51.00 -53.50
CA HIS D 226 15.25 51.04 -52.34
C HIS D 226 14.03 50.17 -52.58
N LEU D 227 13.24 49.98 -51.52
CA LEU D 227 12.08 49.10 -51.55
C LEU D 227 10.88 49.78 -50.90
N PHE D 228 10.79 51.10 -51.03
CA PHE D 228 9.74 51.92 -50.43
C PHE D 228 9.82 51.91 -48.91
N GLU D 229 8.95 52.65 -48.26
CA GLU D 229 9.11 52.95 -46.85
C GLU D 229 8.22 52.03 -46.00
N ARG D 230 8.31 52.23 -44.68
CA ARG D 230 7.40 51.62 -43.73
C ARG D 230 7.31 52.52 -42.51
N ASP D 231 6.08 52.81 -42.07
CA ASP D 231 5.88 53.76 -40.98
C ASP D 231 6.24 53.13 -39.65
N CYS D 232 6.92 53.92 -38.80
CA CYS D 232 7.41 53.46 -37.50
C CYS D 232 6.99 54.40 -36.37
N SER D 233 6.03 55.27 -36.60
CA SER D 233 5.74 56.36 -35.66
C SER D 233 4.97 55.92 -34.43
N VAL D 234 4.57 54.65 -34.33
CA VAL D 234 3.90 54.15 -33.12
C VAL D 234 5.00 53.52 -32.26
N GLN D 235 5.52 54.32 -31.32
CA GLN D 235 6.59 53.85 -30.44
C GLN D 235 6.33 54.34 -29.02
N ARG D 236 6.73 53.51 -28.06
CA ARG D 236 6.72 53.88 -26.66
C ARG D 236 8.05 54.46 -26.20
N ARG D 237 8.88 54.93 -27.15
CA ARG D 237 10.24 55.39 -26.93
C ARG D 237 11.12 54.16 -26.74
N HIS D 238 12.44 54.36 -26.83
CA HIS D 238 13.39 53.25 -26.88
C HIS D 238 12.85 52.05 -27.64
N GLN D 239 12.51 52.28 -28.92
CA GLN D 239 12.13 51.33 -29.95
C GLN D 239 10.62 51.28 -30.19
N LYS D 240 10.23 50.77 -31.35
CA LYS D 240 8.89 50.84 -31.90
C LYS D 240 7.99 49.74 -31.35
N VAL D 241 6.71 49.81 -31.69
CA VAL D 241 5.77 48.76 -31.30
C VAL D 241 4.96 48.29 -32.50
N VAL D 242 4.36 49.22 -33.26
CA VAL D 242 3.56 48.89 -34.43
C VAL D 242 4.18 49.57 -35.64
N GLU D 243 4.09 48.91 -36.79
CA GLU D 243 4.61 49.45 -38.03
C GLU D 243 3.62 49.19 -39.16
N VAL D 244 3.62 50.08 -40.14
CA VAL D 244 2.78 49.94 -41.32
C VAL D 244 3.65 50.13 -42.56
N ALA D 245 3.32 49.37 -43.61
CA ALA D 245 4.01 49.52 -44.88
C ALA D 245 3.01 49.40 -46.04
N PRO D 246 2.94 50.40 -46.92
CA PRO D 246 3.62 51.70 -46.84
C PRO D 246 2.87 52.64 -45.90
N SER D 247 3.38 53.85 -45.66
CA SER D 247 2.69 54.78 -44.79
C SER D 247 1.45 55.35 -45.47
N VAL D 248 0.52 55.81 -44.64
CA VAL D 248 -0.64 56.55 -45.10
C VAL D 248 -0.46 58.00 -44.66
N GLY D 249 -1.31 58.86 -45.20
CA GLY D 249 -1.29 60.26 -44.82
C GLY D 249 0.05 60.93 -45.03
N LEU D 250 0.82 60.43 -45.99
CA LEU D 250 2.09 61.04 -46.40
C LEU D 250 2.07 61.13 -47.93
N SER D 251 2.18 62.35 -48.46
CA SER D 251 1.81 62.58 -49.85
C SER D 251 2.75 61.84 -50.81
N PRO D 252 2.24 61.45 -51.99
CA PRO D 252 3.13 60.82 -52.99
C PRO D 252 4.39 61.62 -53.29
N THR D 253 4.33 62.95 -53.25
CA THR D 253 5.55 63.74 -53.42
C THR D 253 6.52 63.46 -52.27
N LEU D 254 6.00 63.21 -51.07
CA LEU D 254 6.86 62.98 -49.92
C LEU D 254 7.51 61.61 -49.97
N ARG D 255 6.69 60.54 -49.99
CA ARG D 255 7.22 59.18 -49.97
C ARG D 255 8.25 58.97 -51.07
N GLN D 256 8.00 59.50 -52.26
CA GLN D 256 8.99 59.45 -53.33
C GLN D 256 10.24 60.28 -53.02
N ARG D 257 10.13 61.28 -52.14
CA ARG D 257 11.29 62.10 -51.79
C ARG D 257 12.16 61.46 -50.71
N ILE D 258 11.54 60.87 -49.69
CA ILE D 258 12.31 60.21 -48.64
C ILE D 258 12.93 58.92 -49.15
N CYS D 259 12.27 58.23 -50.07
CA CYS D 259 12.83 56.98 -50.60
C CYS D 259 14.08 57.25 -51.43
N ASP D 260 14.00 58.21 -52.35
CA ASP D 260 15.16 58.55 -53.17
C ASP D 260 16.33 58.99 -52.30
N ALA D 261 16.07 59.81 -51.28
CA ALA D 261 17.11 60.26 -50.38
C ALA D 261 17.86 59.08 -49.77
N ALA D 262 17.11 58.04 -49.37
CA ALA D 262 17.71 56.87 -48.74
C ALA D 262 18.64 56.13 -49.71
N ILE D 263 18.09 55.71 -50.85
CA ILE D 263 18.88 54.97 -51.81
C ILE D 263 20.03 55.83 -52.32
N GLN D 264 19.79 57.12 -52.53
CA GLN D 264 20.85 58.02 -52.98
C GLN D 264 22.06 57.94 -52.07
N LEU D 265 21.83 57.99 -50.75
CA LEU D 265 22.96 57.88 -49.82
C LEU D 265 23.53 56.47 -49.83
N MET D 266 22.66 55.45 -49.86
CA MET D 266 23.14 54.07 -49.91
C MET D 266 23.89 53.78 -51.19
N GLU D 267 23.33 54.20 -52.33
CA GLU D 267 24.00 53.97 -53.61
C GLU D 267 25.31 54.75 -53.70
N ASN D 268 25.35 55.94 -53.12
CA ASN D 268 26.55 56.77 -53.20
C ASN D 268 27.75 56.11 -52.51
N ILE D 269 27.52 55.29 -51.48
CA ILE D 269 28.64 54.68 -50.78
C ILE D 269 28.75 53.19 -51.12
N LYS D 270 28.25 52.81 -52.29
CA LYS D 270 28.37 51.45 -52.83
C LYS D 270 27.94 50.41 -51.79
N TYR D 271 26.76 50.62 -51.24
CA TYR D 271 26.24 49.75 -50.19
C TYR D 271 25.93 48.37 -50.75
N VAL D 272 26.05 47.35 -49.88
CA VAL D 272 25.85 45.97 -50.27
C VAL D 272 24.91 45.28 -49.27
N ASN D 273 24.17 44.30 -49.79
CA ASN D 273 23.19 43.49 -49.05
C ASN D 273 21.99 44.32 -48.63
N ALA D 274 21.58 44.21 -47.37
CA ALA D 274 20.37 44.84 -46.87
C ALA D 274 20.69 45.93 -45.87
N GLY D 275 20.02 47.08 -46.04
CA GLY D 275 20.20 48.22 -45.18
C GLY D 275 18.94 49.05 -45.10
N THR D 276 18.90 49.94 -44.12
CA THR D 276 17.71 50.72 -43.84
C THR D 276 18.10 52.12 -43.40
N VAL D 277 17.51 53.13 -44.06
CA VAL D 277 17.76 54.53 -43.76
C VAL D 277 16.54 55.08 -43.03
N GLU D 278 16.77 55.60 -41.83
CA GLU D 278 15.70 56.11 -40.98
C GLU D 278 15.58 57.62 -41.17
N PHE D 279 14.34 58.09 -41.34
CA PHE D 279 14.06 59.48 -41.67
C PHE D 279 13.03 60.04 -40.71
N LEU D 280 13.28 61.24 -40.21
CA LEU D 280 12.32 61.98 -39.39
C LEU D 280 11.58 62.96 -40.29
N VAL D 281 10.25 62.87 -40.30
CA VAL D 281 9.42 63.61 -41.24
C VAL D 281 8.37 64.40 -40.48
N SER D 282 8.33 65.72 -40.73
CA SER D 282 7.30 66.59 -40.19
C SER D 282 7.01 67.67 -41.23
N GLY D 283 5.75 67.77 -41.65
CA GLY D 283 5.49 68.63 -42.79
C GLY D 283 6.16 68.06 -44.02
N ASP D 284 6.42 68.93 -45.00
CA ASP D 284 7.18 68.53 -46.17
C ASP D 284 8.68 68.55 -45.94
N GLU D 285 9.12 68.94 -44.75
CA GLU D 285 10.52 68.80 -44.38
C GLU D 285 10.79 67.37 -43.92
N PHE D 286 11.95 66.84 -44.30
CA PHE D 286 12.35 65.50 -43.88
C PHE D 286 13.87 65.47 -43.78
N PHE D 287 14.37 64.68 -42.83
CA PHE D 287 15.76 64.75 -42.42
C PHE D 287 16.31 63.35 -42.20
N PHE D 288 17.63 63.30 -42.09
CA PHE D 288 18.36 62.08 -41.79
C PHE D 288 18.41 61.85 -40.28
N ILE D 289 18.53 60.58 -39.89
CA ILE D 289 18.54 60.23 -38.47
C ILE D 289 19.66 59.25 -38.18
N GLU D 290 19.55 58.04 -38.72
CA GLU D 290 20.56 57.01 -38.54
C GLU D 290 20.41 55.99 -39.66
N VAL D 291 21.36 55.05 -39.71
CA VAL D 291 21.33 53.97 -40.69
C VAL D 291 21.78 52.69 -39.98
N ASN D 292 20.92 51.67 -39.99
CA ASN D 292 21.27 50.37 -39.43
C ASN D 292 21.75 49.44 -40.53
N PRO D 293 23.03 49.08 -40.57
CA PRO D 293 23.52 48.13 -41.59
C PRO D 293 23.20 46.67 -41.29
N ARG D 294 21.91 46.36 -41.22
CA ARG D 294 21.46 44.99 -40.96
C ARG D 294 19.98 44.90 -41.25
N VAL D 295 19.48 43.67 -41.42
CA VAL D 295 18.05 43.47 -41.60
C VAL D 295 17.31 43.81 -40.30
N GLN D 296 16.03 44.13 -40.43
CA GLN D 296 15.25 44.70 -39.34
C GLN D 296 14.10 43.79 -38.95
N VAL D 297 13.62 43.99 -37.72
CA VAL D 297 12.54 43.15 -37.19
C VAL D 297 11.23 43.40 -37.91
N GLU D 298 11.04 44.60 -38.45
CA GLU D 298 9.81 44.94 -39.15
C GLU D 298 9.91 44.71 -40.65
N HIS D 299 10.84 43.85 -41.09
CA HIS D 299 11.01 43.60 -42.51
C HIS D 299 9.85 42.82 -43.11
N THR D 300 9.11 42.07 -42.30
CA THR D 300 8.06 41.19 -42.84
C THR D 300 7.04 41.97 -43.65
N ILE D 301 6.67 43.17 -43.20
CA ILE D 301 5.60 43.90 -43.87
C ILE D 301 6.05 44.44 -45.22
N THR D 302 7.33 44.78 -45.36
CA THR D 302 7.82 45.24 -46.65
C THR D 302 7.87 44.11 -47.69
N GLU D 303 7.98 42.87 -47.23
CA GLU D 303 7.95 41.75 -48.17
C GLU D 303 6.54 41.52 -48.72
N MET D 304 5.52 41.75 -47.89
CA MET D 304 4.16 41.43 -48.32
C MET D 304 3.57 42.49 -49.26
N VAL D 305 3.95 43.76 -49.09
CA VAL D 305 3.37 44.79 -49.95
C VAL D 305 4.09 44.85 -51.29
N THR D 306 5.40 44.68 -51.30
CA THR D 306 6.16 44.75 -52.55
C THR D 306 6.19 43.41 -53.27
N GLY D 307 6.58 42.34 -52.58
CA GLY D 307 6.58 41.00 -53.14
C GLY D 307 7.92 40.30 -53.16
N ILE D 308 8.99 40.91 -52.65
CA ILE D 308 10.35 40.40 -52.76
C ILE D 308 10.79 39.83 -51.43
N ASP D 309 11.55 38.73 -51.48
CA ASP D 309 12.02 38.03 -50.29
C ASP D 309 13.33 38.67 -49.83
N ILE D 310 13.26 39.42 -48.73
CA ILE D 310 14.40 40.24 -48.31
C ILE D 310 15.54 39.38 -47.78
N VAL D 311 15.21 38.44 -46.88
CA VAL D 311 16.26 37.61 -46.29
C VAL D 311 16.85 36.67 -47.33
N LYS D 312 16.01 36.16 -48.23
CA LYS D 312 16.50 35.30 -49.30
C LYS D 312 17.52 36.02 -50.17
N THR D 313 17.19 37.24 -50.60
CA THR D 313 18.12 38.05 -51.39
C THR D 313 19.43 38.27 -50.64
N GLN D 314 19.33 38.58 -49.34
CA GLN D 314 20.52 38.83 -48.52
C GLN D 314 21.53 37.69 -48.63
N ILE D 315 21.04 36.45 -48.71
CA ILE D 315 21.93 35.30 -48.84
C ILE D 315 22.58 35.27 -50.22
N LEU D 316 21.80 35.50 -51.27
CA LEU D 316 22.30 35.44 -52.63
C LEU D 316 23.13 36.65 -53.02
N VAL D 317 23.23 37.65 -52.15
CA VAL D 317 24.16 38.75 -52.40
C VAL D 317 25.57 38.35 -51.94
N ALA D 318 25.66 37.74 -50.76
CA ALA D 318 26.92 37.17 -50.32
C ALA D 318 27.37 36.02 -51.22
N ALA D 319 26.42 35.37 -51.89
CA ALA D 319 26.73 34.40 -52.95
C ALA D 319 27.05 35.08 -54.27
N GLY D 320 27.04 36.41 -54.33
CA GLY D 320 27.52 37.14 -55.48
C GLY D 320 26.62 37.13 -56.69
N ALA D 321 25.33 36.87 -56.52
CA ALA D 321 24.41 36.94 -57.64
C ALA D 321 24.24 38.38 -58.10
N ASP D 322 24.07 38.56 -59.41
CA ASP D 322 23.77 39.87 -59.95
C ASP D 322 22.37 40.28 -59.51
N LEU D 323 22.24 41.52 -59.03
CA LEU D 323 20.94 41.99 -58.53
C LEU D 323 19.85 41.89 -59.58
N PHE D 324 20.20 41.81 -60.86
CA PHE D 324 19.22 41.60 -61.93
C PHE D 324 19.53 40.34 -62.73
N GLY D 325 20.25 39.39 -62.13
CA GLY D 325 20.48 38.09 -62.73
C GLY D 325 19.40 37.10 -62.33
N GLU D 326 19.54 35.87 -62.85
CA GLU D 326 18.52 34.85 -62.64
C GLU D 326 18.22 34.65 -61.15
N GLU D 327 19.26 34.63 -60.31
CA GLU D 327 19.08 34.29 -58.90
C GLU D 327 18.26 35.36 -58.17
N ILE D 328 18.78 36.59 -58.10
CA ILE D 328 18.04 37.66 -57.42
C ILE D 328 16.83 38.07 -58.26
N ASN D 329 17.01 38.20 -59.57
CA ASN D 329 15.92 38.46 -60.51
C ASN D 329 15.10 39.67 -60.10
N MET D 330 15.80 40.74 -59.72
CA MET D 330 15.05 41.87 -59.20
C MET D 330 14.36 42.63 -60.33
N PRO D 331 13.10 43.01 -60.14
CA PRO D 331 12.47 43.94 -61.09
C PRO D 331 13.12 45.32 -61.02
N GLN D 332 13.13 46.01 -62.15
CA GLN D 332 13.73 47.33 -62.23
C GLN D 332 13.00 48.31 -61.30
N GLN D 333 13.73 49.36 -60.89
CA GLN D 333 13.21 50.28 -59.89
C GLN D 333 11.88 50.88 -60.30
N LYS D 334 11.70 51.16 -61.59
CA LYS D 334 10.41 51.63 -62.06
C LYS D 334 9.32 50.60 -61.79
N ASP D 335 9.63 49.31 -62.00
CA ASP D 335 8.65 48.24 -61.90
C ASP D 335 8.58 47.64 -60.50
N ILE D 336 9.26 48.23 -59.52
CA ILE D 336 9.02 47.92 -58.11
C ILE D 336 7.80 48.71 -57.65
N THR D 337 6.84 48.02 -57.04
CA THR D 337 5.64 48.70 -56.57
C THR D 337 5.11 47.97 -55.34
N THR D 338 4.12 48.59 -54.70
CA THR D 338 3.48 48.06 -53.51
C THR D 338 1.99 47.86 -53.79
N LEU D 339 1.43 46.80 -53.19
CA LEU D 339 0.01 46.50 -53.29
C LEU D 339 -0.56 46.33 -51.88
N GLY D 340 -1.42 47.25 -51.48
CA GLY D 340 -2.09 47.15 -50.20
C GLY D 340 -1.27 47.75 -49.07
N TYR D 341 -1.65 47.36 -47.85
CA TYR D 341 -1.02 47.84 -46.64
C TYR D 341 -0.82 46.69 -45.67
N ALA D 342 0.34 46.65 -45.02
CA ALA D 342 0.66 45.61 -44.06
C ALA D 342 0.97 46.24 -42.70
N ILE D 343 0.65 45.50 -41.64
CA ILE D 343 0.86 45.93 -40.27
C ILE D 343 1.52 44.79 -39.52
N GLN D 344 2.43 45.13 -38.59
CA GLN D 344 3.12 44.11 -37.82
C GLN D 344 2.98 44.37 -36.32
N CYS D 345 2.77 43.29 -35.57
CA CYS D 345 2.67 43.34 -34.12
C CYS D 345 3.60 42.30 -33.53
N ARG D 346 4.59 42.76 -32.76
CA ARG D 346 5.45 41.88 -31.98
C ARG D 346 4.78 41.58 -30.66
N ILE D 347 4.30 40.36 -30.48
CA ILE D 347 3.64 39.97 -29.24
C ILE D 347 4.69 39.56 -28.23
N THR D 348 4.67 40.21 -27.07
CA THR D 348 5.72 40.08 -26.07
C THR D 348 5.08 39.88 -24.70
N THR D 349 5.87 39.39 -23.75
CA THR D 349 5.43 39.25 -22.37
C THR D 349 5.63 40.53 -21.56
N GLU D 350 5.65 41.68 -22.22
CA GLU D 350 5.73 42.97 -21.52
C GLU D 350 4.35 43.31 -20.98
N ASP D 351 4.23 43.36 -19.66
CA ASP D 351 2.96 43.71 -19.04
C ASP D 351 2.63 45.17 -19.30
N PRO D 352 1.59 45.48 -20.08
CA PRO D 352 1.25 46.89 -20.33
C PRO D 352 0.55 47.58 -19.17
N LEU D 353 0.45 46.92 -18.01
CA LEU D 353 -0.04 47.53 -16.79
C LEU D 353 1.01 47.52 -15.69
N ASN D 354 2.27 47.28 -16.05
CA ASN D 354 3.37 47.25 -15.09
C ASN D 354 4.65 47.72 -15.79
N ASP D 355 4.59 48.95 -16.33
CA ASP D 355 5.75 49.62 -16.92
C ASP D 355 6.46 48.76 -17.96
N PHE D 356 5.69 47.89 -18.63
CA PHE D 356 6.20 47.03 -19.71
C PHE D 356 7.39 46.20 -19.25
N MET D 357 7.31 45.69 -18.02
CA MET D 357 8.35 44.81 -17.50
C MET D 357 8.11 43.40 -18.02
N PRO D 358 9.09 42.78 -18.69
CA PRO D 358 8.82 41.49 -19.35
C PRO D 358 8.51 40.39 -18.35
N ASP D 359 7.23 40.03 -18.24
CA ASP D 359 6.83 38.90 -17.41
C ASP D 359 7.55 37.65 -17.87
N THR D 360 7.79 36.74 -16.93
CA THR D 360 8.36 35.44 -17.24
C THR D 360 7.65 34.38 -16.43
N GLY D 361 7.97 33.13 -16.74
CA GLY D 361 7.25 32.00 -16.20
C GLY D 361 7.01 30.98 -17.27
N THR D 362 5.92 30.22 -17.17
CA THR D 362 5.64 29.11 -18.08
C THR D 362 4.35 29.38 -18.82
N ILE D 363 4.44 29.50 -20.14
CA ILE D 363 3.25 29.46 -20.98
C ILE D 363 2.63 28.08 -20.86
N ILE D 364 1.37 28.02 -20.43
CA ILE D 364 0.68 26.75 -20.23
C ILE D 364 -0.38 26.52 -21.29
N ALA D 365 -0.49 27.40 -22.28
CA ALA D 365 -1.41 27.24 -23.40
C ALA D 365 -1.05 28.27 -24.46
N TYR D 366 -1.04 27.83 -25.72
CA TYR D 366 -0.62 28.68 -26.83
C TYR D 366 -1.41 28.29 -28.07
N ARG D 367 -2.15 29.24 -28.63
CA ARG D 367 -2.88 29.04 -29.89
C ARG D 367 -2.57 30.18 -30.82
N SER D 368 -2.26 29.87 -32.08
CA SER D 368 -1.90 30.85 -33.07
C SER D 368 -2.98 30.95 -34.14
N SER D 369 -3.09 32.13 -34.75
CA SER D 369 -4.10 32.39 -35.77
C SER D 369 -3.52 32.11 -37.16
N GLY D 370 -4.28 32.47 -38.19
CA GLY D 370 -3.85 32.22 -39.54
C GLY D 370 -4.97 32.57 -40.51
N GLY D 371 -4.84 32.04 -41.73
CA GLY D 371 -5.82 32.32 -42.75
C GLY D 371 -5.44 33.51 -43.62
N PHE D 372 -6.36 33.84 -44.52
CA PHE D 372 -6.12 34.87 -45.54
C PHE D 372 -5.71 36.19 -44.93
N GLY D 373 -4.46 36.59 -45.18
CA GLY D 373 -3.96 37.89 -44.79
C GLY D 373 -3.04 37.89 -43.59
N VAL D 374 -2.84 36.75 -42.94
CA VAL D 374 -2.07 36.67 -41.70
C VAL D 374 -0.73 36.00 -41.97
N ARG D 375 0.34 36.60 -41.46
CA ARG D 375 1.68 36.02 -41.51
C ARG D 375 2.22 35.90 -40.09
N LEU D 376 2.74 34.72 -39.75
CA LEU D 376 3.30 34.46 -38.44
C LEU D 376 4.79 34.16 -38.57
N ASP D 377 5.59 34.76 -37.69
CA ASP D 377 7.01 34.48 -37.57
C ASP D 377 7.26 33.96 -36.17
N ALA D 378 7.52 32.66 -36.05
CA ALA D 378 7.63 32.04 -34.74
C ALA D 378 8.86 32.55 -33.99
N GLY D 379 8.69 32.77 -32.68
CA GLY D 379 9.78 33.23 -31.85
C GLY D 379 10.05 32.33 -30.68
N ASP D 380 9.69 32.79 -29.47
CA ASP D 380 9.91 32.01 -28.25
C ASP D 380 8.64 31.36 -27.72
N GLY D 381 7.49 31.60 -28.36
CA GLY D 381 6.23 31.10 -27.85
C GLY D 381 5.90 29.72 -28.37
N PHE D 382 5.61 28.80 -27.46
CA PHE D 382 5.14 27.47 -27.78
C PHE D 382 4.55 26.87 -26.51
N GLN D 383 3.82 25.77 -26.67
CA GLN D 383 2.97 25.19 -25.63
C GLN D 383 3.58 25.18 -24.24
N GLY D 384 4.85 24.80 -24.13
CA GLY D 384 5.50 24.75 -22.83
C GLY D 384 6.67 25.71 -22.71
N ALA D 385 6.62 26.80 -23.47
CA ALA D 385 7.73 27.75 -23.48
C ALA D 385 7.91 28.37 -22.10
N GLU D 386 9.17 28.63 -21.75
CA GLU D 386 9.54 29.32 -20.51
C GLU D 386 10.37 30.53 -20.88
N ILE D 387 9.78 31.72 -20.78
CA ILE D 387 10.51 32.94 -21.10
C ILE D 387 11.60 33.14 -20.06
N SER D 388 12.85 33.14 -20.51
CA SER D 388 13.93 33.53 -19.64
C SER D 388 13.96 35.05 -19.51
N PRO D 389 14.49 35.59 -18.41
CA PRO D 389 14.55 37.05 -18.26
C PRO D 389 15.79 37.66 -18.89
N TYR D 390 16.41 36.93 -19.81
CA TYR D 390 17.72 37.31 -20.34
C TYR D 390 17.66 37.90 -21.73
N TYR D 391 16.65 37.56 -22.52
CA TYR D 391 16.61 37.89 -23.94
C TYR D 391 15.46 38.83 -24.25
N ASP D 392 15.42 39.27 -25.50
CA ASP D 392 14.25 39.97 -26.02
C ASP D 392 13.03 39.06 -25.90
N SER D 393 12.04 39.49 -25.13
CA SER D 393 10.92 38.65 -24.75
C SER D 393 9.83 38.65 -25.84
N LEU D 394 10.25 38.32 -27.05
CA LEU D 394 9.37 38.37 -28.22
C LEU D 394 8.79 36.98 -28.47
N LEU D 395 7.49 36.83 -28.20
CA LEU D 395 6.84 35.52 -28.30
C LEU D 395 6.64 35.11 -29.75
N VAL D 396 5.85 35.89 -30.49
CA VAL D 396 5.54 35.59 -31.89
C VAL D 396 5.42 36.92 -32.63
N LYS D 397 5.68 36.88 -33.93
CA LYS D 397 5.62 38.08 -34.76
C LYS D 397 4.39 38.01 -35.65
N LEU D 398 3.43 38.89 -35.40
CA LEU D 398 2.14 38.92 -36.08
C LEU D 398 2.15 40.02 -37.13
N SER D 399 1.83 39.66 -38.36
CA SER D 399 1.82 40.64 -39.46
C SER D 399 0.69 40.30 -40.43
N THR D 400 -0.17 41.29 -40.69
CA THR D 400 -1.34 41.12 -41.54
C THR D 400 -1.27 42.09 -42.72
N HIS D 401 -1.92 41.72 -43.82
CA HIS D 401 -1.87 42.51 -45.04
C HIS D 401 -3.17 42.37 -45.83
N ALA D 402 -3.71 43.49 -46.30
CA ALA D 402 -4.91 43.52 -47.11
C ALA D 402 -4.80 44.69 -48.09
N ILE D 403 -5.84 44.89 -48.90
CA ILE D 403 -5.78 45.94 -49.91
C ILE D 403 -5.95 47.31 -49.27
N SER D 404 -6.84 47.43 -48.30
CA SER D 404 -7.00 48.69 -47.57
C SER D 404 -6.23 48.63 -46.25
N PHE D 405 -6.10 49.79 -45.63
CA PHE D 405 -5.42 49.88 -44.34
C PHE D 405 -6.32 49.36 -43.23
N LYS D 406 -7.61 49.70 -43.27
CA LYS D 406 -8.53 49.21 -42.24
C LYS D 406 -8.74 47.71 -42.36
N GLN D 407 -8.89 47.19 -43.58
CA GLN D 407 -8.97 45.74 -43.75
C GLN D 407 -7.73 45.07 -43.18
N ALA D 408 -6.55 45.64 -43.43
CA ALA D 408 -5.32 45.12 -42.83
C ALA D 408 -5.30 45.30 -41.32
N GLU D 409 -6.17 46.14 -40.78
CA GLU D 409 -6.21 46.44 -39.35
C GLU D 409 -7.27 45.66 -38.61
N GLU D 410 -8.52 45.67 -39.09
CA GLU D 410 -9.56 44.86 -38.47
C GLU D 410 -9.13 43.39 -38.40
N LYS D 411 -8.41 42.94 -39.42
CA LYS D 411 -7.94 41.57 -39.47
C LYS D 411 -6.87 41.31 -38.42
N MET D 412 -6.05 42.31 -38.10
CA MET D 412 -5.06 42.13 -37.05
C MET D 412 -5.72 42.08 -35.68
N VAL D 413 -6.74 42.91 -35.45
CA VAL D 413 -7.50 42.83 -34.21
C VAL D 413 -8.12 41.45 -34.06
N ARG D 414 -8.71 40.94 -35.16
CA ARG D 414 -9.23 39.58 -35.16
C ARG D 414 -8.13 38.58 -34.83
N SER D 415 -6.99 38.68 -35.53
CA SER D 415 -5.89 37.74 -35.31
C SER D 415 -5.15 38.00 -34.00
N LEU D 416 -5.42 39.11 -33.32
CA LEU D 416 -4.89 39.28 -31.98
C LEU D 416 -5.79 38.63 -30.93
N ARG D 417 -7.11 38.63 -31.15
CA ARG D 417 -8.02 37.97 -30.23
C ARG D 417 -7.96 36.45 -30.41
N GLU D 418 -7.78 35.98 -31.65
CA GLU D 418 -7.60 34.56 -31.90
C GLU D 418 -6.34 34.04 -31.23
N MET D 419 -5.28 34.85 -31.25
CA MET D 419 -4.11 34.58 -30.43
C MET D 419 -4.53 34.31 -28.99
N ARG D 420 -4.10 33.17 -28.46
CA ARG D 420 -4.36 32.83 -27.06
C ARG D 420 -3.04 32.39 -26.43
N ILE D 421 -2.64 33.09 -25.38
CA ILE D 421 -1.37 32.84 -24.69
C ILE D 421 -1.67 32.85 -23.19
N ARG D 422 -1.58 31.69 -22.56
CA ARG D 422 -2.02 31.49 -21.19
C ARG D 422 -0.86 31.08 -20.30
N GLY D 423 -0.89 31.54 -19.04
CA GLY D 423 0.11 31.22 -18.05
C GLY D 423 1.00 32.40 -17.70
N VAL D 424 1.21 33.32 -18.65
CA VAL D 424 2.05 34.49 -18.45
C VAL D 424 1.30 35.70 -18.97
N LYS D 425 1.81 36.88 -18.61
CA LYS D 425 1.28 38.11 -19.16
C LYS D 425 1.75 38.29 -20.60
N THR D 426 1.01 39.09 -21.36
CA THR D 426 1.43 39.54 -22.67
C THR D 426 0.92 40.97 -22.87
N ASN D 427 1.20 41.52 -24.05
CA ASN D 427 0.80 42.89 -24.36
C ASN D 427 -0.39 42.96 -25.30
N ILE D 428 -1.01 41.82 -25.64
CA ILE D 428 -2.06 41.80 -26.65
C ILE D 428 -3.18 42.80 -26.37
N PRO D 429 -3.71 42.92 -25.15
CA PRO D 429 -4.73 43.96 -24.90
C PRO D 429 -4.27 45.35 -25.30
N PHE D 430 -2.99 45.67 -25.07
CA PHE D 430 -2.46 46.96 -25.50
C PHE D 430 -2.44 47.06 -27.03
N LEU D 431 -1.84 46.06 -27.70
CA LEU D 431 -1.74 46.09 -29.15
C LEU D 431 -3.12 46.13 -29.80
N ILE D 432 -4.11 45.48 -29.18
CA ILE D 432 -5.47 45.57 -29.69
C ILE D 432 -5.99 47.00 -29.58
N ASN D 433 -5.72 47.65 -28.44
CA ASN D 433 -6.18 49.02 -28.24
C ASN D 433 -5.52 49.98 -29.23
N VAL D 434 -4.23 49.79 -29.51
CA VAL D 434 -3.57 50.58 -30.55
C VAL D 434 -4.30 50.41 -31.87
N MET D 435 -4.57 49.16 -32.25
CA MET D 435 -5.28 48.88 -33.49
C MET D 435 -6.65 49.56 -33.51
N LYS D 436 -7.38 49.48 -32.39
CA LYS D 436 -8.76 49.92 -32.29
C LYS D 436 -8.91 51.43 -32.15
N ASN D 437 -7.87 52.21 -32.40
CA ASN D 437 -7.86 53.62 -32.06
C ASN D 437 -7.98 54.48 -33.31
N LYS D 438 -8.83 55.50 -33.24
CA LYS D 438 -9.08 56.36 -34.39
C LYS D 438 -7.81 57.06 -34.86
N LYS D 439 -6.94 57.43 -33.92
CA LYS D 439 -5.74 58.15 -34.30
C LYS D 439 -4.73 57.24 -35.02
N PHE D 440 -4.77 55.94 -34.75
CA PHE D 440 -3.91 55.01 -35.48
C PHE D 440 -4.49 54.71 -36.87
N THR D 441 -5.79 54.41 -36.93
CA THR D 441 -6.42 54.14 -38.22
C THR D 441 -6.35 55.33 -39.15
N SER D 442 -6.41 56.55 -38.61
CA SER D 442 -6.45 57.76 -39.43
C SER D 442 -5.28 57.84 -40.39
N GLY D 443 -4.14 57.24 -40.04
CA GLY D 443 -3.00 57.16 -40.93
C GLY D 443 -1.95 58.24 -40.72
N ASP D 444 -2.25 59.29 -39.97
CA ASP D 444 -1.25 60.29 -39.59
C ASP D 444 -1.17 60.35 -38.08
N TYR D 445 -0.02 59.93 -37.55
CA TYR D 445 0.22 59.90 -36.12
C TYR D 445 1.72 60.03 -35.90
N THR D 446 2.10 60.84 -34.92
CA THR D 446 3.51 61.09 -34.67
C THR D 446 4.01 60.14 -33.57
N THR D 447 5.22 60.41 -33.08
CA THR D 447 5.86 59.59 -32.06
C THR D 447 5.43 59.96 -30.64
N LYS D 448 4.58 60.96 -30.47
CA LYS D 448 3.90 61.20 -29.20
C LYS D 448 2.49 60.61 -29.20
N PHE D 449 2.18 59.72 -30.15
CA PHE D 449 0.85 59.14 -30.24
C PHE D 449 0.47 58.43 -28.94
N ILE D 450 1.39 57.65 -28.36
CA ILE D 450 1.09 56.96 -27.11
C ILE D 450 1.00 57.96 -25.96
N GLU D 451 1.93 58.91 -25.90
CA GLU D 451 1.92 59.89 -24.81
C GLU D 451 0.65 60.73 -24.84
N GLU D 452 0.22 61.16 -26.02
CA GLU D 452 -1.00 61.94 -26.16
C GLU D 452 -2.27 61.10 -26.08
N THR D 453 -2.15 59.77 -26.10
CA THR D 453 -3.29 58.85 -26.10
C THR D 453 -3.17 57.92 -24.90
N PRO D 454 -3.63 58.35 -23.72
CA PRO D 454 -3.52 57.50 -22.53
C PRO D 454 -4.65 56.50 -22.37
N GLU D 455 -5.70 56.55 -23.20
CA GLU D 455 -6.71 55.52 -23.15
C GLU D 455 -6.21 54.17 -23.64
N LEU D 456 -4.97 54.10 -24.14
CA LEU D 456 -4.40 52.84 -24.58
C LEU D 456 -4.26 51.85 -23.43
N PHE D 457 -4.12 52.34 -22.20
CA PHE D 457 -3.96 51.50 -21.03
C PHE D 457 -5.27 51.24 -20.30
N ASP D 458 -6.41 51.57 -20.93
CA ASP D 458 -7.72 51.23 -20.37
C ASP D 458 -7.98 49.76 -20.70
N ILE D 459 -7.37 48.89 -19.89
CA ILE D 459 -7.30 47.47 -20.18
C ILE D 459 -8.20 46.74 -19.20
N GLN D 460 -9.31 46.25 -19.70
CA GLN D 460 -10.13 45.30 -18.98
C GLN D 460 -9.51 43.90 -19.07
N PRO D 461 -9.79 42.99 -18.09
CA PRO D 461 -8.90 41.83 -17.90
C PRO D 461 -9.11 40.79 -18.96
N SER D 462 -8.51 39.62 -18.76
CA SER D 462 -8.98 38.38 -19.36
C SER D 462 -9.48 37.54 -18.20
N LEU D 463 -10.81 37.34 -18.12
CA LEU D 463 -11.32 36.31 -17.23
C LEU D 463 -10.91 34.96 -17.80
N ASP D 464 -9.85 34.38 -17.23
CA ASP D 464 -9.29 33.13 -17.73
C ASP D 464 -10.16 31.95 -17.24
N ARG D 465 -11.45 32.03 -17.60
CA ARG D 465 -12.44 31.09 -17.07
C ARG D 465 -12.09 29.65 -17.39
N GLY D 466 -11.17 29.41 -18.31
CA GLY D 466 -10.70 28.07 -18.55
C GLY D 466 -9.76 27.61 -17.45
N THR D 467 -8.64 28.32 -17.29
CA THR D 467 -7.68 27.96 -16.25
C THR D 467 -8.30 28.08 -14.86
N LYS D 468 -9.19 29.05 -14.66
CA LYS D 468 -9.87 29.17 -13.36
C LYS D 468 -10.65 27.91 -13.03
N THR D 469 -11.31 27.32 -14.01
CA THR D 469 -11.97 26.02 -13.79
C THR D 469 -10.93 24.95 -13.48
N LEU D 470 -9.87 24.87 -14.29
CA LEU D 470 -8.82 23.89 -14.05
C LEU D 470 -8.12 24.15 -12.73
N GLU D 471 -7.97 25.42 -12.33
CA GLU D 471 -7.42 25.73 -11.02
C GLU D 471 -8.31 25.20 -9.91
N TYR D 472 -9.60 25.53 -9.95
CA TYR D 472 -10.50 25.12 -8.87
C TYR D 472 -10.60 23.60 -8.79
N ILE D 473 -10.91 22.96 -9.93
CA ILE D 473 -11.09 21.51 -9.94
C ILE D 473 -9.87 20.82 -9.35
N GLY D 474 -8.68 21.28 -9.74
CA GLY D 474 -7.48 20.65 -9.24
C GLY D 474 -7.37 20.70 -7.73
N ASN D 475 -7.76 21.84 -7.14
CA ASN D 475 -7.60 22.01 -5.69
C ASN D 475 -8.50 21.04 -4.92
N VAL D 476 -9.77 20.94 -5.32
CA VAL D 476 -10.69 20.04 -4.63
C VAL D 476 -10.31 18.60 -4.89
N THR D 477 -9.83 18.29 -6.11
CA THR D 477 -9.44 16.92 -6.43
C THR D 477 -8.28 16.47 -5.56
N ILE D 478 -7.27 17.32 -5.39
CA ILE D 478 -6.10 16.93 -4.62
C ILE D 478 -6.39 16.99 -3.12
N ASN D 479 -7.15 17.99 -2.67
CA ASN D 479 -7.25 18.28 -1.24
C ASN D 479 -8.67 18.19 -0.69
N GLY D 480 -9.63 17.69 -1.47
CA GLY D 480 -10.97 17.45 -0.95
C GLY D 480 -11.76 18.69 -0.60
N PHE D 481 -13.08 18.54 -0.41
CA PHE D 481 -13.95 19.64 -0.04
C PHE D 481 -14.16 19.68 1.47
N PRO D 482 -14.42 20.85 2.05
CA PRO D 482 -14.71 20.90 3.49
C PRO D 482 -16.00 20.18 3.84
N ASN D 483 -15.97 19.47 4.97
CA ASN D 483 -17.13 18.73 5.49
C ASN D 483 -17.69 17.74 4.48
N VAL D 484 -16.83 17.18 3.63
CA VAL D 484 -17.22 16.14 2.69
C VAL D 484 -16.20 15.02 2.78
N GLU D 485 -16.67 13.80 3.00
CA GLU D 485 -15.81 12.63 3.08
C GLU D 485 -15.03 12.49 1.77
N LYS D 486 -13.71 12.67 1.84
CA LYS D 486 -12.90 12.56 0.63
C LYS D 486 -13.00 11.15 0.06
N ARG D 487 -13.31 11.08 -1.22
CA ARG D 487 -13.51 9.84 -1.94
C ARG D 487 -13.70 10.19 -3.42
N PRO D 488 -13.42 9.26 -4.33
CA PRO D 488 -13.69 9.54 -5.74
C PRO D 488 -15.16 9.84 -5.95
N LYS D 489 -15.43 10.73 -6.89
CA LYS D 489 -16.80 11.17 -7.14
C LYS D 489 -17.73 9.96 -7.27
N PRO D 490 -18.81 9.91 -6.50
CA PRO D 490 -19.78 8.81 -6.65
C PRO D 490 -20.33 8.77 -8.07
N ASP D 491 -21.03 7.67 -8.37
CA ASP D 491 -21.49 7.37 -9.72
C ASP D 491 -22.99 7.59 -9.82
N TYR D 492 -23.38 8.87 -9.87
CA TYR D 492 -24.78 9.24 -9.96
C TYR D 492 -25.33 8.90 -11.34
N GLU D 493 -26.63 9.11 -11.51
CA GLU D 493 -27.30 8.83 -12.78
C GLU D 493 -27.26 10.06 -13.68
N LEU D 494 -27.85 9.93 -14.88
CA LEU D 494 -27.84 11.03 -15.83
C LEU D 494 -28.65 12.22 -15.32
N ALA D 495 -29.69 11.97 -14.53
CA ALA D 495 -30.50 13.01 -13.92
C ALA D 495 -31.05 13.97 -14.98
N SER D 496 -31.80 13.40 -15.93
CA SER D 496 -32.39 14.20 -16.99
C SER D 496 -33.29 15.28 -16.40
N ILE D 497 -33.22 16.47 -17.00
CA ILE D 497 -33.93 17.63 -16.49
C ILE D 497 -35.00 18.07 -17.48
N PRO D 498 -36.28 17.94 -17.14
CA PRO D 498 -37.32 18.44 -18.04
C PRO D 498 -37.20 19.94 -18.23
N THR D 499 -37.60 20.40 -19.42
CA THR D 499 -37.47 21.81 -19.79
C THR D 499 -38.80 22.32 -20.33
N VAL D 500 -38.98 23.64 -20.27
CA VAL D 500 -40.12 24.32 -20.85
C VAL D 500 -39.62 25.60 -21.51
N SER D 501 -40.03 25.81 -22.77
CA SER D 501 -39.52 26.92 -23.56
C SER D 501 -39.73 28.25 -22.84
N SER D 502 -38.70 29.10 -22.87
CA SER D 502 -38.81 30.43 -22.31
C SER D 502 -39.93 31.24 -22.95
N SER D 503 -40.37 30.85 -24.15
CA SER D 503 -41.44 31.58 -24.84
C SER D 503 -42.81 31.23 -24.24
N LYS D 504 -43.07 29.94 -24.00
CA LYS D 504 -44.29 29.54 -23.32
C LYS D 504 -44.40 30.23 -21.97
N ILE D 505 -43.29 30.24 -21.22
CA ILE D 505 -43.27 30.84 -19.89
C ILE D 505 -43.69 32.31 -19.95
N ALA D 506 -43.17 33.05 -20.93
CA ALA D 506 -43.43 34.49 -21.01
C ALA D 506 -44.91 34.81 -21.16
N SER D 507 -45.69 33.89 -21.73
CA SER D 507 -47.12 34.12 -21.88
C SER D 507 -47.90 33.81 -20.61
N PHE D 508 -47.36 32.97 -19.72
CA PHE D 508 -48.08 32.53 -18.54
C PHE D 508 -48.56 33.72 -17.72
N SER D 509 -49.77 33.62 -17.19
CA SER D 509 -50.43 34.69 -16.45
C SER D 509 -50.53 34.26 -15.00
N GLY D 510 -49.44 34.44 -14.25
CA GLY D 510 -49.36 34.02 -12.86
C GLY D 510 -49.66 35.14 -11.89
N THR D 511 -49.42 34.86 -10.61
CA THR D 511 -49.73 35.79 -9.54
C THR D 511 -48.73 36.93 -9.42
N LYS D 512 -47.55 36.82 -10.03
CA LYS D 512 -46.66 37.98 -10.12
C LYS D 512 -47.32 39.09 -10.94
N GLN D 513 -48.01 38.72 -12.02
CA GLN D 513 -48.75 39.69 -12.80
C GLN D 513 -49.84 40.36 -11.96
N LEU D 514 -50.42 39.62 -11.01
CA LEU D 514 -51.47 40.18 -10.16
C LEU D 514 -50.94 41.36 -9.35
N LEU D 515 -49.79 41.17 -8.69
CA LEU D 515 -49.20 42.26 -7.92
C LEU D 515 -48.83 43.45 -8.80
N ASP D 516 -48.48 43.18 -10.06
CA ASP D 516 -48.20 44.26 -11.01
C ASP D 516 -49.47 44.90 -11.56
N GLU D 517 -50.64 44.32 -11.29
CA GLU D 517 -51.92 44.89 -11.68
C GLU D 517 -52.62 45.49 -10.47
N VAL D 518 -53.14 44.65 -9.58
CA VAL D 518 -53.72 45.09 -8.32
C VAL D 518 -52.58 45.31 -7.32
N GLY D 519 -52.90 45.79 -6.13
CA GLY D 519 -51.87 46.04 -5.14
C GLY D 519 -51.52 44.78 -4.37
N PRO D 520 -50.64 44.95 -3.37
CA PRO D 520 -50.47 43.87 -2.38
C PRO D 520 -51.77 43.57 -1.65
N LYS D 521 -52.43 44.62 -1.15
CA LYS D 521 -53.78 44.49 -0.65
C LYS D 521 -54.72 43.89 -1.68
N GLY D 522 -54.47 44.17 -2.96
CA GLY D 522 -55.26 43.56 -4.01
C GLY D 522 -55.05 42.06 -4.11
N VAL D 523 -53.81 41.61 -3.95
CA VAL D 523 -53.53 40.18 -3.97
C VAL D 523 -54.08 39.53 -2.71
N ALA D 524 -53.98 40.22 -1.57
CA ALA D 524 -54.57 39.71 -0.33
C ALA D 524 -56.06 39.51 -0.49
N GLU D 525 -56.76 40.51 -1.05
CA GLU D 525 -58.20 40.39 -1.25
C GLU D 525 -58.54 39.30 -2.27
N TRP D 526 -57.65 39.05 -3.23
CA TRP D 526 -57.88 38.00 -4.21
C TRP D 526 -57.77 36.62 -3.56
N VAL D 527 -56.70 36.40 -2.78
CA VAL D 527 -56.45 35.10 -2.17
C VAL D 527 -57.67 34.62 -1.39
N LYS D 528 -58.29 35.53 -0.63
CA LYS D 528 -59.42 35.15 0.20
C LYS D 528 -60.59 34.66 -0.64
N LYS D 529 -60.78 35.23 -1.83
CA LYS D 529 -61.93 34.89 -2.67
C LYS D 529 -61.86 33.48 -3.25
N GLN D 530 -60.74 32.80 -3.12
CA GLN D 530 -60.52 31.52 -3.77
C GLN D 530 -60.84 30.36 -2.84
N ASP D 531 -61.70 29.46 -3.30
CA ASP D 531 -62.09 28.28 -2.53
C ASP D 531 -61.05 27.17 -2.63
N ASP D 532 -60.23 27.16 -3.68
CA ASP D 532 -59.12 26.22 -3.77
C ASP D 532 -58.10 26.48 -2.67
N VAL D 533 -57.11 25.60 -2.58
CA VAL D 533 -56.05 25.70 -1.59
C VAL D 533 -54.82 26.23 -2.29
N LEU D 534 -54.54 27.52 -2.11
CA LEU D 534 -53.32 28.10 -2.65
C LEU D 534 -52.11 27.50 -1.94
N LEU D 535 -51.02 27.30 -2.68
CA LEU D 535 -49.87 26.58 -2.17
C LEU D 535 -48.60 27.36 -2.42
N THR D 536 -47.72 27.34 -1.43
CA THR D 536 -46.37 27.89 -1.53
C THR D 536 -45.38 26.74 -1.53
N ASP D 537 -44.41 26.78 -2.43
CA ASP D 537 -43.42 25.72 -2.56
C ASP D 537 -42.11 26.16 -1.89
N THR D 538 -41.54 25.25 -1.12
CA THR D 538 -40.36 25.55 -0.29
C THR D 538 -39.14 24.76 -0.69
N THR D 539 -39.21 24.02 -1.81
CA THR D 539 -38.10 23.15 -2.20
C THR D 539 -36.80 23.92 -2.37
N PHE D 540 -36.88 25.20 -2.74
CA PHE D 540 -35.68 25.99 -2.95
C PHE D 540 -35.09 26.57 -1.66
N ARG D 541 -35.82 26.54 -0.55
CA ARG D 541 -35.32 27.19 0.65
C ARG D 541 -35.42 26.48 2.00
N ASP D 542 -36.63 26.21 2.46
CA ASP D 542 -36.80 25.70 3.82
C ASP D 542 -36.69 24.19 3.75
N ALA D 543 -36.94 23.58 2.58
CA ALA D 543 -36.79 22.14 2.47
C ALA D 543 -35.35 21.71 2.63
N HIS D 544 -34.40 22.41 1.98
CA HIS D 544 -33.00 22.04 2.13
C HIS D 544 -32.31 22.79 3.26
N GLN D 545 -32.89 23.87 3.77
CA GLN D 545 -32.40 24.43 5.03
C GLN D 545 -32.65 23.46 6.18
N SER D 546 -33.69 22.63 6.06
CA SER D 546 -34.00 21.62 7.08
C SER D 546 -33.28 20.30 6.81
N LEU D 547 -33.38 19.77 5.59
CA LEU D 547 -32.93 18.41 5.35
C LEU D 547 -31.43 18.35 5.03
N LEU D 548 -30.91 19.32 4.31
CA LEU D 548 -29.57 19.22 3.74
C LEU D 548 -28.66 20.39 4.16
N ALA D 549 -28.92 20.97 5.33
CA ALA D 549 -28.08 22.03 5.88
C ALA D 549 -27.88 23.18 4.89
N THR D 550 -28.94 23.49 4.14
CA THR D 550 -29.06 24.66 3.27
C THR D 550 -28.12 24.63 2.06
N ARG D 551 -27.49 23.49 1.78
CA ARG D 551 -26.37 23.46 0.83
C ARG D 551 -26.79 23.35 -0.64
N VAL D 552 -28.09 23.42 -0.96
CA VAL D 552 -28.50 23.32 -2.36
C VAL D 552 -27.94 24.51 -3.13
N ARG D 553 -27.35 24.22 -4.29
CA ARG D 553 -26.61 25.22 -5.06
C ARG D 553 -27.50 25.84 -6.13
N THR D 554 -27.13 27.07 -6.54
CA THR D 554 -27.90 27.81 -7.53
C THR D 554 -28.11 27.02 -8.82
N LYS D 555 -27.17 26.12 -9.14
CA LYS D 555 -27.23 25.41 -10.41
C LYS D 555 -28.44 24.48 -10.48
N ASP D 556 -28.57 23.57 -9.51
CA ASP D 556 -29.64 22.57 -9.59
C ASP D 556 -31.02 23.22 -9.54
N MET D 557 -31.14 24.39 -8.90
CA MET D 557 -32.41 25.09 -8.93
C MET D 557 -32.64 25.75 -10.28
N ILE D 558 -31.64 26.46 -10.81
CA ILE D 558 -31.81 27.13 -12.09
C ILE D 558 -31.98 26.11 -13.21
N ASN D 559 -31.37 24.93 -13.07
CA ASN D 559 -31.52 23.90 -14.09
C ASN D 559 -32.97 23.46 -14.22
N ILE D 560 -33.75 23.57 -13.15
CA ILE D 560 -35.14 23.13 -13.13
C ILE D 560 -36.10 24.32 -13.08
N ALA D 561 -35.58 25.55 -13.20
CA ALA D 561 -36.42 26.74 -13.03
C ALA D 561 -37.54 26.79 -14.05
N SER D 562 -37.26 26.44 -15.30
CA SER D 562 -38.28 26.53 -16.35
C SER D 562 -39.44 25.59 -16.07
N LYS D 563 -39.15 24.33 -15.72
CA LYS D 563 -40.21 23.39 -15.43
C LYS D 563 -40.97 23.79 -14.16
N THR D 564 -40.24 24.14 -13.10
CA THR D 564 -40.86 24.61 -11.88
C THR D 564 -41.80 25.79 -12.15
N ALA D 565 -41.49 26.60 -13.15
CA ALA D 565 -42.33 27.74 -13.48
C ALA D 565 -43.65 27.32 -14.11
N ASP D 566 -43.68 26.18 -14.80
CA ASP D 566 -44.88 25.71 -15.46
C ASP D 566 -45.73 24.82 -14.55
N VAL D 567 -45.09 24.10 -13.63
CA VAL D 567 -45.85 23.30 -12.67
C VAL D 567 -46.59 24.22 -11.70
N PHE D 568 -45.88 25.16 -11.09
CA PHE D 568 -46.44 26.06 -10.09
C PHE D 568 -46.99 27.35 -10.69
N LYS D 569 -47.45 27.31 -11.94
CA LYS D 569 -48.05 28.49 -12.55
C LYS D 569 -49.19 29.04 -11.70
N ASP D 570 -50.00 28.14 -11.15
CA ASP D 570 -51.13 28.52 -10.30
C ASP D 570 -50.76 28.51 -8.82
N GLY D 571 -49.48 28.50 -8.49
CA GLY D 571 -49.07 28.55 -7.10
C GLY D 571 -49.04 29.98 -6.59
N PHE D 572 -49.24 30.12 -5.27
CA PHE D 572 -49.24 31.46 -4.67
C PHE D 572 -47.86 32.09 -4.73
N SER D 573 -46.85 31.35 -4.28
CA SER D 573 -45.48 31.85 -4.32
C SER D 573 -44.53 30.66 -4.20
N LEU D 574 -43.29 30.89 -4.61
CA LEU D 574 -42.20 29.94 -4.42
C LEU D 574 -41.20 30.57 -3.45
N GLU D 575 -41.00 29.94 -2.30
CA GLU D 575 -39.98 30.41 -1.38
C GLU D 575 -38.62 29.96 -1.88
N MET D 576 -37.75 30.92 -2.16
CA MET D 576 -36.45 30.65 -2.74
C MET D 576 -35.34 31.44 -2.11
N TRP D 577 -35.65 32.32 -1.15
CA TRP D 577 -34.66 33.22 -0.57
C TRP D 577 -34.97 33.40 0.91
N GLY D 578 -33.97 33.82 1.66
CA GLY D 578 -34.12 34.08 3.08
C GLY D 578 -33.56 32.96 3.93
N GLY D 579 -33.80 33.11 5.24
CA GLY D 579 -33.30 32.11 6.18
C GLY D 579 -31.80 32.04 6.16
N ALA D 580 -31.28 30.81 6.15
CA ALA D 580 -29.84 30.60 6.13
C ALA D 580 -29.23 30.84 4.76
N THR D 581 -30.04 30.87 3.69
CA THR D 581 -29.51 30.93 2.33
C THR D 581 -28.51 32.06 2.14
N PHE D 582 -28.94 33.30 2.41
CA PHE D 582 -28.09 34.47 2.18
C PHE D 582 -26.71 34.32 2.82
N ASP D 583 -26.64 33.66 3.98
CA ASP D 583 -25.36 33.41 4.62
C ASP D 583 -24.65 32.21 4.01
N VAL D 584 -25.39 31.11 3.77
CA VAL D 584 -24.78 29.84 3.43
C VAL D 584 -24.18 29.87 2.02
N ALA D 585 -24.81 30.57 1.09
CA ALA D 585 -24.26 30.67 -0.25
C ALA D 585 -22.96 31.45 -0.24
N TYR D 586 -22.95 32.62 0.41
CA TYR D 586 -21.75 33.44 0.47
C TYR D 586 -20.61 32.71 1.18
N ASN D 587 -20.93 31.93 2.22
CA ASN D 587 -19.91 31.31 3.07
C ASN D 587 -19.53 29.91 2.57
N PHE D 588 -20.46 28.96 2.66
CA PHE D 588 -20.12 27.57 2.36
C PHE D 588 -19.97 27.34 0.86
N LEU D 589 -20.97 27.74 0.08
CA LEU D 589 -20.96 27.47 -1.35
C LEU D 589 -20.14 28.48 -2.15
N LYS D 590 -19.74 29.59 -1.53
CA LYS D 590 -18.96 30.64 -2.20
C LYS D 590 -19.60 31.05 -3.53
N GLU D 591 -20.89 31.37 -3.45
CA GLU D 591 -21.62 31.92 -4.59
C GLU D 591 -22.55 33.00 -4.07
N ASN D 592 -22.91 33.92 -4.96
CA ASN D 592 -23.57 35.16 -4.56
C ASN D 592 -25.08 34.96 -4.50
N PRO D 593 -25.73 35.16 -3.34
CA PRO D 593 -27.18 34.97 -3.27
C PRO D 593 -27.97 35.83 -4.25
N TRP D 594 -27.51 37.06 -4.51
CA TRP D 594 -28.26 37.93 -5.42
C TRP D 594 -28.31 37.35 -6.82
N GLU D 595 -27.19 36.78 -7.29
CA GLU D 595 -27.19 36.07 -8.57
C GLU D 595 -28.28 35.01 -8.59
N ARG D 596 -28.37 34.23 -7.52
CA ARG D 596 -29.43 33.24 -7.41
C ARG D 596 -30.81 33.88 -7.44
N LEU D 597 -30.96 35.04 -6.80
CA LEU D 597 -32.20 35.78 -6.90
C LEU D 597 -32.45 36.24 -8.34
N GLU D 598 -31.50 36.98 -8.90
CA GLU D 598 -31.69 37.57 -10.23
C GLU D 598 -31.84 36.50 -11.31
N ARG D 599 -30.92 35.53 -11.35
CA ARG D 599 -31.00 34.49 -12.37
C ARG D 599 -32.30 33.69 -12.24
N LEU D 600 -32.75 33.41 -11.02
CA LEU D 600 -34.03 32.74 -10.83
C LEU D 600 -35.20 33.69 -11.10
N ARG D 601 -35.06 34.97 -10.78
CA ARG D 601 -36.15 35.91 -10.98
C ARG D 601 -36.51 36.05 -12.45
N LYS D 602 -35.51 36.05 -13.33
CA LYS D 602 -35.75 36.16 -14.76
C LYS D 602 -36.29 34.87 -15.37
N ALA D 603 -36.09 33.73 -14.70
CA ALA D 603 -36.53 32.44 -15.22
C ALA D 603 -37.99 32.14 -14.88
N ILE D 604 -38.37 32.32 -13.63
CA ILE D 604 -39.77 32.17 -13.21
C ILE D 604 -40.38 33.55 -13.01
N PRO D 605 -41.07 34.10 -14.01
CA PRO D 605 -41.57 35.47 -13.89
C PRO D 605 -43.05 35.56 -13.58
N ASN D 606 -43.74 34.42 -13.55
CA ASN D 606 -45.18 34.45 -13.34
C ASN D 606 -45.60 34.21 -11.90
N VAL D 607 -44.76 33.57 -11.09
CA VAL D 607 -45.12 33.23 -9.72
C VAL D 607 -44.46 34.22 -8.78
N LEU D 608 -45.22 34.67 -7.78
CA LEU D 608 -44.66 35.53 -6.75
C LEU D 608 -43.46 34.85 -6.08
N PHE D 609 -42.48 35.66 -5.70
CA PHE D 609 -41.31 35.18 -4.98
C PHE D 609 -41.42 35.63 -3.53
N GLN D 610 -41.27 34.68 -2.61
CA GLN D 610 -41.46 34.94 -1.18
C GLN D 610 -40.20 34.56 -0.43
N MET D 611 -39.82 35.41 0.52
CA MET D 611 -38.64 35.18 1.35
C MET D 611 -39.06 35.09 2.82
N LEU D 612 -38.09 34.77 3.67
CA LEU D 612 -38.25 34.84 5.13
C LEU D 612 -37.30 35.91 5.67
N LEU D 613 -37.77 36.67 6.66
CA LEU D 613 -37.08 37.88 7.10
C LEU D 613 -37.10 37.94 8.62
N ARG D 614 -35.95 37.70 9.25
CA ARG D 614 -35.86 37.90 10.70
C ARG D 614 -36.07 39.37 11.03
N ALA D 615 -37.12 39.65 11.81
CA ALA D 615 -37.42 41.02 12.19
C ALA D 615 -36.31 41.65 13.01
N SER D 616 -35.47 40.83 13.65
CA SER D 616 -34.36 41.38 14.41
C SER D 616 -33.28 41.94 13.49
N ASN D 617 -32.93 41.20 12.42
CA ASN D 617 -31.74 41.52 11.66
C ASN D 617 -31.79 41.04 10.22
N ALA D 618 -32.98 41.02 9.62
CA ALA D 618 -33.17 40.65 8.20
C ALA D 618 -32.62 39.24 8.01
N VAL D 619 -31.59 39.03 7.17
CA VAL D 619 -30.95 37.74 7.00
C VAL D 619 -29.57 37.70 7.63
N GLY D 620 -29.12 38.80 8.22
CA GLY D 620 -27.82 38.88 8.84
C GLY D 620 -27.75 38.12 10.15
N TYR D 621 -26.66 38.34 10.87
CA TYR D 621 -26.37 37.62 12.09
C TYR D 621 -26.45 38.48 13.35
N LYS D 622 -25.78 39.64 13.36
CA LYS D 622 -25.77 40.48 14.56
C LYS D 622 -27.06 41.28 14.67
N ASN D 623 -27.08 42.31 15.50
CA ASN D 623 -28.18 43.25 15.53
C ASN D 623 -27.78 44.51 14.76
N TYR D 624 -28.77 45.14 14.14
CA TYR D 624 -28.48 46.13 13.12
C TYR D 624 -29.36 47.36 13.26
N PRO D 625 -28.88 48.52 12.82
CA PRO D 625 -29.74 49.71 12.77
C PRO D 625 -30.80 49.56 11.69
N ASP D 626 -31.89 50.30 11.86
CA ASP D 626 -32.96 50.31 10.87
C ASP D 626 -32.45 50.67 9.49
N ASN D 627 -31.28 51.30 9.41
CA ASN D 627 -30.72 51.64 8.10
C ASN D 627 -30.52 50.41 7.24
N VAL D 628 -29.93 49.36 7.81
CA VAL D 628 -29.63 48.19 6.99
C VAL D 628 -30.91 47.45 6.65
N ILE D 629 -31.88 47.45 7.57
CA ILE D 629 -33.13 46.74 7.33
C ILE D 629 -33.84 47.33 6.12
N HIS D 630 -33.81 48.66 6.00
CA HIS D 630 -34.39 49.30 4.84
C HIS D 630 -33.59 48.97 3.58
N LYS D 631 -32.37 49.53 3.45
CA LYS D 631 -31.51 49.33 2.29
C LYS D 631 -31.55 47.90 1.77
N PHE D 632 -31.65 46.92 2.67
CA PHE D 632 -31.76 45.53 2.25
C PHE D 632 -33.09 45.26 1.57
N VAL D 633 -34.20 45.57 2.25
CA VAL D 633 -35.52 45.24 1.72
C VAL D 633 -35.80 45.98 0.41
N GLN D 634 -35.32 47.22 0.27
CA GLN D 634 -35.50 47.91 -1.01
C GLN D 634 -34.71 47.22 -2.11
N GLU D 635 -33.44 46.89 -1.86
CA GLU D 635 -32.67 46.13 -2.84
C GLU D 635 -33.28 44.76 -3.08
N SER D 636 -33.92 44.21 -2.06
CA SER D 636 -34.56 42.90 -2.14
C SER D 636 -35.70 42.94 -3.14
N ALA D 637 -36.69 43.78 -2.85
CA ALA D 637 -37.82 43.99 -3.76
C ALA D 637 -37.34 44.45 -5.13
N LYS D 638 -36.26 45.24 -5.17
CA LYS D 638 -35.70 45.64 -6.45
C LYS D 638 -35.15 44.43 -7.21
N ALA D 639 -34.49 43.52 -6.49
CA ALA D 639 -33.93 42.35 -7.16
C ALA D 639 -35.01 41.39 -7.63
N GLY D 640 -36.10 41.26 -6.86
CA GLY D 640 -37.23 40.48 -7.33
C GLY D 640 -38.05 39.75 -6.28
N ILE D 641 -37.99 40.21 -5.03
CA ILE D 641 -38.73 39.58 -3.94
C ILE D 641 -40.10 40.24 -3.83
N ASP D 642 -41.13 39.42 -3.69
CA ASP D 642 -42.51 39.89 -3.69
C ASP D 642 -43.17 39.78 -2.32
N VAL D 643 -43.22 38.60 -1.74
CA VAL D 643 -43.76 38.43 -0.39
C VAL D 643 -42.60 38.46 0.59
N PHE D 644 -42.80 39.17 1.70
CA PHE D 644 -41.86 39.17 2.83
C PHE D 644 -42.59 38.61 4.04
N ARG D 645 -42.21 37.42 4.47
CA ARG D 645 -42.73 36.83 5.70
C ARG D 645 -41.84 37.27 6.85
N ILE D 646 -42.33 38.21 7.65
CA ILE D 646 -41.55 38.79 8.74
C ILE D 646 -41.94 38.11 10.04
N PHE D 647 -40.94 37.61 10.76
CA PHE D 647 -41.12 36.99 12.07
C PHE D 647 -40.04 37.50 13.01
N ASP D 648 -40.35 37.49 14.31
CA ASP D 648 -39.35 37.77 15.33
C ASP D 648 -39.27 36.62 16.31
N SER D 649 -38.07 36.41 16.86
CA SER D 649 -37.78 35.22 17.64
C SER D 649 -38.56 35.13 18.93
N LEU D 650 -39.14 36.23 19.40
CA LEU D 650 -39.90 36.21 20.65
C LEU D 650 -41.28 36.83 20.48
N ASN D 651 -41.83 36.76 19.26
CA ASN D 651 -43.19 37.23 18.96
C ASN D 651 -43.41 38.67 19.39
N TRP D 652 -42.33 39.44 19.53
CA TRP D 652 -42.39 40.83 19.97
C TRP D 652 -42.72 41.71 18.77
N VAL D 653 -43.99 42.11 18.66
CA VAL D 653 -44.45 42.88 17.51
C VAL D 653 -43.78 44.24 17.41
N ASP D 654 -43.05 44.66 18.44
CA ASP D 654 -42.32 45.93 18.35
C ASP D 654 -41.15 45.81 17.39
N GLN D 655 -40.39 44.71 17.46
CA GLN D 655 -39.24 44.54 16.58
C GLN D 655 -39.63 44.38 15.12
N MET D 656 -40.90 44.04 14.84
CA MET D 656 -41.34 43.84 13.47
C MET D 656 -41.67 45.15 12.77
N LYS D 657 -41.85 46.25 13.51
CA LYS D 657 -42.34 47.49 12.91
C LYS D 657 -41.38 48.01 11.84
N VAL D 658 -40.09 48.06 12.16
CA VAL D 658 -39.11 48.64 11.24
C VAL D 658 -39.09 47.86 9.93
N ALA D 659 -39.24 46.54 10.01
CA ALA D 659 -39.27 45.73 8.79
C ALA D 659 -40.56 45.98 8.01
N ASN D 660 -41.70 45.97 8.69
CA ASN D 660 -42.98 46.20 8.00
C ASN D 660 -42.98 47.54 7.29
N GLU D 661 -42.60 48.60 8.00
CA GLU D 661 -42.47 49.93 7.40
C GLU D 661 -41.76 49.89 6.06
N ALA D 662 -40.63 49.17 6.00
CA ALA D 662 -39.84 49.13 4.77
C ALA D 662 -40.55 48.36 3.67
N VAL D 663 -41.16 47.22 4.01
CA VAL D 663 -41.88 46.44 3.00
C VAL D 663 -43.04 47.26 2.42
N GLN D 664 -43.71 48.05 3.26
CA GLN D 664 -44.80 48.89 2.78
C GLN D 664 -44.30 49.91 1.76
N GLU D 665 -43.17 50.56 2.06
CA GLU D 665 -42.62 51.56 1.15
C GLU D 665 -42.30 50.95 -0.22
N ALA D 666 -41.79 49.72 -0.23
CA ALA D 666 -41.42 49.07 -1.48
C ALA D 666 -42.61 48.58 -2.27
N GLY D 667 -43.80 48.52 -1.67
CA GLY D 667 -44.99 48.12 -2.39
C GLY D 667 -45.15 46.63 -2.61
N LYS D 668 -44.48 45.81 -1.80
CA LYS D 668 -44.52 44.37 -1.93
C LYS D 668 -45.29 43.76 -0.76
N ILE D 669 -45.87 42.59 -0.99
CA ILE D 669 -46.70 41.95 0.02
C ILE D 669 -45.88 41.68 1.27
N SER D 670 -46.50 41.87 2.43
CA SER D 670 -45.87 41.61 3.72
C SER D 670 -46.72 40.63 4.52
N GLU D 671 -46.04 39.81 5.31
CA GLU D 671 -46.69 38.79 6.13
C GLU D 671 -46.29 38.96 7.59
N GLY D 672 -47.26 39.29 8.43
CA GLY D 672 -47.04 39.26 9.87
C GLY D 672 -47.27 37.84 10.36
N THR D 673 -46.31 37.32 11.11
CA THR D 673 -46.29 35.90 11.40
C THR D 673 -46.25 35.66 12.91
N ILE D 674 -47.26 34.94 13.40
CA ILE D 674 -47.24 34.43 14.77
C ILE D 674 -46.38 33.19 14.82
N CYS D 675 -45.41 33.19 15.70
CA CYS D 675 -44.56 32.03 15.96
C CYS D 675 -45.25 31.16 17.00
N TYR D 676 -45.62 29.94 16.62
CA TYR D 676 -46.47 29.09 17.45
C TYR D 676 -45.62 28.21 18.38
N THR D 677 -45.98 28.20 19.66
CA THR D 677 -45.24 27.47 20.68
C THR D 677 -46.22 26.78 21.63
N GLY D 678 -45.92 25.54 21.97
CA GLY D 678 -46.61 24.85 23.05
C GLY D 678 -47.75 23.98 22.53
N ASP D 679 -48.94 24.17 23.11
CA ASP D 679 -50.12 23.43 22.69
C ASP D 679 -51.35 24.20 23.15
N ILE D 680 -52.31 24.38 22.24
CA ILE D 680 -53.57 25.03 22.55
C ILE D 680 -54.67 24.04 22.89
N LEU D 681 -54.37 22.73 22.85
CA LEU D 681 -55.36 21.73 23.24
C LEU D 681 -55.25 21.34 24.70
N ASN D 682 -54.07 21.48 25.31
CA ASN D 682 -53.89 21.20 26.72
C ASN D 682 -54.11 22.48 27.52
N PRO D 683 -55.11 22.54 28.40
CA PRO D 683 -55.30 23.75 29.21
C PRO D 683 -54.18 24.00 30.21
N GLU D 684 -53.38 23.00 30.54
CA GLU D 684 -52.29 23.18 31.50
C GLU D 684 -50.92 22.95 30.87
N ARG D 685 -50.81 23.15 29.55
CA ARG D 685 -49.50 23.26 28.93
C ARG D 685 -48.85 24.60 29.28
N SER D 686 -49.55 25.69 28.95
CA SER D 686 -49.09 27.02 29.30
C SER D 686 -50.28 27.83 29.80
N ASN D 687 -49.97 28.88 30.55
CA ASN D 687 -50.94 29.88 30.95
C ASN D 687 -50.95 31.09 30.02
N ILE D 688 -50.05 31.11 29.05
CA ILE D 688 -49.79 32.31 28.26
C ILE D 688 -50.09 32.01 26.79
N TYR D 689 -49.26 31.16 26.17
CA TYR D 689 -49.48 30.76 24.79
C TYR D 689 -50.74 29.91 24.66
N THR D 690 -51.88 30.56 24.83
CA THR D 690 -53.18 29.95 24.70
C THR D 690 -53.86 30.47 23.45
N LEU D 691 -55.02 29.90 23.13
CA LEU D 691 -55.70 30.23 21.89
C LEU D 691 -55.96 31.73 21.78
N GLU D 692 -56.39 32.37 22.86
CA GLU D 692 -56.70 33.79 22.77
C GLU D 692 -55.45 34.66 22.70
N TYR D 693 -54.28 34.12 23.07
CA TYR D 693 -53.03 34.87 22.87
C TYR D 693 -52.74 35.04 21.39
N TYR D 694 -52.97 34.01 20.59
CA TYR D 694 -52.75 34.10 19.15
C TYR D 694 -53.80 35.00 18.49
N VAL D 695 -55.06 34.89 18.93
CA VAL D 695 -56.10 35.79 18.43
C VAL D 695 -55.73 37.24 18.72
N LYS D 696 -55.35 37.53 19.97
CA LYS D 696 -54.90 38.87 20.32
C LYS D 696 -53.70 39.29 19.49
N LEU D 697 -52.78 38.35 19.22
CA LEU D 697 -51.62 38.66 18.39
C LEU D 697 -52.04 38.98 16.97
N ALA D 698 -53.02 38.25 16.43
CA ALA D 698 -53.40 38.41 15.03
C ALA D 698 -54.04 39.77 14.79
N LYS D 699 -54.99 40.17 15.64
CA LYS D 699 -55.65 41.47 15.47
C LYS D 699 -54.64 42.61 15.50
N GLU D 700 -53.69 42.57 16.43
CA GLU D 700 -52.62 43.55 16.46
C GLU D 700 -51.91 43.62 15.12
N LEU D 701 -51.64 42.46 14.52
CA LEU D 701 -50.98 42.45 13.21
C LEU D 701 -51.87 43.06 12.13
N GLU D 702 -53.17 42.77 12.17
CA GLU D 702 -54.10 43.47 11.28
C GLU D 702 -54.08 44.96 11.55
N ARG D 703 -54.16 45.35 12.83
CA ARG D 703 -54.09 46.76 13.19
C ARG D 703 -52.75 47.38 12.83
N GLU D 704 -51.72 46.57 12.59
CA GLU D 704 -50.42 47.07 12.15
C GLU D 704 -50.24 46.94 10.64
N GLY D 705 -51.27 46.51 9.91
CA GLY D 705 -51.29 46.67 8.47
C GLY D 705 -50.51 45.67 7.65
N PHE D 706 -50.37 44.44 8.13
CA PHE D 706 -49.81 43.38 7.29
C PHE D 706 -50.92 42.79 6.42
N HIS D 707 -50.61 42.57 5.14
CA HIS D 707 -51.64 42.08 4.23
C HIS D 707 -51.93 40.59 4.39
N ILE D 708 -51.08 39.84 5.08
CA ILE D 708 -51.27 38.39 5.20
C ILE D 708 -50.79 37.94 6.58
N LEU D 709 -51.66 37.20 7.28
CA LEU D 709 -51.35 36.61 8.58
C LEU D 709 -50.89 35.18 8.38
N ALA D 710 -49.64 34.89 8.72
CA ALA D 710 -49.07 33.57 8.51
C ALA D 710 -48.63 32.98 9.84
N ILE D 711 -48.88 31.68 10.03
CA ILE D 711 -48.57 31.01 11.29
C ILE D 711 -47.34 30.13 11.06
N LYS D 712 -46.24 30.52 11.71
CA LYS D 712 -44.95 29.83 11.57
C LYS D 712 -44.82 28.82 12.70
N ASP D 713 -45.24 27.57 12.43
CA ASP D 713 -45.08 26.48 13.37
C ASP D 713 -43.72 25.83 13.11
N MET D 714 -42.70 26.42 13.74
CA MET D 714 -41.31 26.06 13.45
C MET D 714 -40.89 24.74 14.08
N ALA D 715 -41.78 24.04 14.79
CA ALA D 715 -41.39 22.82 15.48
C ALA D 715 -42.36 21.67 15.26
N GLY D 716 -43.33 21.80 14.37
CA GLY D 716 -44.32 20.76 14.20
C GLY D 716 -45.21 20.55 15.40
N LEU D 717 -45.43 21.61 16.19
CA LEU D 717 -46.12 21.52 17.47
C LEU D 717 -47.63 21.71 17.37
N LEU D 718 -48.14 22.08 16.20
CA LEU D 718 -49.56 22.43 16.04
C LEU D 718 -50.30 21.16 15.62
N LYS D 719 -50.80 20.43 16.61
CA LYS D 719 -51.46 19.15 16.36
C LYS D 719 -52.70 19.34 15.49
N PRO D 720 -53.13 18.26 14.78
CA PRO D 720 -54.28 18.36 13.86
C PRO D 720 -55.47 19.16 14.38
N LYS D 721 -56.08 18.71 15.48
CA LYS D 721 -57.26 19.39 15.98
C LYS D 721 -56.94 20.81 16.46
N ALA D 722 -55.75 20.99 17.04
CA ALA D 722 -55.30 22.33 17.40
C ALA D 722 -55.29 23.25 16.17
N ALA D 723 -54.89 22.72 15.02
CA ALA D 723 -54.92 23.51 13.79
C ALA D 723 -56.34 23.86 13.37
N TYR D 724 -57.31 22.96 13.60
CA TYR D 724 -58.68 23.24 13.21
C TYR D 724 -59.28 24.37 14.05
N GLU D 725 -58.93 24.44 15.33
CA GLU D 725 -59.51 25.45 16.21
C GLU D 725 -58.70 26.73 16.26
N LEU D 726 -57.39 26.67 16.00
CA LEU D 726 -56.64 27.91 15.86
C LEU D 726 -57.04 28.64 14.59
N ILE D 727 -57.15 27.91 13.47
CA ILE D 727 -57.42 28.55 12.18
C ILE D 727 -58.86 29.00 12.11
N GLY D 728 -59.81 28.11 12.45
CA GLY D 728 -61.21 28.49 12.46
C GLY D 728 -61.49 29.69 13.34
N GLU D 729 -60.69 29.86 14.40
CA GLU D 729 -60.80 31.03 15.27
C GLU D 729 -60.35 32.29 14.56
N LEU D 730 -59.06 32.36 14.19
CA LEU D 730 -58.55 33.58 13.57
C LEU D 730 -59.24 33.90 12.26
N LYS D 731 -59.68 32.87 11.52
CA LYS D 731 -60.40 33.11 10.27
C LYS D 731 -61.57 34.07 10.47
N SER D 732 -62.22 34.02 11.63
CA SER D 732 -63.27 34.97 11.97
C SER D 732 -62.72 36.26 12.58
N ALA D 733 -61.74 36.14 13.48
CA ALA D 733 -61.32 37.28 14.29
C ALA D 733 -60.50 38.28 13.49
N VAL D 734 -59.69 37.81 12.54
CA VAL D 734 -58.95 38.69 11.65
C VAL D 734 -59.44 38.47 10.23
N ASP D 735 -59.51 39.56 9.47
CA ASP D 735 -59.98 39.52 8.09
C ASP D 735 -58.85 39.43 7.09
N LEU D 736 -57.72 38.86 7.49
CA LEU D 736 -56.62 38.59 6.59
C LEU D 736 -56.73 37.17 6.05
N PRO D 737 -56.14 36.90 4.88
CA PRO D 737 -55.92 35.52 4.48
C PRO D 737 -54.91 34.88 5.42
N ILE D 738 -55.00 33.56 5.57
CA ILE D 738 -54.18 32.82 6.53
C ILE D 738 -53.22 31.92 5.79
N HIS D 739 -51.93 32.06 6.10
CA HIS D 739 -50.85 31.34 5.45
C HIS D 739 -50.20 30.40 6.47
N LEU D 740 -50.38 29.10 6.30
CA LEU D 740 -49.87 28.14 7.26
C LEU D 740 -48.55 27.53 6.79
N HIS D 741 -47.72 27.16 7.76
CA HIS D 741 -46.41 26.59 7.51
C HIS D 741 -46.06 25.69 8.69
N THR D 742 -45.64 24.46 8.41
CA THR D 742 -45.30 23.52 9.47
C THR D 742 -44.23 22.55 8.98
N HIS D 743 -43.68 21.79 9.92
CA HIS D 743 -42.68 20.77 9.64
C HIS D 743 -43.21 19.42 10.09
N ASP D 744 -43.15 18.43 9.20
CA ASP D 744 -43.65 17.09 9.48
C ASP D 744 -42.74 16.31 10.45
N THR D 745 -42.23 16.95 11.49
CA THR D 745 -41.31 16.27 12.41
C THR D 745 -42.04 15.26 13.28
N SER D 746 -43.35 15.40 13.46
CA SER D 746 -44.11 14.43 14.23
C SER D 746 -44.68 13.31 13.38
N GLY D 747 -44.69 13.48 12.05
CA GLY D 747 -45.41 12.60 11.16
C GLY D 747 -46.87 12.95 10.99
N ASN D 748 -47.31 14.08 11.55
CA ASN D 748 -48.69 14.51 11.48
C ASN D 748 -48.80 15.90 10.85
N GLY D 749 -47.86 16.25 9.97
CA GLY D 749 -47.91 17.55 9.32
C GLY D 749 -48.99 17.61 8.25
N LEU D 750 -49.16 16.51 7.50
CA LEU D 750 -50.25 16.45 6.53
C LEU D 750 -51.60 16.54 7.22
N LEU D 751 -51.78 15.78 8.31
CA LEU D 751 -53.02 15.87 9.06
C LEU D 751 -53.25 17.28 9.58
N THR D 752 -52.21 17.94 10.07
CA THR D 752 -52.32 19.32 10.49
C THR D 752 -52.84 20.19 9.36
N TYR D 753 -52.34 19.99 8.14
CA TYR D 753 -52.78 20.77 7.00
C TYR D 753 -54.24 20.46 6.66
N LYS D 754 -54.54 19.18 6.40
CA LYS D 754 -55.89 18.77 6.04
C LYS D 754 -56.92 19.30 7.03
N GLN D 755 -56.53 19.45 8.30
CA GLN D 755 -57.42 20.08 9.27
C GLN D 755 -57.58 21.57 8.97
N ALA D 756 -56.47 22.30 8.86
CA ALA D 756 -56.55 23.74 8.60
C ALA D 756 -57.22 24.01 7.25
N ILE D 757 -57.03 23.11 6.28
CA ILE D 757 -57.70 23.26 5.00
C ILE D 757 -59.22 23.15 5.17
N ASP D 758 -59.68 22.21 6.01
CA ASP D 758 -61.09 22.10 6.32
C ASP D 758 -61.58 23.17 7.29
N ALA D 759 -60.66 23.90 7.92
CA ALA D 759 -61.00 25.02 8.79
C ALA D 759 -60.77 26.36 8.10
N GLY D 760 -60.76 26.39 6.77
CA GLY D 760 -60.65 27.63 6.04
C GLY D 760 -59.26 28.24 5.97
N VAL D 761 -58.26 27.45 5.62
CA VAL D 761 -56.94 28.00 5.38
C VAL D 761 -56.87 28.53 3.96
N ASP D 762 -55.99 29.50 3.74
CA ASP D 762 -55.81 30.11 2.42
C ASP D 762 -54.58 29.59 1.69
N ILE D 763 -53.42 29.60 2.35
CA ILE D 763 -52.17 29.13 1.76
C ILE D 763 -51.45 28.23 2.75
N ILE D 764 -50.90 27.13 2.24
CA ILE D 764 -50.07 26.23 3.03
C ILE D 764 -48.68 26.21 2.40
N ASP D 765 -47.71 25.79 3.21
CA ASP D 765 -46.33 25.64 2.75
C ASP D 765 -46.03 24.16 2.57
N THR D 766 -45.62 23.78 1.36
CA THR D 766 -45.32 22.39 1.05
C THR D 766 -44.02 22.30 0.25
N ALA D 767 -43.42 21.11 0.28
CA ALA D 767 -42.28 20.80 -0.54
C ALA D 767 -42.64 19.66 -1.48
N VAL D 768 -41.93 19.61 -2.61
CA VAL D 768 -42.09 18.49 -3.53
C VAL D 768 -41.76 17.18 -2.80
N ALA D 769 -42.47 16.11 -3.19
CA ALA D 769 -42.46 14.86 -2.43
C ALA D 769 -41.05 14.41 -2.03
N SER D 770 -40.21 14.16 -3.03
CA SER D 770 -38.87 13.64 -2.77
C SER D 770 -38.03 14.56 -1.88
N MET D 771 -38.46 15.80 -1.67
CA MET D 771 -37.77 16.76 -0.83
C MET D 771 -38.61 17.13 0.39
N SER D 772 -39.48 16.23 0.83
CA SER D 772 -40.42 16.50 1.89
C SER D 772 -40.19 15.56 3.06
N GLY D 773 -41.09 15.61 4.03
CA GLY D 773 -41.06 14.73 5.18
C GLY D 773 -40.20 15.25 6.31
N LEU D 774 -40.34 14.57 7.45
CA LEU D 774 -39.50 14.81 8.63
C LEU D 774 -39.40 16.29 8.94
N THR D 775 -38.18 16.83 9.01
CA THR D 775 -38.05 18.24 9.34
C THR D 775 -38.28 19.17 8.15
N SER D 776 -38.59 18.64 6.98
CA SER D 776 -39.00 19.47 5.85
C SER D 776 -40.49 19.77 5.94
N GLN D 777 -41.01 20.48 4.95
CA GLN D 777 -42.43 20.76 4.92
C GLN D 777 -43.20 19.51 4.49
N PRO D 778 -44.50 19.47 4.80
CA PRO D 778 -45.32 18.33 4.35
C PRO D 778 -45.24 18.08 2.84
N SER D 779 -45.53 16.83 2.45
CA SER D 779 -45.38 16.42 1.06
C SER D 779 -46.50 17.00 0.21
N ALA D 780 -46.12 17.81 -0.78
CA ALA D 780 -47.11 18.39 -1.69
C ALA D 780 -47.78 17.31 -2.52
N ASN D 781 -46.98 16.43 -3.14
CA ASN D 781 -47.54 15.41 -4.01
C ASN D 781 -48.56 14.54 -3.30
N SER D 782 -48.37 14.31 -2.00
CA SER D 782 -49.30 13.49 -1.23
C SER D 782 -50.57 14.27 -0.91
N LEU D 783 -50.43 15.48 -0.36
CA LEU D 783 -51.58 16.27 0.05
C LEU D 783 -52.55 16.48 -1.09
N TYR D 784 -52.05 16.59 -2.33
CA TYR D 784 -52.94 16.65 -3.48
C TYR D 784 -53.90 15.46 -3.49
N TYR D 785 -53.35 14.24 -3.41
CA TYR D 785 -54.21 13.07 -3.44
C TYR D 785 -54.92 12.86 -2.11
N ALA D 786 -54.36 13.39 -1.02
CA ALA D 786 -55.03 13.30 0.26
C ALA D 786 -56.42 13.94 0.19
N LEU D 787 -56.53 15.06 -0.53
CA LEU D 787 -57.76 15.84 -0.59
C LEU D 787 -58.79 15.28 -1.57
N ASN D 788 -58.52 14.13 -2.19
CA ASN D 788 -59.47 13.52 -3.11
C ASN D 788 -60.68 13.02 -2.32
N GLY D 789 -61.81 13.71 -2.46
CA GLY D 789 -63.06 13.35 -1.79
C GLY D 789 -63.57 14.41 -0.86
N PHE D 790 -62.69 15.25 -0.34
CA PHE D 790 -63.05 16.28 0.62
C PHE D 790 -63.34 17.60 -0.10
N PRO D 791 -64.00 18.57 0.56
CA PRO D 791 -64.56 19.71 -0.20
C PRO D 791 -63.57 20.45 -1.07
N ARG D 792 -62.41 20.81 -0.53
CA ARG D 792 -61.49 21.70 -1.23
C ARG D 792 -60.59 20.90 -2.17
N HIS D 793 -59.63 21.58 -2.79
CA HIS D 793 -58.81 21.00 -3.85
C HIS D 793 -57.51 21.78 -3.95
N LEU D 794 -56.39 21.08 -3.84
CA LEU D 794 -55.09 21.74 -3.94
C LEU D 794 -54.86 22.20 -5.37
N ARG D 795 -54.67 23.51 -5.55
CA ARG D 795 -54.53 24.11 -6.87
C ARG D 795 -53.09 23.92 -7.34
N THR D 796 -52.85 22.85 -8.13
CA THR D 796 -51.53 22.55 -8.65
C THR D 796 -51.54 21.45 -9.69
N ASP D 797 -50.37 21.13 -10.24
CA ASP D 797 -50.21 20.20 -11.35
C ASP D 797 -49.45 18.97 -10.85
N ILE D 798 -50.16 17.89 -10.54
CA ILE D 798 -49.50 16.69 -10.06
C ILE D 798 -48.58 16.11 -11.13
N GLU D 799 -49.10 15.99 -12.36
CA GLU D 799 -48.26 15.49 -13.46
C GLU D 799 -46.93 16.22 -13.51
N GLY D 800 -46.95 17.54 -13.32
CA GLY D 800 -45.71 18.27 -13.19
C GLY D 800 -45.05 18.11 -11.84
N MET D 801 -45.85 17.94 -10.77
CA MET D 801 -45.25 17.76 -9.45
C MET D 801 -44.54 16.43 -9.33
N GLU D 802 -45.00 15.41 -10.06
CA GLU D 802 -44.29 14.13 -10.07
C GLU D 802 -42.93 14.27 -10.72
N SER D 803 -42.87 14.93 -11.88
CA SER D 803 -41.61 15.08 -12.58
C SER D 803 -40.62 15.89 -11.77
N LEU D 804 -41.09 16.94 -11.09
CA LEU D 804 -40.20 17.73 -10.23
C LEU D 804 -39.61 16.88 -9.13
N SER D 805 -40.39 15.92 -8.61
CA SER D 805 -39.88 15.03 -7.57
C SER D 805 -38.84 14.07 -8.13
N HIS D 806 -39.14 13.43 -9.25
CA HIS D 806 -38.18 12.53 -9.89
C HIS D 806 -36.86 13.26 -10.15
N TYR D 807 -36.93 14.54 -10.49
CA TYR D 807 -35.70 15.34 -10.61
C TYR D 807 -35.05 15.52 -9.24
N TRP D 808 -35.80 16.06 -8.28
CA TRP D 808 -35.19 16.48 -7.02
C TRP D 808 -34.72 15.29 -6.19
N SER D 809 -35.35 14.13 -6.34
CA SER D 809 -34.85 12.93 -5.67
C SER D 809 -33.42 12.64 -6.09
N THR D 810 -33.11 12.80 -7.37
CA THR D 810 -31.77 12.52 -7.87
C THR D 810 -30.79 13.59 -7.37
N VAL D 811 -31.05 14.85 -7.71
CA VAL D 811 -30.18 15.95 -7.30
C VAL D 811 -29.90 15.89 -5.80
N ARG D 812 -30.87 15.43 -5.03
CA ARG D 812 -30.68 15.27 -3.59
C ARG D 812 -29.51 14.33 -3.28
N THR D 813 -29.27 13.32 -4.13
CA THR D 813 -28.20 12.37 -3.84
C THR D 813 -26.82 12.98 -3.95
N TYR D 814 -26.67 14.13 -4.60
CA TYR D 814 -25.38 14.81 -4.53
C TYR D 814 -25.12 15.41 -3.16
N TYR D 815 -26.12 15.48 -2.28
CA TYR D 815 -25.99 16.10 -0.97
C TYR D 815 -26.09 15.10 0.17
N SER D 816 -25.71 13.83 -0.08
CA SER D 816 -25.77 12.82 0.96
C SER D 816 -24.86 13.17 2.12
N ASP D 817 -23.78 13.91 1.86
CA ASP D 817 -22.85 14.32 2.91
C ASP D 817 -23.49 15.27 3.92
N PHE D 818 -24.70 15.77 3.65
CA PHE D 818 -25.32 16.78 4.49
C PHE D 818 -26.69 16.37 5.04
N GLU D 819 -27.15 15.15 4.77
CA GLU D 819 -28.44 14.73 5.28
C GLU D 819 -28.40 14.61 6.80
N SER D 820 -29.52 14.94 7.44
CA SER D 820 -29.62 14.81 8.88
C SER D 820 -29.60 13.34 9.28
N ASP D 821 -29.40 13.11 10.58
CA ASP D 821 -29.50 11.76 11.12
C ASP D 821 -30.93 11.36 11.40
N ILE D 822 -31.86 12.31 11.43
CA ILE D 822 -33.27 12.00 11.61
C ILE D 822 -33.76 11.18 10.44
N LYS D 823 -34.24 9.97 10.71
CA LYS D 823 -34.74 9.09 9.67
C LYS D 823 -36.21 8.69 9.85
N SER D 824 -36.83 9.06 10.96
CA SER D 824 -38.20 8.63 11.27
C SER D 824 -38.86 9.72 12.10
N PRO D 825 -40.19 9.72 12.18
CA PRO D 825 -40.87 10.73 12.99
C PRO D 825 -40.48 10.63 14.45
N ASN D 826 -40.35 11.78 15.10
CA ASN D 826 -40.03 11.86 16.53
C ASN D 826 -41.14 12.63 17.23
N THR D 827 -41.97 11.92 17.98
CA THR D 827 -43.08 12.52 18.69
C THR D 827 -42.66 13.29 19.94
N GLU D 828 -41.43 13.08 20.41
CA GLU D 828 -40.98 13.74 21.64
C GLU D 828 -40.76 15.24 21.46
N ILE D 829 -40.90 15.78 20.25
CA ILE D 829 -40.85 17.22 20.06
C ILE D 829 -41.98 17.89 20.83
N TYR D 830 -43.10 17.20 21.02
CA TYR D 830 -44.25 17.72 21.75
C TYR D 830 -43.92 18.00 23.21
N GLN D 831 -42.70 17.66 23.63
CA GLN D 831 -42.24 17.92 24.99
C GLN D 831 -41.21 19.04 25.00
N HIS D 832 -40.03 18.82 24.42
CA HIS D 832 -38.95 19.80 24.50
C HIS D 832 -39.15 20.99 23.58
N GLU D 833 -39.91 20.80 22.49
CA GLU D 833 -40.19 21.85 21.50
C GLU D 833 -38.92 22.36 20.82
N MET D 834 -38.10 21.44 20.35
CA MET D 834 -36.96 21.86 19.55
C MET D 834 -37.39 22.04 18.09
N PRO D 835 -36.90 23.08 17.40
CA PRO D 835 -37.36 23.34 16.04
C PRO D 835 -36.73 22.43 14.99
N GLY D 836 -36.67 22.91 13.75
CA GLY D 836 -36.08 22.16 12.68
C GLY D 836 -34.63 21.79 12.93
N GLY D 837 -34.41 20.58 13.43
CA GLY D 837 -33.07 20.07 13.62
C GLY D 837 -32.35 20.60 14.86
N GLN D 838 -33.02 20.57 16.01
CA GLN D 838 -32.33 20.83 17.27
C GLN D 838 -32.32 19.64 18.22
N TYR D 839 -33.12 18.61 17.99
CA TYR D 839 -32.80 17.36 18.66
C TYR D 839 -31.82 16.53 17.86
N SER D 840 -31.48 16.97 16.65
CA SER D 840 -30.36 16.41 15.89
C SER D 840 -29.05 17.11 16.25
N ASN D 841 -28.99 18.43 16.08
CA ASN D 841 -27.75 19.16 16.31
C ASN D 841 -27.39 19.28 17.79
N LEU D 842 -28.34 19.07 18.71
CA LEU D 842 -28.02 19.14 20.13
C LEU D 842 -27.28 17.89 20.59
N SER D 843 -27.87 16.71 20.36
CA SER D 843 -27.20 15.46 20.71
C SER D 843 -25.80 15.39 20.11
N GLN D 844 -25.62 15.97 18.92
CA GLN D 844 -24.29 16.13 18.35
C GLN D 844 -23.37 16.85 19.32
N GLN D 845 -23.78 18.05 19.76
CA GLN D 845 -22.96 18.81 20.70
C GLN D 845 -22.99 18.19 22.09
N ALA D 846 -24.11 17.58 22.48
CA ALA D 846 -24.21 17.00 23.82
C ALA D 846 -23.17 15.92 24.04
N LYS D 847 -22.94 15.09 23.03
CA LYS D 847 -21.88 14.09 23.13
C LYS D 847 -20.51 14.76 23.26
N SER D 848 -20.31 15.89 22.57
CA SER D 848 -19.07 16.65 22.66
C SER D 848 -19.03 17.44 23.98
N LEU D 849 -19.69 16.91 25.01
CA LEU D 849 -19.65 17.52 26.33
C LEU D 849 -19.78 16.49 27.44
N GLY D 850 -19.58 15.21 27.15
CA GLY D 850 -19.69 14.18 28.16
C GLY D 850 -21.10 13.97 28.67
N LEU D 851 -22.10 14.10 27.80
CA LEU D 851 -23.48 13.90 28.21
C LEU D 851 -24.35 13.31 27.12
N GLY D 852 -23.78 12.78 26.04
CA GLY D 852 -24.60 12.28 24.94
C GLY D 852 -25.43 11.08 25.34
N GLU D 853 -24.85 10.16 26.12
CA GLU D 853 -25.61 9.01 26.59
C GLU D 853 -26.73 9.45 27.53
N ARG D 854 -26.46 10.42 28.40
CA ARG D 854 -27.45 10.95 29.33
C ARG D 854 -28.32 12.04 28.70
N PHE D 855 -28.71 11.86 27.43
CA PHE D 855 -29.53 12.85 26.74
C PHE D 855 -30.98 12.84 27.22
N ASP D 856 -31.35 11.93 28.13
CA ASP D 856 -32.67 11.98 28.74
C ASP D 856 -32.80 13.17 29.67
N GLU D 857 -31.69 13.59 30.30
CA GLU D 857 -31.71 14.76 31.17
C GLU D 857 -31.62 16.06 30.38
N VAL D 858 -30.99 16.03 29.20
CA VAL D 858 -30.99 17.21 28.34
C VAL D 858 -32.39 17.47 27.81
N LYS D 859 -33.05 16.44 27.28
CA LYS D 859 -34.43 16.55 26.84
C LYS D 859 -35.39 16.81 27.99
N ASP D 860 -34.92 16.68 29.23
CA ASP D 860 -35.66 17.14 30.40
C ASP D 860 -35.20 18.51 30.87
N MET D 861 -33.91 18.81 30.74
CA MET D 861 -33.45 20.16 31.04
C MET D 861 -33.93 21.15 29.98
N TYR D 862 -33.70 20.84 28.70
CA TYR D 862 -34.20 21.72 27.64
C TYR D 862 -35.69 21.95 27.78
N ARG D 863 -36.45 20.91 28.13
CA ARG D 863 -37.85 21.12 28.46
C ARG D 863 -37.99 22.03 29.69
N ARG D 864 -37.10 21.88 30.67
CA ARG D 864 -37.20 22.66 31.89
C ARG D 864 -36.61 24.06 31.70
N VAL D 865 -35.43 24.13 31.07
CA VAL D 865 -34.75 25.40 30.82
C VAL D 865 -35.68 26.39 30.11
N ASN D 866 -36.66 25.87 29.36
CA ASN D 866 -37.69 26.74 28.79
C ASN D 866 -38.51 27.41 29.88
N PHE D 867 -38.87 26.67 30.93
CA PHE D 867 -39.68 27.21 32.02
C PHE D 867 -38.86 28.08 32.97
N LEU D 868 -37.54 27.88 33.03
CA LEU D 868 -36.71 28.72 33.88
C LEU D 868 -36.72 30.16 33.41
N PHE D 869 -36.87 30.34 32.10
CA PHE D 869 -36.90 31.60 31.40
C PHE D 869 -38.34 31.95 31.05
N GLY D 870 -39.29 31.56 31.87
CA GLY D 870 -40.66 31.83 31.49
C GLY D 870 -40.98 30.81 30.44
N ASP D 871 -41.75 31.17 29.43
CA ASP D 871 -42.01 30.21 28.38
C ASP D 871 -41.67 30.93 27.12
N ILE D 872 -40.57 30.58 26.44
CA ILE D 872 -40.23 31.46 25.35
C ILE D 872 -40.67 30.84 24.03
N VAL D 873 -40.62 31.64 22.97
CA VAL D 873 -40.79 31.17 21.60
C VAL D 873 -39.41 30.75 21.10
N LYS D 874 -39.34 29.61 20.42
CA LYS D 874 -38.07 28.97 20.11
C LYS D 874 -37.84 28.88 18.59
N VAL D 875 -37.17 29.89 18.05
CA VAL D 875 -36.46 29.82 16.77
C VAL D 875 -35.02 30.27 16.98
N THR D 876 -34.27 30.22 15.90
CA THR D 876 -33.04 30.97 15.83
C THR D 876 -33.38 32.47 15.85
N PRO D 877 -32.71 33.27 16.68
CA PRO D 877 -31.59 32.93 17.58
C PRO D 877 -32.03 32.55 18.99
N SER D 878 -33.33 32.68 19.30
CA SER D 878 -33.79 32.45 20.67
C SER D 878 -33.69 30.98 21.09
N SER D 879 -33.65 30.05 20.13
CA SER D 879 -33.66 28.64 20.47
C SER D 879 -32.28 28.08 20.76
N LYS D 880 -31.23 28.69 20.22
CA LYS D 880 -29.88 28.26 20.56
C LYS D 880 -29.56 28.52 22.01
N VAL D 881 -30.11 29.59 22.58
CA VAL D 881 -29.79 29.96 23.96
C VAL D 881 -30.51 29.06 24.97
N VAL D 882 -31.64 28.44 24.59
CA VAL D 882 -32.26 27.44 25.44
C VAL D 882 -31.35 26.22 25.56
N GLY D 883 -30.79 25.78 24.43
CA GLY D 883 -29.92 24.61 24.45
C GLY D 883 -28.53 24.88 24.96
N ASP D 884 -28.00 26.08 24.71
CA ASP D 884 -26.75 26.48 25.34
C ASP D 884 -26.85 26.40 26.85
N MET D 885 -28.03 26.63 27.40
CA MET D 885 -28.24 26.68 28.85
C MET D 885 -28.62 25.34 29.45
N ALA D 886 -29.37 24.51 28.72
CA ALA D 886 -29.68 23.17 29.21
C ALA D 886 -28.41 22.34 29.35
N LEU D 887 -27.49 22.50 28.40
CA LEU D 887 -26.22 21.78 28.46
C LEU D 887 -25.34 22.31 29.59
N TYR D 888 -25.41 23.61 29.88
CA TYR D 888 -24.67 24.17 31.01
C TYR D 888 -25.12 23.53 32.31
N MET D 889 -26.41 23.48 32.56
CA MET D 889 -26.96 23.00 33.82
C MET D 889 -26.94 21.48 33.95
N VAL D 890 -26.34 20.76 33.00
CA VAL D 890 -26.09 19.34 33.14
C VAL D 890 -24.60 19.02 33.20
N GLN D 891 -23.79 19.75 32.42
CA GLN D 891 -22.34 19.56 32.45
C GLN D 891 -21.80 19.76 33.86
N ASN D 892 -21.98 20.95 34.40
CA ASN D 892 -21.66 21.20 35.80
C ASN D 892 -22.90 20.99 36.67
N ASP D 893 -22.65 20.70 37.94
CA ASP D 893 -23.73 20.46 38.89
C ASP D 893 -24.67 21.67 38.94
N LEU D 894 -25.95 21.44 38.67
CA LEU D 894 -26.91 22.53 38.66
C LEU D 894 -28.32 21.95 38.76
N ASP D 895 -29.23 22.80 39.23
CA ASP D 895 -30.64 22.45 39.35
C ASP D 895 -31.43 23.74 39.47
N GLU D 896 -32.76 23.61 39.36
CA GLU D 896 -33.64 24.77 39.32
C GLU D 896 -33.35 25.72 40.47
N GLN D 897 -33.45 25.22 41.71
CA GLN D 897 -33.17 26.08 42.86
C GLN D 897 -31.71 26.49 42.91
N SER D 898 -30.81 25.60 42.48
CA SER D 898 -29.38 25.85 42.65
C SER D 898 -28.87 26.97 41.76
N VAL D 899 -29.51 27.20 40.60
CA VAL D 899 -28.99 28.19 39.66
C VAL D 899 -29.06 29.59 40.25
N ILE D 900 -30.04 29.86 41.11
CA ILE D 900 -30.15 31.16 41.76
C ILE D 900 -29.50 31.14 43.14
N THR D 901 -29.78 30.12 43.94
CA THR D 901 -29.21 30.02 45.27
C THR D 901 -27.69 29.93 45.22
N ASP D 902 -27.16 29.16 44.28
CA ASP D 902 -25.72 29.00 44.08
C ASP D 902 -25.33 29.73 42.80
N GLY D 903 -24.59 30.82 42.94
CA GLY D 903 -24.15 31.60 41.80
C GLY D 903 -25.28 32.13 40.95
N PRO D 909 -22.25 32.04 29.91
CA PRO D 909 -22.50 31.46 28.59
C PRO D 909 -22.89 32.55 27.58
N GLU D 910 -22.01 32.78 26.61
CA GLU D 910 -22.01 34.02 25.85
C GLU D 910 -23.35 34.35 25.21
N SER D 911 -24.13 33.33 24.86
CA SER D 911 -25.40 33.58 24.19
C SER D 911 -26.50 34.01 25.13
N VAL D 912 -26.40 33.68 26.41
CA VAL D 912 -27.52 33.78 27.33
C VAL D 912 -27.44 35.06 28.17
N VAL D 913 -26.23 35.49 28.53
CA VAL D 913 -26.12 36.87 29.02
C VAL D 913 -26.50 37.84 27.90
N SER D 914 -26.31 37.43 26.65
CA SER D 914 -26.77 38.24 25.52
C SER D 914 -28.29 38.27 25.47
N PHE D 915 -28.93 37.11 25.65
CA PHE D 915 -30.39 37.06 25.69
C PHE D 915 -30.94 37.89 26.84
N PHE D 916 -30.20 37.98 27.94
CA PHE D 916 -30.62 38.75 29.11
C PHE D 916 -30.22 40.22 29.03
N LYS D 917 -29.20 40.56 28.23
CA LYS D 917 -28.98 41.95 27.88
C LYS D 917 -30.12 42.51 27.05
N GLY D 918 -30.99 41.66 26.50
CA GLY D 918 -32.06 42.11 25.65
C GLY D 918 -31.67 42.26 24.20
N GLU D 919 -30.58 41.61 23.78
CA GLU D 919 -30.11 41.76 22.41
C GLU D 919 -30.95 40.97 21.42
N ILE D 920 -31.61 39.89 21.84
CA ILE D 920 -32.54 39.24 20.92
C ILE D 920 -33.88 39.96 20.94
N GLY D 921 -34.18 40.67 22.03
CA GLY D 921 -35.47 41.28 22.24
C GLY D 921 -36.03 40.89 23.59
N GLN D 922 -37.15 41.49 23.93
CA GLN D 922 -37.75 41.14 25.20
C GLN D 922 -38.68 39.94 25.04
N PRO D 923 -38.53 38.89 25.83
CA PRO D 923 -39.39 37.72 25.68
C PRO D 923 -40.82 38.05 26.09
N VAL D 924 -41.71 37.08 25.84
CA VAL D 924 -43.13 37.32 26.04
C VAL D 924 -43.50 37.48 27.50
N ASN D 925 -42.72 36.91 28.42
CA ASN D 925 -42.91 37.13 29.84
C ASN D 925 -41.81 38.00 30.45
N GLY D 926 -40.71 38.22 29.74
CA GLY D 926 -39.59 38.95 30.29
C GLY D 926 -38.66 38.05 31.05
N PHE D 927 -37.99 38.60 32.06
CA PHE D 927 -37.11 37.84 32.91
C PHE D 927 -37.44 38.14 34.37
N ASN D 928 -37.15 37.18 35.23
CA ASN D 928 -37.21 37.42 36.67
C ASN D 928 -35.97 38.20 37.08
N LYS D 929 -36.18 39.34 37.75
CA LYS D 929 -35.05 40.18 38.15
C LYS D 929 -34.07 39.42 39.02
N ASP D 930 -34.55 38.44 39.78
CA ASP D 930 -33.65 37.59 40.56
C ASP D 930 -32.75 36.77 39.65
N LEU D 931 -33.35 36.07 38.67
CA LEU D 931 -32.57 35.25 37.76
C LEU D 931 -31.80 36.10 36.76
N GLN D 932 -32.41 37.20 36.31
CA GLN D 932 -31.72 38.06 35.35
C GLN D 932 -30.49 38.71 35.96
N ALA D 933 -30.52 39.01 37.26
CA ALA D 933 -29.42 39.74 37.88
C ALA D 933 -28.17 38.88 38.00
N VAL D 934 -28.31 37.63 38.43
CA VAL D 934 -27.14 36.76 38.54
C VAL D 934 -26.51 36.53 37.17
N ILE D 935 -27.35 36.35 36.15
CA ILE D 935 -26.83 36.01 34.83
C ILE D 935 -26.11 37.21 34.21
N LEU D 936 -26.78 38.36 34.15
CA LEU D 936 -26.14 39.56 33.60
C LEU D 936 -24.96 40.00 34.46
N LYS D 937 -25.09 39.85 35.79
CA LYS D 937 -24.09 40.24 36.78
C LYS D 937 -23.90 41.75 36.86
N GLY D 938 -24.90 42.52 36.44
CA GLY D 938 -24.87 43.96 36.62
C GLY D 938 -24.38 44.76 35.44
N GLN D 939 -25.03 44.61 34.28
CA GLN D 939 -24.67 45.35 33.09
C GLN D 939 -25.91 46.06 32.53
N GLU D 940 -25.69 46.90 31.54
CA GLU D 940 -26.75 47.71 30.93
C GLU D 940 -27.73 46.78 30.21
N ALA D 941 -28.85 46.49 30.86
CA ALA D 941 -29.89 45.63 30.29
C ALA D 941 -30.82 46.50 29.47
N LEU D 942 -30.64 46.47 28.14
CA LEU D 942 -31.35 47.34 27.21
C LEU D 942 -32.85 47.39 27.51
N THR D 943 -33.38 48.60 27.68
CA THR D 943 -34.77 48.77 28.08
C THR D 943 -35.73 48.66 26.90
N ALA D 944 -35.33 49.14 25.72
CA ALA D 944 -36.21 49.13 24.56
C ALA D 944 -35.66 48.26 23.44
N ARG D 945 -36.20 48.45 22.24
CA ARG D 945 -35.76 47.75 21.04
C ARG D 945 -34.24 47.76 20.92
N PRO D 946 -33.59 46.59 20.83
CA PRO D 946 -32.13 46.60 20.60
C PRO D 946 -31.74 47.35 19.34
N GLY D 947 -32.56 47.30 18.29
CA GLY D 947 -32.36 48.07 17.08
C GLY D 947 -32.69 49.54 17.18
N GLU D 948 -33.10 50.01 18.36
CA GLU D 948 -33.33 51.44 18.56
C GLU D 948 -32.07 52.19 18.98
N TYR D 949 -31.13 51.50 19.62
CA TYR D 949 -29.93 52.16 20.15
C TYR D 949 -28.77 52.16 19.18
N LEU D 950 -28.76 51.27 18.19
CA LEU D 950 -27.67 51.23 17.22
C LEU D 950 -27.82 52.38 16.23
N GLU D 951 -26.73 53.09 16.00
CA GLU D 951 -26.75 54.27 15.16
C GLU D 951 -26.73 53.89 13.68
N PRO D 952 -27.19 54.79 12.82
CA PRO D 952 -27.17 54.58 11.36
C PRO D 952 -25.79 54.20 10.83
N VAL D 953 -25.80 53.71 9.58
CA VAL D 953 -24.61 53.26 8.88
C VAL D 953 -24.35 54.18 7.70
N ASP D 954 -23.12 54.67 7.59
CA ASP D 954 -22.70 55.55 6.50
C ASP D 954 -22.61 54.73 5.22
N PHE D 955 -23.65 54.80 4.39
CA PHE D 955 -23.73 53.95 3.21
C PHE D 955 -22.71 54.32 2.14
N GLU D 956 -22.24 55.56 2.13
CA GLU D 956 -21.22 55.95 1.16
C GLU D 956 -19.80 55.78 1.69
N LYS D 957 -19.61 55.81 3.00
CA LYS D 957 -18.30 55.47 3.55
C LYS D 957 -17.98 54.00 3.32
N VAL D 958 -18.99 53.13 3.47
CA VAL D 958 -18.82 51.73 3.09
C VAL D 958 -18.64 51.62 1.58
N ARG D 959 -19.41 52.40 0.81
CA ARG D 959 -19.22 52.43 -0.63
C ARG D 959 -17.85 52.98 -1.00
N GLU D 960 -17.42 54.06 -0.34
CA GLU D 960 -16.10 54.61 -0.61
C GLU D 960 -15.01 53.60 -0.26
N LEU D 961 -15.21 52.83 0.81
CA LEU D 961 -14.22 51.85 1.22
C LEU D 961 -14.19 50.67 0.25
N LEU D 962 -15.36 50.13 -0.09
CA LEU D 962 -15.41 48.97 -0.97
C LEU D 962 -14.90 49.28 -2.36
N GLU D 963 -15.09 50.52 -2.83
CA GLU D 963 -14.55 50.91 -4.13
C GLU D 963 -13.02 50.92 -4.15
N GLU D 964 -12.37 50.77 -2.99
CA GLU D 964 -10.93 50.79 -2.88
C GLU D 964 -10.31 49.40 -2.90
N GLU D 965 -10.85 48.45 -2.14
CA GLU D 965 -10.34 47.08 -2.18
C GLU D 965 -10.60 46.44 -3.52
N GLN D 966 -11.70 46.78 -4.18
CA GLN D 966 -12.00 46.27 -5.51
C GLN D 966 -11.37 47.19 -6.56
N GLN D 967 -11.75 47.01 -7.82
CA GLN D 967 -11.19 47.74 -8.94
C GLN D 967 -11.95 49.02 -9.28
N GLY D 968 -12.94 49.38 -8.48
CA GLY D 968 -13.75 50.55 -8.75
C GLY D 968 -15.23 50.31 -8.55
N PRO D 969 -15.95 50.15 -9.66
CA PRO D 969 -17.43 50.08 -9.60
C PRO D 969 -17.93 49.02 -8.64
N VAL D 970 -18.83 49.44 -7.76
CA VAL D 970 -19.45 48.57 -6.75
C VAL D 970 -20.95 48.78 -6.83
N THR D 971 -21.71 47.70 -6.70
CA THR D 971 -23.16 47.80 -6.75
C THR D 971 -23.73 47.90 -5.34
N GLU D 972 -24.95 48.45 -5.26
CA GLU D 972 -25.62 48.60 -3.97
C GLU D 972 -25.76 47.26 -3.26
N GLN D 973 -25.98 46.19 -4.03
CA GLN D 973 -26.03 44.85 -3.45
C GLN D 973 -24.75 44.53 -2.69
N ASP D 974 -23.60 44.91 -3.24
CA ASP D 974 -22.34 44.74 -2.54
C ASP D 974 -22.31 45.53 -1.24
N ILE D 975 -22.86 46.75 -1.26
CA ILE D 975 -22.80 47.63 -0.09
C ILE D 975 -23.63 47.05 1.05
N ILE D 976 -24.88 46.64 0.76
CA ILE D 976 -25.73 46.10 1.80
C ILE D 976 -25.20 44.74 2.27
N SER D 977 -24.55 43.99 1.39
CA SER D 977 -24.03 42.68 1.77
C SER D 977 -22.85 42.81 2.74
N TYR D 978 -21.99 43.80 2.53
CA TYR D 978 -20.85 43.98 3.42
C TYR D 978 -21.31 44.32 4.84
N VAL D 979 -22.36 45.13 4.96
CA VAL D 979 -22.80 45.58 6.27
C VAL D 979 -23.51 44.47 7.03
N LEU D 980 -24.11 43.52 6.30
CA LEU D 980 -24.73 42.38 6.96
C LEU D 980 -23.71 41.33 7.36
N TYR D 981 -22.73 41.07 6.50
CA TYR D 981 -21.68 40.08 6.76
C TYR D 981 -20.35 40.68 6.31
N PRO D 982 -19.51 41.12 7.25
CA PRO D 982 -18.26 41.79 6.86
C PRO D 982 -17.19 40.83 6.37
N LYS D 983 -16.85 39.81 7.16
CA LYS D 983 -15.78 38.90 6.79
C LYS D 983 -16.22 37.90 5.72
N VAL D 984 -17.49 37.49 5.73
CA VAL D 984 -17.98 36.55 4.73
C VAL D 984 -17.91 37.18 3.34
N TYR D 985 -18.24 38.46 3.23
CA TYR D 985 -18.19 39.13 1.93
C TYR D 985 -16.75 39.34 1.49
N GLU D 986 -15.90 39.84 2.39
CA GLU D 986 -14.49 40.01 2.06
C GLU D 986 -13.88 38.68 1.63
N GLN D 987 -14.30 37.58 2.25
CA GLN D 987 -13.84 36.27 1.82
C GLN D 987 -14.45 35.88 0.49
N TYR D 988 -15.73 36.22 0.26
CA TYR D 988 -16.38 35.84 -0.98
C TYR D 988 -15.68 36.43 -2.19
N ILE D 989 -15.50 37.74 -2.21
CA ILE D 989 -14.91 38.41 -3.37
C ILE D 989 -13.49 37.91 -3.61
N GLN D 990 -12.77 37.56 -2.54
CA GLN D 990 -11.44 36.98 -2.70
C GLN D 990 -11.50 35.69 -3.50
N THR D 991 -12.39 34.78 -3.12
CA THR D 991 -12.59 33.55 -3.88
C THR D 991 -13.11 33.85 -5.28
N ARG D 992 -13.90 34.91 -5.43
CA ARG D 992 -14.37 35.32 -6.75
C ARG D 992 -13.19 35.59 -7.68
N ASN D 993 -12.15 36.25 -7.18
CA ASN D 993 -10.97 36.51 -8.00
C ASN D 993 -10.22 35.24 -8.33
N GLN D 994 -10.21 34.28 -7.40
CA GLN D 994 -9.42 33.07 -7.58
C GLN D 994 -10.00 32.18 -8.68
N TYR D 995 -11.27 31.78 -8.54
CA TYR D 995 -11.79 30.62 -9.24
C TYR D 995 -12.87 30.96 -10.27
N GLY D 996 -13.24 32.21 -10.44
CA GLY D 996 -14.30 32.56 -11.37
C GLY D 996 -15.67 32.46 -10.75
N ASN D 997 -16.68 32.29 -11.62
CA ASN D 997 -18.07 32.19 -11.18
C ASN D 997 -18.34 30.76 -10.73
N LEU D 998 -17.90 30.46 -9.49
CA LEU D 998 -17.89 29.09 -8.98
C LEU D 998 -19.25 28.41 -9.09
N SER D 999 -20.34 29.18 -9.01
CA SER D 999 -21.70 28.62 -9.04
C SER D 999 -22.06 27.97 -10.36
N LEU D 1000 -21.16 27.89 -11.34
CA LEU D 1000 -21.49 27.33 -12.65
C LEU D 1000 -21.12 25.86 -12.78
N LEU D 1001 -20.28 25.33 -11.90
CA LEU D 1001 -19.96 23.91 -11.92
C LEU D 1001 -21.10 23.09 -11.34
N ASP D 1002 -21.32 21.91 -11.91
CA ASP D 1002 -22.29 20.99 -11.35
C ASP D 1002 -21.91 20.63 -9.92
N THR D 1003 -22.92 20.28 -9.12
CA THR D 1003 -22.69 19.88 -7.73
C THR D 1003 -21.65 18.78 -7.57
N PRO D 1004 -21.70 17.66 -8.31
CA PRO D 1004 -20.67 16.63 -8.11
C PRO D 1004 -19.27 17.13 -8.37
N THR D 1005 -19.10 17.97 -9.40
CA THR D 1005 -17.78 18.54 -9.68
C THR D 1005 -17.39 19.57 -8.63
N PHE D 1006 -18.35 20.37 -8.15
CA PHE D 1006 -18.05 21.37 -7.14
C PHE D 1006 -17.61 20.74 -5.82
N PHE D 1007 -18.08 19.52 -5.53
CA PHE D 1007 -17.82 18.88 -4.26
C PHE D 1007 -16.68 17.87 -4.30
N PHE D 1008 -16.41 17.27 -5.45
CA PHE D 1008 -15.50 16.13 -5.50
C PHE D 1008 -14.37 16.26 -6.52
N GLY D 1009 -14.29 17.36 -7.25
CA GLY D 1009 -13.25 17.48 -8.26
C GLY D 1009 -13.58 16.59 -9.44
N MET D 1010 -12.61 15.77 -9.85
CA MET D 1010 -12.80 14.87 -10.99
C MET D 1010 -12.06 13.57 -10.74
N ARG D 1011 -12.66 12.46 -11.13
CA ARG D 1011 -11.96 11.19 -11.07
C ARG D 1011 -11.05 11.02 -12.28
N ASN D 1012 -10.04 10.16 -12.14
CA ASN D 1012 -9.09 9.94 -13.21
C ASN D 1012 -9.78 9.30 -14.41
N GLY D 1013 -9.56 9.90 -15.59
CA GLY D 1013 -10.15 9.42 -16.82
C GLY D 1013 -11.50 10.02 -17.15
N GLU D 1014 -12.06 10.85 -16.28
CA GLU D 1014 -13.40 11.37 -16.45
C GLU D 1014 -13.40 12.65 -17.28
N THR D 1015 -14.40 12.77 -18.14
CA THR D 1015 -14.70 14.00 -18.85
C THR D 1015 -15.87 14.70 -18.16
N VAL D 1016 -15.86 16.03 -18.18
CA VAL D 1016 -16.92 16.81 -17.56
C VAL D 1016 -17.09 18.10 -18.34
N GLU D 1017 -18.34 18.54 -18.46
CA GLU D 1017 -18.70 19.74 -19.21
C GLU D 1017 -19.12 20.83 -18.25
N ILE D 1018 -18.59 22.03 -18.45
CA ILE D 1018 -18.86 23.18 -17.58
C ILE D 1018 -19.45 24.27 -18.44
N GLU D 1019 -20.74 24.56 -18.24
CA GLU D 1019 -21.42 25.61 -18.99
C GLU D 1019 -20.94 26.96 -18.45
N ILE D 1020 -19.74 27.35 -18.89
CA ILE D 1020 -19.10 28.58 -18.46
C ILE D 1020 -19.94 29.80 -18.82
N ASP D 1021 -20.72 29.71 -19.89
CA ASP D 1021 -21.55 30.82 -20.35
C ASP D 1021 -22.48 30.27 -21.43
N LYS D 1022 -23.50 31.07 -21.78
CA LYS D 1022 -24.47 30.70 -22.81
C LYS D 1022 -23.78 30.23 -24.08
N GLY D 1023 -23.95 28.95 -24.42
CA GLY D 1023 -23.24 28.32 -25.51
C GLY D 1023 -21.77 28.06 -25.26
N LYS D 1024 -21.15 28.73 -24.29
CA LYS D 1024 -19.75 28.50 -23.95
C LYS D 1024 -19.70 27.38 -22.92
N ARG D 1025 -19.31 26.18 -23.38
CA ARG D 1025 -19.36 24.98 -22.56
C ARG D 1025 -18.11 24.16 -22.85
N LEU D 1026 -17.16 24.17 -21.94
CA LEU D 1026 -15.85 23.57 -22.17
C LEU D 1026 -15.79 22.15 -21.62
N ILE D 1027 -15.10 21.28 -22.35
CA ILE D 1027 -15.14 19.84 -22.15
C ILE D 1027 -13.79 19.43 -21.58
N ILE D 1028 -13.79 19.17 -20.27
CA ILE D 1028 -12.56 19.00 -19.49
C ILE D 1028 -12.39 17.54 -19.15
N LYS D 1029 -11.23 16.97 -19.51
CA LYS D 1029 -10.88 15.62 -19.12
C LYS D 1029 -9.62 15.64 -18.27
N LEU D 1030 -9.65 14.92 -17.16
CA LEU D 1030 -8.49 14.77 -16.29
C LEU D 1030 -7.77 13.48 -16.68
N GLU D 1031 -6.54 13.60 -17.17
CA GLU D 1031 -5.79 12.45 -17.67
C GLU D 1031 -5.02 11.76 -16.54
N THR D 1032 -4.16 12.49 -15.84
CA THR D 1032 -3.47 11.91 -14.69
C THR D 1032 -2.99 13.02 -13.77
N ILE D 1033 -2.69 12.63 -12.54
CA ILE D 1033 -2.13 13.50 -11.51
C ILE D 1033 -0.82 12.89 -11.05
N SER D 1034 0.19 13.74 -10.90
CA SER D 1034 1.55 13.29 -10.64
C SER D 1034 1.81 13.14 -9.14
N GLU D 1035 2.95 12.53 -8.83
CA GLU D 1035 3.47 12.56 -7.47
C GLU D 1035 3.80 14.00 -7.09
N PRO D 1036 3.76 14.34 -5.80
CA PRO D 1036 4.21 15.67 -5.39
C PRO D 1036 5.72 15.78 -5.50
N ASP D 1037 6.18 16.95 -5.93
CA ASP D 1037 7.60 17.22 -5.96
C ASP D 1037 8.01 17.91 -4.66
N GLU D 1038 9.30 18.24 -4.54
CA GLU D 1038 9.73 19.09 -3.44
C GLU D 1038 9.00 20.43 -3.51
N ASN D 1039 8.60 20.93 -2.33
CA ASN D 1039 7.60 21.99 -2.09
C ASN D 1039 6.18 21.45 -2.20
N GLY D 1040 5.99 20.14 -2.39
CA GLY D 1040 4.67 19.53 -2.26
C GLY D 1040 3.65 19.99 -3.29
N ASN D 1041 4.08 20.31 -4.50
CA ASN D 1041 3.19 20.78 -5.55
C ASN D 1041 3.09 19.71 -6.64
N ARG D 1042 1.90 19.17 -6.81
CA ARG D 1042 1.66 18.18 -7.85
C ARG D 1042 1.38 18.86 -9.19
N THR D 1043 1.52 18.07 -10.26
CA THR D 1043 1.17 18.50 -11.60
C THR D 1043 -0.09 17.75 -12.04
N ILE D 1044 -1.07 18.47 -12.56
CA ILE D 1044 -2.32 17.89 -13.01
C ILE D 1044 -2.38 17.99 -14.54
N TYR D 1045 -2.58 16.85 -15.19
CA TYR D 1045 -2.58 16.77 -16.65
C TYR D 1045 -4.03 16.76 -17.14
N TYR D 1046 -4.46 17.88 -17.70
CA TYR D 1046 -5.83 18.08 -18.14
C TYR D 1046 -5.93 17.98 -19.66
N ALA D 1047 -7.12 17.57 -20.12
CA ALA D 1047 -7.50 17.67 -21.52
C ALA D 1047 -8.72 18.59 -21.57
N MET D 1048 -8.53 19.79 -22.11
CA MET D 1048 -9.56 20.82 -22.13
C MET D 1048 -9.90 21.13 -23.58
N ASN D 1049 -11.13 20.81 -23.97
CA ASN D 1049 -11.60 21.05 -25.34
C ASN D 1049 -10.60 20.51 -26.36
N GLY D 1050 -10.22 19.25 -26.20
CA GLY D 1050 -9.33 18.62 -27.14
C GLY D 1050 -7.85 18.91 -26.94
N GLN D 1051 -7.52 20.09 -26.43
CA GLN D 1051 -6.13 20.46 -26.24
C GLN D 1051 -5.65 19.98 -24.86
N ALA D 1052 -4.35 20.14 -24.62
CA ALA D 1052 -3.71 19.63 -23.42
C ALA D 1052 -3.21 20.77 -22.54
N ARG D 1053 -3.39 20.61 -21.23
CA ARG D 1053 -3.01 21.66 -20.28
C ARG D 1053 -2.54 21.04 -18.98
N ARG D 1054 -1.49 21.62 -18.41
CA ARG D 1054 -0.92 21.18 -17.14
C ARG D 1054 -1.19 22.23 -16.06
N ILE D 1055 -1.52 21.77 -14.87
CA ILE D 1055 -1.85 22.65 -13.75
C ILE D 1055 -1.05 22.23 -12.53
N TYR D 1056 -0.51 23.22 -11.81
CA TYR D 1056 0.20 23.00 -10.56
C TYR D 1056 -0.74 23.26 -9.39
N ILE D 1057 -0.58 22.49 -8.31
CA ILE D 1057 -1.42 22.63 -7.14
C ILE D 1057 -0.71 22.06 -5.91
N LYS D 1058 -0.70 22.82 -4.81
CA LYS D 1058 -0.01 22.39 -3.60
C LYS D 1058 -0.89 21.48 -2.77
N ASP D 1059 -0.27 20.45 -2.19
CA ASP D 1059 -0.98 19.36 -1.52
C ASP D 1059 -0.53 19.28 -0.07
N GLU D 1060 -1.49 19.30 0.85
CA GLU D 1060 -1.19 19.07 2.26
C GLU D 1060 -1.56 17.65 2.66
N MET D 1111 21.66 2.92 9.35
CA MET D 1111 21.32 1.58 9.84
C MET D 1111 21.41 1.53 11.36
N LYS D 1112 20.38 2.04 12.03
CA LYS D 1112 20.26 2.02 13.49
C LYS D 1112 21.43 2.72 14.19
N MET D 1113 22.21 3.54 13.48
CA MET D 1113 23.32 4.26 14.09
C MET D 1113 23.49 5.60 13.41
N GLU D 1114 23.99 6.57 14.16
CA GLU D 1114 24.22 7.92 13.65
C GLU D 1114 25.56 8.45 14.12
#